data_7V1W
#
_entry.id   7V1W
#
_cell.length_a   98.451
_cell.length_b   156.707
_cell.length_c   100.849
_cell.angle_alpha   90.000
_cell.angle_beta   110.660
_cell.angle_gamma   90.000
#
_symmetry.space_group_name_H-M   'P 1 21 1'
#
loop_
_entity.id
_entity.type
_entity.pdbx_description
1 polymer 'Difructose dianhydride I synthase/hydrolase (alphaFFase1)'
2 non-polymer 'CALCIUM ION'
3 non-polymer beta-D-arabinofuranose
4 water water
#
_entity_poly.entity_id   1
_entity_poly.type   'polypeptide(L)'
_entity_poly.pdbx_seq_one_letter_code
;MSEITGLFKDLTKVKHARNGRLASWDQRGKNQDYWEIPAGESITLGEIEGPGCITHMWMTSSCRKVVAPSILDPELNASA
APVMEIHPALGVIWDAYDPFYYRKALIKITWDDQDTPSVLVPFGDFFCIGNSYPGNFSSLPFNVSLKPEEAGKFGAPCSV
SCYFPMPFNKKAKIEIVNDNELPFILYFNIDYEMYGEPLPEDTAYFHAAWHRENPCNGWGPELQVNSPEVNNVTNFKGEN
NYTVLDVEGTGHYVGCNLTVKHFQGSWWGEGNDMFFIDGEEYPSLNGTGTEDYFNHAWGMQRNAYPFFGTIVHEGDTDGF
QVSYRWHITDPVRFEKHLKVTIEHGHANQLSDDWSSTAYWYQILPTASRITIAPVEDRLPVVPQLPERKLVLPQLTEEQQ
AARDTYQKRWKDYEPRRDTQFRIKEDKARRESKLNTEFAKKLRDAFDAEREQLEHHHHHH
;
_entity_poly.pdbx_strand_id   A,B,C,D,E,F
#
loop_
_chem_comp.id
_chem_comp.type
_chem_comp.name
_chem_comp.formula
BXX D-saccharide, beta linking beta-D-arabinofuranose 'C5 H10 O5'
CA non-polymer 'CALCIUM ION' 'Ca 2'
#
# COMPACT_ATOMS: atom_id res chain seq x y z
N GLU A 3 -37.18 -8.00 29.99
CA GLU A 3 -36.97 -6.59 29.49
C GLU A 3 -35.56 -6.44 28.85
N ILE A 4 -35.18 -5.23 28.41
CA ILE A 4 -34.07 -4.97 27.44
C ILE A 4 -32.72 -5.17 28.13
N THR A 5 -31.79 -5.91 27.50
CA THR A 5 -30.42 -6.20 28.01
C THR A 5 -29.38 -5.73 26.99
N GLY A 6 -28.11 -5.75 27.40
CA GLY A 6 -26.98 -5.48 26.50
C GLY A 6 -26.52 -4.06 26.64
N LEU A 7 -25.36 -3.76 26.06
CA LEU A 7 -24.66 -2.48 26.26
C LEU A 7 -25.47 -1.32 25.65
N PHE A 8 -26.50 -1.59 24.83
CA PHE A 8 -27.36 -0.51 24.27
C PHE A 8 -28.58 -0.24 25.16
N LYS A 9 -28.79 -0.99 26.25
CA LYS A 9 -30.13 -1.01 26.90
C LYS A 9 -30.55 0.39 27.37
N ASP A 10 -29.61 1.24 27.80
CA ASP A 10 -29.92 2.52 28.47
C ASP A 10 -30.50 3.50 27.43
N LEU A 11 -30.37 3.21 26.13
CA LEU A 11 -31.00 4.07 25.07
C LEU A 11 -32.52 3.88 25.07
N THR A 12 -33.05 2.84 25.72
CA THR A 12 -34.48 2.48 25.68
C THR A 12 -35.23 3.05 26.90
N LYS A 13 -34.59 3.87 27.73
CA LYS A 13 -35.20 4.46 28.97
C LYS A 13 -34.83 5.95 29.01
N VAL A 14 -35.79 6.82 29.29
CA VAL A 14 -35.55 8.29 29.29
C VAL A 14 -34.87 8.66 30.61
N LYS A 15 -34.11 9.73 30.60
CA LYS A 15 -33.51 10.25 31.86
C LYS A 15 -33.85 11.73 31.96
N HIS A 16 -34.36 12.15 33.13
CA HIS A 16 -34.74 13.55 33.39
C HIS A 16 -33.48 14.29 33.79
N ALA A 17 -32.57 14.44 32.81
CA ALA A 17 -31.25 15.10 32.95
C ALA A 17 -31.11 16.12 31.82
N ARG A 18 -30.46 17.22 32.11
CA ARG A 18 -30.32 18.35 31.18
C ARG A 18 -28.89 18.31 30.65
N ASN A 19 -28.74 18.33 29.35
CA ASN A 19 -27.42 18.52 28.71
C ASN A 19 -26.92 19.96 28.90
N GLY A 20 -25.61 20.06 29.08
CA GLY A 20 -24.86 21.29 28.91
C GLY A 20 -23.59 21.04 28.14
N ARG A 21 -22.92 22.11 27.75
CA ARG A 21 -21.64 21.97 27.03
C ARG A 21 -20.74 23.19 27.26
N LEU A 22 -19.49 22.92 27.62
CA LEU A 22 -18.41 23.93 27.62
C LEU A 22 -17.74 23.85 26.26
N ALA A 23 -17.66 24.97 25.56
CA ALA A 23 -17.03 24.98 24.24
C ALA A 23 -16.31 26.31 24.03
N SER A 24 -15.35 26.24 23.12
CA SER A 24 -14.56 27.39 22.62
C SER A 24 -15.36 28.18 21.60
N TRP A 25 -16.67 28.01 21.56
CA TRP A 25 -17.55 28.70 20.57
C TRP A 25 -17.36 30.21 20.61
N ASP A 26 -17.40 30.82 19.42
CA ASP A 26 -17.11 32.27 19.24
C ASP A 26 -18.30 33.08 19.80
N GLN A 27 -18.13 33.77 20.93
CA GLN A 27 -19.26 34.38 21.65
C GLN A 27 -19.49 35.76 21.06
N ARG A 28 -18.74 36.12 20.02
CA ARG A 28 -19.08 37.26 19.12
C ARG A 28 -20.03 36.79 18.01
N GLY A 29 -20.30 35.50 17.93
CA GLY A 29 -21.17 34.88 16.92
C GLY A 29 -20.45 34.71 15.59
N LYS A 30 -19.13 34.85 15.57
CA LYS A 30 -18.33 34.81 14.32
C LYS A 30 -17.61 33.44 14.23
N ASN A 31 -16.56 33.33 13.42
CA ASN A 31 -15.92 32.03 13.08
C ASN A 31 -14.51 31.88 13.69
N GLN A 32 -14.28 32.42 14.90
CA GLN A 32 -13.12 32.11 15.76
C GLN A 32 -13.57 31.25 16.93
N ASP A 33 -13.95 30.00 16.66
CA ASP A 33 -14.58 29.06 17.61
C ASP A 33 -13.49 28.31 18.40
N TYR A 34 -12.42 29.01 18.70
CA TYR A 34 -11.23 28.53 19.44
C TYR A 34 -10.80 29.62 20.44
N TRP A 35 -10.09 29.19 21.48
CA TRP A 35 -9.35 30.11 22.39
C TRP A 35 -7.86 30.13 22.06
N GLU A 36 -7.28 31.32 21.95
CA GLU A 36 -5.83 31.54 22.05
C GLU A 36 -5.47 31.49 23.55
N ILE A 37 -5.04 30.32 24.02
CA ILE A 37 -4.59 30.12 25.41
C ILE A 37 -3.30 30.91 25.62
N PRO A 38 -3.28 31.93 26.51
CA PRO A 38 -2.07 32.73 26.72
C PRO A 38 -0.85 31.94 27.23
N ALA A 39 0.34 32.39 26.84
CA ALA A 39 1.61 31.84 27.36
C ALA A 39 1.70 32.05 28.87
N GLY A 40 2.14 31.04 29.58
CA GLY A 40 2.50 31.18 30.99
C GLY A 40 1.30 31.52 31.81
N GLU A 41 0.11 31.07 31.42
CA GLU A 41 -1.13 31.30 32.19
C GLU A 41 -1.91 30.00 32.30
N SER A 42 -2.78 29.97 33.29
CA SER A 42 -3.90 29.03 33.39
C SER A 42 -5.16 29.74 32.91
N ILE A 43 -6.05 28.98 32.28
CA ILE A 43 -7.39 29.44 31.85
C ILE A 43 -8.39 28.34 32.18
N THR A 44 -9.55 28.73 32.71
CA THR A 44 -10.68 27.84 33.02
C THR A 44 -11.52 27.63 31.75
N LEU A 45 -11.56 26.40 31.25
CA LEU A 45 -12.53 26.00 30.17
C LEU A 45 -13.96 26.12 30.72
N GLY A 46 -14.17 25.77 31.99
CA GLY A 46 -15.42 26.15 32.64
C GLY A 46 -15.52 25.57 34.04
N GLU A 47 -16.42 26.10 34.85
CA GLU A 47 -16.84 25.46 36.13
C GLU A 47 -18.32 25.17 36.03
N ILE A 48 -18.72 23.98 36.48
CA ILE A 48 -20.09 23.45 36.38
C ILE A 48 -20.45 23.05 37.80
N GLU A 49 -21.59 23.50 38.30
CA GLU A 49 -22.11 23.03 39.62
C GLU A 49 -22.78 21.70 39.42
N GLY A 50 -22.48 20.76 40.32
CA GLY A 50 -23.07 19.42 40.31
C GLY A 50 -24.49 19.55 40.84
N PRO A 51 -25.25 18.43 40.93
CA PRO A 51 -24.74 17.13 40.52
C PRO A 51 -24.75 17.00 38.98
N GLY A 52 -23.77 16.30 38.44
CA GLY A 52 -23.71 16.05 37.00
C GLY A 52 -22.67 15.03 36.63
N CYS A 53 -22.38 14.92 35.35
CA CYS A 53 -21.41 13.97 34.78
C CYS A 53 -20.88 14.50 33.45
N ILE A 54 -19.56 14.57 33.31
CA ILE A 54 -18.92 14.80 32.00
C ILE A 54 -19.10 13.50 31.22
N THR A 55 -19.58 13.59 29.99
CA THR A 55 -19.93 12.41 29.15
C THR A 55 -19.01 12.31 27.93
N HIS A 56 -18.44 13.44 27.50
CA HIS A 56 -17.64 13.50 26.26
C HIS A 56 -16.78 14.75 26.18
N MET A 57 -15.54 14.59 25.76
CA MET A 57 -14.64 15.71 25.49
C MET A 57 -14.04 15.51 24.11
N TRP A 58 -14.09 16.57 23.31
CA TRP A 58 -13.38 16.67 22.01
C TRP A 58 -12.50 17.90 22.07
N MET A 59 -11.25 17.80 21.64
CA MET A 59 -10.41 18.99 21.43
C MET A 59 -9.60 18.84 20.17
N THR A 60 -9.17 19.97 19.63
CA THR A 60 -7.99 20.03 18.75
C THR A 60 -7.20 21.26 19.16
N SER A 61 -6.01 21.36 18.64
CA SER A 61 -5.08 22.45 19.05
C SER A 61 -4.06 22.75 17.95
N SER A 62 -3.44 23.91 18.05
CA SER A 62 -2.35 24.34 17.14
C SER A 62 -1.43 25.28 17.91
N CYS A 63 -0.12 25.13 17.75
CA CYS A 63 0.90 26.02 18.37
C CYS A 63 1.97 26.30 17.34
N ARG A 64 1.87 27.48 16.71
CA ARG A 64 2.87 27.97 15.73
C ARG A 64 3.67 29.12 16.33
N LYS A 65 4.92 29.18 15.92
CA LYS A 65 5.88 30.26 16.25
C LYS A 65 6.11 31.04 14.96
N VAL A 66 5.88 32.35 14.99
CA VAL A 66 6.20 33.22 13.82
C VAL A 66 7.72 33.33 13.72
N VAL A 67 8.33 32.89 12.60
CA VAL A 67 9.82 32.86 12.48
C VAL A 67 10.31 33.72 11.31
N ALA A 68 9.42 34.20 10.47
CA ALA A 68 9.81 35.01 9.28
C ALA A 68 8.71 36.00 8.99
N PRO A 69 9.05 37.14 8.33
CA PRO A 69 8.06 38.16 7.95
C PRO A 69 7.13 37.58 6.86
N SER A 70 5.86 37.95 6.86
CA SER A 70 4.85 37.47 5.86
C SER A 70 4.49 38.62 4.92
N ILE A 71 4.21 38.31 3.66
CA ILE A 71 3.58 39.27 2.72
C ILE A 71 2.06 39.19 2.86
N LEU A 72 1.53 38.35 3.74
CA LEU A 72 0.07 38.35 4.09
C LEU A 72 -0.14 39.48 5.09
N ASP A 73 -1.05 40.40 4.79
CA ASP A 73 -1.47 41.44 5.76
C ASP A 73 -1.82 40.75 7.08
N PRO A 74 -1.09 40.99 8.18
CA PRO A 74 -1.37 40.28 9.44
C PRO A 74 -2.68 40.61 10.16
N GLU A 75 -3.24 41.82 9.95
CA GLU A 75 -4.52 42.21 10.60
C GLU A 75 -5.67 41.45 9.90
N LEU A 76 -5.74 41.49 8.58
CA LEU A 76 -6.68 40.69 7.77
C LEU A 76 -6.45 39.19 8.00
N ASN A 77 -5.19 38.75 8.09
CA ASN A 77 -4.81 37.31 8.24
C ASN A 77 -5.41 36.77 9.54
N ALA A 78 -5.50 37.62 10.57
CA ALA A 78 -6.07 37.24 11.89
C ALA A 78 -7.53 36.82 11.75
N SER A 79 -8.24 37.29 10.71
CA SER A 79 -9.69 37.00 10.51
C SER A 79 -9.95 35.92 9.45
N ALA A 80 -8.92 35.47 8.75
CA ALA A 80 -8.95 34.29 7.85
C ALA A 80 -8.91 33.01 8.69
N ALA A 81 -8.53 31.89 8.08
CA ALA A 81 -8.41 30.63 8.82
C ALA A 81 -7.41 30.85 9.95
N PRO A 82 -7.55 30.16 11.08
CA PRO A 82 -6.68 30.39 12.22
C PRO A 82 -5.23 29.88 12.11
N VAL A 83 -4.92 28.95 11.19
CA VAL A 83 -3.60 28.25 11.08
C VAL A 83 -3.15 28.30 9.63
N MET A 84 -2.03 28.97 9.39
CA MET A 84 -1.51 29.17 8.02
C MET A 84 -0.69 27.95 7.62
N GLU A 85 -1.42 26.93 7.21
CA GLU A 85 -0.90 25.64 6.68
C GLU A 85 -0.37 25.90 5.27
N ILE A 86 0.76 26.59 5.21
CA ILE A 86 1.37 27.10 3.95
C ILE A 86 2.84 26.72 4.00
N HIS A 87 3.34 26.09 2.93
CA HIS A 87 4.73 25.56 2.85
C HIS A 87 5.72 26.73 2.92
N PRO A 88 6.71 26.71 3.85
CA PRO A 88 7.76 27.72 3.89
C PRO A 88 8.49 27.95 2.56
N ALA A 89 8.50 26.99 1.63
CA ALA A 89 9.21 27.16 0.35
C ALA A 89 8.48 28.12 -0.58
N LEU A 90 7.27 28.59 -0.25
CA LEU A 90 6.55 29.56 -1.11
C LEU A 90 7.09 30.99 -0.85
N GLY A 91 7.83 31.20 0.24
CA GLY A 91 8.50 32.49 0.53
C GLY A 91 7.55 33.58 1.01
N VAL A 92 6.32 33.26 1.41
CA VAL A 92 5.26 34.28 1.69
C VAL A 92 4.92 34.40 3.17
N ILE A 93 5.28 33.41 3.97
CA ILE A 93 4.88 33.28 5.40
C ILE A 93 5.70 32.15 6.03
N TRP A 94 5.97 32.22 7.33
CA TRP A 94 6.56 31.06 8.04
C TRP A 94 6.12 31.06 9.50
N ASP A 95 5.12 30.25 9.76
CA ASP A 95 4.60 29.91 11.09
C ASP A 95 5.04 28.47 11.34
N ALA A 96 6.15 28.31 12.06
CA ALA A 96 6.82 27.01 12.34
C ALA A 96 6.02 26.29 13.41
N TYR A 97 6.06 24.97 13.39
CA TYR A 97 5.36 24.14 14.38
C TYR A 97 6.16 24.19 15.68
N ASP A 98 5.47 24.40 16.78
CA ASP A 98 6.13 24.27 18.10
C ASP A 98 6.06 22.80 18.48
N PRO A 99 7.20 22.08 18.65
CA PRO A 99 7.19 20.63 18.68
C PRO A 99 6.68 20.06 20.00
N PHE A 100 6.80 20.75 21.13
CA PHE A 100 6.56 20.10 22.45
C PHE A 100 5.39 20.72 23.23
N TYR A 101 4.49 21.47 22.60
CA TYR A 101 3.40 22.21 23.30
C TYR A 101 2.46 21.23 24.03
N TYR A 102 2.37 19.98 23.54
CA TYR A 102 1.51 18.94 24.15
C TYR A 102 2.01 18.58 25.56
N ARG A 103 3.30 18.72 25.80
CA ARG A 103 3.97 18.50 27.13
C ARG A 103 4.08 19.80 27.94
N LYS A 104 4.11 20.97 27.30
CA LYS A 104 4.22 22.25 28.02
C LYS A 104 2.86 22.68 28.59
N ALA A 105 1.74 22.19 28.07
CA ALA A 105 0.40 22.52 28.60
C ALA A 105 -0.10 21.32 29.36
N LEU A 106 -0.84 21.60 30.44
CA LEU A 106 -1.50 20.57 31.25
C LEU A 106 -3.01 20.76 31.13
N ILE A 107 -3.75 19.68 31.31
CA ILE A 107 -5.19 19.72 31.60
C ILE A 107 -5.33 19.37 33.08
N LYS A 108 -6.10 20.17 33.79
CA LYS A 108 -6.25 20.10 35.27
C LYS A 108 -7.74 20.13 35.58
N ILE A 109 -8.24 19.07 36.22
CA ILE A 109 -9.67 18.99 36.63
C ILE A 109 -9.70 18.80 38.14
N THR A 110 -10.50 19.64 38.79
CA THR A 110 -10.77 19.65 40.24
C THR A 110 -12.26 19.37 40.43
N TRP A 111 -12.57 18.40 41.30
CA TRP A 111 -13.94 18.01 41.67
C TRP A 111 -14.30 18.58 43.04
N ASP A 112 -15.54 19.02 43.19
CA ASP A 112 -16.19 19.33 44.48
C ASP A 112 -15.32 20.30 45.29
N ASP A 113 -14.66 21.26 44.62
CA ASP A 113 -13.84 22.30 45.29
C ASP A 113 -12.82 21.67 46.25
N GLN A 114 -12.26 20.49 45.95
CA GLN A 114 -11.13 19.92 46.74
C GLN A 114 -9.86 20.76 46.59
N ASP A 115 -8.91 20.59 47.53
CA ASP A 115 -7.65 21.36 47.66
C ASP A 115 -6.57 20.69 46.79
N THR A 116 -6.96 19.74 45.95
CA THR A 116 -6.11 19.17 44.88
C THR A 116 -6.96 18.94 43.65
N PRO A 117 -6.36 19.07 42.45
CA PRO A 117 -6.96 18.55 41.22
C PRO A 117 -7.01 17.02 41.36
N SER A 118 -7.95 16.38 40.68
CA SER A 118 -8.01 14.91 40.58
C SER A 118 -7.44 14.48 39.23
N VAL A 119 -7.32 15.43 38.30
CA VAL A 119 -6.64 15.20 37.00
C VAL A 119 -5.61 16.30 36.86
N LEU A 120 -4.34 15.92 36.71
CA LEU A 120 -3.24 16.86 36.42
C LEU A 120 -2.28 16.12 35.50
N VAL A 121 -2.39 16.36 34.20
CA VAL A 121 -1.71 15.52 33.20
C VAL A 121 -1.34 16.46 32.06
N PRO A 122 -0.19 16.26 31.41
CA PRO A 122 0.12 17.06 30.23
C PRO A 122 -1.02 16.85 29.24
N PHE A 123 -1.35 17.92 28.51
CA PHE A 123 -2.50 18.02 27.58
C PHE A 123 -2.47 16.87 26.58
N GLY A 124 -1.34 16.67 25.92
CA GLY A 124 -1.16 15.57 24.95
C GLY A 124 -1.34 14.22 25.60
N ASP A 125 -0.61 13.94 26.70
CA ASP A 125 -0.60 12.60 27.34
C ASP A 125 -1.99 12.24 27.84
N PHE A 126 -2.72 13.20 28.39
CA PHE A 126 -4.09 12.91 28.85
C PHE A 126 -4.90 12.28 27.72
N PHE A 127 -4.79 12.85 26.52
CA PHE A 127 -5.56 12.41 25.34
C PHE A 127 -4.77 11.36 24.54
N CYS A 128 -3.83 10.68 25.19
CA CYS A 128 -3.07 9.54 24.59
C CYS A 128 -2.22 10.02 23.40
N ILE A 129 -1.70 11.24 23.52
CA ILE A 129 -0.55 11.70 22.73
C ILE A 129 0.66 11.64 23.65
N GLY A 130 1.51 10.65 23.42
CA GLY A 130 2.77 10.42 24.15
C GLY A 130 3.88 11.21 23.52
N ASN A 131 4.79 11.78 24.31
CA ASN A 131 6.07 12.30 23.78
C ASN A 131 5.78 13.50 22.87
N SER A 132 4.66 14.19 23.04
CA SER A 132 4.26 15.32 22.17
C SER A 132 4.30 14.94 20.69
N TYR A 133 4.01 13.67 20.40
CA TYR A 133 4.14 13.05 19.05
C TYR A 133 2.88 12.22 18.77
N PRO A 134 1.81 12.83 18.20
CA PRO A 134 0.56 12.11 17.93
C PRO A 134 0.74 10.89 17.05
N GLY A 135 -0.01 9.85 17.37
CA GLY A 135 -0.34 8.72 16.49
C GLY A 135 -1.83 8.55 16.32
N ASN A 136 -2.20 8.19 15.11
CA ASN A 136 -3.60 7.95 14.69
C ASN A 136 -4.07 6.67 15.36
N PHE A 137 -5.14 6.71 16.17
CA PHE A 137 -5.71 5.43 16.67
C PHE A 137 -7.11 5.60 17.26
N SER A 138 -7.74 4.45 17.47
CA SER A 138 -9.04 4.36 18.13
C SER A 138 -8.99 3.31 19.23
N SER A 139 -9.65 3.61 20.34
CA SER A 139 -9.94 2.64 21.43
C SER A 139 -11.34 2.97 21.93
N LEU A 140 -11.86 2.23 22.90
CA LEU A 140 -13.25 2.48 23.33
C LEU A 140 -13.34 3.87 23.98
N PRO A 141 -12.48 4.25 24.97
CA PRO A 141 -12.60 5.53 25.65
C PRO A 141 -11.80 6.71 25.09
N PHE A 142 -10.72 6.47 24.35
CA PHE A 142 -9.95 7.56 23.69
C PHE A 142 -9.68 7.25 22.23
N ASN A 143 -9.61 8.33 21.47
CA ASN A 143 -9.36 8.29 20.01
C ASN A 143 -8.54 9.52 19.64
N VAL A 144 -7.65 9.30 18.68
CA VAL A 144 -6.95 10.36 17.94
C VAL A 144 -7.20 10.19 16.44
N SER A 145 -7.54 11.29 15.78
CA SER A 145 -7.73 11.34 14.31
C SER A 145 -6.69 12.31 13.78
N LEU A 146 -5.64 11.74 13.21
CA LEU A 146 -4.45 12.46 12.74
C LEU A 146 -4.32 12.23 11.24
N LYS A 147 -4.25 13.31 10.47
CA LYS A 147 -4.03 13.24 9.01
C LYS A 147 -2.66 12.64 8.70
N PRO A 148 -2.55 11.73 7.70
CA PRO A 148 -1.28 11.17 7.33
C PRO A 148 -0.25 12.22 6.92
N GLU A 149 -0.69 13.31 6.30
CA GLU A 149 0.15 14.48 5.89
C GLU A 149 0.83 15.13 7.10
N GLU A 150 0.21 15.07 8.28
CA GLU A 150 0.69 15.78 9.51
C GLU A 150 1.45 14.80 10.41
N ALA A 151 1.32 13.49 10.20
CA ALA A 151 1.80 12.45 11.13
C ALA A 151 3.33 12.32 11.00
N GLY A 152 3.97 11.73 11.99
CA GLY A 152 5.41 11.48 11.98
C GLY A 152 6.18 12.73 12.38
N LYS A 153 5.56 13.67 13.10
CA LYS A 153 6.27 14.87 13.59
C LYS A 153 5.82 15.26 14.99
N PHE A 154 6.73 15.83 15.78
CA PHE A 154 6.42 16.38 17.11
C PHE A 154 5.40 17.51 16.95
N GLY A 155 4.36 17.50 17.77
CA GLY A 155 3.40 18.63 17.83
C GLY A 155 2.45 18.70 16.63
N ALA A 156 2.23 17.59 15.93
CA ALA A 156 1.29 17.49 14.80
C ALA A 156 -0.11 17.81 15.31
N PRO A 157 -0.90 18.54 14.50
CA PRO A 157 -2.30 18.77 14.80
C PRO A 157 -3.10 17.48 14.59
N CYS A 158 -4.04 17.25 15.50
CA CYS A 158 -4.95 16.09 15.48
C CYS A 158 -6.19 16.36 16.35
N SER A 159 -7.27 15.59 16.14
CA SER A 159 -8.49 15.62 16.98
C SER A 159 -8.32 14.56 18.08
N VAL A 160 -8.69 14.92 19.30
CA VAL A 160 -8.69 14.05 20.50
C VAL A 160 -10.12 13.94 21.03
N SER A 161 -10.50 12.79 21.55
CA SER A 161 -11.84 12.56 22.09
C SER A 161 -11.70 11.59 23.26
N CYS A 162 -12.45 11.88 24.31
CA CYS A 162 -12.49 11.11 25.57
C CYS A 162 -13.95 10.79 25.92
N TYR A 163 -14.25 9.53 26.18
CA TYR A 163 -15.61 9.08 26.53
C TYR A 163 -15.63 8.49 27.95
N PHE A 164 -14.54 8.53 28.71
CA PHE A 164 -14.59 8.17 30.17
C PHE A 164 -15.56 9.11 30.87
N PRO A 165 -16.57 8.60 31.60
CA PRO A 165 -17.53 9.45 32.29
C PRO A 165 -16.85 10.03 33.53
N MET A 166 -17.23 11.24 33.92
CA MET A 166 -16.66 11.93 35.10
C MET A 166 -17.78 12.52 35.95
N PRO A 167 -18.32 11.75 36.90
CA PRO A 167 -19.39 12.23 37.75
C PRO A 167 -18.84 13.17 38.82
N PHE A 168 -19.69 14.08 39.30
CA PHE A 168 -19.33 15.10 40.31
C PHE A 168 -20.61 15.58 40.99
N ASN A 169 -20.66 15.46 42.31
CA ASN A 169 -21.88 15.78 43.10
C ASN A 169 -21.97 17.29 43.28
N LYS A 170 -20.85 17.99 43.42
CA LYS A 170 -20.87 19.41 43.85
C LYS A 170 -20.25 20.32 42.80
N LYS A 171 -19.11 19.98 42.21
CA LYS A 171 -18.47 20.95 41.26
C LYS A 171 -17.50 20.23 40.30
N ALA A 172 -17.37 20.77 39.09
CA ALA A 172 -16.33 20.37 38.13
C ALA A 172 -15.63 21.65 37.69
N LYS A 173 -14.31 21.75 37.86
CA LYS A 173 -13.55 22.90 37.34
C LYS A 173 -12.53 22.35 36.36
N ILE A 174 -12.60 22.75 35.10
CA ILE A 174 -11.70 22.23 34.04
C ILE A 174 -10.80 23.37 33.58
N GLU A 175 -9.48 23.18 33.68
CA GLU A 175 -8.49 24.22 33.37
C GLU A 175 -7.43 23.69 32.39
N ILE A 176 -6.91 24.58 31.56
CA ILE A 176 -5.60 24.39 30.88
C ILE A 176 -4.53 25.23 31.59
N VAL A 177 -3.38 24.63 31.80
CA VAL A 177 -2.21 25.28 32.46
C VAL A 177 -1.15 25.35 31.38
N ASN A 178 -0.93 26.54 30.83
CA ASN A 178 0.02 26.67 29.72
C ASN A 178 1.37 27.15 30.27
N ASP A 179 2.31 26.21 30.38
CA ASP A 179 3.70 26.48 30.84
C ASP A 179 4.55 26.87 29.63
N ASN A 180 4.01 26.87 28.42
CA ASN A 180 4.76 27.27 27.19
C ASN A 180 5.07 28.77 27.20
N GLU A 181 6.20 29.18 26.63
CA GLU A 181 6.53 30.61 26.34
C GLU A 181 5.61 31.16 25.24
N LEU A 182 4.94 30.27 24.51
CA LEU A 182 4.06 30.63 23.38
C LEU A 182 2.61 30.38 23.76
N PRO A 183 1.67 31.20 23.25
CA PRO A 183 0.27 30.88 23.34
C PRO A 183 -0.03 29.69 22.39
N PHE A 184 -1.21 29.07 22.54
CA PHE A 184 -1.65 28.06 21.57
C PHE A 184 -3.17 28.14 21.41
N ILE A 185 -3.61 27.77 20.22
CA ILE A 185 -5.04 27.68 19.84
C ILE A 185 -5.62 26.39 20.43
N LEU A 186 -6.76 26.49 21.11
CA LEU A 186 -7.50 25.32 21.59
C LEU A 186 -8.95 25.43 21.14
N TYR A 187 -9.42 24.43 20.42
CA TYR A 187 -10.83 24.17 20.13
C TYR A 187 -11.26 23.12 21.15
N PHE A 188 -12.44 23.24 21.77
CA PHE A 188 -12.94 22.16 22.67
C PHE A 188 -14.48 22.14 22.66
N ASN A 189 -15.03 20.96 22.90
CA ASN A 189 -16.47 20.71 23.14
C ASN A 189 -16.45 19.70 24.29
N ILE A 190 -16.88 20.12 25.49
CA ILE A 190 -16.97 19.25 26.71
C ILE A 190 -18.45 19.12 27.03
N ASP A 191 -18.99 17.94 26.79
CA ASP A 191 -20.42 17.65 27.01
C ASP A 191 -20.59 17.04 28.41
N TYR A 192 -21.69 17.43 29.06
CA TYR A 192 -22.10 16.91 30.37
C TYR A 192 -23.62 16.87 30.42
N GLU A 193 -24.13 16.19 31.43
CA GLU A 193 -25.56 16.26 31.82
C GLU A 193 -25.63 16.63 33.31
N MET A 194 -26.73 17.28 33.71
CA MET A 194 -26.99 17.76 35.09
C MET A 194 -28.15 16.93 35.65
N TYR A 195 -28.02 16.50 36.89
CA TYR A 195 -29.02 15.62 37.54
C TYR A 195 -29.86 16.46 38.49
N GLY A 196 -31.09 16.01 38.73
CA GLY A 196 -32.08 16.71 39.59
C GLY A 196 -31.96 16.26 41.04
N GLU A 197 -31.20 15.19 41.30
CA GLU A 197 -30.91 14.69 42.67
C GLU A 197 -29.43 14.37 42.76
N PRO A 198 -28.85 14.31 43.98
CA PRO A 198 -27.46 13.90 44.17
C PRO A 198 -27.17 12.47 43.66
N LEU A 199 -25.95 12.22 43.19
CA LEU A 199 -25.44 10.85 42.94
C LEU A 199 -25.23 10.15 44.28
N PRO A 200 -25.22 8.81 44.38
CA PRO A 200 -24.89 8.16 45.66
C PRO A 200 -23.53 8.71 46.14
N GLU A 201 -23.33 8.89 47.45
CA GLU A 201 -22.12 9.59 48.00
C GLU A 201 -20.85 8.76 47.73
N ASP A 202 -20.99 7.43 47.63
CA ASP A 202 -19.89 6.47 47.33
C ASP A 202 -19.51 6.49 45.82
N THR A 203 -20.18 7.27 44.97
CA THR A 203 -19.85 7.40 43.52
C THR A 203 -18.34 7.60 43.34
N ALA A 204 -17.74 6.84 42.42
CA ALA A 204 -16.28 6.94 42.15
C ALA A 204 -16.03 8.01 41.10
N TYR A 205 -15.10 8.89 41.37
CA TYR A 205 -14.75 10.08 40.56
C TYR A 205 -13.51 9.73 39.75
N PHE A 206 -13.44 10.30 38.55
CA PHE A 206 -12.36 10.12 37.57
C PHE A 206 -11.12 10.92 37.98
N HIS A 207 -9.99 10.22 37.90
CA HIS A 207 -8.65 10.67 38.32
C HIS A 207 -7.67 10.24 37.25
N ALA A 208 -6.66 11.06 37.05
CA ALA A 208 -5.52 10.76 36.18
C ALA A 208 -4.33 11.57 36.67
N ALA A 209 -3.16 10.96 36.58
CA ALA A 209 -1.89 11.49 37.08
C ALA A 209 -0.77 11.05 36.14
N TRP A 210 0.25 11.87 36.04
CA TRP A 210 1.35 11.63 35.09
C TRP A 210 2.67 11.49 35.83
N HIS A 211 3.55 10.65 35.29
CA HIS A 211 4.84 10.33 35.90
C HIS A 211 5.88 10.18 34.80
N ARG A 212 7.12 10.42 35.17
CA ARG A 212 8.27 10.21 34.27
C ARG A 212 9.49 9.83 35.11
N GLU A 213 10.19 8.78 34.66
CA GLU A 213 11.50 8.32 35.19
C GLU A 213 12.44 8.40 34.00
N ASN A 214 13.30 9.41 34.00
CA ASN A 214 14.20 9.66 32.86
C ASN A 214 15.53 10.20 33.36
N PRO A 215 16.59 9.37 33.48
CA PRO A 215 16.55 7.93 33.18
C PRO A 215 15.94 7.07 34.28
N CYS A 216 15.41 5.90 33.94
CA CYS A 216 15.13 4.83 34.92
C CYS A 216 16.47 4.45 35.59
N ASN A 217 16.41 3.94 36.83
CA ASN A 217 17.61 3.69 37.68
C ASN A 217 18.11 2.27 37.41
N GLY A 218 18.52 1.98 36.17
CA GLY A 218 18.92 0.63 35.75
C GLY A 218 20.26 0.21 36.34
N TRP A 219 20.31 -1.05 36.80
CA TRP A 219 21.55 -1.71 37.30
C TRP A 219 22.44 -2.16 36.12
N GLY A 220 21.89 -2.27 34.89
CA GLY A 220 22.63 -2.90 33.78
C GLY A 220 22.32 -2.34 32.39
N PRO A 221 22.24 -1.00 32.20
CA PRO A 221 21.89 -0.46 30.89
C PRO A 221 22.88 -0.83 29.76
N GLU A 222 24.11 -1.19 30.13
CA GLU A 222 25.18 -1.49 29.13
C GLU A 222 25.28 -3.00 28.89
N LEU A 223 24.54 -3.83 29.64
CA LEU A 223 24.45 -5.28 29.36
C LEU A 223 23.40 -5.50 28.28
N GLN A 224 23.70 -6.33 27.28
CA GLN A 224 22.70 -6.77 26.28
C GLN A 224 21.46 -7.33 27.00
N VAL A 225 20.30 -6.78 26.66
CA VAL A 225 18.97 -7.36 27.00
C VAL A 225 18.94 -8.84 26.59
N ASN A 226 18.39 -9.66 27.48
CA ASN A 226 18.08 -11.09 27.27
C ASN A 226 19.38 -11.90 27.22
N SER A 227 20.51 -11.32 27.58
CA SER A 227 21.74 -12.09 27.88
C SER A 227 21.46 -12.99 29.09
N PRO A 228 22.03 -14.22 29.16
CA PRO A 228 21.79 -15.12 30.28
C PRO A 228 22.09 -14.48 31.63
N GLU A 229 23.08 -13.56 31.70
CA GLU A 229 23.46 -12.86 32.97
C GLU A 229 22.30 -11.97 33.43
N VAL A 230 21.73 -11.20 32.51
CA VAL A 230 20.57 -10.31 32.82
C VAL A 230 19.41 -11.19 33.26
N ASN A 231 19.14 -12.27 32.52
CA ASN A 231 17.88 -13.03 32.66
C ASN A 231 17.90 -13.85 33.95
N ASN A 232 19.05 -14.02 34.59
CA ASN A 232 19.14 -14.89 35.81
C ASN A 232 19.15 -14.00 37.06
N VAL A 233 19.01 -12.68 36.90
CA VAL A 233 18.90 -11.75 38.06
C VAL A 233 17.46 -11.82 38.56
N THR A 234 17.26 -11.91 39.87
CA THR A 234 15.90 -12.08 40.46
C THR A 234 15.33 -10.73 40.90
N ASN A 235 14.00 -10.61 40.88
CA ASN A 235 13.22 -9.47 41.42
C ASN A 235 11.81 -9.94 41.81
N PHE A 236 11.56 -10.22 43.09
CA PHE A 236 10.20 -10.57 43.59
C PHE A 236 9.44 -9.32 44.04
N LYS A 237 10.08 -8.46 44.83
CA LYS A 237 9.40 -7.40 45.61
C LYS A 237 9.17 -6.12 44.76
N GLY A 238 9.96 -5.91 43.71
CA GLY A 238 9.75 -4.79 42.77
C GLY A 238 9.96 -3.43 43.40
N GLU A 239 10.86 -3.31 44.41
CA GLU A 239 11.06 -2.00 45.09
C GLU A 239 11.55 -0.95 44.08
N ASN A 240 12.32 -1.34 43.04
CA ASN A 240 12.89 -0.39 42.04
C ASN A 240 12.09 -0.40 40.72
N ASN A 241 10.92 -1.03 40.70
CA ASN A 241 9.99 -1.03 39.53
C ASN A 241 9.60 0.40 39.17
N TYR A 242 9.34 0.62 37.88
CA TYR A 242 8.72 1.86 37.41
C TYR A 242 7.32 1.92 38.03
N THR A 243 6.97 3.10 38.56
CA THR A 243 5.68 3.33 39.26
C THR A 243 4.71 4.09 38.35
N VAL A 244 3.66 3.41 37.87
CA VAL A 244 2.54 4.01 37.08
C VAL A 244 1.59 4.76 38.01
N LEU A 245 1.31 4.19 39.20
CA LEU A 245 0.29 4.73 40.14
C LEU A 245 0.58 4.20 41.54
N ASP A 246 0.48 5.06 42.52
CA ASP A 246 0.72 4.72 43.95
C ASP A 246 -0.26 5.57 44.77
N VAL A 247 -1.44 5.04 45.09
CA VAL A 247 -2.56 5.89 45.57
C VAL A 247 -3.24 5.20 46.75
N GLU A 248 -3.60 6.01 47.74
CA GLU A 248 -4.46 5.59 48.88
C GLU A 248 -5.90 6.02 48.62
N GLY A 249 -6.83 5.08 48.78
CA GLY A 249 -8.27 5.30 48.69
C GLY A 249 -9.00 4.03 48.39
N THR A 250 -10.25 4.14 47.96
CA THR A 250 -11.11 3.01 47.55
C THR A 250 -11.53 3.27 46.12
N GLY A 251 -11.19 2.39 45.19
CA GLY A 251 -11.53 2.66 43.77
C GLY A 251 -11.03 1.57 42.87
N HIS A 252 -10.74 1.90 41.61
CA HIS A 252 -10.28 0.92 40.63
C HIS A 252 -9.45 1.63 39.56
N TYR A 253 -8.33 1.02 39.23
CA TYR A 253 -7.43 1.44 38.14
C TYR A 253 -8.07 1.00 36.82
N VAL A 254 -8.15 1.91 35.86
CA VAL A 254 -8.80 1.57 34.55
C VAL A 254 -7.78 1.67 33.43
N GLY A 255 -6.49 1.88 33.73
CA GLY A 255 -5.42 1.68 32.73
C GLY A 255 -4.49 2.86 32.58
N CYS A 256 -3.67 2.82 31.54
CA CYS A 256 -2.55 3.75 31.36
C CYS A 256 -2.20 3.91 29.89
N ASN A 257 -1.47 4.98 29.61
CA ASN A 257 -0.62 5.09 28.41
C ASN A 257 0.80 5.14 28.93
N LEU A 258 1.74 4.70 28.11
CA LEU A 258 3.16 4.53 28.46
C LEU A 258 3.98 4.93 27.24
N THR A 259 4.81 5.95 27.42
CA THR A 259 5.76 6.43 26.42
C THR A 259 7.15 5.94 26.81
N VAL A 260 7.81 5.15 25.96
CA VAL A 260 9.21 4.69 26.23
C VAL A 260 10.13 5.16 25.12
N LYS A 261 11.24 5.84 25.49
CA LYS A 261 12.39 6.03 24.57
C LYS A 261 13.50 5.05 24.95
N HIS A 262 13.82 4.15 24.05
CA HIS A 262 14.73 3.01 24.29
C HIS A 262 16.12 3.34 23.75
N PHE A 263 17.17 3.20 24.56
CA PHE A 263 18.52 3.70 24.21
C PHE A 263 19.39 2.58 23.60
N GLN A 264 19.29 1.32 23.98
CA GLN A 264 20.39 0.41 23.52
C GLN A 264 20.08 -0.22 22.16
N GLY A 265 18.87 -0.11 21.64
CA GLY A 265 18.50 -0.64 20.30
C GLY A 265 18.34 -2.14 20.32
N SER A 266 17.84 -2.70 21.41
CA SER A 266 17.44 -4.13 21.48
C SER A 266 15.94 -4.22 21.73
N TRP A 267 15.54 -4.47 22.98
CA TRP A 267 14.11 -4.50 23.40
C TRP A 267 13.99 -3.93 24.81
N TRP A 268 13.02 -3.05 25.02
CA TRP A 268 12.82 -2.31 26.29
C TRP A 268 11.83 -3.02 27.20
N GLY A 269 11.22 -4.13 26.78
CA GLY A 269 9.88 -4.52 27.25
C GLY A 269 9.81 -5.84 27.97
N GLU A 270 10.91 -6.34 28.51
CA GLU A 270 10.94 -7.68 29.17
C GLU A 270 10.35 -7.53 30.59
N GLY A 271 10.22 -6.32 31.10
CA GLY A 271 9.81 -6.10 32.49
C GLY A 271 8.34 -6.43 32.71
N ASN A 272 8.04 -7.05 33.85
CA ASN A 272 6.69 -7.52 34.23
C ASN A 272 5.94 -6.37 34.91
N ASP A 273 4.66 -6.23 34.60
CA ASP A 273 3.68 -5.51 35.45
C ASP A 273 3.61 -6.25 36.80
N MET A 274 3.67 -5.50 37.90
CA MET A 274 3.43 -6.04 39.28
C MET A 274 2.50 -5.06 40.00
N PHE A 275 1.36 -5.56 40.46
CA PHE A 275 0.32 -4.79 41.17
C PHE A 275 0.32 -5.18 42.64
N PHE A 276 0.38 -4.17 43.51
CA PHE A 276 0.35 -4.30 44.98
C PHE A 276 -0.95 -3.65 45.44
N ILE A 277 -1.84 -4.51 45.91
CA ILE A 277 -3.23 -4.20 46.36
C ILE A 277 -3.27 -4.14 47.90
N ASP A 278 -3.74 -3.01 48.42
CA ASP A 278 -4.09 -2.85 49.85
C ASP A 278 -2.84 -3.12 50.70
N GLY A 279 -1.69 -2.60 50.25
CA GLY A 279 -0.44 -2.55 51.04
C GLY A 279 0.29 -3.88 51.17
N GLU A 280 -0.10 -4.95 50.45
CA GLU A 280 0.67 -6.21 50.42
C GLU A 280 2.14 -5.93 50.06
N GLU A 281 3.06 -6.62 50.73
CA GLU A 281 4.54 -6.43 50.63
C GLU A 281 5.00 -6.96 49.26
N TYR A 282 4.49 -8.12 48.88
CA TYR A 282 4.78 -8.83 47.61
C TYR A 282 3.58 -8.68 46.69
N PRO A 283 3.77 -8.42 45.39
CA PRO A 283 2.65 -8.17 44.49
C PRO A 283 1.75 -9.41 44.33
N SER A 284 0.42 -9.25 44.43
CA SER A 284 -0.55 -10.35 44.25
C SER A 284 -0.80 -10.63 42.75
N LEU A 285 -0.68 -9.59 41.91
CA LEU A 285 -0.85 -9.67 40.44
C LEU A 285 0.53 -9.60 39.79
N ASN A 286 1.00 -10.71 39.26
CA ASN A 286 2.33 -10.83 38.63
C ASN A 286 2.14 -11.03 37.11
N GLY A 287 2.73 -10.15 36.31
CA GLY A 287 2.70 -10.24 34.83
C GLY A 287 3.93 -10.94 34.31
N THR A 288 4.16 -10.84 33.00
CA THR A 288 5.16 -11.67 32.30
C THR A 288 6.09 -10.83 31.46
N GLY A 289 5.66 -9.63 31.07
CA GLY A 289 6.45 -8.74 30.21
C GLY A 289 5.66 -7.47 29.89
N THR A 290 6.31 -6.46 29.34
CA THR A 290 5.63 -5.15 29.17
C THR A 290 4.63 -5.18 27.98
N GLU A 291 5.02 -5.73 26.82
CA GLU A 291 4.08 -5.87 25.67
C GLU A 291 2.99 -6.84 26.13
N ASP A 292 3.32 -7.77 27.03
CA ASP A 292 2.30 -8.76 27.47
C ASP A 292 1.20 -8.01 28.22
N TYR A 293 1.61 -7.13 29.13
CA TYR A 293 0.67 -6.28 29.89
C TYR A 293 -0.24 -5.55 28.89
N PHE A 294 0.35 -5.02 27.83
CA PHE A 294 -0.37 -4.32 26.74
C PHE A 294 -1.08 -5.28 25.77
N ASN A 295 -1.04 -6.60 26.05
CA ASN A 295 -1.79 -7.66 25.32
C ASN A 295 -1.28 -7.80 23.88
N HIS A 296 -0.03 -7.40 23.59
CA HIS A 296 0.72 -7.82 22.39
C HIS A 296 1.63 -8.99 22.80
N ALA A 297 2.53 -9.41 21.92
CA ALA A 297 3.52 -10.48 22.20
C ALA A 297 4.69 -10.39 21.22
N TRP A 298 5.91 -10.72 21.70
CA TRP A 298 7.15 -10.76 20.88
C TRP A 298 7.38 -9.36 20.31
N GLY A 299 7.24 -8.34 21.15
CA GLY A 299 7.25 -6.96 20.67
C GLY A 299 5.86 -6.36 20.71
N MET A 300 5.78 -5.06 20.46
CA MET A 300 4.50 -4.39 20.21
C MET A 300 4.25 -4.44 18.70
N GLN A 301 2.99 -4.59 18.34
CA GLN A 301 2.50 -4.60 16.93
C GLN A 301 1.87 -3.25 16.57
N ARG A 302 1.77 -2.94 15.28
CA ARG A 302 0.98 -1.78 14.78
C ARG A 302 -0.51 -2.14 14.77
N ASN A 303 -1.07 -2.39 15.95
CA ASN A 303 -2.49 -2.66 16.22
C ASN A 303 -2.93 -1.70 17.33
N ALA A 304 -4.15 -1.19 17.22
CA ALA A 304 -4.80 -0.40 18.27
C ALA A 304 -6.22 -0.91 18.39
N TYR A 305 -6.49 -1.68 19.47
CA TYR A 305 -7.74 -2.43 19.68
C TYR A 305 -8.57 -1.73 20.77
N PRO A 306 -9.85 -2.09 20.97
CA PRO A 306 -10.68 -1.35 21.93
C PRO A 306 -10.06 -1.21 23.33
N PHE A 307 -9.34 -2.21 23.82
CA PHE A 307 -8.88 -2.21 25.23
C PHE A 307 -7.35 -2.08 25.34
N PHE A 308 -6.63 -2.09 24.23
CA PHE A 308 -5.15 -2.08 24.32
C PHE A 308 -4.51 -1.89 22.95
N GLY A 309 -3.27 -1.42 22.95
CA GLY A 309 -2.38 -1.51 21.79
C GLY A 309 -1.35 -0.40 21.67
N THR A 310 -1.01 -0.11 20.43
CA THR A 310 0.06 0.82 20.05
C THR A 310 -0.56 2.11 19.50
N ILE A 311 -0.06 3.24 19.98
CA ILE A 311 -0.45 4.57 19.45
C ILE A 311 0.63 5.02 18.49
N VAL A 312 1.88 4.92 18.95
CA VAL A 312 3.08 5.23 18.15
C VAL A 312 4.01 4.03 18.26
N HIS A 313 4.37 3.47 17.11
CA HIS A 313 5.19 2.23 17.02
C HIS A 313 6.66 2.60 16.89
N GLU A 314 7.50 1.96 17.72
CA GLU A 314 8.98 2.11 17.70
C GLU A 314 9.56 2.00 16.28
N GLY A 315 9.03 1.11 15.44
CA GLY A 315 9.51 0.89 14.05
C GLY A 315 9.29 2.09 13.14
N ASP A 316 8.52 3.10 13.54
CA ASP A 316 8.24 4.32 12.72
C ASP A 316 8.91 5.55 13.34
N THR A 317 9.64 5.41 14.46
CA THR A 317 10.22 6.58 15.16
C THR A 317 11.72 6.38 15.38
N ASP A 318 12.34 7.42 15.90
CA ASP A 318 13.73 7.38 16.42
C ASP A 318 13.72 6.80 17.83
N GLY A 319 13.35 5.53 17.97
CA GLY A 319 13.54 4.77 19.23
C GLY A 319 12.44 4.90 20.27
N PHE A 320 11.24 5.42 19.98
CA PHE A 320 10.23 5.57 21.05
C PHE A 320 8.90 4.93 20.65
N GLN A 321 8.23 4.38 21.66
CA GLN A 321 6.91 3.71 21.55
C GLN A 321 5.93 4.43 22.47
N VAL A 322 4.66 4.50 22.07
CA VAL A 322 3.52 4.90 22.94
C VAL A 322 2.47 3.80 22.87
N SER A 323 2.14 3.25 24.05
CA SER A 323 1.22 2.10 24.22
C SER A 323 0.11 2.48 25.20
N TYR A 324 -0.98 1.74 25.20
CA TYR A 324 -2.11 1.93 26.15
C TYR A 324 -2.74 0.58 26.48
N ARG A 325 -3.31 0.51 27.66
CA ARG A 325 -4.28 -0.54 28.04
C ARG A 325 -5.38 0.08 28.89
N TRP A 326 -6.63 -0.27 28.58
CA TRP A 326 -7.83 0.12 29.35
C TRP A 326 -8.35 -1.12 30.08
N HIS A 327 -8.52 -1.01 31.39
CA HIS A 327 -9.17 -2.04 32.23
C HIS A 327 -10.64 -1.65 32.46
N ILE A 328 -11.46 -1.74 31.42
CA ILE A 328 -12.87 -1.26 31.48
C ILE A 328 -13.79 -2.36 32.02
N THR A 329 -13.69 -3.59 31.53
CA THR A 329 -14.45 -4.73 32.08
C THR A 329 -13.62 -5.50 33.11
N ASP A 330 -12.29 -5.27 33.17
CA ASP A 330 -11.30 -6.01 34.01
C ASP A 330 -10.54 -5.01 34.87
N PRO A 331 -11.24 -4.10 35.56
CA PRO A 331 -10.57 -3.06 36.34
C PRO A 331 -9.80 -3.67 37.52
N VAL A 332 -8.78 -2.96 38.00
CA VAL A 332 -7.98 -3.44 39.16
C VAL A 332 -8.41 -2.69 40.42
N ARG A 333 -9.20 -3.40 41.23
CA ARG A 333 -9.96 -2.87 42.39
C ARG A 333 -8.98 -2.74 43.56
N PHE A 334 -9.26 -1.77 44.44
CA PHE A 334 -8.55 -1.64 45.73
C PHE A 334 -9.49 -1.02 46.78
N GLU A 335 -9.37 -1.50 48.03
CA GLU A 335 -10.17 -1.03 49.20
C GLU A 335 -9.39 0.06 49.93
N LYS A 336 -8.06 0.00 49.98
CA LYS A 336 -7.24 0.92 50.81
C LYS A 336 -6.10 1.53 50.01
N HIS A 337 -5.52 0.80 49.06
CA HIS A 337 -4.26 1.24 48.41
C HIS A 337 -3.98 0.43 47.14
N LEU A 338 -3.51 1.11 46.11
CA LEU A 338 -2.98 0.41 44.93
C LEU A 338 -1.66 1.02 44.48
N LYS A 339 -0.68 0.15 44.24
CA LYS A 339 0.57 0.48 43.52
C LYS A 339 0.60 -0.34 42.22
N VAL A 340 0.58 0.37 41.10
CA VAL A 340 0.74 -0.23 39.74
C VAL A 340 2.18 -0.01 39.36
N THR A 341 2.92 -1.09 39.13
CA THR A 341 4.35 -1.03 38.78
C THR A 341 4.61 -1.93 37.58
N ILE A 342 5.71 -1.62 36.89
CA ILE A 342 6.26 -2.41 35.77
C ILE A 342 7.78 -2.37 35.92
N GLU A 343 8.42 -3.52 35.83
CA GLU A 343 9.89 -3.61 35.85
C GLU A 343 10.40 -2.87 34.60
N HIS A 344 11.37 -1.98 34.78
CA HIS A 344 11.92 -1.18 33.65
C HIS A 344 13.04 -2.00 33.01
N GLY A 345 12.61 -2.91 32.13
CA GLY A 345 13.41 -4.05 31.68
C GLY A 345 13.37 -5.12 32.75
N HIS A 346 13.77 -6.32 32.41
CA HIS A 346 13.79 -7.45 33.36
C HIS A 346 14.57 -7.02 34.61
N ALA A 347 13.96 -7.20 35.78
CA ALA A 347 14.55 -6.87 37.09
C ALA A 347 15.10 -5.44 37.10
N ASN A 348 14.49 -4.51 36.39
CA ASN A 348 14.88 -3.08 36.42
C ASN A 348 16.30 -2.92 35.89
N GLN A 349 16.67 -3.71 34.90
CA GLN A 349 17.98 -3.69 34.23
C GLN A 349 18.20 -2.32 33.58
N LEU A 350 17.18 -1.81 32.88
CA LEU A 350 17.41 -0.74 31.88
C LEU A 350 17.27 0.65 32.50
N SER A 351 17.80 1.64 31.76
CA SER A 351 17.82 3.06 32.18
C SER A 351 17.19 3.90 31.05
N ASP A 352 16.06 3.43 30.52
CA ASP A 352 15.36 4.13 29.41
C ASP A 352 14.54 5.29 29.98
N ASP A 353 13.96 6.08 29.07
CA ASP A 353 13.06 7.23 29.36
C ASP A 353 11.62 6.73 29.31
N TRP A 354 11.01 6.56 30.48
CA TRP A 354 9.62 6.08 30.67
C TRP A 354 8.76 7.24 31.18
N SER A 355 7.61 7.45 30.54
CA SER A 355 6.56 8.35 31.07
C SER A 355 5.21 7.67 30.91
N SER A 356 4.28 8.00 31.80
CA SER A 356 2.96 7.35 31.81
C SER A 356 1.87 8.30 32.30
N THR A 357 0.65 8.03 31.86
CA THR A 357 -0.61 8.59 32.41
C THR A 357 -1.36 7.41 33.02
N ALA A 358 -1.64 7.46 34.31
CA ALA A 358 -2.49 6.47 34.98
C ALA A 358 -3.91 7.05 35.10
N TYR A 359 -4.90 6.21 34.90
CA TYR A 359 -6.33 6.58 35.02
C TYR A 359 -6.95 5.68 36.07
N TRP A 360 -7.69 6.29 36.99
CA TRP A 360 -8.46 5.51 37.97
C TRP A 360 -9.70 6.29 38.40
N TYR A 361 -10.58 5.59 39.08
CA TYR A 361 -11.82 6.11 39.70
C TYR A 361 -11.71 5.81 41.19
N GLN A 362 -12.14 6.72 42.05
CA GLN A 362 -12.10 6.48 43.52
C GLN A 362 -13.15 7.35 44.20
N ILE A 363 -13.66 6.90 45.34
CA ILE A 363 -14.56 7.75 46.16
C ILE A 363 -13.72 8.92 46.65
N LEU A 364 -14.34 10.07 46.83
CA LEU A 364 -13.64 11.21 47.48
C LEU A 364 -13.53 10.89 48.97
N PRO A 365 -12.57 11.47 49.72
CA PRO A 365 -11.67 12.48 49.18
C PRO A 365 -10.46 11.92 48.43
N THR A 366 -9.92 12.70 47.49
CA THR A 366 -8.55 12.55 46.96
C THR A 366 -7.60 12.83 48.13
N ALA A 367 -6.93 11.80 48.67
CA ALA A 367 -6.25 11.82 49.99
C ALA A 367 -4.93 12.61 49.88
N SER A 368 -4.26 12.53 48.73
CA SER A 368 -2.92 13.12 48.50
C SER A 368 -2.96 14.07 47.30
N ARG A 369 -2.19 15.15 47.37
CA ARG A 369 -2.10 16.13 46.28
C ARG A 369 -1.58 15.40 45.06
N ILE A 370 -2.21 15.58 43.90
CA ILE A 370 -1.61 15.07 42.63
C ILE A 370 -0.63 16.13 42.16
N THR A 371 0.62 15.71 42.01
CA THR A 371 1.71 16.62 41.61
C THR A 371 2.17 16.28 40.21
N ILE A 372 2.97 17.17 39.64
CA ILE A 372 3.52 16.98 38.27
C ILE A 372 4.90 17.60 38.21
N ALA A 373 5.78 16.90 37.53
CA ALA A 373 7.16 17.33 37.26
C ALA A 373 7.05 18.68 36.57
N PRO A 374 7.99 19.60 36.83
CA PRO A 374 7.95 20.91 36.19
C PRO A 374 8.26 20.75 34.70
N VAL A 375 7.97 21.79 33.93
CA VAL A 375 7.98 21.75 32.44
C VAL A 375 9.32 21.22 31.93
N GLU A 376 10.45 21.62 32.51
CA GLU A 376 11.80 21.24 32.02
C GLU A 376 12.02 19.74 32.13
N ASP A 377 11.22 19.05 32.96
CA ASP A 377 11.32 17.59 33.18
C ASP A 377 10.30 16.84 32.32
N ARG A 378 9.55 17.55 31.45
CA ARG A 378 8.46 16.94 30.66
C ARG A 378 8.81 16.86 29.18
N LEU A 379 9.97 17.37 28.75
CA LEU A 379 10.23 17.52 27.30
C LEU A 379 10.76 16.20 26.76
N PRO A 380 10.32 15.78 25.55
CA PRO A 380 10.92 14.62 24.89
C PRO A 380 12.45 14.73 24.84
N VAL A 381 13.13 13.60 24.95
CA VAL A 381 14.58 13.47 24.68
C VAL A 381 14.75 13.35 23.18
N VAL A 382 15.42 14.32 22.55
CA VAL A 382 15.65 14.33 21.07
C VAL A 382 17.14 14.53 20.81
N PRO A 383 17.69 13.91 19.76
CA PRO A 383 19.07 14.21 19.35
C PRO A 383 19.11 15.64 18.80
N GLN A 384 20.23 16.31 19.05
CA GLN A 384 20.52 17.72 18.69
C GLN A 384 21.61 17.71 17.62
N LEU A 385 21.43 18.47 16.53
CA LEU A 385 22.51 18.80 15.57
C LEU A 385 23.61 19.54 16.31
N PRO A 386 24.89 19.34 15.92
CA PRO A 386 25.99 20.11 16.50
C PRO A 386 25.82 21.57 16.07
N GLU A 387 26.37 22.51 16.84
CA GLU A 387 26.21 23.98 16.56
C GLU A 387 26.96 24.26 15.26
N ARG A 388 26.33 24.99 14.34
CA ARG A 388 26.82 25.09 12.94
C ARG A 388 27.83 26.22 12.79
N LYS A 389 27.77 27.20 13.69
CA LYS A 389 28.67 28.39 13.72
C LYS A 389 28.91 28.85 12.29
N LEU A 390 27.85 29.16 11.56
CA LEU A 390 27.99 29.75 10.20
C LEU A 390 28.67 31.12 10.30
N VAL A 391 29.36 31.49 9.23
CA VAL A 391 30.03 32.79 9.03
C VAL A 391 29.58 33.28 7.66
N LEU A 392 29.17 34.52 7.56
CA LEU A 392 28.71 35.08 6.26
C LEU A 392 29.94 35.28 5.41
N PRO A 393 29.88 34.98 4.09
CA PRO A 393 30.99 35.33 3.22
C PRO A 393 30.98 36.86 3.03
N GLN A 394 32.00 37.35 2.34
CA GLN A 394 32.02 38.74 1.82
C GLN A 394 30.74 38.97 1.00
N LEU A 395 29.95 39.94 1.38
CA LEU A 395 28.64 40.22 0.76
C LEU A 395 28.78 41.29 -0.32
N THR A 396 28.10 41.10 -1.44
CA THR A 396 27.86 42.18 -2.44
C THR A 396 26.99 43.23 -1.75
N GLU A 397 26.98 44.46 -2.27
CA GLU A 397 26.07 45.54 -1.83
C GLU A 397 24.61 45.09 -2.02
N GLU A 398 24.32 44.39 -3.10
CA GLU A 398 22.99 43.76 -3.35
C GLU A 398 22.64 42.76 -2.23
N GLN A 399 23.52 41.82 -1.91
CA GLN A 399 23.20 40.82 -0.86
C GLN A 399 22.96 41.55 0.47
N GLN A 400 23.77 42.58 0.79
CA GLN A 400 23.63 43.34 2.07
C GLN A 400 22.27 44.05 2.10
N ALA A 401 21.88 44.72 1.01
CA ALA A 401 20.59 45.40 0.81
C ALA A 401 19.43 44.43 0.95
N ALA A 402 19.50 43.23 0.36
CA ALA A 402 18.46 42.19 0.55
C ALA A 402 18.35 41.86 2.04
N ARG A 403 19.49 41.68 2.71
CA ARG A 403 19.48 41.26 4.14
C ARG A 403 18.87 42.41 4.95
N ASP A 404 19.20 43.65 4.64
CA ASP A 404 18.68 44.83 5.38
C ASP A 404 17.17 44.96 5.15
N THR A 405 16.70 44.81 3.92
CA THR A 405 15.27 44.92 3.57
C THR A 405 14.47 43.85 4.31
N TYR A 406 14.97 42.62 4.32
CA TYR A 406 14.32 41.47 4.99
C TYR A 406 14.29 41.76 6.50
N GLN A 407 15.39 42.25 7.08
CA GLN A 407 15.46 42.51 8.54
C GLN A 407 14.45 43.60 8.91
N LYS A 408 14.30 44.61 8.05
CA LYS A 408 13.33 45.74 8.22
C LYS A 408 11.90 45.19 8.15
N ARG A 409 11.60 44.33 7.20
CA ARG A 409 10.25 43.69 7.09
C ARG A 409 9.96 42.94 8.39
N TRP A 410 10.92 42.18 8.87
CA TRP A 410 10.74 41.38 10.12
C TRP A 410 10.54 42.29 11.35
N LYS A 411 11.26 43.41 11.46
CA LYS A 411 11.16 44.37 12.60
C LYS A 411 9.71 44.88 12.68
N ASP A 412 9.15 45.26 11.52
CA ASP A 412 7.75 45.75 11.36
C ASP A 412 6.73 44.60 11.59
N TYR A 413 6.98 43.40 11.02
CA TYR A 413 5.97 42.33 10.96
C TYR A 413 5.74 41.66 12.32
N GLU A 414 6.78 41.31 13.04
CA GLU A 414 6.64 40.46 14.26
C GLU A 414 5.71 41.11 15.29
N PRO A 415 5.86 42.42 15.61
CA PRO A 415 5.02 43.05 16.61
C PRO A 415 3.55 43.12 16.16
N ARG A 416 3.34 43.22 14.84
CA ARG A 416 1.98 43.19 14.26
C ARG A 416 1.33 41.85 14.55
N ARG A 417 2.07 40.74 14.44
CA ARG A 417 1.55 39.39 14.76
C ARG A 417 1.35 39.31 16.27
N ASP A 418 2.24 39.87 17.05
CA ASP A 418 2.13 39.83 18.52
C ASP A 418 0.81 40.49 18.94
N THR A 419 0.44 41.60 18.30
CA THR A 419 -0.78 42.40 18.65
C THR A 419 -1.99 41.50 18.43
N GLN A 420 -2.02 40.78 17.30
CA GLN A 420 -3.17 39.92 16.92
C GLN A 420 -3.28 38.76 17.93
N PHE A 421 -2.17 38.18 18.38
CA PHE A 421 -2.21 37.13 19.45
C PHE A 421 -2.80 37.69 20.75
N ARG A 422 -2.38 38.90 21.17
CA ARG A 422 -2.85 39.55 22.43
C ARG A 422 -4.37 39.76 22.35
N ILE A 423 -4.89 40.24 21.22
CA ILE A 423 -6.36 40.43 21.04
C ILE A 423 -7.09 39.07 21.20
N LYS A 424 -6.58 38.00 20.60
CA LYS A 424 -7.25 36.66 20.66
C LYS A 424 -7.17 36.13 22.10
N GLU A 425 -6.10 36.44 22.80
CA GLU A 425 -5.97 36.03 24.22
C GLU A 425 -7.02 36.75 25.07
N ASP A 426 -7.28 38.03 24.80
CA ASP A 426 -8.33 38.82 25.50
C ASP A 426 -9.69 38.13 25.33
N LYS A 427 -9.95 37.61 24.13
CA LYS A 427 -11.22 36.91 23.82
C LYS A 427 -11.28 35.65 24.69
N ALA A 428 -10.18 34.91 24.81
CA ALA A 428 -10.16 33.64 25.55
C ALA A 428 -10.49 33.91 27.02
N ARG A 429 -9.88 34.92 27.62
CA ARG A 429 -10.11 35.22 29.06
C ARG A 429 -11.58 35.64 29.25
N ARG A 430 -12.11 36.40 28.28
CA ARG A 430 -13.51 36.93 28.30
C ARG A 430 -14.47 35.73 28.22
N GLU A 431 -14.23 34.80 27.28
CA GLU A 431 -15.13 33.63 27.05
C GLU A 431 -14.99 32.64 28.22
N SER A 432 -13.84 32.53 28.88
CA SER A 432 -13.70 31.71 30.12
C SER A 432 -14.78 32.14 31.11
N LYS A 433 -14.87 33.44 31.38
CA LYS A 433 -15.87 33.94 32.36
C LYS A 433 -17.26 33.61 31.83
N LEU A 434 -17.55 33.90 30.55
CA LEU A 434 -18.91 33.70 29.98
C LEU A 434 -19.30 32.22 30.07
N ASN A 435 -18.36 31.29 29.83
CA ASN A 435 -18.64 29.83 29.86
C ASN A 435 -19.22 29.43 31.21
N THR A 436 -18.59 29.89 32.29
CA THR A 436 -18.97 29.52 33.68
C THR A 436 -20.31 30.22 34.02
N GLU A 437 -20.49 31.48 33.58
CA GLU A 437 -21.73 32.30 33.84
C GLU A 437 -22.91 31.58 33.18
N PHE A 438 -22.75 31.15 31.93
CA PHE A 438 -23.82 30.45 31.18
C PHE A 438 -24.11 29.10 31.83
N ALA A 439 -23.08 28.36 32.22
CA ALA A 439 -23.23 27.05 32.89
C ALA A 439 -24.03 27.20 34.19
N LYS A 440 -23.87 28.32 34.90
CA LYS A 440 -24.62 28.63 36.17
C LYS A 440 -26.08 28.93 35.83
N LYS A 441 -26.36 29.72 34.80
CA LYS A 441 -27.73 30.05 34.33
C LYS A 441 -28.43 28.74 33.95
N LEU A 442 -27.73 27.83 33.29
CA LEU A 442 -28.32 26.55 32.87
C LEU A 442 -28.69 25.75 34.10
N ARG A 443 -27.75 25.65 35.04
CA ARG A 443 -27.94 24.88 36.29
C ARG A 443 -29.20 25.40 36.97
N ASP A 444 -29.30 26.73 37.16
CA ASP A 444 -30.37 27.41 37.94
C ASP A 444 -31.71 27.23 37.24
N ALA A 445 -31.78 27.49 35.93
CA ALA A 445 -32.98 27.25 35.10
C ALA A 445 -33.46 25.80 35.23
N PHE A 446 -32.55 24.80 35.10
CA PHE A 446 -32.91 23.37 35.22
C PHE A 446 -33.49 23.09 36.62
N ASP A 447 -32.81 23.56 37.67
CA ASP A 447 -33.19 23.32 39.10
C ASP A 447 -34.54 23.97 39.40
N ALA A 448 -34.82 25.14 38.78
CA ALA A 448 -36.09 25.88 38.88
C ALA A 448 -37.23 24.98 38.39
N GLU A 449 -37.20 24.53 37.13
CA GLU A 449 -38.17 23.55 36.53
C GLU A 449 -38.87 22.72 37.61
N GLU B 3 -21.38 -8.72 42.57
CA GLU B 3 -21.85 -9.44 41.35
C GLU B 3 -21.22 -8.83 40.07
N ILE B 4 -21.58 -9.33 38.90
CA ILE B 4 -20.83 -9.07 37.65
C ILE B 4 -21.09 -7.63 37.19
N THR B 5 -20.08 -6.92 36.72
CA THR B 5 -20.24 -5.54 36.19
C THR B 5 -19.68 -5.45 34.78
N GLY B 6 -19.86 -4.31 34.13
CA GLY B 6 -19.24 -4.02 32.82
C GLY B 6 -20.16 -4.38 31.68
N LEU B 7 -19.81 -3.94 30.47
CA LEU B 7 -20.68 -4.03 29.27
C LEU B 7 -21.00 -5.46 28.86
N PHE B 8 -20.36 -6.50 29.41
CA PHE B 8 -20.73 -7.91 29.08
C PHE B 8 -21.62 -8.56 30.15
N LYS B 9 -21.99 -7.86 31.23
CA LYS B 9 -22.59 -8.51 32.43
C LYS B 9 -23.89 -9.25 32.08
N ASP B 10 -24.65 -8.78 31.10
CA ASP B 10 -26.01 -9.33 30.81
C ASP B 10 -25.88 -10.72 30.18
N LEU B 11 -24.69 -11.12 29.73
CA LEU B 11 -24.46 -12.50 29.23
C LEU B 11 -24.45 -13.49 30.40
N THR B 12 -24.28 -13.03 31.65
CA THR B 12 -24.06 -13.91 32.83
C THR B 12 -25.39 -14.24 33.51
N LYS B 13 -26.51 -13.90 32.89
CA LYS B 13 -27.83 -14.17 33.48
C LYS B 13 -28.83 -14.48 32.37
N VAL B 14 -29.64 -15.51 32.59
CA VAL B 14 -30.65 -16.01 31.61
C VAL B 14 -31.79 -14.99 31.55
N LYS B 15 -32.43 -14.88 30.40
CA LYS B 15 -33.63 -14.04 30.20
C LYS B 15 -34.69 -14.93 29.57
N HIS B 16 -35.90 -14.97 30.11
CA HIS B 16 -36.95 -15.91 29.60
C HIS B 16 -37.68 -15.19 28.48
N ALA B 17 -36.95 -14.97 27.39
CA ALA B 17 -37.44 -14.33 26.15
C ALA B 17 -37.25 -15.29 24.97
N ARG B 18 -38.12 -15.19 23.96
CA ARG B 18 -38.12 -16.08 22.78
C ARG B 18 -37.61 -15.32 21.55
N ASN B 19 -36.56 -15.83 20.93
CA ASN B 19 -36.03 -15.28 19.66
C ASN B 19 -37.01 -15.48 18.53
N GLY B 20 -37.03 -14.54 17.61
CA GLY B 20 -37.65 -14.74 16.31
C GLY B 20 -36.88 -13.96 15.28
N ARG B 21 -37.20 -14.18 14.01
CA ARG B 21 -36.47 -13.55 12.91
C ARG B 21 -37.35 -13.48 11.69
N LEU B 22 -37.52 -12.27 11.19
CA LEU B 22 -38.05 -11.97 9.84
C LEU B 22 -36.87 -12.07 8.86
N ALA B 23 -36.99 -12.92 7.85
CA ALA B 23 -35.91 -13.11 6.85
C ALA B 23 -36.49 -13.28 5.46
N SER B 24 -35.63 -13.06 4.46
CA SER B 24 -35.95 -13.22 3.03
C SER B 24 -35.76 -14.68 2.65
N TRP B 25 -35.72 -15.57 3.63
CA TRP B 25 -35.37 -16.99 3.40
C TRP B 25 -36.33 -17.60 2.38
N ASP B 26 -35.79 -18.48 1.52
CA ASP B 26 -36.57 -19.08 0.40
C ASP B 26 -37.60 -20.01 1.01
N GLN B 27 -38.87 -19.64 1.03
CA GLN B 27 -39.87 -20.47 1.74
C GLN B 27 -40.33 -21.61 0.82
N ARG B 28 -39.71 -21.75 -0.36
CA ARG B 28 -39.76 -22.99 -1.19
C ARG B 28 -38.72 -24.00 -0.70
N GLY B 29 -37.79 -23.59 0.17
CA GLY B 29 -36.71 -24.45 0.68
C GLY B 29 -35.50 -24.45 -0.24
N LYS B 30 -35.55 -23.63 -1.31
CA LYS B 30 -34.54 -23.62 -2.39
C LYS B 30 -33.52 -22.50 -2.08
N ASN B 31 -32.79 -21.99 -3.07
CA ASN B 31 -31.65 -21.06 -2.79
C ASN B 31 -31.89 -19.65 -3.35
N GLN B 32 -33.16 -19.20 -3.37
CA GLN B 32 -33.53 -17.79 -3.63
C GLN B 32 -33.92 -17.18 -2.28
N ASP B 33 -32.97 -17.02 -1.38
CA ASP B 33 -33.18 -16.50 0.00
C ASP B 33 -33.18 -14.96 -0.01
N TYR B 34 -33.74 -14.37 -1.07
CA TYR B 34 -33.91 -12.92 -1.32
C TYR B 34 -35.34 -12.60 -1.76
N TRP B 35 -35.78 -11.36 -1.61
CA TRP B 35 -37.08 -10.96 -2.20
C TRP B 35 -36.78 -10.02 -3.35
N GLU B 36 -37.44 -10.25 -4.48
CA GLU B 36 -37.44 -9.30 -5.62
C GLU B 36 -38.53 -8.26 -5.32
N ILE B 37 -38.14 -7.13 -4.76
CA ILE B 37 -39.07 -6.04 -4.32
C ILE B 37 -39.63 -5.35 -5.54
N PRO B 38 -40.97 -5.38 -5.77
CA PRO B 38 -41.52 -4.84 -7.00
C PRO B 38 -41.30 -3.33 -7.12
N ALA B 39 -41.22 -2.86 -8.37
CA ALA B 39 -41.18 -1.43 -8.72
C ALA B 39 -42.46 -0.73 -8.25
N GLY B 40 -42.34 0.44 -7.63
CA GLY B 40 -43.49 1.35 -7.39
C GLY B 40 -44.44 0.79 -6.36
N GLU B 41 -43.96 -0.06 -5.48
CA GLU B 41 -44.77 -0.80 -4.49
C GLU B 41 -44.16 -0.68 -3.10
N SER B 42 -45.00 -0.79 -2.07
CA SER B 42 -44.56 -1.11 -0.70
C SER B 42 -44.66 -2.61 -0.43
N ILE B 43 -43.75 -3.14 0.37
CA ILE B 43 -43.82 -4.57 0.77
C ILE B 43 -43.51 -4.65 2.25
N THR B 44 -44.23 -5.46 2.96
CA THR B 44 -44.00 -5.66 4.40
C THR B 44 -42.99 -6.79 4.59
N LEU B 45 -41.84 -6.49 5.16
CA LEU B 45 -40.83 -7.48 5.57
C LEU B 45 -41.44 -8.32 6.70
N GLY B 46 -42.27 -7.70 7.53
CA GLY B 46 -42.94 -8.43 8.61
C GLY B 46 -43.65 -7.50 9.56
N GLU B 47 -44.70 -8.01 10.19
CA GLU B 47 -45.36 -7.44 11.38
C GLU B 47 -45.12 -8.42 12.52
N ILE B 48 -44.75 -7.87 13.67
CA ILE B 48 -44.43 -8.63 14.91
C ILE B 48 -45.33 -8.07 16.00
N GLU B 49 -46.03 -8.94 16.71
CA GLU B 49 -46.80 -8.56 17.90
C GLU B 49 -45.86 -8.42 19.07
N GLY B 50 -45.95 -7.29 19.76
CA GLY B 50 -45.19 -7.00 20.99
C GLY B 50 -45.79 -7.78 22.14
N PRO B 51 -45.22 -7.72 23.36
CA PRO B 51 -44.04 -6.93 23.64
C PRO B 51 -42.78 -7.64 23.12
N GLY B 52 -41.75 -6.88 22.77
CA GLY B 52 -40.52 -7.43 22.17
C GLY B 52 -39.58 -6.34 21.77
N CYS B 53 -38.46 -6.71 21.16
CA CYS B 53 -37.37 -5.75 20.78
C CYS B 53 -36.64 -6.23 19.52
N ILE B 54 -36.45 -5.37 18.51
CA ILE B 54 -35.50 -5.64 17.39
C ILE B 54 -34.08 -5.53 17.98
N THR B 55 -33.22 -6.53 17.75
CA THR B 55 -31.85 -6.62 18.32
C THR B 55 -30.77 -6.47 17.25
N HIS B 56 -31.09 -6.75 15.99
CA HIS B 56 -30.09 -6.81 14.91
C HIS B 56 -30.78 -6.85 13.57
N MET B 57 -30.30 -6.06 12.65
CA MET B 57 -30.74 -6.13 11.23
C MET B 57 -29.49 -6.32 10.38
N TRP B 58 -29.55 -7.29 9.47
CA TRP B 58 -28.58 -7.39 8.35
C TRP B 58 -29.37 -7.38 7.06
N MET B 59 -28.88 -6.65 6.06
CA MET B 59 -29.42 -6.68 4.69
C MET B 59 -28.29 -6.58 3.69
N THR B 60 -28.55 -7.07 2.48
CA THR B 60 -27.82 -6.66 1.28
C THR B 60 -28.82 -6.59 0.17
N SER B 61 -28.39 -6.01 -0.94
CA SER B 61 -29.29 -5.66 -2.05
C SER B 61 -28.54 -5.60 -3.36
N SER B 62 -29.29 -5.66 -4.44
CA SER B 62 -28.81 -5.50 -5.81
C SER B 62 -29.93 -4.89 -6.62
N CYS B 63 -29.59 -3.99 -7.54
CA CYS B 63 -30.55 -3.39 -8.49
C CYS B 63 -29.82 -3.26 -9.81
N ARG B 64 -30.09 -4.22 -10.71
CA ARG B 64 -29.57 -4.16 -12.10
C ARG B 64 -30.69 -3.87 -13.09
N LYS B 65 -30.32 -3.16 -14.15
CA LYS B 65 -31.19 -2.87 -15.30
C LYS B 65 -30.68 -3.70 -16.47
N VAL B 66 -31.54 -4.50 -17.09
CA VAL B 66 -31.12 -5.29 -18.29
C VAL B 66 -30.99 -4.30 -19.44
N VAL B 67 -29.82 -4.18 -20.08
CA VAL B 67 -29.58 -3.11 -21.11
C VAL B 67 -29.16 -3.71 -22.45
N ALA B 68 -28.95 -5.02 -22.52
CA ALA B 68 -28.49 -5.69 -23.75
C ALA B 68 -29.01 -7.12 -23.72
N PRO B 69 -29.16 -7.74 -24.90
CA PRO B 69 -29.53 -9.14 -24.98
C PRO B 69 -28.39 -10.04 -24.50
N SER B 70 -28.74 -11.19 -23.96
CA SER B 70 -27.78 -12.16 -23.43
C SER B 70 -27.89 -13.47 -24.18
N ILE B 71 -26.77 -14.19 -24.29
CA ILE B 71 -26.74 -15.59 -24.81
C ILE B 71 -26.88 -16.59 -23.67
N LEU B 72 -27.04 -16.09 -22.43
CA LEU B 72 -27.45 -16.95 -21.28
C LEU B 72 -28.97 -17.17 -21.36
N ASP B 73 -29.40 -18.43 -21.40
CA ASP B 73 -30.83 -18.81 -21.38
C ASP B 73 -31.52 -18.09 -20.21
N PRO B 74 -32.44 -17.14 -20.45
CA PRO B 74 -33.00 -16.36 -19.33
C PRO B 74 -33.83 -17.17 -18.32
N GLU B 75 -34.53 -18.23 -18.79
CA GLU B 75 -35.32 -19.13 -17.90
C GLU B 75 -34.38 -19.86 -16.92
N LEU B 76 -33.35 -20.55 -17.41
CA LEU B 76 -32.36 -21.22 -16.54
C LEU B 76 -31.54 -20.19 -15.72
N ASN B 77 -31.23 -19.05 -16.32
CA ASN B 77 -30.46 -17.98 -15.63
C ASN B 77 -31.16 -17.55 -14.34
N ALA B 78 -32.50 -17.59 -14.29
CA ALA B 78 -33.28 -17.12 -13.13
C ALA B 78 -32.95 -17.97 -11.92
N SER B 79 -32.56 -19.24 -12.14
CA SER B 79 -32.38 -20.27 -11.08
C SER B 79 -30.89 -20.41 -10.70
N ALA B 80 -30.01 -19.73 -11.42
CA ALA B 80 -28.56 -19.65 -11.12
C ALA B 80 -28.34 -18.60 -10.02
N ALA B 81 -27.12 -18.07 -9.89
CA ALA B 81 -26.87 -16.96 -8.93
C ALA B 81 -27.77 -15.78 -9.30
N PRO B 82 -28.23 -15.04 -8.29
CA PRO B 82 -29.24 -14.00 -8.49
C PRO B 82 -28.74 -12.80 -9.28
N VAL B 83 -27.42 -12.58 -9.31
CA VAL B 83 -26.82 -11.33 -9.86
C VAL B 83 -25.68 -11.75 -10.79
N MET B 84 -25.77 -11.33 -12.04
CA MET B 84 -24.79 -11.66 -13.08
C MET B 84 -23.65 -10.63 -13.06
N GLU B 85 -22.73 -10.84 -12.13
CA GLU B 85 -21.50 -10.02 -12.03
C GLU B 85 -20.59 -10.44 -13.17
N ILE B 86 -20.91 -10.03 -14.39
CA ILE B 86 -20.17 -10.48 -15.60
C ILE B 86 -19.80 -9.20 -16.36
N HIS B 87 -18.53 -9.08 -16.69
CA HIS B 87 -17.99 -7.86 -17.29
C HIS B 87 -18.64 -7.71 -18.64
N PRO B 88 -19.18 -6.51 -18.97
CA PRO B 88 -19.80 -6.24 -20.27
C PRO B 88 -18.90 -6.48 -21.47
N ALA B 89 -17.60 -6.36 -21.31
CA ALA B 89 -16.61 -6.53 -22.40
C ALA B 89 -16.67 -7.98 -22.91
N LEU B 90 -17.23 -8.93 -22.17
CA LEU B 90 -17.28 -10.32 -22.65
C LEU B 90 -18.33 -10.53 -23.76
N GLY B 91 -19.30 -9.64 -23.91
CA GLY B 91 -20.31 -9.65 -25.00
C GLY B 91 -21.45 -10.66 -24.80
N VAL B 92 -21.65 -11.20 -23.60
CA VAL B 92 -22.58 -12.33 -23.41
C VAL B 92 -23.81 -11.95 -22.56
N ILE B 93 -23.79 -10.80 -21.90
CA ILE B 93 -24.87 -10.33 -20.99
C ILE B 93 -24.55 -8.89 -20.58
N TRP B 94 -25.55 -8.11 -20.20
CA TRP B 94 -25.26 -6.73 -19.70
C TRP B 94 -26.40 -6.28 -18.82
N ASP B 95 -26.27 -6.63 -17.52
CA ASP B 95 -27.10 -6.18 -16.39
C ASP B 95 -26.36 -4.98 -15.77
N ALA B 96 -26.80 -3.78 -16.11
CA ALA B 96 -26.14 -2.52 -15.68
C ALA B 96 -26.51 -2.21 -14.22
N TYR B 97 -25.65 -1.47 -13.53
CA TYR B 97 -25.88 -1.07 -12.12
C TYR B 97 -26.91 0.05 -12.11
N ASP B 98 -27.95 -0.04 -11.27
CA ASP B 98 -28.85 1.12 -11.07
C ASP B 98 -28.20 2.02 -10.03
N PRO B 99 -27.82 3.26 -10.38
CA PRO B 99 -26.95 4.06 -9.51
C PRO B 99 -27.62 4.55 -8.21
N PHE B 100 -28.92 4.83 -8.21
CA PHE B 100 -29.53 5.63 -7.12
C PHE B 100 -30.57 4.85 -6.36
N TYR B 101 -30.60 3.51 -6.47
CA TYR B 101 -31.72 2.69 -5.93
C TYR B 101 -31.74 2.79 -4.39
N TYR B 102 -30.59 3.08 -3.79
CA TYR B 102 -30.47 3.27 -2.31
C TYR B 102 -31.28 4.51 -1.87
N ARG B 103 -31.45 5.50 -2.74
CA ARG B 103 -32.26 6.72 -2.46
C ARG B 103 -33.71 6.54 -2.92
N LYS B 104 -33.97 5.65 -3.88
CA LYS B 104 -35.32 5.43 -4.46
C LYS B 104 -36.15 4.51 -3.57
N ALA B 105 -35.54 3.62 -2.81
CA ALA B 105 -36.28 2.80 -1.84
C ALA B 105 -36.15 3.42 -0.45
N LEU B 106 -37.20 3.26 0.37
CA LEU B 106 -37.24 3.68 1.78
C LEU B 106 -37.38 2.46 2.67
N ILE B 107 -36.84 2.54 3.88
CA ILE B 107 -37.27 1.68 5.00
C ILE B 107 -38.24 2.51 5.86
N LYS B 108 -39.33 1.88 6.25
CA LYS B 108 -40.45 2.51 6.98
C LYS B 108 -40.82 1.60 8.12
N ILE B 109 -40.76 2.09 9.34
CA ILE B 109 -41.16 1.27 10.53
C ILE B 109 -42.27 2.01 11.30
N THR B 110 -43.35 1.30 11.62
CA THR B 110 -44.49 1.82 12.40
C THR B 110 -44.58 1.01 13.70
N TRP B 111 -44.59 1.67 14.85
CA TRP B 111 -44.71 0.96 16.15
C TRP B 111 -46.16 1.01 16.63
N ASP B 112 -46.60 -0.08 17.30
CA ASP B 112 -47.81 -0.11 18.13
C ASP B 112 -48.98 0.49 17.34
N ASP B 113 -49.05 0.20 16.03
CA ASP B 113 -50.24 0.52 15.22
C ASP B 113 -50.52 2.02 15.27
N GLN B 114 -49.50 2.85 15.48
CA GLN B 114 -49.65 4.30 15.35
C GLN B 114 -50.10 4.60 13.92
N ASP B 115 -50.54 5.83 13.74
CA ASP B 115 -51.16 6.46 12.56
C ASP B 115 -50.07 7.02 11.65
N THR B 116 -48.83 7.04 12.14
CA THR B 116 -47.70 7.72 11.50
C THR B 116 -46.46 6.85 11.71
N PRO B 117 -45.49 6.82 10.77
CA PRO B 117 -44.29 6.02 10.96
C PRO B 117 -43.33 6.70 11.95
N SER B 118 -42.53 5.89 12.65
CA SER B 118 -41.43 6.33 13.54
C SER B 118 -40.08 6.28 12.81
N VAL B 119 -39.94 5.42 11.78
CA VAL B 119 -38.75 5.39 10.89
C VAL B 119 -39.28 5.56 9.45
N LEU B 120 -38.83 6.59 8.75
CA LEU B 120 -39.09 6.79 7.30
C LEU B 120 -37.83 7.42 6.71
N VAL B 121 -36.95 6.59 6.14
CA VAL B 121 -35.57 6.98 5.74
C VAL B 121 -35.27 6.24 4.44
N PRO B 122 -34.62 6.86 3.45
CA PRO B 122 -34.14 6.08 2.31
C PRO B 122 -33.38 4.85 2.82
N PHE B 123 -33.57 3.72 2.14
CA PHE B 123 -32.95 2.43 2.48
C PHE B 123 -31.43 2.61 2.69
N GLY B 124 -30.75 3.27 1.77
CA GLY B 124 -29.29 3.48 1.88
C GLY B 124 -28.92 4.32 3.11
N ASP B 125 -29.49 5.53 3.20
CA ASP B 125 -29.14 6.47 4.29
C ASP B 125 -29.40 5.84 5.66
N PHE B 126 -30.45 5.05 5.80
CA PHE B 126 -30.78 4.44 7.10
C PHE B 126 -29.58 3.61 7.56
N PHE B 127 -28.99 2.88 6.61
CA PHE B 127 -27.87 1.96 6.84
C PHE B 127 -26.54 2.66 6.60
N CYS B 128 -26.49 3.98 6.70
CA CYS B 128 -25.25 4.78 6.63
C CYS B 128 -24.58 4.59 5.27
N ILE B 129 -25.41 4.46 4.23
CA ILE B 129 -24.99 4.69 2.82
C ILE B 129 -25.57 6.04 2.43
N GLY B 130 -24.69 7.01 2.25
CA GLY B 130 -25.04 8.38 1.87
C GLY B 130 -24.93 8.49 0.37
N ASN B 131 -25.73 9.36 -0.23
CA ASN B 131 -25.63 9.72 -1.66
C ASN B 131 -25.73 8.46 -2.55
N SER B 132 -26.34 7.37 -2.06
CA SER B 132 -26.46 6.09 -2.81
C SER B 132 -25.08 5.64 -3.25
N TYR B 133 -24.06 5.93 -2.43
CA TYR B 133 -22.63 5.67 -2.71
C TYR B 133 -22.00 5.04 -1.49
N PRO B 134 -21.97 3.71 -1.40
CA PRO B 134 -21.43 3.06 -0.21
C PRO B 134 -19.93 3.34 0.04
N GLY B 135 -19.58 3.31 1.33
CA GLY B 135 -18.25 3.36 1.93
C GLY B 135 -18.13 2.27 2.99
N ASN B 136 -17.03 1.57 2.97
CA ASN B 136 -16.73 0.48 3.90
C ASN B 136 -16.44 1.10 5.26
N PHE B 137 -17.10 0.69 6.31
CA PHE B 137 -16.74 1.21 7.64
C PHE B 137 -17.38 0.34 8.69
N SER B 138 -16.89 0.50 9.90
CA SER B 138 -17.49 -0.07 11.13
C SER B 138 -17.62 1.03 12.18
N SER B 139 -18.77 1.04 12.84
CA SER B 139 -19.00 1.81 14.08
C SER B 139 -19.69 0.84 15.04
N LEU B 140 -20.01 1.27 16.26
CA LEU B 140 -20.61 0.35 17.25
C LEU B 140 -22.03 -0.04 16.84
N PRO B 141 -22.95 0.86 16.41
CA PRO B 141 -24.28 0.42 15.98
C PRO B 141 -24.54 0.08 14.51
N PHE B 142 -23.76 0.63 13.59
CA PHE B 142 -23.90 0.45 12.13
C PHE B 142 -22.57 0.04 11.48
N ASN B 143 -22.68 -0.84 10.49
CA ASN B 143 -21.50 -1.32 9.73
C ASN B 143 -21.86 -1.48 8.27
N VAL B 144 -20.88 -1.29 7.42
CA VAL B 144 -20.98 -1.60 5.98
C VAL B 144 -19.75 -2.39 5.60
N SER B 145 -19.94 -3.57 5.03
CA SER B 145 -18.87 -4.41 4.44
C SER B 145 -18.98 -4.35 2.92
N LEU B 146 -18.11 -3.54 2.35
CA LEU B 146 -18.07 -3.23 0.91
C LEU B 146 -16.78 -3.82 0.36
N LYS B 147 -16.89 -4.63 -0.69
CA LYS B 147 -15.69 -5.16 -1.41
C LYS B 147 -14.99 -4.02 -2.10
N PRO B 148 -13.62 -3.94 -2.04
CA PRO B 148 -12.85 -2.86 -2.67
C PRO B 148 -13.00 -2.77 -4.18
N GLU B 149 -13.30 -3.89 -4.81
CA GLU B 149 -13.56 -3.99 -6.27
C GLU B 149 -14.84 -3.24 -6.60
N GLU B 150 -15.82 -3.26 -5.70
CA GLU B 150 -17.19 -2.70 -5.91
C GLU B 150 -17.22 -1.25 -5.45
N ALA B 151 -16.22 -0.80 -4.67
CA ALA B 151 -16.22 0.51 -3.97
C ALA B 151 -16.01 1.62 -4.98
N GLY B 152 -16.41 2.84 -4.65
CA GLY B 152 -16.16 3.99 -5.52
C GLY B 152 -17.13 4.06 -6.67
N LYS B 153 -18.34 3.53 -6.53
CA LYS B 153 -19.40 3.79 -7.54
C LYS B 153 -20.79 3.85 -6.88
N PHE B 154 -21.68 4.53 -7.54
CA PHE B 154 -23.09 4.67 -7.11
C PHE B 154 -23.73 3.28 -7.13
N GLY B 155 -24.43 2.91 -6.06
CA GLY B 155 -25.30 1.72 -6.05
C GLY B 155 -24.48 0.43 -5.94
N ALA B 156 -23.23 0.52 -5.48
CA ALA B 156 -22.39 -0.66 -5.24
C ALA B 156 -23.10 -1.58 -4.26
N PRO B 157 -23.05 -2.92 -4.45
CA PRO B 157 -23.55 -3.84 -3.44
C PRO B 157 -22.66 -3.89 -2.19
N CYS B 158 -23.27 -4.06 -1.03
CA CYS B 158 -22.51 -4.17 0.24
C CYS B 158 -23.43 -4.77 1.30
N SER B 159 -22.85 -5.24 2.41
CA SER B 159 -23.61 -5.78 3.55
C SER B 159 -23.85 -4.59 4.51
N VAL B 160 -25.07 -4.41 4.96
CA VAL B 160 -25.38 -3.38 6.01
C VAL B 160 -25.86 -4.13 7.26
N SER B 161 -25.55 -3.58 8.43
CA SER B 161 -25.95 -4.13 9.75
C SER B 161 -26.21 -2.98 10.72
N CYS B 162 -27.26 -3.17 11.53
CA CYS B 162 -27.76 -2.20 12.53
C CYS B 162 -27.94 -2.95 13.84
N TYR B 163 -27.33 -2.47 14.92
CA TYR B 163 -27.44 -3.07 16.28
C TYR B 163 -28.18 -2.14 17.26
N PHE B 164 -28.74 -1.02 16.78
CA PHE B 164 -29.60 -0.15 17.63
C PHE B 164 -30.82 -0.99 18.06
N PRO B 165 -31.10 -1.15 19.38
CA PRO B 165 -32.28 -1.85 19.85
C PRO B 165 -33.55 -1.05 19.53
N MET B 166 -34.63 -1.76 19.15
CA MET B 166 -35.92 -1.11 18.82
C MET B 166 -37.02 -1.86 19.54
N PRO B 167 -37.35 -1.43 20.79
CA PRO B 167 -38.38 -2.10 21.59
C PRO B 167 -39.79 -1.69 21.14
N PHE B 168 -40.77 -2.57 21.36
CA PHE B 168 -42.18 -2.29 21.01
C PHE B 168 -43.05 -3.07 22.00
N ASN B 169 -44.00 -2.37 22.66
CA ASN B 169 -44.95 -3.02 23.61
C ASN B 169 -46.05 -3.73 22.85
N LYS B 170 -46.47 -3.24 21.68
CA LYS B 170 -47.71 -3.76 21.03
C LYS B 170 -47.42 -4.31 19.63
N LYS B 171 -46.72 -3.58 18.78
CA LYS B 171 -46.55 -3.99 17.36
C LYS B 171 -45.26 -3.41 16.77
N ALA B 172 -44.70 -4.13 15.82
CA ALA B 172 -43.64 -3.64 14.90
C ALA B 172 -44.08 -3.94 13.47
N LYS B 173 -44.11 -2.93 12.63
CA LYS B 173 -44.39 -3.16 11.20
C LYS B 173 -43.23 -2.57 10.42
N ILE B 174 -42.45 -3.44 9.78
CA ILE B 174 -41.26 -3.04 8.97
C ILE B 174 -41.59 -3.21 7.49
N GLU B 175 -41.44 -2.13 6.74
CA GLU B 175 -41.79 -2.12 5.31
C GLU B 175 -40.65 -1.52 4.52
N ILE B 176 -40.58 -1.91 3.25
CA ILE B 176 -39.79 -1.24 2.21
C ILE B 176 -40.76 -0.60 1.22
N VAL B 177 -40.50 0.67 0.91
CA VAL B 177 -41.31 1.48 -0.03
C VAL B 177 -40.44 1.70 -1.24
N ASN B 178 -40.71 1.03 -2.35
CA ASN B 178 -39.77 1.09 -3.50
C ASN B 178 -40.32 2.09 -4.50
N ASP B 179 -39.75 3.29 -4.54
CA ASP B 179 -40.24 4.36 -5.44
C ASP B 179 -39.49 4.27 -6.77
N ASN B 180 -38.66 3.26 -6.94
CA ASN B 180 -37.91 3.00 -8.18
C ASN B 180 -38.87 2.48 -9.25
N GLU B 181 -38.64 2.91 -10.49
CA GLU B 181 -39.17 2.29 -11.73
C GLU B 181 -38.70 0.83 -11.88
N LEU B 182 -37.58 0.46 -11.26
CA LEU B 182 -37.08 -0.94 -11.34
C LEU B 182 -37.36 -1.67 -10.04
N PRO B 183 -37.55 -3.01 -10.06
CA PRO B 183 -37.52 -3.78 -8.82
C PRO B 183 -36.07 -3.88 -8.34
N PHE B 184 -35.84 -4.40 -7.14
CA PHE B 184 -34.48 -4.64 -6.63
C PHE B 184 -34.57 -5.82 -5.68
N ILE B 185 -33.45 -6.53 -5.62
CA ILE B 185 -33.26 -7.73 -4.78
C ILE B 185 -32.93 -7.22 -3.39
N LEU B 186 -33.55 -7.81 -2.39
CA LEU B 186 -33.21 -7.51 -1.00
C LEU B 186 -33.06 -8.86 -0.30
N TYR B 187 -31.90 -9.09 0.29
CA TYR B 187 -31.70 -10.12 1.34
C TYR B 187 -31.93 -9.42 2.68
N PHE B 188 -32.56 -10.08 3.67
CA PHE B 188 -32.59 -9.54 5.05
C PHE B 188 -32.70 -10.64 6.10
N ASN B 189 -32.12 -10.34 7.27
CA ASN B 189 -32.30 -11.05 8.56
C ASN B 189 -32.54 -9.95 9.59
N ILE B 190 -33.75 -9.90 10.13
CA ILE B 190 -34.15 -8.97 11.23
C ILE B 190 -34.43 -9.83 12.45
N ASP B 191 -33.55 -9.75 13.42
CA ASP B 191 -33.58 -10.54 14.68
C ASP B 191 -34.34 -9.75 15.74
N TYR B 192 -35.15 -10.44 16.53
CA TYR B 192 -35.87 -9.81 17.66
C TYR B 192 -36.01 -10.85 18.77
N GLU B 193 -36.42 -10.37 19.95
CA GLU B 193 -36.89 -11.24 21.04
C GLU B 193 -38.28 -10.77 21.47
N MET B 194 -39.05 -11.70 22.00
CA MET B 194 -40.44 -11.52 22.49
C MET B 194 -40.42 -11.73 24.00
N TYR B 195 -41.15 -10.88 24.73
CA TYR B 195 -41.18 -10.87 26.22
C TYR B 195 -42.51 -11.41 26.73
N GLY B 196 -42.52 -12.04 27.91
CA GLY B 196 -43.73 -12.58 28.56
C GLY B 196 -44.57 -11.48 29.20
N GLU B 197 -43.96 -10.33 29.50
CA GLU B 197 -44.54 -9.18 30.22
C GLU B 197 -44.41 -7.93 29.37
N PRO B 198 -45.31 -6.93 29.51
CA PRO B 198 -45.13 -5.66 28.82
C PRO B 198 -43.82 -4.99 29.28
N LEU B 199 -43.19 -4.19 28.42
CA LEU B 199 -42.13 -3.23 28.81
C LEU B 199 -42.79 -2.10 29.60
N PRO B 200 -42.05 -1.33 30.41
CA PRO B 200 -42.59 -0.11 31.02
C PRO B 200 -43.24 0.80 29.96
N GLU B 201 -44.40 1.40 30.28
CA GLU B 201 -45.19 2.24 29.32
C GLU B 201 -44.30 3.37 28.76
N ASP B 202 -43.36 3.88 29.57
CA ASP B 202 -42.46 5.01 29.20
C ASP B 202 -41.13 4.51 28.57
N THR B 203 -41.04 3.24 28.13
CA THR B 203 -39.95 2.73 27.28
C THR B 203 -39.78 3.69 26.09
N ALA B 204 -38.55 4.06 25.77
CA ALA B 204 -38.21 4.93 24.62
C ALA B 204 -38.08 4.07 23.36
N TYR B 205 -38.80 4.44 22.28
CA TYR B 205 -38.86 3.70 21.00
C TYR B 205 -37.95 4.35 19.95
N PHE B 206 -37.39 3.52 19.07
CA PHE B 206 -36.39 3.94 18.07
C PHE B 206 -37.10 4.68 16.93
N HIS B 207 -36.53 5.80 16.55
CA HIS B 207 -37.08 6.67 15.49
C HIS B 207 -35.95 7.13 14.57
N ALA B 208 -36.28 7.40 13.30
CA ALA B 208 -35.28 8.01 12.43
C ALA B 208 -35.97 8.70 11.27
N ALA B 209 -35.38 9.77 10.81
CA ALA B 209 -35.97 10.67 9.81
C ALA B 209 -34.87 11.25 8.95
N TRP B 210 -35.23 11.60 7.72
CA TRP B 210 -34.28 12.03 6.68
C TRP B 210 -34.72 13.39 6.17
N HIS B 211 -33.73 14.22 5.87
CA HIS B 211 -33.93 15.64 5.50
C HIS B 211 -32.92 15.97 4.42
N ARG B 212 -33.23 16.94 3.58
CA ARG B 212 -32.24 17.43 2.60
C ARG B 212 -32.52 18.88 2.31
N GLU B 213 -31.46 19.67 2.20
CA GLU B 213 -31.51 21.07 1.73
C GLU B 213 -30.56 21.15 0.56
N ASN B 214 -31.11 21.28 -0.64
CA ASN B 214 -30.29 21.26 -1.86
C ASN B 214 -30.92 22.21 -2.88
N PRO B 215 -30.41 23.43 -3.09
CA PRO B 215 -29.28 23.96 -2.31
C PRO B 215 -29.67 24.49 -0.93
N CYS B 216 -28.72 24.45 0.01
CA CYS B 216 -28.78 25.29 1.22
C CYS B 216 -28.99 26.74 0.77
N ASN B 217 -29.80 27.53 1.48
CA ASN B 217 -30.08 28.97 1.22
C ASN B 217 -28.92 29.85 1.71
N GLY B 218 -27.72 29.76 1.11
CA GLY B 218 -26.53 30.50 1.58
C GLY B 218 -26.54 31.95 1.13
N TRP B 219 -25.96 32.82 1.94
CA TRP B 219 -25.91 34.28 1.67
C TRP B 219 -24.67 34.62 0.86
N GLY B 220 -23.66 33.75 0.83
CA GLY B 220 -22.35 34.09 0.25
C GLY B 220 -21.67 32.89 -0.42
N PRO B 221 -22.39 32.10 -1.26
CA PRO B 221 -21.78 30.97 -1.96
C PRO B 221 -20.60 31.28 -2.89
N GLU B 222 -20.56 32.49 -3.46
CA GLU B 222 -19.49 32.89 -4.42
C GLU B 222 -18.33 33.56 -3.67
N LEU B 223 -18.43 33.77 -2.36
CA LEU B 223 -17.36 34.35 -1.50
C LEU B 223 -16.48 33.20 -1.01
N GLN B 224 -15.16 33.35 -1.10
CA GLN B 224 -14.20 32.35 -0.63
C GLN B 224 -14.49 32.03 0.84
N VAL B 225 -14.64 30.74 1.14
CA VAL B 225 -14.68 30.26 2.54
C VAL B 225 -13.45 30.75 3.30
N ASN B 226 -13.70 31.21 4.53
CA ASN B 226 -12.71 31.65 5.55
C ASN B 226 -12.03 32.94 5.11
N SER B 227 -12.52 33.61 4.08
CA SER B 227 -12.11 35.01 3.83
C SER B 227 -12.49 35.85 5.06
N PRO B 228 -11.76 36.94 5.37
CA PRO B 228 -12.12 37.81 6.49
C PRO B 228 -13.57 38.30 6.47
N GLU B 229 -14.09 38.63 5.30
CA GLU B 229 -15.47 39.13 5.18
C GLU B 229 -16.46 38.06 5.63
N VAL B 230 -16.28 36.81 5.20
CA VAL B 230 -17.19 35.71 5.60
C VAL B 230 -17.07 35.51 7.12
N ASN B 231 -15.85 35.44 7.64
CA ASN B 231 -15.63 35.02 9.06
C ASN B 231 -16.12 36.07 10.06
N ASN B 232 -16.31 37.32 9.64
CA ASN B 232 -16.71 38.45 10.53
C ASN B 232 -18.24 38.65 10.53
N VAL B 233 -19.00 37.85 9.77
CA VAL B 233 -20.48 37.80 9.84
C VAL B 233 -20.87 37.04 11.11
N THR B 234 -21.90 37.50 11.83
CA THR B 234 -22.32 36.91 13.12
C THR B 234 -23.53 36.02 12.92
N ASN B 235 -23.71 35.00 13.74
CA ASN B 235 -24.93 34.16 13.76
C ASN B 235 -25.04 33.54 15.14
N PHE B 236 -25.93 34.04 15.99
CA PHE B 236 -26.20 33.50 17.34
C PHE B 236 -27.43 32.59 17.33
N LYS B 237 -28.53 33.03 16.71
CA LYS B 237 -29.87 32.42 16.86
C LYS B 237 -30.00 31.21 15.92
N GLY B 238 -29.25 31.19 14.82
CA GLY B 238 -29.20 30.08 13.84
C GLY B 238 -30.55 29.78 13.19
N GLU B 239 -31.35 30.82 12.96
CA GLU B 239 -32.67 30.73 12.26
C GLU B 239 -32.49 29.98 10.94
N ASN B 240 -31.39 30.23 10.23
CA ASN B 240 -31.21 29.73 8.85
C ASN B 240 -30.29 28.50 8.86
N ASN B 241 -30.04 27.88 10.02
CA ASN B 241 -29.12 26.72 10.12
C ASN B 241 -29.77 25.54 9.39
N TYR B 242 -28.97 24.62 8.88
CA TYR B 242 -29.46 23.31 8.40
C TYR B 242 -30.08 22.60 9.60
N THR B 243 -31.28 22.05 9.41
CA THR B 243 -32.02 21.31 10.46
C THR B 243 -31.82 19.81 10.27
N VAL B 244 -31.18 19.16 11.24
CA VAL B 244 -30.97 17.69 11.24
C VAL B 244 -32.25 17.07 11.81
N LEU B 245 -32.75 17.69 12.86
CA LEU B 245 -33.92 17.14 13.57
C LEU B 245 -34.70 18.27 14.21
N ASP B 246 -36.02 18.22 14.08
CA ASP B 246 -36.95 19.16 14.77
C ASP B 246 -38.10 18.31 15.30
N VAL B 247 -38.05 17.90 16.56
CA VAL B 247 -39.01 16.89 17.08
C VAL B 247 -39.59 17.35 18.43
N GLU B 248 -40.88 17.12 18.62
CA GLU B 248 -41.60 17.37 19.89
C GLU B 248 -41.74 16.00 20.60
N GLY B 249 -41.51 15.93 21.90
CA GLY B 249 -41.60 14.67 22.65
C GLY B 249 -40.67 14.64 23.85
N THR B 250 -40.61 13.49 24.53
CA THR B 250 -39.63 13.20 25.60
C THR B 250 -38.71 12.08 25.10
N GLY B 251 -37.42 12.36 25.00
CA GLY B 251 -36.45 11.32 24.59
C GLY B 251 -35.04 11.86 24.51
N HIS B 252 -34.25 11.24 23.64
CA HIS B 252 -32.85 11.63 23.41
C HIS B 252 -32.43 11.29 21.98
N TYR B 253 -31.71 12.23 21.40
CA TYR B 253 -31.01 12.14 20.10
C TYR B 253 -29.74 11.33 20.27
N VAL B 254 -29.54 10.34 19.39
CA VAL B 254 -28.37 9.43 19.45
C VAL B 254 -27.49 9.54 18.20
N GLY B 255 -27.77 10.48 17.32
CA GLY B 255 -26.80 10.93 16.32
C GLY B 255 -27.37 10.98 14.91
N CYS B 256 -26.49 11.03 13.93
CA CYS B 256 -26.84 11.31 12.52
C CYS B 256 -25.78 10.80 11.56
N ASN B 257 -26.16 10.68 10.31
CA ASN B 257 -25.19 10.68 9.21
C ASN B 257 -25.50 11.93 8.39
N LEU B 258 -24.51 12.46 7.69
CA LEU B 258 -24.61 13.70 6.90
C LEU B 258 -23.86 13.45 5.61
N THR B 259 -24.54 13.67 4.49
CA THR B 259 -24.00 13.68 3.13
C THR B 259 -23.90 15.13 2.68
N VAL B 260 -22.70 15.59 2.35
CA VAL B 260 -22.48 16.94 1.81
C VAL B 260 -21.85 16.82 0.45
N LYS B 261 -22.48 17.39 -0.57
CA LYS B 261 -21.81 17.70 -1.84
C LYS B 261 -21.48 19.18 -1.84
N HIS B 262 -20.18 19.48 -1.90
CA HIS B 262 -19.58 20.84 -1.79
C HIS B 262 -19.22 21.37 -3.16
N PHE B 263 -19.63 22.57 -3.49
CA PHE B 263 -19.51 23.06 -4.89
C PHE B 263 -18.28 23.96 -5.10
N GLN B 264 -17.81 24.78 -4.16
CA GLN B 264 -16.82 25.81 -4.55
C GLN B 264 -15.41 25.21 -4.54
N GLY B 265 -15.21 24.04 -3.94
CA GLY B 265 -13.87 23.42 -3.90
C GLY B 265 -12.97 24.05 -2.84
N SER B 266 -13.47 24.34 -1.66
CA SER B 266 -12.65 24.89 -0.55
C SER B 266 -12.90 24.02 0.66
N TRP B 267 -13.82 24.42 1.52
CA TRP B 267 -14.19 23.61 2.70
C TRP B 267 -15.64 23.94 3.09
N TRP B 268 -16.42 22.90 3.38
CA TRP B 268 -17.90 22.97 3.57
C TRP B 268 -18.22 23.02 5.06
N GLY B 269 -17.23 22.81 5.93
CA GLY B 269 -17.49 22.42 7.33
C GLY B 269 -17.15 23.45 8.41
N GLU B 270 -17.13 24.75 8.11
CA GLU B 270 -16.85 25.76 9.17
C GLU B 270 -18.06 25.94 10.10
N GLY B 271 -19.26 25.47 9.71
CA GLY B 271 -20.50 25.70 10.45
C GLY B 271 -20.55 24.96 11.77
N ASN B 272 -21.05 25.62 12.82
CA ASN B 272 -21.20 25.04 14.18
C ASN B 272 -22.51 24.24 14.28
N ASP B 273 -22.47 23.09 14.96
CA ASP B 273 -23.68 22.50 15.57
C ASP B 273 -24.26 23.49 16.59
N MET B 274 -25.58 23.57 16.64
CA MET B 274 -26.33 24.41 17.61
C MET B 274 -27.58 23.60 17.94
N PHE B 275 -27.65 23.15 19.20
CA PHE B 275 -28.81 22.41 19.74
C PHE B 275 -29.71 23.34 20.56
N PHE B 276 -31.00 23.27 20.30
CA PHE B 276 -32.07 24.01 21.01
C PHE B 276 -32.88 22.97 21.76
N ILE B 277 -32.73 22.98 23.08
CA ILE B 277 -33.40 22.02 23.98
C ILE B 277 -34.69 22.66 24.53
N ASP B 278 -35.82 21.98 24.35
CA ASP B 278 -37.09 22.30 25.03
C ASP B 278 -37.52 23.74 24.76
N GLY B 279 -37.43 24.19 23.51
CA GLY B 279 -38.04 25.45 23.09
C GLY B 279 -37.18 26.67 23.35
N GLU B 280 -35.95 26.54 23.88
CA GLU B 280 -35.11 27.74 24.18
C GLU B 280 -34.90 28.48 22.87
N GLU B 281 -34.83 29.80 22.94
CA GLU B 281 -34.75 30.71 21.75
C GLU B 281 -33.32 30.67 21.17
N TYR B 282 -32.32 30.72 22.03
CA TYR B 282 -30.88 30.65 21.68
C TYR B 282 -30.37 29.26 22.05
N PRO B 283 -29.47 28.66 21.25
CA PRO B 283 -29.05 27.28 21.49
C PRO B 283 -28.25 27.18 22.79
N SER B 284 -28.54 26.21 23.66
CA SER B 284 -27.77 26.03 24.93
C SER B 284 -26.45 25.29 24.65
N LEU B 285 -26.43 24.43 23.63
CA LEU B 285 -25.22 23.67 23.18
C LEU B 285 -24.66 24.32 21.93
N ASN B 286 -23.51 24.98 22.04
CA ASN B 286 -22.82 25.63 20.90
C ASN B 286 -21.54 24.84 20.59
N GLY B 287 -21.39 24.44 19.33
CA GLY B 287 -20.19 23.76 18.82
C GLY B 287 -19.29 24.73 18.13
N THR B 288 -18.33 24.22 17.38
CA THR B 288 -17.20 25.03 16.87
C THR B 288 -17.05 24.84 15.38
N GLY B 289 -17.53 23.72 14.82
CA GLY B 289 -17.29 23.40 13.41
C GLY B 289 -17.94 22.09 13.04
N THR B 290 -18.09 21.77 11.77
CA THR B 290 -18.91 20.59 11.37
C THR B 290 -18.06 19.31 11.52
N GLU B 291 -16.80 19.32 11.08
CA GLU B 291 -15.89 18.18 11.32
C GLU B 291 -15.73 18.09 12.84
N ASP B 292 -15.73 19.24 13.54
CA ASP B 292 -15.55 19.23 15.03
C ASP B 292 -16.70 18.47 15.67
N TYR B 293 -17.94 18.73 15.22
CA TYR B 293 -19.14 17.95 15.64
C TYR B 293 -18.89 16.44 15.42
N PHE B 294 -18.36 16.08 14.27
CA PHE B 294 -18.02 14.66 13.92
C PHE B 294 -16.71 14.18 14.57
N ASN B 295 -16.06 15.03 15.38
CA ASN B 295 -14.92 14.70 16.27
C ASN B 295 -13.64 14.44 15.45
N HIS B 296 -13.58 14.96 14.23
CA HIS B 296 -12.32 15.12 13.49
C HIS B 296 -11.84 16.57 13.72
N ALA B 297 -10.79 16.98 13.01
CA ALA B 297 -10.24 18.36 13.09
C ALA B 297 -9.46 18.67 11.83
N TRP B 298 -9.49 19.95 11.41
CA TRP B 298 -8.74 20.47 10.25
C TRP B 298 -9.21 19.72 9.01
N GLY B 299 -10.52 19.53 8.93
CA GLY B 299 -11.16 18.73 7.87
C GLY B 299 -11.56 17.36 8.38
N MET B 300 -12.18 16.55 7.52
CA MET B 300 -12.53 15.17 7.86
C MET B 300 -11.32 14.29 7.49
N GLN B 301 -11.05 13.27 8.31
CA GLN B 301 -10.01 12.23 8.06
C GLN B 301 -10.68 10.93 7.56
N ARG B 302 -9.87 10.09 6.91
CA ARG B 302 -10.28 8.70 6.53
C ARG B 302 -10.18 7.79 7.75
N ASN B 303 -10.92 8.12 8.78
CA ASN B 303 -11.10 7.28 9.99
C ASN B 303 -12.59 6.99 10.20
N ALA B 304 -12.90 5.80 10.68
CA ALA B 304 -14.26 5.47 11.11
C ALA B 304 -14.16 4.75 12.46
N TYR B 305 -14.58 5.44 13.50
CA TYR B 305 -14.36 5.03 14.91
C TYR B 305 -15.71 4.62 15.47
N PRO B 306 -15.75 4.00 16.67
CA PRO B 306 -17.00 3.45 17.16
C PRO B 306 -18.15 4.46 17.28
N PHE B 307 -17.85 5.73 17.62
CA PHE B 307 -18.91 6.75 17.86
C PHE B 307 -18.91 7.83 16.78
N PHE B 308 -17.98 7.85 15.84
CA PHE B 308 -17.93 8.95 14.84
C PHE B 308 -16.96 8.62 13.72
N GLY B 309 -17.14 9.27 12.57
CA GLY B 309 -16.09 9.34 11.54
C GLY B 309 -16.63 9.58 10.13
N THR B 310 -15.79 9.19 9.18
CA THR B 310 -15.99 9.26 7.71
C THR B 310 -16.43 7.89 7.19
N ILE B 311 -17.51 7.90 6.43
CA ILE B 311 -18.01 6.70 5.68
C ILE B 311 -17.46 6.81 4.26
N VAL B 312 -17.59 7.98 3.67
CA VAL B 312 -17.06 8.27 2.30
C VAL B 312 -16.29 9.59 2.36
N HIS B 313 -15.01 9.58 1.97
CA HIS B 313 -14.15 10.78 2.13
C HIS B 313 -14.21 11.58 0.83
N GLU B 314 -14.30 12.91 0.95
CA GLU B 314 -14.29 13.88 -0.18
C GLU B 314 -13.02 13.75 -1.04
N GLY B 315 -11.90 13.35 -0.44
CA GLY B 315 -10.64 13.09 -1.19
C GLY B 315 -10.77 11.95 -2.20
N ASP B 316 -11.82 11.11 -2.10
CA ASP B 316 -11.99 9.88 -2.90
C ASP B 316 -13.13 10.03 -3.90
N THR B 317 -13.82 11.19 -3.90
CA THR B 317 -15.08 11.35 -4.66
C THR B 317 -15.00 12.63 -5.46
N ASP B 318 -16.08 12.88 -6.18
CA ASP B 318 -16.34 14.09 -6.95
C ASP B 318 -17.04 15.11 -6.03
N GLY B 319 -16.34 15.61 -5.00
CA GLY B 319 -16.85 16.70 -4.14
C GLY B 319 -17.83 16.28 -3.04
N PHE B 320 -17.92 15.02 -2.62
CA PHE B 320 -18.91 14.69 -1.58
C PHE B 320 -18.33 13.83 -0.48
N GLN B 321 -18.92 14.01 0.67
CA GLN B 321 -18.47 13.43 1.97
C GLN B 321 -19.68 12.82 2.65
N VAL B 322 -19.52 11.65 3.29
CA VAL B 322 -20.58 11.07 4.15
C VAL B 322 -19.94 10.83 5.51
N SER B 323 -20.51 11.40 6.57
CA SER B 323 -19.96 11.40 7.95
C SER B 323 -21.00 10.92 8.93
N TYR B 324 -20.55 10.55 10.14
CA TYR B 324 -21.52 10.11 11.16
C TYR B 324 -20.99 10.46 12.54
N ARG B 325 -21.93 10.57 13.47
CA ARG B 325 -21.66 10.59 14.91
C ARG B 325 -22.81 9.92 15.63
N TRP B 326 -22.46 9.06 16.58
CA TRP B 326 -23.37 8.35 17.50
C TRP B 326 -23.18 8.95 18.89
N HIS B 327 -24.27 9.35 19.53
CA HIS B 327 -24.26 9.83 20.93
C HIS B 327 -24.84 8.72 21.77
N ILE B 328 -24.10 7.62 21.91
CA ILE B 328 -24.60 6.41 22.63
C ILE B 328 -24.40 6.57 24.14
N THR B 329 -23.25 7.05 24.60
CA THR B 329 -22.98 7.26 26.03
C THR B 329 -23.22 8.73 26.37
N ASP B 330 -23.29 9.60 25.37
CA ASP B 330 -23.45 11.08 25.50
C ASP B 330 -24.68 11.55 24.74
N PRO B 331 -25.87 10.93 24.93
CA PRO B 331 -27.06 11.33 24.18
C PRO B 331 -27.50 12.77 24.51
N VAL B 332 -28.21 13.39 23.57
CA VAL B 332 -28.78 14.75 23.76
C VAL B 332 -30.25 14.59 24.15
N ARG B 333 -30.55 14.82 25.43
CA ARG B 333 -31.88 14.52 26.02
C ARG B 333 -32.78 15.73 25.87
N PHE B 334 -34.09 15.48 25.86
CA PHE B 334 -35.09 16.56 25.81
C PHE B 334 -36.36 16.08 26.49
N GLU B 335 -37.05 17.00 27.17
CA GLU B 335 -38.31 16.73 27.87
C GLU B 335 -39.50 17.05 26.96
N LYS B 336 -39.38 18.04 26.08
CA LYS B 336 -40.54 18.62 25.34
C LYS B 336 -40.21 18.73 23.86
N HIS B 337 -38.99 19.12 23.54
CA HIS B 337 -38.64 19.42 22.13
C HIS B 337 -37.13 19.43 21.94
N LEU B 338 -36.67 19.04 20.75
CA LEU B 338 -35.24 19.17 20.36
C LEU B 338 -35.17 19.66 18.92
N LYS B 339 -34.36 20.66 18.70
CA LYS B 339 -33.92 21.09 17.35
C LYS B 339 -32.40 20.90 17.26
N VAL B 340 -31.99 19.95 16.44
CA VAL B 340 -30.55 19.70 16.12
C VAL B 340 -30.26 20.45 14.84
N THR B 341 -29.35 21.42 14.88
CA THR B 341 -29.01 22.24 13.69
C THR B 341 -27.50 22.29 13.51
N ILE B 342 -27.08 22.69 12.30
CA ILE B 342 -25.64 22.92 12.01
C ILE B 342 -25.65 24.10 11.05
N GLU B 343 -24.82 25.11 11.28
CA GLU B 343 -24.71 26.18 10.28
C GLU B 343 -24.19 25.52 8.99
N HIS B 344 -24.76 25.90 7.84
CA HIS B 344 -24.33 25.37 6.54
C HIS B 344 -23.24 26.31 6.01
N GLY B 345 -22.01 25.96 6.37
CA GLY B 345 -20.88 26.89 6.34
C GLY B 345 -21.01 27.90 7.46
N HIS B 346 -19.96 28.67 7.69
CA HIS B 346 -19.96 29.68 8.76
C HIS B 346 -21.16 30.59 8.55
N ALA B 347 -21.97 30.76 9.58
CA ALA B 347 -23.16 31.64 9.58
C ALA B 347 -23.97 31.43 8.30
N ASN B 348 -23.99 30.19 7.78
CA ASN B 348 -24.91 29.75 6.70
C ASN B 348 -24.55 30.46 5.41
N GLN B 349 -23.24 30.69 5.21
CA GLN B 349 -22.63 31.27 4.00
C GLN B 349 -22.96 30.43 2.75
N LEU B 350 -22.97 29.12 2.88
CA LEU B 350 -22.79 28.22 1.71
C LEU B 350 -24.15 27.72 1.23
N SER B 351 -24.17 27.27 -0.03
CA SER B 351 -25.38 26.82 -0.77
C SER B 351 -25.15 25.39 -1.26
N ASP B 352 -24.60 24.53 -0.40
CA ASP B 352 -24.18 23.18 -0.84
C ASP B 352 -25.38 22.25 -0.76
N ASP B 353 -25.18 20.97 -1.09
CA ASP B 353 -26.23 19.92 -1.03
C ASP B 353 -26.01 19.11 0.25
N TRP B 354 -26.89 19.29 1.22
CA TRP B 354 -26.81 18.61 2.53
C TRP B 354 -27.98 17.67 2.64
N SER B 355 -27.74 16.45 3.07
CA SER B 355 -28.83 15.52 3.44
C SER B 355 -28.36 14.76 4.67
N SER B 356 -29.31 14.32 5.45
CA SER B 356 -28.98 13.79 6.79
C SER B 356 -30.02 12.78 7.20
N THR B 357 -29.58 11.81 8.01
CA THR B 357 -30.48 10.93 8.77
C THR B 357 -30.29 11.29 10.23
N ALA B 358 -31.36 11.58 10.94
CA ALA B 358 -31.32 11.79 12.40
C ALA B 358 -31.89 10.53 13.03
N TYR B 359 -31.32 10.16 14.17
CA TYR B 359 -31.73 8.97 14.93
C TYR B 359 -31.97 9.40 16.38
N TRP B 360 -33.14 9.01 16.92
CA TRP B 360 -33.49 9.37 18.31
C TRP B 360 -34.40 8.29 18.92
N TYR B 361 -34.49 8.30 20.24
CA TYR B 361 -35.45 7.44 20.98
C TYR B 361 -36.45 8.39 21.65
N GLN B 362 -37.71 8.01 21.76
CA GLN B 362 -38.68 8.83 22.51
C GLN B 362 -39.83 7.95 22.98
N ILE B 363 -40.47 8.38 24.07
CA ILE B 363 -41.70 7.74 24.60
C ILE B 363 -42.80 7.95 23.55
N LEU B 364 -43.70 7.01 23.47
CA LEU B 364 -44.89 7.19 22.60
C LEU B 364 -45.87 8.12 23.31
N PRO B 365 -46.80 8.76 22.57
CA PRO B 365 -46.85 8.63 21.12
C PRO B 365 -45.89 9.53 20.33
N THR B 366 -45.68 9.19 19.06
CA THR B 366 -44.89 10.01 18.12
C THR B 366 -45.76 11.22 17.79
N ALA B 367 -45.57 12.35 18.45
CA ALA B 367 -46.37 13.57 18.20
C ALA B 367 -45.97 14.15 16.84
N SER B 368 -44.70 14.01 16.44
CA SER B 368 -44.17 14.66 15.22
C SER B 368 -44.46 13.75 14.02
N ARG B 369 -45.11 14.32 13.02
CA ARG B 369 -45.43 13.59 11.78
C ARG B 369 -44.13 13.51 10.98
N ILE B 370 -43.55 12.33 10.82
CA ILE B 370 -42.30 12.18 10.02
C ILE B 370 -42.65 12.08 8.54
N THR B 371 -42.10 12.96 7.74
CA THR B 371 -42.38 13.08 6.30
C THR B 371 -41.08 12.81 5.57
N ILE B 372 -41.17 12.50 4.28
CA ILE B 372 -39.95 12.40 3.47
C ILE B 372 -40.19 13.12 2.17
N ALA B 373 -39.18 13.79 1.67
CA ALA B 373 -39.20 14.43 0.34
C ALA B 373 -39.56 13.37 -0.68
N PRO B 374 -40.25 13.75 -1.78
CA PRO B 374 -40.60 12.79 -2.82
C PRO B 374 -39.31 12.34 -3.53
N VAL B 375 -39.39 11.28 -4.34
CA VAL B 375 -38.22 10.55 -4.89
C VAL B 375 -37.37 11.48 -5.74
N GLU B 376 -37.96 12.34 -6.57
CA GLU B 376 -37.23 13.27 -7.47
C GLU B 376 -36.35 14.28 -6.71
N ASP B 377 -36.58 14.47 -5.41
CA ASP B 377 -35.78 15.35 -4.51
C ASP B 377 -34.74 14.55 -3.69
N ARG B 378 -34.61 13.24 -3.89
CA ARG B 378 -33.69 12.39 -3.10
C ARG B 378 -32.48 11.92 -3.92
N LEU B 379 -32.36 12.36 -5.17
CA LEU B 379 -31.33 11.82 -6.06
C LEU B 379 -30.05 12.62 -5.87
N PRO B 380 -28.89 11.94 -5.90
CA PRO B 380 -27.61 12.64 -5.91
C PRO B 380 -27.50 13.65 -7.06
N VAL B 381 -26.79 14.74 -6.82
CA VAL B 381 -26.38 15.69 -7.87
C VAL B 381 -25.10 15.17 -8.54
N VAL B 382 -25.16 14.93 -9.84
CA VAL B 382 -24.02 14.33 -10.60
C VAL B 382 -23.87 15.16 -11.87
N PRO B 383 -22.64 15.36 -12.37
CA PRO B 383 -22.45 16.06 -13.62
C PRO B 383 -22.89 15.07 -14.71
N GLN B 384 -23.26 15.61 -15.87
CA GLN B 384 -23.80 14.87 -17.03
C GLN B 384 -22.99 15.25 -18.27
N LEU B 385 -22.63 14.24 -19.06
CA LEU B 385 -21.94 14.41 -20.35
C LEU B 385 -22.84 15.24 -21.27
N PRO B 386 -22.31 16.14 -22.13
CA PRO B 386 -23.17 16.89 -23.03
C PRO B 386 -23.81 15.83 -23.95
N GLU B 387 -25.07 15.99 -24.34
CA GLU B 387 -25.71 15.08 -25.34
C GLU B 387 -24.80 15.05 -26.56
N ARG B 388 -24.70 13.90 -27.21
CA ARG B 388 -23.75 13.75 -28.34
C ARG B 388 -24.57 13.38 -29.57
N LYS B 389 -24.56 14.25 -30.58
CA LYS B 389 -25.36 14.12 -31.82
C LYS B 389 -24.62 13.18 -32.78
N LEU B 390 -24.63 11.88 -32.48
CA LEU B 390 -24.06 10.80 -33.34
C LEU B 390 -24.93 10.66 -34.59
N VAL B 391 -24.33 10.75 -35.78
CA VAL B 391 -24.98 10.39 -37.06
C VAL B 391 -24.30 9.10 -37.56
N LEU B 392 -25.08 8.04 -37.84
CA LEU B 392 -24.51 6.78 -38.38
C LEU B 392 -23.73 7.10 -39.65
N PRO B 393 -22.59 6.42 -39.92
CA PRO B 393 -21.96 6.53 -41.24
C PRO B 393 -22.86 5.74 -42.21
N GLN B 394 -22.55 5.81 -43.50
CA GLN B 394 -23.20 4.93 -44.50
C GLN B 394 -22.89 3.49 -44.06
N LEU B 395 -23.88 2.62 -43.97
CA LEU B 395 -23.72 1.23 -43.50
C LEU B 395 -23.50 0.29 -44.69
N THR B 396 -22.69 -0.76 -44.50
CA THR B 396 -22.64 -1.95 -45.39
C THR B 396 -23.87 -2.83 -45.12
N GLU B 397 -24.23 -3.74 -46.04
CA GLU B 397 -25.30 -4.77 -45.85
C GLU B 397 -25.00 -5.51 -44.53
N GLU B 398 -23.72 -5.84 -44.33
CA GLU B 398 -23.21 -6.67 -43.21
C GLU B 398 -23.38 -5.95 -41.86
N GLN B 399 -23.12 -4.65 -41.82
CA GLN B 399 -23.32 -3.83 -40.59
C GLN B 399 -24.83 -3.65 -40.33
N GLN B 400 -25.61 -3.38 -41.38
CA GLN B 400 -27.08 -3.25 -41.25
C GLN B 400 -27.65 -4.58 -40.72
N ALA B 401 -27.20 -5.73 -41.23
CA ALA B 401 -27.67 -7.05 -40.76
C ALA B 401 -27.27 -7.29 -39.29
N ALA B 402 -26.05 -6.91 -38.90
CA ALA B 402 -25.56 -7.08 -37.50
C ALA B 402 -26.45 -6.26 -36.57
N ARG B 403 -26.72 -5.02 -36.94
CA ARG B 403 -27.58 -4.10 -36.13
C ARG B 403 -28.97 -4.71 -36.02
N ASP B 404 -29.47 -5.27 -37.12
CA ASP B 404 -30.86 -5.82 -37.15
C ASP B 404 -30.91 -7.10 -36.33
N THR B 405 -29.89 -7.94 -36.44
CA THR B 405 -29.87 -9.23 -35.73
C THR B 405 -29.86 -8.92 -34.23
N TYR B 406 -29.01 -7.99 -33.84
CA TYR B 406 -28.84 -7.59 -32.41
C TYR B 406 -30.18 -7.06 -31.87
N GLN B 407 -30.82 -6.15 -32.60
CA GLN B 407 -32.16 -5.58 -32.25
C GLN B 407 -33.23 -6.67 -32.17
N LYS B 408 -33.21 -7.68 -33.06
CA LYS B 408 -34.14 -8.85 -32.93
C LYS B 408 -33.85 -9.62 -31.66
N ARG B 409 -32.59 -9.89 -31.34
CA ARG B 409 -32.27 -10.65 -30.10
C ARG B 409 -32.84 -9.88 -28.90
N TRP B 410 -32.61 -8.57 -28.87
CA TRP B 410 -33.03 -7.67 -27.75
C TRP B 410 -34.56 -7.72 -27.61
N LYS B 411 -35.26 -7.64 -28.74
CA LYS B 411 -36.74 -7.64 -28.77
C LYS B 411 -37.24 -8.95 -28.13
N ASP B 412 -36.59 -10.08 -28.39
CA ASP B 412 -37.02 -11.40 -27.89
C ASP B 412 -36.61 -11.55 -26.42
N TYR B 413 -35.43 -11.03 -26.04
CA TYR B 413 -34.79 -11.36 -24.75
C TYR B 413 -35.42 -10.54 -23.60
N GLU B 414 -35.56 -9.24 -23.81
CA GLU B 414 -36.02 -8.32 -22.70
C GLU B 414 -37.33 -8.84 -22.10
N PRO B 415 -38.37 -9.20 -22.88
CA PRO B 415 -39.60 -9.73 -22.31
C PRO B 415 -39.41 -11.01 -21.48
N ARG B 416 -38.43 -11.84 -21.85
CA ARG B 416 -38.17 -13.12 -21.16
C ARG B 416 -37.56 -12.82 -19.79
N ARG B 417 -36.70 -11.82 -19.70
CA ARG B 417 -36.18 -11.30 -18.41
C ARG B 417 -37.33 -10.71 -17.59
N ASP B 418 -38.16 -9.86 -18.20
CA ASP B 418 -39.37 -9.27 -17.55
C ASP B 418 -40.21 -10.36 -16.88
N THR B 419 -40.49 -11.46 -17.60
CA THR B 419 -41.27 -12.61 -17.10
C THR B 419 -40.64 -13.18 -15.82
N GLN B 420 -39.31 -13.38 -15.82
CA GLN B 420 -38.62 -13.95 -14.63
C GLN B 420 -38.67 -12.95 -13.45
N PHE B 421 -38.61 -11.65 -13.68
CA PHE B 421 -38.72 -10.63 -12.59
C PHE B 421 -40.13 -10.74 -11.97
N ARG B 422 -41.14 -10.81 -12.85
CA ARG B 422 -42.57 -10.88 -12.38
C ARG B 422 -42.74 -12.12 -11.50
N ILE B 423 -42.21 -13.28 -11.90
CA ILE B 423 -42.26 -14.51 -11.09
C ILE B 423 -41.62 -14.29 -9.70
N LYS B 424 -40.41 -13.74 -9.62
CA LYS B 424 -39.75 -13.47 -8.32
C LYS B 424 -40.54 -12.45 -7.48
N GLU B 425 -41.06 -11.41 -8.10
CA GLU B 425 -41.94 -10.42 -7.39
C GLU B 425 -43.15 -11.11 -6.74
N ASP B 426 -43.77 -12.08 -7.42
CA ASP B 426 -44.91 -12.86 -6.85
C ASP B 426 -44.42 -13.61 -5.62
N LYS B 427 -43.19 -14.14 -5.63
CA LYS B 427 -42.63 -14.87 -4.46
C LYS B 427 -42.49 -13.89 -3.29
N ALA B 428 -42.05 -12.67 -3.55
CA ALA B 428 -41.81 -11.62 -2.52
C ALA B 428 -43.15 -11.30 -1.82
N ARG B 429 -44.19 -11.05 -2.60
CA ARG B 429 -45.55 -10.76 -2.04
C ARG B 429 -46.09 -11.95 -1.26
N ARG B 430 -45.81 -13.18 -1.70
CA ARG B 430 -46.25 -14.42 -1.00
C ARG B 430 -45.51 -14.56 0.35
N GLU B 431 -44.20 -14.33 0.32
CA GLU B 431 -43.32 -14.53 1.49
C GLU B 431 -43.57 -13.41 2.50
N SER B 432 -43.90 -12.20 2.05
CA SER B 432 -44.38 -11.11 2.94
C SER B 432 -45.49 -11.60 3.86
N LYS B 433 -46.54 -12.24 3.33
CA LYS B 433 -47.70 -12.73 4.14
C LYS B 433 -47.22 -13.87 5.05
N LEU B 434 -46.45 -14.82 4.53
CA LEU B 434 -45.97 -15.98 5.33
C LEU B 434 -45.11 -15.49 6.49
N ASN B 435 -44.31 -14.43 6.29
CA ASN B 435 -43.42 -13.92 7.35
C ASN B 435 -44.28 -13.46 8.53
N THR B 436 -45.32 -12.70 8.24
CA THR B 436 -46.24 -12.12 9.27
C THR B 436 -47.01 -13.28 9.92
N GLU B 437 -47.50 -14.27 9.15
CA GLU B 437 -48.22 -15.45 9.71
C GLU B 437 -47.34 -16.22 10.68
N PHE B 438 -46.07 -16.48 10.32
CA PHE B 438 -45.18 -17.32 11.14
C PHE B 438 -44.87 -16.57 12.44
N ALA B 439 -44.68 -15.26 12.35
CA ALA B 439 -44.35 -14.42 13.52
C ALA B 439 -45.55 -14.46 14.48
N LYS B 440 -46.79 -14.46 13.96
CA LYS B 440 -48.03 -14.61 14.77
C LYS B 440 -48.03 -16.00 15.42
N LYS B 441 -47.76 -17.08 14.68
CA LYS B 441 -47.71 -18.45 15.27
C LYS B 441 -46.70 -18.52 16.41
N LEU B 442 -45.52 -17.95 16.21
CA LEU B 442 -44.41 -17.99 17.19
C LEU B 442 -44.81 -17.23 18.46
N ARG B 443 -45.35 -16.02 18.29
CA ARG B 443 -45.93 -15.19 19.40
C ARG B 443 -46.96 -16.00 20.20
N ASP B 444 -47.96 -16.60 19.53
CA ASP B 444 -49.08 -17.33 20.18
C ASP B 444 -48.55 -18.57 20.91
N ALA B 445 -47.69 -19.36 20.25
CA ALA B 445 -47.08 -20.58 20.85
C ALA B 445 -46.23 -20.17 22.05
N PHE B 446 -45.41 -19.10 21.94
CA PHE B 446 -44.59 -18.57 23.06
C PHE B 446 -45.51 -18.23 24.24
N ASP B 447 -46.55 -17.44 24.00
CA ASP B 447 -47.47 -16.94 25.05
C ASP B 447 -48.24 -18.12 25.68
N ALA B 448 -48.53 -19.20 24.94
CA ALA B 448 -49.23 -20.39 25.48
C ALA B 448 -48.38 -21.08 26.58
N GLU B 449 -47.08 -21.32 26.37
CA GLU B 449 -46.26 -22.19 27.25
C GLU B 449 -46.07 -21.58 28.65
N GLU C 3 -29.14 9.41 37.52
CA GLU C 3 -27.94 8.56 37.84
C GLU C 3 -27.25 8.19 36.53
N ILE C 4 -26.04 7.63 36.62
CA ILE C 4 -25.11 7.52 35.46
C ILE C 4 -25.62 6.38 34.57
N THR C 5 -25.70 6.57 33.25
CA THR C 5 -26.13 5.49 32.31
C THR C 5 -25.06 5.24 31.24
N GLY C 6 -25.32 4.26 30.37
CA GLY C 6 -24.46 3.83 29.25
C GLY C 6 -23.42 2.79 29.64
N LEU C 7 -22.65 2.34 28.66
CA LEU C 7 -21.79 1.13 28.78
C LEU C 7 -20.60 1.38 29.72
N PHE C 8 -20.20 2.62 30.00
CA PHE C 8 -19.09 2.89 30.96
C PHE C 8 -19.62 3.06 32.40
N LYS C 9 -20.93 2.94 32.66
CA LYS C 9 -21.53 3.40 33.94
C LYS C 9 -20.93 2.65 35.13
N ASP C 10 -20.58 1.36 35.00
CA ASP C 10 -20.12 0.56 36.16
C ASP C 10 -18.75 1.05 36.65
N LEU C 11 -18.01 1.82 35.84
CA LEU C 11 -16.73 2.43 36.30
C LEU C 11 -16.99 3.50 37.38
N THR C 12 -18.23 4.01 37.51
CA THR C 12 -18.56 5.11 38.45
C THR C 12 -19.08 4.59 39.81
N LYS C 13 -19.01 3.28 40.10
CA LYS C 13 -19.36 2.78 41.46
C LYS C 13 -18.34 1.70 41.87
N VAL C 14 -17.90 1.72 43.12
CA VAL C 14 -16.87 0.75 43.58
C VAL C 14 -17.56 -0.59 43.78
N LYS C 15 -16.81 -1.66 43.62
CA LYS C 15 -17.24 -3.00 44.02
C LYS C 15 -16.25 -3.55 45.04
N HIS C 16 -16.76 -4.21 46.08
CA HIS C 16 -15.90 -4.85 47.12
C HIS C 16 -15.57 -6.27 46.64
N ALA C 17 -14.71 -6.33 45.62
CA ALA C 17 -14.22 -7.57 44.97
C ALA C 17 -12.70 -7.49 44.89
N ARG C 18 -12.06 -8.64 45.04
CA ARG C 18 -10.58 -8.76 45.16
C ARG C 18 -10.03 -9.33 43.86
N ASN C 19 -9.15 -8.58 43.19
CA ASN C 19 -8.47 -9.07 41.97
C ASN C 19 -7.59 -10.28 42.31
N GLY C 20 -7.57 -11.26 41.41
CA GLY C 20 -6.53 -12.31 41.36
C GLY C 20 -6.02 -12.47 39.93
N ARG C 21 -4.90 -13.18 39.77
CA ARG C 21 -4.33 -13.47 38.43
C ARG C 21 -3.54 -14.78 38.44
N LEU C 22 -3.97 -15.73 37.63
CA LEU C 22 -3.13 -16.87 37.19
C LEU C 22 -2.23 -16.38 36.05
N ALA C 23 -0.92 -16.48 36.24
CA ALA C 23 0.05 -16.15 35.20
C ALA C 23 1.17 -17.19 35.19
N SER C 24 1.90 -17.22 34.07
CA SER C 24 3.11 -18.03 33.83
C SER C 24 4.35 -17.28 34.36
N TRP C 25 4.16 -16.34 35.28
CA TRP C 25 5.25 -15.51 35.81
C TRP C 25 6.36 -16.39 36.38
N ASP C 26 7.59 -15.93 36.26
CA ASP C 26 8.78 -16.70 36.67
C ASP C 26 8.81 -16.65 38.20
N GLN C 27 8.48 -17.76 38.86
CA GLN C 27 8.40 -17.84 40.33
C GLN C 27 9.81 -18.05 40.93
N ARG C 28 10.87 -18.04 40.12
CA ARG C 28 12.27 -17.83 40.58
C ARG C 28 12.61 -16.34 40.60
N GLY C 29 11.68 -15.48 40.15
CA GLY C 29 11.89 -14.03 40.07
C GLY C 29 12.69 -13.65 38.85
N LYS C 30 12.94 -14.60 37.93
CA LYS C 30 13.90 -14.41 36.82
C LYS C 30 13.09 -14.06 35.56
N ASN C 31 13.63 -14.24 34.36
CA ASN C 31 12.94 -13.74 33.14
C ASN C 31 12.44 -14.89 32.27
N GLN C 32 12.11 -16.04 32.87
CA GLN C 32 11.37 -17.11 32.16
C GLN C 32 9.88 -17.04 32.57
N ASP C 33 9.16 -16.02 32.11
CA ASP C 33 7.76 -15.76 32.55
C ASP C 33 6.79 -16.55 31.65
N TYR C 34 7.17 -17.78 31.32
CA TYR C 34 6.41 -18.73 30.47
C TYR C 34 6.58 -20.14 31.04
N TRP C 35 5.71 -21.05 30.62
CA TRP C 35 5.77 -22.48 30.97
C TRP C 35 6.04 -23.27 29.71
N GLU C 36 7.06 -24.12 29.76
CA GLU C 36 7.26 -25.26 28.82
C GLU C 36 6.22 -26.34 29.14
N ILE C 37 5.13 -26.38 28.37
CA ILE C 37 4.01 -27.34 28.58
C ILE C 37 4.51 -28.67 28.04
N PRO C 38 4.66 -29.75 28.86
CA PRO C 38 5.25 -30.99 28.35
C PRO C 38 4.43 -31.65 27.23
N ALA C 39 5.08 -32.39 26.36
CA ALA C 39 4.46 -33.28 25.33
C ALA C 39 3.57 -34.33 26.04
N GLY C 40 2.41 -34.63 25.46
CA GLY C 40 1.51 -35.73 25.87
C GLY C 40 1.05 -35.61 27.32
N GLU C 41 1.00 -34.39 27.88
CA GLU C 41 0.55 -34.14 29.28
C GLU C 41 -0.55 -33.05 29.30
N SER C 42 -1.40 -33.12 30.32
CA SER C 42 -2.23 -31.98 30.79
C SER C 42 -1.49 -31.22 31.88
N ILE C 43 -1.69 -29.91 31.94
CA ILE C 43 -1.13 -29.07 33.02
C ILE C 43 -2.20 -28.04 33.43
N THR C 44 -2.29 -27.78 34.74
CA THR C 44 -3.35 -26.92 35.31
C THR C 44 -2.80 -25.52 35.35
N LEU C 45 -3.40 -24.59 34.60
CA LEU C 45 -2.93 -23.17 34.66
C LEU C 45 -3.25 -22.61 36.05
N GLY C 46 -4.37 -23.05 36.61
CA GLY C 46 -4.68 -22.87 38.04
C GLY C 46 -6.09 -23.28 38.37
N GLU C 47 -6.35 -23.48 39.65
CA GLU C 47 -7.70 -23.70 40.21
C GLU C 47 -8.01 -22.50 41.09
N ILE C 48 -9.20 -21.95 40.95
CA ILE C 48 -9.66 -20.78 41.74
C ILE C 48 -10.92 -21.22 42.46
N GLU C 49 -10.99 -20.97 43.77
CA GLU C 49 -12.26 -21.11 44.55
C GLU C 49 -13.15 -19.91 44.29
N GLY C 50 -14.41 -20.17 43.98
CA GLY C 50 -15.47 -19.18 43.81
C GLY C 50 -15.94 -18.69 45.18
N PRO C 51 -16.86 -17.71 45.24
CA PRO C 51 -17.45 -17.13 44.04
C PRO C 51 -16.49 -16.10 43.44
N GLY C 52 -16.50 -16.03 42.11
CA GLY C 52 -15.67 -15.08 41.38
C GLY C 52 -16.03 -15.10 39.91
N CYS C 53 -15.22 -14.42 39.10
CA CYS C 53 -15.49 -14.31 37.65
C CYS C 53 -14.18 -14.03 36.94
N ILE C 54 -13.87 -14.83 35.92
CA ILE C 54 -12.75 -14.54 34.98
C ILE C 54 -13.17 -13.29 34.19
N THR C 55 -12.31 -12.29 34.09
CA THR C 55 -12.59 -11.00 33.42
C THR C 55 -11.76 -10.83 32.14
N HIS C 56 -10.63 -11.49 32.03
CA HIS C 56 -9.65 -11.24 30.95
C HIS C 56 -8.69 -12.40 30.86
N MET C 57 -8.41 -12.86 29.65
CA MET C 57 -7.31 -13.81 29.39
C MET C 57 -6.43 -13.22 28.28
N TRP C 58 -5.12 -13.24 28.50
CA TRP C 58 -4.08 -13.00 27.46
C TRP C 58 -3.19 -14.24 27.42
N MET C 59 -2.76 -14.63 26.23
CA MET C 59 -1.71 -15.66 26.07
C MET C 59 -0.89 -15.40 24.83
N THR C 60 0.32 -15.94 24.84
CA THR C 60 1.05 -16.21 23.59
C THR C 60 1.75 -17.55 23.73
N SER C 61 2.27 -18.03 22.61
CA SER C 61 2.81 -19.40 22.57
C SER C 61 3.87 -19.52 21.47
N SER C 62 4.71 -20.52 21.62
CA SER C 62 5.73 -20.89 20.61
C SER C 62 5.87 -22.41 20.68
N CYS C 63 5.95 -23.05 19.51
CA CYS C 63 6.24 -24.50 19.41
C CYS C 63 7.28 -24.72 18.32
N ARG C 64 8.51 -24.97 18.76
CA ARG C 64 9.62 -25.23 17.81
C ARG C 64 10.14 -26.64 17.98
N LYS C 65 10.58 -27.18 16.83
CA LYS C 65 11.20 -28.50 16.70
C LYS C 65 12.68 -28.27 16.40
N VAL C 66 13.58 -28.81 17.22
CA VAL C 66 15.05 -28.71 16.94
C VAL C 66 15.36 -29.65 15.75
N VAL C 67 15.82 -29.14 14.61
CA VAL C 67 15.99 -30.02 13.41
C VAL C 67 17.46 -30.09 12.96
N ALA C 68 18.37 -29.32 13.56
CA ALA C 68 19.78 -29.27 13.14
C ALA C 68 20.61 -28.88 14.35
N PRO C 69 21.92 -29.20 14.34
CA PRO C 69 22.79 -28.84 15.45
C PRO C 69 23.05 -27.34 15.40
N SER C 70 23.31 -26.76 16.55
CA SER C 70 23.59 -25.32 16.66
C SER C 70 24.99 -25.11 17.24
N ILE C 71 25.62 -24.01 16.86
CA ILE C 71 26.90 -23.53 17.45
C ILE C 71 26.61 -22.56 18.59
N LEU C 72 25.32 -22.39 18.99
CA LEU C 72 24.93 -21.67 20.22
C LEU C 72 25.05 -22.66 21.37
N ASP C 73 25.90 -22.39 22.35
CA ASP C 73 26.01 -23.20 23.60
C ASP C 73 24.61 -23.46 24.13
N PRO C 74 24.11 -24.72 24.14
CA PRO C 74 22.72 -24.99 24.50
C PRO C 74 22.32 -24.68 25.94
N GLU C 75 23.27 -24.78 26.87
CA GLU C 75 23.00 -24.53 28.32
C GLU C 75 22.78 -23.02 28.50
N LEU C 76 23.71 -22.19 28.04
CA LEU C 76 23.57 -20.71 28.07
C LEU C 76 22.32 -20.29 27.28
N ASN C 77 22.06 -20.95 26.14
CA ASN C 77 21.00 -20.52 25.18
C ASN C 77 19.67 -20.63 25.90
N ALA C 78 19.55 -21.58 26.85
CA ALA C 78 18.29 -21.81 27.60
C ALA C 78 17.97 -20.58 28.46
N SER C 79 18.97 -19.78 28.85
CA SER C 79 18.78 -18.60 29.71
C SER C 79 18.69 -17.32 28.88
N ALA C 80 18.86 -17.40 27.56
CA ALA C 80 18.70 -16.23 26.68
C ALA C 80 17.20 -16.04 26.39
N ALA C 81 16.88 -15.35 25.30
CA ALA C 81 15.48 -15.25 24.86
C ALA C 81 14.96 -16.68 24.68
N PRO C 82 13.66 -16.92 24.92
CA PRO C 82 13.10 -18.28 24.89
C PRO C 82 12.95 -18.88 23.48
N VAL C 83 12.94 -18.04 22.43
CA VAL C 83 12.62 -18.47 21.04
C VAL C 83 13.69 -17.93 20.10
N MET C 84 14.44 -18.83 19.44
CA MET C 84 15.53 -18.43 18.55
C MET C 84 14.92 -18.12 17.16
N GLU C 85 14.41 -16.90 17.05
CA GLU C 85 13.90 -16.25 15.80
C GLU C 85 15.13 -15.95 14.95
N ILE C 86 15.78 -16.98 14.40
CA ILE C 86 17.06 -16.84 13.63
C ILE C 86 16.88 -17.56 12.29
N HIS C 87 17.17 -16.88 11.19
CA HIS C 87 16.95 -17.44 9.84
C HIS C 87 17.84 -18.67 9.65
N PRO C 88 17.26 -19.82 9.23
CA PRO C 88 18.06 -21.01 8.95
C PRO C 88 19.23 -20.82 7.97
N ALA C 89 19.18 -19.85 7.06
CA ALA C 89 20.22 -19.64 6.06
C ALA C 89 21.52 -19.11 6.72
N LEU C 90 21.52 -18.76 8.00
CA LEU C 90 22.74 -18.28 8.69
C LEU C 90 23.64 -19.46 9.07
N GLY C 91 23.07 -20.68 9.18
CA GLY C 91 23.76 -21.96 9.36
C GLY C 91 24.20 -22.18 10.80
N VAL C 92 23.61 -21.49 11.78
CA VAL C 92 24.11 -21.48 13.19
C VAL C 92 23.14 -22.18 14.13
N ILE C 93 21.91 -22.43 13.70
CA ILE C 93 20.81 -22.95 14.56
C ILE C 93 19.65 -23.28 13.64
N TRP C 94 18.82 -24.25 14.03
CA TRP C 94 17.54 -24.49 13.31
C TRP C 94 16.49 -25.10 14.23
N ASP C 95 15.69 -24.19 14.81
CA ASP C 95 14.44 -24.46 15.56
C ASP C 95 13.30 -24.19 14.55
N ALA C 96 12.71 -25.27 14.00
CA ALA C 96 11.68 -25.20 12.94
C ALA C 96 10.34 -24.96 13.64
N TYR C 97 9.41 -24.35 12.94
CA TYR C 97 8.04 -24.08 13.44
C TYR C 97 7.23 -25.37 13.38
N ASP C 98 6.59 -25.72 14.49
CA ASP C 98 5.59 -26.80 14.51
C ASP C 98 4.28 -26.26 13.96
N PRO C 99 3.83 -26.71 12.76
CA PRO C 99 2.69 -26.09 12.09
C PRO C 99 1.34 -26.22 12.83
N PHE C 100 1.08 -27.33 13.54
CA PHE C 100 -0.32 -27.68 13.93
C PHE C 100 -0.48 -27.67 15.46
N TYR C 101 0.43 -27.07 16.20
CA TYR C 101 0.38 -27.19 17.69
C TYR C 101 -0.88 -26.54 18.27
N TYR C 102 -1.44 -25.53 17.58
CA TYR C 102 -2.70 -24.84 17.98
C TYR C 102 -3.86 -25.82 17.96
N ARG C 103 -3.77 -26.87 17.12
CA ARG C 103 -4.84 -27.89 17.04
C ARG C 103 -4.51 -29.06 17.95
N LYS C 104 -3.25 -29.36 18.20
CA LYS C 104 -2.83 -30.53 19.01
C LYS C 104 -2.97 -30.23 20.51
N ALA C 105 -2.94 -28.96 20.93
CA ALA C 105 -3.19 -28.56 22.34
C ALA C 105 -4.65 -28.13 22.51
N LEU C 106 -5.28 -28.46 23.65
CA LEU C 106 -6.67 -28.08 24.01
C LEU C 106 -6.60 -27.14 25.22
N ILE C 107 -7.54 -26.23 25.29
CA ILE C 107 -7.86 -25.50 26.55
C ILE C 107 -9.14 -26.12 27.11
N LYS C 108 -9.08 -26.47 28.38
CA LYS C 108 -10.14 -27.23 29.09
C LYS C 108 -10.46 -26.45 30.36
N ILE C 109 -11.73 -26.08 30.56
CA ILE C 109 -12.18 -25.37 31.79
C ILE C 109 -13.35 -26.15 32.38
N THR C 110 -13.18 -26.52 33.66
CA THR C 110 -14.24 -27.15 34.49
C THR C 110 -14.74 -26.15 35.54
N TRP C 111 -16.04 -25.99 35.66
CA TRP C 111 -16.64 -25.13 36.71
C TRP C 111 -17.20 -25.98 37.87
N ASP C 112 -17.09 -25.45 39.09
CA ASP C 112 -17.84 -25.90 40.29
C ASP C 112 -17.65 -27.41 40.52
N ASP C 113 -16.49 -27.96 40.15
CA ASP C 113 -16.12 -29.38 40.38
C ASP C 113 -17.11 -30.31 39.68
N GLN C 114 -17.70 -29.89 38.57
CA GLN C 114 -18.53 -30.76 37.69
C GLN C 114 -17.69 -31.94 37.17
N ASP C 115 -18.38 -32.99 36.71
CA ASP C 115 -17.82 -34.27 36.16
C ASP C 115 -17.34 -34.09 34.72
N THR C 116 -17.93 -33.14 33.99
CA THR C 116 -17.62 -32.76 32.60
C THR C 116 -17.02 -31.35 32.56
N PRO C 117 -16.10 -31.07 31.60
CA PRO C 117 -15.68 -29.70 31.34
C PRO C 117 -16.83 -28.92 30.71
N SER C 118 -16.78 -27.59 30.80
CA SER C 118 -17.75 -26.68 30.13
C SER C 118 -17.08 -26.01 28.91
N VAL C 119 -15.75 -25.97 28.91
CA VAL C 119 -14.91 -25.52 27.77
C VAL C 119 -13.98 -26.69 27.43
N LEU C 120 -14.02 -27.18 26.19
CA LEU C 120 -13.07 -28.18 25.62
C LEU C 120 -12.91 -27.89 24.12
N VAL C 121 -11.84 -27.17 23.78
CA VAL C 121 -11.62 -26.53 22.46
C VAL C 121 -10.12 -26.59 22.18
N PRO C 122 -9.70 -26.83 20.93
CA PRO C 122 -8.29 -26.69 20.58
C PRO C 122 -7.89 -25.29 21.02
N PHE C 123 -6.65 -25.16 21.46
CA PHE C 123 -6.12 -23.92 22.05
C PHE C 123 -6.28 -22.79 21.01
N GLY C 124 -5.90 -23.05 19.77
CA GLY C 124 -6.01 -22.06 18.68
C GLY C 124 -7.43 -21.60 18.48
N ASP C 125 -8.31 -22.55 18.21
CA ASP C 125 -9.73 -22.29 17.85
C ASP C 125 -10.38 -21.49 18.99
N PHE C 126 -10.12 -21.83 20.26
CA PHE C 126 -10.73 -21.10 21.40
C PHE C 126 -10.47 -19.60 21.25
N PHE C 127 -9.23 -19.27 20.94
CA PHE C 127 -8.73 -17.90 20.76
C PHE C 127 -8.85 -17.45 19.31
N CYS C 128 -9.80 -18.00 18.56
CA CYS C 128 -10.15 -17.53 17.20
C CYS C 128 -8.92 -17.60 16.29
N ILE C 129 -8.09 -18.63 16.50
CA ILE C 129 -7.10 -19.08 15.50
C ILE C 129 -7.69 -20.35 14.89
N GLY C 130 -8.18 -20.22 13.67
CA GLY C 130 -8.74 -21.35 12.92
C GLY C 130 -7.64 -22.08 12.16
N ASN C 131 -7.80 -23.38 11.96
CA ASN C 131 -6.91 -24.18 11.04
C ASN C 131 -5.45 -24.08 11.48
N SER C 132 -5.16 -23.89 12.75
CA SER C 132 -3.80 -23.63 13.26
C SER C 132 -3.06 -22.59 12.41
N TYR C 133 -3.74 -21.53 11.97
CA TYR C 133 -3.23 -20.53 10.99
C TYR C 133 -3.73 -19.14 11.39
N PRO C 134 -3.01 -18.44 12.28
CA PRO C 134 -3.45 -17.15 12.77
C PRO C 134 -3.71 -16.10 11.68
N GLY C 135 -4.70 -15.26 11.98
CA GLY C 135 -5.00 -14.01 11.28
C GLY C 135 -5.09 -12.87 12.27
N ASN C 136 -4.63 -11.70 11.84
CA ASN C 136 -4.61 -10.49 12.67
C ASN C 136 -6.03 -9.91 12.69
N PHE C 137 -6.65 -9.77 13.85
CA PHE C 137 -7.98 -9.11 13.91
C PHE C 137 -8.34 -8.63 15.31
N SER C 138 -9.33 -7.75 15.37
CA SER C 138 -9.97 -7.33 16.63
C SER C 138 -11.47 -7.55 16.53
N SER C 139 -12.09 -7.94 17.62
CA SER C 139 -13.56 -7.88 17.81
C SER C 139 -13.80 -7.45 19.25
N LEU C 140 -15.03 -7.32 19.70
CA LEU C 140 -15.31 -6.82 21.06
C LEU C 140 -14.84 -7.86 22.10
N PRO C 141 -15.11 -9.17 21.96
CA PRO C 141 -14.67 -10.15 22.97
C PRO C 141 -13.31 -10.86 22.74
N PHE C 142 -12.80 -10.87 21.51
CA PHE C 142 -11.59 -11.64 21.14
C PHE C 142 -10.73 -10.84 20.19
N ASN C 143 -9.40 -10.96 20.36
CA ASN C 143 -8.42 -10.20 19.55
C ASN C 143 -7.23 -11.10 19.25
N VAL C 144 -6.63 -10.91 18.08
CA VAL C 144 -5.33 -11.56 17.79
C VAL C 144 -4.41 -10.50 17.23
N SER C 145 -3.28 -10.33 17.88
CA SER C 145 -2.22 -9.41 17.41
C SER C 145 -1.09 -10.26 16.82
N LEU C 146 -0.97 -10.22 15.50
CA LEU C 146 -0.07 -11.04 14.68
C LEU C 146 0.81 -10.12 13.86
N LYS C 147 2.13 -10.27 13.98
CA LYS C 147 3.09 -9.46 13.18
C LYS C 147 2.93 -9.80 11.71
N PRO C 148 2.99 -8.84 10.77
CA PRO C 148 2.90 -9.19 9.35
C PRO C 148 4.02 -10.11 8.87
N GLU C 149 5.22 -9.96 9.42
CA GLU C 149 6.38 -10.86 9.14
C GLU C 149 5.98 -12.32 9.41
N GLU C 150 5.27 -12.59 10.50
CA GLU C 150 4.97 -13.97 10.93
C GLU C 150 3.66 -14.47 10.26
N ALA C 151 2.85 -13.59 9.65
CA ALA C 151 1.49 -13.95 9.17
C ALA C 151 1.64 -14.88 7.94
N GLY C 152 0.57 -15.57 7.60
CA GLY C 152 0.52 -16.37 6.35
C GLY C 152 1.21 -17.70 6.55
N LYS C 153 1.35 -18.19 7.77
CA LYS C 153 1.93 -19.53 7.90
C LYS C 153 1.31 -20.25 9.10
N PHE C 154 1.25 -21.57 8.97
CA PHE C 154 0.72 -22.47 10.03
C PHE C 154 1.59 -22.27 11.26
N GLY C 155 0.95 -22.16 12.42
CA GLY C 155 1.66 -22.14 13.71
C GLY C 155 2.40 -20.84 13.97
N ALA C 156 2.09 -19.75 13.26
CA ALA C 156 2.68 -18.43 13.53
C ALA C 156 2.41 -18.08 14.99
N PRO C 157 3.40 -17.49 15.66
CA PRO C 157 3.17 -16.91 16.98
C PRO C 157 2.33 -15.62 16.87
N CYS C 158 1.54 -15.37 17.89
CA CYS C 158 0.68 -14.15 17.96
C CYS C 158 0.08 -14.06 19.37
N SER C 159 -0.43 -12.89 19.73
CA SER C 159 -1.05 -12.68 21.07
C SER C 159 -2.55 -12.90 20.91
N VAL C 160 -3.16 -13.61 21.85
CA VAL C 160 -4.63 -13.83 21.88
C VAL C 160 -5.16 -13.21 23.17
N SER C 161 -6.37 -12.68 23.13
CA SER C 161 -7.02 -12.10 24.32
C SER C 161 -8.53 -12.36 24.22
N CYS C 162 -9.10 -12.70 25.37
CA CYS C 162 -10.52 -13.00 25.58
C CYS C 162 -11.05 -12.10 26.71
N TYR C 163 -12.17 -11.43 26.45
CA TYR C 163 -12.86 -10.55 27.41
C TYR C 163 -14.25 -11.09 27.68
N PHE C 164 -14.62 -12.28 27.21
CA PHE C 164 -15.91 -12.90 27.60
C PHE C 164 -15.84 -13.17 29.10
N PRO C 165 -16.78 -12.68 29.93
CA PRO C 165 -16.73 -12.99 31.35
C PRO C 165 -17.11 -14.46 31.60
N MET C 166 -16.55 -15.02 32.67
CA MET C 166 -16.78 -16.45 33.04
C MET C 166 -17.02 -16.50 34.53
N PRO C 167 -18.29 -16.37 35.00
CA PRO C 167 -18.57 -16.38 36.42
C PRO C 167 -18.60 -17.82 36.93
N PHE C 168 -18.31 -18.01 38.23
CA PHE C 168 -18.28 -19.34 38.87
C PHE C 168 -18.56 -19.16 40.38
N ASN C 169 -19.50 -19.93 40.91
CA ASN C 169 -19.92 -19.80 42.32
C ASN C 169 -18.94 -20.53 43.25
N LYS C 170 -18.32 -21.64 42.80
CA LYS C 170 -17.55 -22.54 43.71
C LYS C 170 -16.13 -22.84 43.18
N LYS C 171 -15.94 -23.06 41.88
CA LYS C 171 -14.60 -23.46 41.40
C LYS C 171 -14.42 -23.13 39.93
N ALA C 172 -13.20 -22.77 39.56
CA ALA C 172 -12.73 -22.64 38.16
C ALA C 172 -11.44 -23.45 38.04
N LYS C 173 -11.42 -24.41 37.14
CA LYS C 173 -10.22 -25.21 36.85
C LYS C 173 -9.88 -25.04 35.38
N ILE C 174 -8.74 -24.42 35.12
CA ILE C 174 -8.27 -24.08 33.75
C ILE C 174 -7.02 -24.91 33.48
N GLU C 175 -7.10 -25.71 32.43
CA GLU C 175 -6.06 -26.69 32.05
C GLU C 175 -5.70 -26.48 30.59
N ILE C 176 -4.46 -26.82 30.27
CA ILE C 176 -4.02 -27.12 28.87
C ILE C 176 -3.85 -28.63 28.75
N VAL C 177 -4.42 -29.23 27.72
CA VAL C 177 -4.20 -30.66 27.35
C VAL C 177 -3.31 -30.67 26.12
N ASN C 178 -2.04 -31.06 26.25
CA ASN C 178 -1.13 -31.05 25.07
C ASN C 178 -1.01 -32.44 24.45
N ASP C 179 -1.80 -32.74 23.42
CA ASP C 179 -1.72 -34.00 22.64
C ASP C 179 -0.53 -33.99 21.65
N ASN C 180 0.33 -32.97 21.67
CA ASN C 180 1.48 -32.86 20.77
C ASN C 180 2.55 -33.82 21.28
N GLU C 181 3.35 -34.38 20.37
CA GLU C 181 4.61 -35.11 20.68
C GLU C 181 5.68 -34.13 21.13
N LEU C 182 5.51 -32.85 20.81
CA LEU C 182 6.42 -31.76 21.20
C LEU C 182 5.82 -31.00 22.38
N PRO C 183 6.65 -30.51 23.29
CA PRO C 183 6.21 -29.53 24.27
C PRO C 183 6.05 -28.18 23.56
N PHE C 184 5.42 -27.19 24.19
CA PHE C 184 5.37 -25.80 23.65
C PHE C 184 5.39 -24.80 24.78
N ILE C 185 5.77 -23.59 24.42
CA ILE C 185 5.90 -22.46 25.37
C ILE C 185 4.54 -21.78 25.44
N LEU C 186 4.04 -21.56 26.66
CA LEU C 186 2.80 -20.80 26.90
C LEU C 186 3.12 -19.65 27.85
N TYR C 187 2.96 -18.43 27.40
CA TYR C 187 2.82 -17.24 28.28
C TYR C 187 1.34 -17.07 28.57
N PHE C 188 0.94 -16.81 29.80
CA PHE C 188 -0.46 -16.43 30.05
C PHE C 188 -0.59 -15.44 31.20
N ASN C 189 -1.67 -14.65 31.12
CA ASN C 189 -2.23 -13.81 32.20
C ASN C 189 -3.74 -14.02 32.18
N ILE C 190 -4.27 -14.64 33.23
CA ILE C 190 -5.73 -14.90 33.43
C ILE C 190 -6.23 -14.09 34.64
N ASP C 191 -6.97 -13.03 34.38
CA ASP C 191 -7.40 -12.07 35.42
C ASP C 191 -8.81 -12.46 35.86
N TYR C 192 -9.07 -12.34 37.15
CA TYR C 192 -10.37 -12.67 37.74
C TYR C 192 -10.58 -11.77 38.95
N GLU C 193 -11.83 -11.75 39.43
CA GLU C 193 -12.13 -11.12 40.75
C GLU C 193 -12.88 -12.15 41.60
N MET C 194 -12.65 -12.06 42.92
CA MET C 194 -13.37 -12.85 43.94
C MET C 194 -14.41 -11.93 44.59
N TYR C 195 -15.58 -12.47 44.89
CA TYR C 195 -16.73 -11.80 45.56
C TYR C 195 -16.90 -12.33 47.00
N GLY C 196 -17.56 -11.55 47.84
CA GLY C 196 -17.74 -11.82 49.27
C GLY C 196 -19.09 -12.45 49.54
N GLU C 197 -19.80 -12.84 48.48
CA GLU C 197 -21.14 -13.47 48.55
C GLU C 197 -21.38 -14.31 47.31
N PRO C 198 -22.27 -15.31 47.37
CA PRO C 198 -22.58 -16.14 46.21
C PRO C 198 -23.17 -15.28 45.09
N LEU C 199 -22.92 -15.70 43.85
CA LEU C 199 -23.64 -15.16 42.67
C LEU C 199 -25.04 -15.76 42.68
N PRO C 200 -26.05 -15.11 42.06
CA PRO C 200 -27.40 -15.65 42.00
C PRO C 200 -27.35 -17.08 41.42
N GLU C 201 -28.34 -17.91 41.77
CA GLU C 201 -28.35 -19.35 41.41
C GLU C 201 -28.57 -19.48 39.88
N ASP C 202 -29.30 -18.53 39.28
CA ASP C 202 -29.56 -18.48 37.80
C ASP C 202 -28.42 -17.74 37.06
N THR C 203 -27.21 -17.74 37.62
CA THR C 203 -26.01 -17.18 36.93
C THR C 203 -25.71 -18.12 35.78
N ALA C 204 -25.54 -17.59 34.57
CA ALA C 204 -25.22 -18.39 33.37
C ALA C 204 -23.70 -18.49 33.24
N TYR C 205 -23.21 -19.71 33.06
CA TYR C 205 -21.75 -19.96 33.04
C TYR C 205 -21.32 -20.12 31.58
N PHE C 206 -20.05 -19.75 31.34
CA PHE C 206 -19.39 -19.71 30.01
C PHE C 206 -19.03 -21.13 29.58
N HIS C 207 -19.45 -21.51 28.37
CA HIS C 207 -19.24 -22.84 27.74
C HIS C 207 -18.71 -22.67 26.31
N ALA C 208 -17.84 -23.58 25.85
CA ALA C 208 -17.40 -23.58 24.43
C ALA C 208 -17.07 -25.02 24.01
N ALA C 209 -17.44 -25.38 22.80
CA ALA C 209 -17.24 -26.73 22.26
C ALA C 209 -16.80 -26.63 20.82
N TRP C 210 -16.09 -27.64 20.34
CA TRP C 210 -15.50 -27.64 18.99
C TRP C 210 -16.07 -28.85 18.25
N HIS C 211 -16.32 -28.68 16.97
CA HIS C 211 -16.87 -29.73 16.08
C HIS C 211 -16.13 -29.65 14.75
N ARG C 212 -15.98 -30.78 14.07
CA ARG C 212 -15.53 -30.74 12.66
C ARG C 212 -16.31 -31.76 11.85
N GLU C 213 -16.67 -31.42 10.62
CA GLU C 213 -17.23 -32.35 9.63
C GLU C 213 -16.27 -32.30 8.44
N ASN C 214 -15.47 -33.35 8.27
CA ASN C 214 -14.43 -33.43 7.23
C ASN C 214 -14.36 -34.85 6.68
N PRO C 215 -14.94 -35.17 5.51
CA PRO C 215 -15.69 -34.22 4.69
C PRO C 215 -17.13 -34.08 5.19
N CYS C 216 -17.75 -32.92 4.96
CA CYS C 216 -19.22 -32.79 5.01
C CYS C 216 -19.81 -33.85 4.07
N ASN C 217 -21.02 -34.36 4.35
CA ASN C 217 -21.66 -35.46 3.57
C ASN C 217 -22.49 -34.86 2.41
N GLY C 218 -21.86 -34.12 1.51
CA GLY C 218 -22.59 -33.44 0.42
C GLY C 218 -23.16 -34.39 -0.62
N TRP C 219 -24.33 -34.06 -1.16
CA TRP C 219 -25.05 -34.87 -2.19
C TRP C 219 -24.52 -34.50 -3.59
N GLY C 220 -23.84 -33.35 -3.72
CA GLY C 220 -23.43 -32.82 -5.03
C GLY C 220 -22.07 -32.12 -5.04
N PRO C 221 -21.03 -32.68 -4.41
CA PRO C 221 -19.69 -32.03 -4.38
C PRO C 221 -19.09 -31.75 -5.76
N GLU C 222 -19.45 -32.54 -6.77
CA GLU C 222 -18.88 -32.46 -8.13
C GLU C 222 -19.76 -31.59 -9.01
N LEU C 223 -20.93 -31.15 -8.52
CA LEU C 223 -21.84 -30.25 -9.26
C LEU C 223 -21.39 -28.81 -9.01
N GLN C 224 -21.47 -27.97 -10.02
CA GLN C 224 -21.14 -26.54 -9.90
C GLN C 224 -22.09 -25.86 -8.91
N VAL C 225 -21.51 -25.23 -7.90
CA VAL C 225 -22.27 -24.32 -7.00
C VAL C 225 -23.08 -23.30 -7.82
N ASN C 226 -24.31 -23.02 -7.37
CA ASN C 226 -25.27 -22.06 -7.96
C ASN C 226 -25.70 -22.47 -9.37
N SER C 227 -25.49 -23.72 -9.78
CA SER C 227 -26.12 -24.28 -11.00
C SER C 227 -27.63 -24.34 -10.74
N PRO C 228 -28.48 -24.22 -11.77
CA PRO C 228 -29.93 -24.36 -11.56
C PRO C 228 -30.34 -25.65 -10.85
N GLU C 229 -29.63 -26.74 -11.11
CA GLU C 229 -29.95 -28.07 -10.56
C GLU C 229 -29.74 -28.02 -9.06
N VAL C 230 -28.60 -27.49 -8.61
CA VAL C 230 -28.33 -27.36 -7.17
C VAL C 230 -29.39 -26.46 -6.55
N ASN C 231 -29.62 -25.30 -7.15
CA ASN C 231 -30.36 -24.20 -6.48
C ASN C 231 -31.82 -24.61 -6.28
N ASN C 232 -32.33 -25.55 -7.09
CA ASN C 232 -33.75 -25.95 -7.09
C ASN C 232 -33.98 -27.19 -6.21
N VAL C 233 -32.95 -27.69 -5.53
CA VAL C 233 -33.13 -28.72 -4.47
C VAL C 233 -33.63 -28.03 -3.20
N THR C 234 -34.53 -28.69 -2.47
CA THR C 234 -35.26 -28.12 -1.31
C THR C 234 -34.63 -28.71 -0.06
N ASN C 235 -34.55 -27.89 0.99
CA ASN C 235 -34.17 -28.36 2.34
C ASN C 235 -34.88 -27.49 3.37
N PHE C 236 -35.91 -28.00 4.05
CA PHE C 236 -36.65 -27.26 5.10
C PHE C 236 -36.17 -27.72 6.46
N LYS C 237 -36.06 -29.02 6.66
CA LYS C 237 -35.87 -29.61 8.01
C LYS C 237 -34.38 -29.55 8.43
N GLY C 238 -33.44 -29.46 7.50
CA GLY C 238 -31.99 -29.38 7.79
C GLY C 238 -31.42 -30.55 8.60
N GLU C 239 -31.89 -31.78 8.36
CA GLU C 239 -31.38 -32.99 9.08
C GLU C 239 -29.87 -33.19 8.81
N ASN C 240 -29.38 -32.85 7.62
CA ASN C 240 -27.95 -33.09 7.27
C ASN C 240 -27.16 -31.79 7.38
N ASN C 241 -27.76 -30.74 7.94
CA ASN C 241 -27.05 -29.45 8.13
C ASN C 241 -25.78 -29.69 8.97
N TYR C 242 -24.74 -28.90 8.72
CA TYR C 242 -23.56 -28.85 9.62
C TYR C 242 -24.04 -28.39 11.01
N THR C 243 -23.63 -29.08 12.06
CA THR C 243 -24.04 -28.77 13.45
C THR C 243 -22.94 -27.98 14.18
N VAL C 244 -23.19 -26.69 14.38
CA VAL C 244 -22.34 -25.80 15.20
C VAL C 244 -22.50 -26.19 16.66
N LEU C 245 -23.75 -26.35 17.13
CA LEU C 245 -24.06 -26.54 18.57
C LEU C 245 -25.32 -27.39 18.69
N ASP C 246 -25.32 -28.32 19.65
CA ASP C 246 -26.50 -29.19 19.93
C ASP C 246 -26.47 -29.43 21.43
N VAL C 247 -27.13 -28.58 22.21
CA VAL C 247 -26.94 -28.50 23.69
C VAL C 247 -28.32 -28.50 24.34
N GLU C 248 -28.46 -29.23 25.43
CA GLU C 248 -29.67 -29.21 26.31
C GLU C 248 -29.37 -28.31 27.51
N GLY C 249 -30.29 -27.42 27.86
CA GLY C 249 -30.20 -26.62 29.09
C GLY C 249 -30.95 -25.33 28.94
N THR C 250 -30.63 -24.36 29.78
CA THR C 250 -31.23 -23.02 29.78
C THR C 250 -30.11 -22.01 29.63
N GLY C 251 -30.06 -21.27 28.52
CA GLY C 251 -29.02 -20.24 28.39
C GLY C 251 -29.18 -19.50 27.08
N HIS C 252 -28.07 -19.14 26.49
CA HIS C 252 -28.04 -18.35 25.23
C HIS C 252 -26.71 -18.58 24.51
N TYR C 253 -26.82 -18.76 23.21
CA TYR C 253 -25.66 -18.87 22.31
C TYR C 253 -25.16 -17.45 22.05
N VAL C 254 -23.86 -17.24 22.13
CA VAL C 254 -23.24 -15.91 21.90
C VAL C 254 -22.30 -15.96 20.70
N GLY C 255 -22.34 -17.04 19.90
CA GLY C 255 -21.70 -17.01 18.57
C GLY C 255 -20.65 -18.08 18.37
N CYS C 256 -19.91 -17.95 17.27
CA CYS C 256 -19.00 -19.02 16.82
C CYS C 256 -17.83 -18.44 16.03
N ASN C 257 -16.82 -19.27 15.85
CA ASN C 257 -15.90 -19.15 14.70
C ASN C 257 -16.12 -20.40 13.82
N LEU C 258 -15.79 -20.27 12.55
CA LEU C 258 -16.02 -21.34 11.56
C LEU C 258 -14.84 -21.32 10.59
N THR C 259 -14.12 -22.43 10.54
CA THR C 259 -13.01 -22.66 9.58
C THR C 259 -13.55 -23.53 8.45
N VAL C 260 -13.49 -23.01 7.24
CA VAL C 260 -13.91 -23.78 6.04
C VAL C 260 -12.73 -23.90 5.07
N LYS C 261 -12.33 -25.13 4.75
CA LYS C 261 -11.50 -25.43 3.57
C LYS C 261 -12.42 -25.91 2.45
N HIS C 262 -12.48 -25.14 1.38
CA HIS C 262 -13.34 -25.31 0.17
C HIS C 262 -12.54 -25.98 -0.94
N PHE C 263 -13.09 -27.01 -1.60
CA PHE C 263 -12.32 -27.84 -2.55
C PHE C 263 -12.63 -27.50 -4.01
N GLN C 264 -13.84 -27.10 -4.42
CA GLN C 264 -14.10 -27.10 -5.89
C GLN C 264 -13.72 -25.73 -6.48
N GLY C 265 -13.45 -24.73 -5.65
CA GLY C 265 -12.96 -23.42 -6.16
C GLY C 265 -14.06 -22.58 -6.75
N SER C 266 -15.24 -22.56 -6.13
CA SER C 266 -16.34 -21.67 -6.54
C SER C 266 -16.69 -20.86 -5.31
N TRP C 267 -17.72 -21.25 -4.57
CA TRP C 267 -18.15 -20.56 -3.34
C TRP C 267 -18.69 -21.63 -2.40
N TRP C 268 -18.24 -21.62 -1.15
CA TRP C 268 -18.60 -22.60 -0.11
C TRP C 268 -19.83 -22.17 0.68
N GLY C 269 -20.34 -20.96 0.49
CA GLY C 269 -21.13 -20.28 1.55
C GLY C 269 -22.62 -20.04 1.27
N GLU C 270 -23.26 -20.78 0.34
CA GLU C 270 -24.69 -20.57 -0.02
C GLU C 270 -25.62 -21.07 1.10
N GLY C 271 -25.12 -21.93 1.98
CA GLY C 271 -25.91 -22.57 3.05
C GLY C 271 -26.47 -21.61 4.07
N ASN C 272 -27.72 -21.83 4.50
CA ASN C 272 -28.48 -20.99 5.44
C ASN C 272 -28.16 -21.43 6.85
N ASP C 273 -27.97 -20.49 7.77
CA ASP C 273 -28.13 -20.77 9.22
C ASP C 273 -29.60 -21.16 9.45
N MET C 274 -29.81 -22.17 10.27
CA MET C 274 -31.13 -22.64 10.73
C MET C 274 -30.97 -22.97 12.22
N PHE C 275 -31.70 -22.25 13.07
CA PHE C 275 -31.72 -22.46 14.54
C PHE C 275 -33.01 -23.18 14.93
N PHE C 276 -32.85 -24.23 15.72
CA PHE C 276 -33.97 -25.02 16.26
C PHE C 276 -33.99 -24.75 17.77
N ILE C 277 -35.04 -24.06 18.23
CA ILE C 277 -35.16 -23.65 19.65
C ILE C 277 -36.09 -24.63 20.38
N ASP C 278 -35.66 -25.08 21.55
CA ASP C 278 -36.49 -25.84 22.51
C ASP C 278 -37.19 -26.98 21.79
N GLY C 279 -36.47 -27.71 20.96
CA GLY C 279 -36.89 -29.02 20.41
C GLY C 279 -37.84 -28.88 19.24
N GLU C 280 -38.07 -27.69 18.71
CA GLU C 280 -38.98 -27.53 17.54
C GLU C 280 -38.42 -28.37 16.39
N GLU C 281 -39.32 -28.94 15.56
CA GLU C 281 -38.99 -29.89 14.48
C GLU C 281 -38.49 -29.11 13.26
N TYR C 282 -39.11 -27.98 12.97
CA TYR C 282 -38.70 -27.09 11.86
C TYR C 282 -38.03 -25.85 12.46
N PRO C 283 -36.96 -25.30 11.85
CA PRO C 283 -36.23 -24.20 12.48
C PRO C 283 -37.07 -22.91 12.50
N SER C 284 -37.18 -22.26 13.66
CA SER C 284 -37.97 -21.01 13.80
C SER C 284 -37.14 -19.83 13.27
N LEU C 285 -35.80 -19.94 13.32
CA LEU C 285 -34.88 -18.89 12.81
C LEU C 285 -34.30 -19.39 11.48
N ASN C 286 -34.66 -18.78 10.35
CA ASN C 286 -34.15 -19.17 9.02
C ASN C 286 -33.28 -18.05 8.45
N GLY C 287 -32.04 -18.37 8.09
CA GLY C 287 -31.10 -17.42 7.47
C GLY C 287 -31.17 -17.50 5.96
N THR C 288 -30.20 -16.91 5.29
CA THR C 288 -30.21 -16.70 3.82
C THR C 288 -28.94 -17.25 3.18
N GLY C 289 -27.89 -17.47 3.96
CA GLY C 289 -26.54 -17.67 3.41
C GLY C 289 -25.51 -17.67 4.50
N THR C 290 -24.31 -18.19 4.22
CA THR C 290 -23.31 -18.40 5.29
C THR C 290 -22.58 -17.09 5.51
N GLU C 291 -22.19 -16.36 4.46
CA GLU C 291 -21.57 -15.03 4.71
C GLU C 291 -22.67 -14.13 5.31
N ASP C 292 -23.92 -14.32 4.90
CA ASP C 292 -25.08 -13.54 5.41
C ASP C 292 -25.15 -13.67 6.93
N TYR C 293 -25.01 -14.88 7.43
CA TYR C 293 -24.96 -15.13 8.89
C TYR C 293 -23.76 -14.38 9.49
N PHE C 294 -22.58 -14.37 8.84
CA PHE C 294 -21.40 -13.60 9.33
C PHE C 294 -21.52 -12.10 9.00
N ASN C 295 -22.67 -11.68 8.51
CA ASN C 295 -23.01 -10.25 8.27
C ASN C 295 -22.15 -9.65 7.18
N HIS C 296 -21.54 -10.48 6.34
CA HIS C 296 -20.94 -10.02 5.06
C HIS C 296 -21.95 -10.24 3.92
N ALA C 297 -21.56 -10.02 2.67
CA ALA C 297 -22.49 -10.22 1.53
C ALA C 297 -21.68 -10.45 0.25
N TRP C 298 -22.21 -11.31 -0.62
CA TRP C 298 -21.60 -11.63 -1.94
C TRP C 298 -20.18 -12.17 -1.72
N GLY C 299 -20.01 -13.03 -0.73
CA GLY C 299 -18.71 -13.54 -0.31
C GLY C 299 -18.30 -12.93 1.02
N MET C 300 -17.17 -13.40 1.54
CA MET C 300 -16.62 -12.82 2.78
C MET C 300 -15.67 -11.71 2.31
N GLN C 301 -15.62 -10.63 3.07
CA GLN C 301 -14.69 -9.50 2.82
C GLN C 301 -13.56 -9.54 3.85
N ARG C 302 -12.48 -8.80 3.57
CA ARG C 302 -11.36 -8.67 4.54
C ARG C 302 -11.73 -7.57 5.53
N ASN C 303 -12.77 -7.80 6.31
CA ASN C 303 -13.26 -6.89 7.37
C ASN C 303 -13.36 -7.73 8.63
N ALA C 304 -13.00 -7.15 9.77
CA ALA C 304 -13.18 -7.74 11.12
C ALA C 304 -13.79 -6.67 12.03
N TYR C 305 -15.09 -6.76 12.30
CA TYR C 305 -15.86 -5.71 13.00
C TYR C 305 -16.14 -6.21 14.42
N PRO C 306 -16.68 -5.35 15.32
CA PRO C 306 -16.85 -5.76 16.70
C PRO C 306 -17.61 -7.08 16.91
N PHE C 307 -18.64 -7.34 16.10
CA PHE C 307 -19.55 -8.49 16.32
C PHE C 307 -19.40 -9.55 15.21
N PHE C 308 -18.55 -9.33 14.20
CA PHE C 308 -18.49 -10.29 13.07
C PHE C 308 -17.35 -9.97 12.10
N GLY C 309 -16.98 -11.03 11.36
CA GLY C 309 -16.13 -10.82 10.16
C GLY C 309 -15.23 -11.98 9.85
N THR C 310 -14.17 -11.63 9.13
CA THR C 310 -13.09 -12.49 8.60
C THR C 310 -11.86 -12.38 9.52
N ILE C 311 -11.34 -13.53 9.95
CA ILE C 311 -10.02 -13.67 10.61
C ILE C 311 -8.95 -14.02 9.57
N VAL C 312 -9.26 -15.00 8.72
CA VAL C 312 -8.36 -15.44 7.62
C VAL C 312 -9.24 -15.50 6.37
N HIS C 313 -8.89 -14.70 5.39
CA HIS C 313 -9.62 -14.58 4.09
C HIS C 313 -9.09 -15.62 3.11
N GLU C 314 -10.01 -16.29 2.42
CA GLU C 314 -9.77 -17.33 1.41
C GLU C 314 -8.87 -16.79 0.29
N GLY C 315 -9.04 -15.53 -0.08
CA GLY C 315 -8.18 -14.85 -1.07
C GLY C 315 -6.70 -14.80 -0.69
N ASP C 316 -6.35 -15.07 0.58
CA ASP C 316 -4.95 -15.00 1.06
C ASP C 316 -4.36 -16.39 1.31
N THR C 317 -5.14 -17.44 1.14
CA THR C 317 -4.76 -18.82 1.51
C THR C 317 -4.96 -19.76 0.34
N ASP C 318 -4.55 -20.99 0.60
CA ASP C 318 -4.77 -22.17 -0.25
C ASP C 318 -6.18 -22.72 0.00
N GLY C 319 -7.21 -21.87 -0.20
CA GLY C 319 -8.64 -22.24 -0.22
C GLY C 319 -9.33 -22.37 1.14
N PHE C 320 -8.86 -21.72 2.21
CA PHE C 320 -9.59 -21.77 3.50
C PHE C 320 -9.81 -20.35 4.07
N GLN C 321 -10.94 -20.26 4.74
CA GLN C 321 -11.55 -19.06 5.37
C GLN C 321 -11.76 -19.35 6.86
N VAL C 322 -11.47 -18.38 7.73
CA VAL C 322 -11.86 -18.42 9.17
C VAL C 322 -12.72 -17.18 9.44
N SER C 323 -13.95 -17.40 9.91
CA SER C 323 -14.97 -16.34 10.09
C SER C 323 -15.44 -16.36 11.54
N TYR C 324 -16.13 -15.31 11.97
CA TYR C 324 -16.71 -15.28 13.32
C TYR C 324 -17.95 -14.40 13.35
N ARG C 325 -18.83 -14.71 14.29
CA ARG C 325 -19.93 -13.80 14.68
C ARG C 325 -20.18 -13.92 16.18
N TRP C 326 -20.36 -12.78 16.85
CA TRP C 326 -20.68 -12.69 18.29
C TRP C 326 -22.11 -12.15 18.39
N HIS C 327 -22.95 -12.89 19.08
CA HIS C 327 -24.31 -12.47 19.47
C HIS C 327 -24.26 -11.94 20.91
N ILE C 328 -23.73 -10.74 21.09
CA ILE C 328 -23.49 -10.15 22.43
C ILE C 328 -24.75 -9.38 22.85
N THR C 329 -25.29 -8.50 21.98
CA THR C 329 -26.55 -7.77 22.22
C THR C 329 -27.73 -8.51 21.58
N ASP C 330 -27.50 -9.58 20.81
CA ASP C 330 -28.57 -10.26 20.04
C ASP C 330 -28.40 -11.75 20.25
N PRO C 331 -28.23 -12.18 21.51
CA PRO C 331 -28.02 -13.61 21.78
C PRO C 331 -29.23 -14.45 21.33
N VAL C 332 -28.95 -15.71 21.01
CA VAL C 332 -29.99 -16.72 20.66
C VAL C 332 -30.26 -17.53 21.93
N ARG C 333 -31.44 -17.29 22.51
CA ARG C 333 -31.83 -17.79 23.85
C ARG C 333 -32.53 -19.14 23.70
N PHE C 334 -32.50 -19.96 24.75
CA PHE C 334 -33.24 -21.23 24.77
C PHE C 334 -33.56 -21.59 26.22
N GLU C 335 -34.76 -22.14 26.45
CA GLU C 335 -35.26 -22.59 27.77
C GLU C 335 -34.88 -24.05 28.01
N LYS C 336 -34.91 -24.90 26.97
CA LYS C 336 -34.67 -26.38 27.11
C LYS C 336 -33.49 -26.85 26.25
N HIS C 337 -33.35 -26.35 25.03
CA HIS C 337 -32.48 -26.98 24.01
C HIS C 337 -32.25 -25.97 22.89
N LEU C 338 -31.04 -26.00 22.32
CA LEU C 338 -30.72 -25.22 21.09
C LEU C 338 -29.90 -26.08 20.13
N LYS C 339 -30.26 -26.05 18.86
CA LYS C 339 -29.46 -26.63 17.76
C LYS C 339 -29.14 -25.50 16.80
N VAL C 340 -27.86 -25.16 16.68
CA VAL C 340 -27.31 -24.14 15.74
C VAL C 340 -26.73 -24.91 14.56
N THR C 341 -27.30 -24.71 13.38
CA THR C 341 -26.91 -25.44 12.17
C THR C 341 -26.74 -24.45 11.04
N ILE C 342 -25.96 -24.88 10.06
CA ILE C 342 -25.75 -24.14 8.79
C ILE C 342 -25.77 -25.23 7.72
N GLU C 343 -26.50 -25.01 6.65
CA GLU C 343 -26.46 -25.92 5.51
C GLU C 343 -25.02 -25.90 4.99
N HIS C 344 -24.40 -27.04 4.68
CA HIS C 344 -23.01 -27.05 4.15
C HIS C 344 -23.09 -26.99 2.63
N GLY C 345 -23.11 -25.75 2.13
CA GLY C 345 -23.55 -25.39 0.77
C GLY C 345 -25.07 -25.38 0.71
N HIS C 346 -25.66 -24.86 -0.36
CA HIS C 346 -27.13 -24.90 -0.50
C HIS C 346 -27.62 -26.34 -0.32
N ALA C 347 -28.59 -26.53 0.55
CA ALA C 347 -29.25 -27.85 0.76
C ALA C 347 -28.18 -28.92 1.04
N ASN C 348 -27.04 -28.56 1.64
CA ASN C 348 -25.99 -29.54 2.02
C ASN C 348 -25.43 -30.24 0.77
N GLN C 349 -25.29 -29.48 -0.30
CA GLN C 349 -24.69 -29.93 -1.57
C GLN C 349 -23.24 -30.34 -1.35
N LEU C 350 -22.47 -29.56 -0.58
CA LEU C 350 -20.99 -29.65 -0.60
C LEU C 350 -20.42 -30.61 0.44
N SER C 351 -19.14 -30.98 0.23
CA SER C 351 -18.36 -31.97 0.99
C SER C 351 -17.02 -31.36 1.42
N ASP C 352 -17.05 -30.11 1.86
CA ASP C 352 -15.86 -29.33 2.26
C ASP C 352 -15.50 -29.73 3.70
N ASP C 353 -14.36 -29.21 4.16
CA ASP C 353 -13.82 -29.39 5.53
C ASP C 353 -14.32 -28.23 6.41
N TRP C 354 -15.28 -28.50 7.30
CA TRP C 354 -15.88 -27.48 8.21
C TRP C 354 -15.52 -27.82 9.65
N SER C 355 -15.00 -26.84 10.38
CA SER C 355 -14.79 -26.96 11.83
C SER C 355 -15.22 -25.63 12.47
N SER C 356 -15.64 -25.69 13.72
CA SER C 356 -16.29 -24.55 14.39
C SER C 356 -16.04 -24.62 15.89
N THR C 357 -16.03 -23.45 16.51
CA THR C 357 -16.06 -23.30 17.97
C THR C 357 -17.38 -22.64 18.27
N ALA C 358 -18.18 -23.23 19.15
CA ALA C 358 -19.47 -22.67 19.60
C ALA C 358 -19.28 -22.11 21.01
N TYR C 359 -19.83 -20.92 21.25
CA TYR C 359 -19.74 -20.25 22.56
C TYR C 359 -21.14 -19.96 23.04
N TRP C 360 -21.40 -20.27 24.30
CA TRP C 360 -22.74 -20.08 24.88
C TRP C 360 -22.62 -19.93 26.39
N TYR C 361 -23.66 -19.45 27.03
CA TYR C 361 -23.75 -19.38 28.49
C TYR C 361 -24.96 -20.23 28.89
N GLN C 362 -24.88 -20.92 30.01
CA GLN C 362 -26.07 -21.66 30.50
C GLN C 362 -25.95 -21.87 32.01
N ILE C 363 -27.10 -22.05 32.64
CA ILE C 363 -27.16 -22.35 34.10
C ILE C 363 -26.61 -23.77 34.24
N LEU C 364 -26.01 -24.07 35.37
CA LEU C 364 -25.59 -25.44 35.70
C LEU C 364 -26.81 -26.23 36.12
N PRO C 365 -26.81 -27.58 35.98
CA PRO C 365 -25.62 -28.32 35.53
C PRO C 365 -25.39 -28.34 34.00
N THR C 366 -24.14 -28.55 33.57
CA THR C 366 -23.81 -28.89 32.17
C THR C 366 -24.39 -30.29 31.91
N ALA C 367 -25.59 -30.37 31.33
CA ALA C 367 -26.33 -31.63 31.14
C ALA C 367 -25.69 -32.40 29.99
N SER C 368 -25.31 -31.67 28.95
CA SER C 368 -24.56 -32.15 27.77
C SER C 368 -23.12 -32.44 28.21
N ARG C 369 -22.64 -33.69 28.05
CA ARG C 369 -21.23 -34.09 28.23
C ARG C 369 -20.43 -33.57 27.03
N ILE C 370 -19.46 -32.69 27.24
CA ILE C 370 -18.76 -32.03 26.10
C ILE C 370 -17.56 -32.89 25.68
N THR C 371 -17.54 -33.35 24.43
CA THR C 371 -16.47 -34.23 23.88
C THR C 371 -15.64 -33.48 22.85
N ILE C 372 -14.49 -34.06 22.51
CA ILE C 372 -13.61 -33.50 21.45
C ILE C 372 -13.16 -34.66 20.58
N ALA C 373 -13.18 -34.46 19.27
CA ALA C 373 -12.55 -35.36 18.28
C ALA C 373 -11.08 -35.56 18.66
N PRO C 374 -10.56 -36.80 18.54
CA PRO C 374 -9.14 -37.06 18.84
C PRO C 374 -8.18 -36.30 17.91
N VAL C 375 -6.92 -36.17 18.32
CA VAL C 375 -5.95 -35.23 17.68
C VAL C 375 -5.82 -35.56 16.19
N GLU C 376 -5.84 -36.83 15.82
CA GLU C 376 -5.65 -37.23 14.39
C GLU C 376 -6.77 -36.63 13.54
N ASP C 377 -7.91 -36.26 14.15
CA ASP C 377 -9.08 -35.70 13.41
C ASP C 377 -9.09 -34.17 13.49
N ARG C 378 -8.09 -33.54 14.10
CA ARG C 378 -8.12 -32.07 14.32
C ARG C 378 -7.11 -31.37 13.43
N LEU C 379 -6.28 -32.11 12.67
CA LEU C 379 -5.16 -31.51 11.89
C LEU C 379 -5.70 -30.87 10.61
N PRO C 380 -5.23 -29.68 10.22
CA PRO C 380 -5.65 -29.11 8.94
C PRO C 380 -5.45 -30.12 7.80
N VAL C 381 -6.22 -29.98 6.72
CA VAL C 381 -5.94 -30.69 5.45
C VAL C 381 -4.97 -29.84 4.62
N VAL C 382 -3.77 -30.33 4.32
CA VAL C 382 -2.81 -29.55 3.48
C VAL C 382 -2.28 -30.45 2.36
N PRO C 383 -1.93 -29.85 1.21
CA PRO C 383 -1.34 -30.61 0.11
C PRO C 383 0.07 -31.03 0.54
N GLN C 384 0.51 -32.18 0.05
CA GLN C 384 1.81 -32.77 0.43
C GLN C 384 2.67 -32.89 -0.81
N LEU C 385 3.96 -32.55 -0.72
CA LEU C 385 4.89 -32.80 -1.84
C LEU C 385 4.98 -34.31 -2.06
N PRO C 386 5.06 -34.76 -3.32
CA PRO C 386 5.24 -36.19 -3.61
C PRO C 386 6.64 -36.58 -3.12
N GLU C 387 6.81 -37.82 -2.67
CA GLU C 387 8.12 -38.31 -2.15
C GLU C 387 9.17 -38.12 -3.24
N ARG C 388 10.32 -37.58 -2.85
CA ARG C 388 11.51 -37.37 -3.72
C ARG C 388 12.58 -38.35 -3.25
N LYS C 389 12.71 -39.47 -3.97
CA LYS C 389 13.56 -40.62 -3.57
C LYS C 389 14.99 -40.25 -3.98
N LEU C 390 15.65 -39.39 -3.21
CA LEU C 390 16.98 -38.81 -3.56
C LEU C 390 18.04 -39.92 -3.45
N VAL C 391 18.88 -40.06 -4.47
CA VAL C 391 20.03 -41.01 -4.48
C VAL C 391 21.30 -40.18 -4.35
N LEU C 392 22.08 -40.34 -3.26
CA LEU C 392 23.31 -39.54 -3.08
C LEU C 392 24.16 -39.78 -4.30
N PRO C 393 24.84 -38.75 -4.86
CA PRO C 393 25.82 -38.97 -5.93
C PRO C 393 27.04 -39.66 -5.30
N GLN C 394 28.04 -40.03 -6.09
CA GLN C 394 29.35 -40.52 -5.58
C GLN C 394 29.97 -39.41 -4.72
N LEU C 395 30.32 -39.69 -3.48
CA LEU C 395 30.85 -38.65 -2.56
C LEU C 395 32.37 -38.55 -2.66
N THR C 396 32.93 -37.33 -2.63
CA THR C 396 34.36 -37.12 -2.36
C THR C 396 34.59 -37.44 -0.88
N GLU C 397 35.82 -37.77 -0.49
CA GLU C 397 36.14 -38.03 0.95
C GLU C 397 35.78 -36.77 1.76
N GLU C 398 36.07 -35.59 1.22
CA GLU C 398 35.82 -34.28 1.88
C GLU C 398 34.31 -34.10 2.14
N GLN C 399 33.45 -34.43 1.17
CA GLN C 399 31.96 -34.43 1.33
C GLN C 399 31.56 -35.50 2.36
N GLN C 400 32.18 -36.68 2.33
CA GLN C 400 31.86 -37.76 3.30
C GLN C 400 32.19 -37.26 4.70
N ALA C 401 33.35 -36.63 4.85
CA ALA C 401 33.87 -36.08 6.12
C ALA C 401 32.91 -35.02 6.67
N ALA C 402 32.46 -34.11 5.81
CA ALA C 402 31.48 -33.04 6.15
C ALA C 402 30.22 -33.70 6.72
N ARG C 403 29.68 -34.66 5.99
CA ARG C 403 28.45 -35.39 6.40
C ARG C 403 28.70 -36.01 7.76
N ASP C 404 29.85 -36.64 7.96
CA ASP C 404 30.15 -37.36 9.23
C ASP C 404 30.31 -36.33 10.37
N THR C 405 31.01 -35.24 10.15
CA THR C 405 31.28 -34.19 11.18
C THR C 405 29.93 -33.59 11.60
N TYR C 406 29.08 -33.25 10.63
CA TYR C 406 27.71 -32.73 10.89
C TYR C 406 26.92 -33.72 11.73
N GLN C 407 26.87 -35.01 11.35
CA GLN C 407 26.02 -36.03 12.03
C GLN C 407 26.52 -36.18 13.48
N LYS C 408 27.83 -36.12 13.68
CA LYS C 408 28.50 -36.17 15.01
C LYS C 408 28.07 -34.94 15.84
N ARG C 409 28.04 -33.75 15.24
CA ARG C 409 27.56 -32.53 15.95
C ARG C 409 26.11 -32.71 16.37
N TRP C 410 25.27 -33.27 15.50
CA TRP C 410 23.81 -33.49 15.75
C TRP C 410 23.63 -34.50 16.87
N LYS C 411 24.44 -35.55 16.90
CA LYS C 411 24.38 -36.63 17.94
C LYS C 411 24.64 -36.05 19.33
N ASP C 412 25.65 -35.18 19.47
CA ASP C 412 26.05 -34.51 20.75
C ASP C 412 25.01 -33.44 21.11
N TYR C 413 24.59 -32.62 20.13
CA TYR C 413 23.79 -31.39 20.38
C TYR C 413 22.36 -31.73 20.80
N GLU C 414 21.67 -32.64 20.10
CA GLU C 414 20.21 -32.84 20.34
C GLU C 414 19.93 -33.20 21.80
N PRO C 415 20.58 -34.20 22.43
CA PRO C 415 20.33 -34.52 23.84
C PRO C 415 20.59 -33.37 24.83
N ARG C 416 21.52 -32.46 24.51
CA ARG C 416 21.80 -31.27 25.36
C ARG C 416 20.59 -30.31 25.32
N ARG C 417 19.89 -30.22 24.18
CA ARG C 417 18.63 -29.44 24.07
C ARG C 417 17.52 -30.18 24.81
N ASP C 418 17.38 -31.49 24.59
CA ASP C 418 16.34 -32.31 25.26
C ASP C 418 16.39 -32.02 26.77
N THR C 419 17.58 -32.05 27.38
CA THR C 419 17.81 -31.79 28.82
C THR C 419 17.24 -30.40 29.19
N GLN C 420 17.54 -29.35 28.41
CA GLN C 420 17.04 -27.98 28.69
C GLN C 420 15.51 -27.94 28.63
N PHE C 421 14.87 -28.69 27.71
CA PHE C 421 13.39 -28.83 27.66
C PHE C 421 12.89 -29.45 28.98
N ARG C 422 13.54 -30.52 29.46
CA ARG C 422 13.05 -31.28 30.65
C ARG C 422 13.15 -30.32 31.86
N ILE C 423 14.22 -29.54 31.99
CA ILE C 423 14.38 -28.54 33.10
C ILE C 423 13.19 -27.56 33.10
N LYS C 424 12.81 -27.02 31.93
CA LYS C 424 11.70 -26.03 31.83
C LYS C 424 10.36 -26.72 32.08
N GLU C 425 10.20 -27.96 31.65
CA GLU C 425 8.96 -28.70 31.92
C GLU C 425 8.78 -28.82 33.44
N ASP C 426 9.87 -29.05 34.16
CA ASP C 426 9.85 -29.23 35.65
C ASP C 426 9.47 -27.90 36.30
N LYS C 427 9.94 -26.79 35.73
CA LYS C 427 9.54 -25.44 36.20
C LYS C 427 8.03 -25.30 35.99
N ALA C 428 7.48 -25.78 34.87
CA ALA C 428 6.04 -25.63 34.54
C ALA C 428 5.18 -26.39 35.56
N ARG C 429 5.51 -27.67 35.82
CA ARG C 429 4.74 -28.48 36.82
C ARG C 429 4.85 -27.81 38.21
N ARG C 430 6.03 -27.35 38.59
CA ARG C 430 6.27 -26.68 39.90
C ARG C 430 5.32 -25.46 39.97
N GLU C 431 5.29 -24.62 38.92
CA GLU C 431 4.60 -23.32 39.00
C GLU C 431 3.10 -23.57 38.92
N SER C 432 2.65 -24.64 38.24
CA SER C 432 1.24 -25.06 38.26
C SER C 432 0.78 -25.19 39.72
N LYS C 433 1.55 -25.90 40.54
CA LYS C 433 1.16 -26.17 41.96
C LYS C 433 1.17 -24.85 42.75
N LEU C 434 2.23 -24.05 42.59
CA LEU C 434 2.38 -22.73 43.26
C LEU C 434 1.18 -21.84 42.90
N ASN C 435 0.73 -21.86 41.64
CA ASN C 435 -0.37 -20.97 41.17
C ASN C 435 -1.64 -21.27 41.96
N THR C 436 -2.00 -22.55 42.09
CA THR C 436 -3.24 -22.95 42.80
C THR C 436 -3.10 -22.55 44.27
N GLU C 437 -1.94 -22.82 44.85
CA GLU C 437 -1.68 -22.59 46.28
C GLU C 437 -1.78 -21.09 46.57
N PHE C 438 -1.24 -20.22 45.70
CA PHE C 438 -1.32 -18.75 45.93
C PHE C 438 -2.79 -18.32 45.80
N ALA C 439 -3.51 -18.79 44.79
CA ALA C 439 -4.93 -18.45 44.55
C ALA C 439 -5.76 -18.85 45.79
N LYS C 440 -5.40 -19.98 46.43
CA LYS C 440 -6.09 -20.42 47.67
C LYS C 440 -5.75 -19.41 48.78
N LYS C 441 -4.48 -19.06 48.95
CA LYS C 441 -4.01 -18.11 50.00
C LYS C 441 -4.79 -16.79 49.90
N LEU C 442 -4.94 -16.26 48.68
CA LEU C 442 -5.59 -14.98 48.38
C LEU C 442 -7.09 -15.08 48.71
N ARG C 443 -7.73 -16.16 48.30
CA ARG C 443 -9.16 -16.45 48.60
C ARG C 443 -9.41 -16.35 50.13
N ASP C 444 -8.63 -17.09 50.92
CA ASP C 444 -8.73 -17.18 52.41
C ASP C 444 -8.41 -15.82 53.07
N ALA C 445 -7.34 -15.15 52.66
CA ALA C 445 -6.99 -13.78 53.13
C ALA C 445 -8.18 -12.83 52.88
N PHE C 446 -8.79 -12.89 51.71
CA PHE C 446 -9.93 -12.00 51.31
C PHE C 446 -11.16 -12.34 52.16
N ASP C 447 -11.44 -13.62 52.34
CA ASP C 447 -12.63 -14.08 53.11
C ASP C 447 -12.41 -13.79 54.61
N ALA C 448 -11.15 -13.65 55.06
CA ALA C 448 -10.80 -13.27 56.45
C ALA C 448 -11.12 -11.79 56.70
N GLU C 449 -11.22 -10.94 55.66
CA GLU C 449 -11.73 -9.55 55.79
C GLU C 449 -13.20 -9.56 56.27
N GLU D 3 28.90 14.15 -36.22
CA GLU D 3 27.60 13.50 -36.59
C GLU D 3 26.96 12.84 -35.33
N ILE D 4 25.83 12.17 -35.49
CA ILE D 4 24.89 11.85 -34.36
C ILE D 4 25.42 10.62 -33.61
N THR D 5 25.51 10.69 -32.28
CA THR D 5 25.96 9.55 -31.42
C THR D 5 24.90 9.21 -30.35
N GLY D 6 25.15 8.13 -29.62
CA GLY D 6 24.28 7.65 -28.53
C GLY D 6 23.30 6.63 -29.03
N LEU D 7 22.59 5.99 -28.09
CA LEU D 7 21.77 4.78 -28.39
C LEU D 7 20.61 5.09 -29.33
N PHE D 8 20.25 6.37 -29.59
CA PHE D 8 19.09 6.72 -30.46
C PHE D 8 19.59 7.05 -31.88
N LYS D 9 20.88 6.97 -32.13
CA LYS D 9 21.48 7.58 -33.35
C LYS D 9 20.86 6.96 -34.62
N ASP D 10 20.50 5.68 -34.61
CA ASP D 10 20.08 4.99 -35.86
C ASP D 10 18.71 5.51 -36.28
N LEU D 11 18.00 6.23 -35.40
CA LEU D 11 16.70 6.89 -35.75
C LEU D 11 16.93 8.04 -36.74
N THR D 12 18.16 8.54 -36.88
CA THR D 12 18.49 9.75 -37.71
C THR D 12 18.99 9.37 -39.11
N LYS D 13 19.00 8.08 -39.46
CA LYS D 13 19.31 7.64 -40.85
C LYS D 13 18.25 6.65 -41.34
N VAL D 14 17.82 6.80 -42.59
CA VAL D 14 16.88 5.89 -43.29
C VAL D 14 17.61 4.61 -43.67
N LYS D 15 16.92 3.47 -43.62
CA LYS D 15 17.38 2.16 -44.12
C LYS D 15 16.37 1.68 -45.16
N HIS D 16 16.81 1.22 -46.33
CA HIS D 16 15.88 0.78 -47.41
C HIS D 16 15.51 -0.67 -47.13
N ALA D 17 14.80 -0.89 -46.04
CA ALA D 17 14.35 -2.21 -45.57
C ALA D 17 12.83 -2.17 -45.50
N ARG D 18 12.18 -3.30 -45.76
CA ARG D 18 10.71 -3.43 -45.86
C ARG D 18 10.21 -4.13 -44.60
N ASN D 19 9.24 -3.54 -43.92
CA ASN D 19 8.60 -4.17 -42.73
C ASN D 19 7.66 -5.29 -43.17
N GLY D 20 7.56 -6.30 -42.32
CA GLY D 20 6.65 -7.42 -42.45
C GLY D 20 6.19 -7.79 -41.07
N ARG D 21 5.11 -8.54 -40.99
CA ARG D 21 4.64 -9.00 -39.68
C ARG D 21 3.90 -10.32 -39.86
N LEU D 22 4.26 -11.27 -39.02
CA LEU D 22 3.48 -12.51 -38.79
C LEU D 22 2.57 -12.24 -37.59
N ALA D 23 1.26 -12.37 -37.80
CA ALA D 23 0.25 -12.10 -36.76
C ALA D 23 -0.85 -13.14 -36.85
N SER D 24 -1.58 -13.26 -35.73
CA SER D 24 -2.73 -14.14 -35.57
C SER D 24 -4.01 -13.41 -36.03
N TRP D 25 -3.86 -12.36 -36.84
CA TRP D 25 -4.99 -11.53 -37.29
C TRP D 25 -6.00 -12.42 -38.01
N ASP D 26 -7.27 -12.14 -37.74
CA ASP D 26 -8.43 -12.82 -38.35
C ASP D 26 -8.43 -12.55 -39.87
N GLN D 27 -8.10 -13.56 -40.67
CA GLN D 27 -8.01 -13.40 -42.15
C GLN D 27 -9.42 -13.59 -42.74
N ARG D 28 -10.46 -13.79 -41.92
CA ARG D 28 -11.86 -13.53 -42.37
C ARG D 28 -12.23 -12.05 -42.21
N GLY D 29 -11.34 -11.22 -41.64
CA GLY D 29 -11.58 -9.78 -41.41
C GLY D 29 -12.44 -9.52 -40.19
N LYS D 30 -12.70 -10.54 -39.38
CA LYS D 30 -13.63 -10.47 -38.23
C LYS D 30 -12.80 -10.26 -36.95
N ASN D 31 -13.34 -10.60 -35.78
CA ASN D 31 -12.64 -10.25 -34.50
C ASN D 31 -12.15 -11.49 -33.75
N GLN D 32 -11.77 -12.56 -34.47
CA GLN D 32 -11.01 -13.70 -33.90
C GLN D 32 -9.54 -13.59 -34.32
N ASP D 33 -8.84 -12.57 -33.82
CA ASP D 33 -7.44 -12.23 -34.13
C ASP D 33 -6.46 -13.11 -33.32
N TYR D 34 -6.83 -14.36 -33.11
CA TYR D 34 -6.07 -15.35 -32.31
C TYR D 34 -6.12 -16.69 -33.05
N TRP D 35 -5.13 -17.55 -32.79
CA TRP D 35 -5.17 -18.98 -33.23
C TRP D 35 -5.50 -19.90 -32.06
N GLU D 36 -6.48 -20.79 -32.28
CA GLU D 36 -6.71 -21.98 -31.42
C GLU D 36 -5.66 -23.05 -31.83
N ILE D 37 -4.59 -23.14 -31.06
CA ILE D 37 -3.43 -24.03 -31.33
C ILE D 37 -3.87 -25.44 -30.95
N PRO D 38 -3.94 -26.39 -31.90
CA PRO D 38 -4.46 -27.73 -31.61
C PRO D 38 -3.66 -28.51 -30.57
N ALA D 39 -4.34 -29.37 -29.81
CA ALA D 39 -3.71 -30.31 -28.86
C ALA D 39 -2.79 -31.29 -29.62
N GLY D 40 -1.62 -31.57 -29.05
CA GLY D 40 -0.67 -32.60 -29.56
C GLY D 40 -0.24 -32.32 -30.99
N GLU D 41 -0.11 -31.06 -31.38
CA GLU D 41 0.25 -30.68 -32.77
C GLU D 41 1.31 -29.59 -32.75
N SER D 42 2.02 -29.46 -33.87
CA SER D 42 2.89 -28.30 -34.17
C SER D 42 2.21 -27.40 -35.18
N ILE D 43 2.39 -26.10 -35.06
CA ILE D 43 1.81 -25.14 -36.03
C ILE D 43 2.84 -24.07 -36.34
N THR D 44 2.91 -23.70 -37.62
CA THR D 44 3.89 -22.70 -38.08
C THR D 44 3.24 -21.33 -37.96
N LEU D 45 3.82 -20.44 -37.13
CA LEU D 45 3.35 -19.03 -37.03
C LEU D 45 3.68 -18.37 -38.36
N GLY D 46 4.78 -18.80 -38.99
CA GLY D 46 5.15 -18.30 -40.33
C GLY D 46 6.54 -18.73 -40.73
N GLU D 47 6.79 -18.76 -42.03
CA GLU D 47 8.15 -18.85 -42.61
C GLU D 47 8.39 -17.60 -43.41
N ILE D 48 9.54 -17.00 -43.21
CA ILE D 48 10.01 -15.80 -43.92
C ILE D 48 11.33 -16.16 -44.61
N GLU D 49 11.45 -15.73 -45.87
CA GLU D 49 12.71 -15.79 -46.64
C GLU D 49 13.55 -14.59 -46.27
N GLY D 50 14.81 -14.84 -45.92
CA GLY D 50 15.81 -13.79 -45.68
C GLY D 50 16.24 -13.14 -46.99
N PRO D 51 17.18 -12.18 -46.94
CA PRO D 51 17.79 -11.79 -45.66
C PRO D 51 16.82 -10.89 -44.88
N GLY D 52 16.84 -11.02 -43.55
CA GLY D 52 15.93 -10.25 -42.69
C GLY D 52 16.36 -10.29 -41.24
N CYS D 53 15.52 -9.71 -40.39
CA CYS D 53 15.77 -9.66 -38.93
C CYS D 53 14.42 -9.53 -38.21
N ILE D 54 14.14 -10.45 -37.29
CA ILE D 54 13.03 -10.29 -36.34
C ILE D 54 13.45 -9.15 -35.40
N THR D 55 12.58 -8.19 -35.19
CA THR D 55 12.87 -6.95 -34.41
C THR D 55 12.01 -6.91 -33.14
N HIS D 56 10.85 -7.58 -33.16
CA HIS D 56 9.88 -7.54 -32.05
C HIS D 56 8.90 -8.71 -32.11
N MET D 57 8.63 -9.30 -30.96
CA MET D 57 7.53 -10.27 -30.77
C MET D 57 6.68 -9.81 -29.58
N TRP D 58 5.37 -9.89 -29.76
CA TRP D 58 4.36 -9.76 -28.71
C TRP D 58 3.44 -10.97 -28.80
N MET D 59 3.10 -11.54 -27.65
CA MET D 59 2.10 -12.62 -27.61
C MET D 59 1.26 -12.47 -26.34
N THR D 60 0.08 -13.05 -26.38
CA THR D 60 -0.63 -13.45 -25.15
C THR D 60 -1.35 -14.75 -25.44
N SER D 61 -1.89 -15.37 -24.42
CA SER D 61 -2.41 -16.75 -24.53
C SER D 61 -3.46 -17.01 -23.46
N SER D 62 -4.28 -18.01 -23.69
CA SER D 62 -5.25 -18.56 -22.72
C SER D 62 -5.36 -20.05 -22.95
N CYS D 63 -5.48 -20.82 -21.90
CA CYS D 63 -5.76 -22.27 -21.97
C CYS D 63 -6.74 -22.64 -20.87
N ARG D 64 -8.00 -22.86 -21.29
CA ARG D 64 -9.08 -23.27 -20.37
C ARG D 64 -9.66 -24.65 -20.72
N LYS D 65 -9.98 -25.38 -19.68
CA LYS D 65 -10.63 -26.71 -19.74
C LYS D 65 -12.11 -26.50 -19.43
N VAL D 66 -13.00 -26.97 -20.29
CA VAL D 66 -14.46 -26.99 -20.01
C VAL D 66 -14.70 -28.07 -18.94
N VAL D 67 -15.14 -27.69 -17.74
CA VAL D 67 -15.31 -28.66 -16.61
C VAL D 67 -16.77 -28.77 -16.16
N ALA D 68 -17.67 -27.91 -16.65
CA ALA D 68 -19.11 -27.90 -16.29
C ALA D 68 -19.95 -27.45 -17.47
N PRO D 69 -21.23 -27.85 -17.52
CA PRO D 69 -22.13 -27.33 -18.54
C PRO D 69 -22.42 -25.84 -18.32
N SER D 70 -22.65 -25.13 -19.41
CA SER D 70 -22.98 -23.68 -19.43
C SER D 70 -24.43 -23.49 -19.92
N ILE D 71 -25.11 -22.47 -19.39
CA ILE D 71 -26.40 -21.96 -19.94
C ILE D 71 -26.12 -20.94 -21.03
N LEU D 72 -24.85 -20.60 -21.32
CA LEU D 72 -24.50 -19.73 -22.46
C LEU D 72 -24.58 -20.60 -23.73
N ASP D 73 -25.38 -20.18 -24.70
CA ASP D 73 -25.48 -20.87 -26.01
C ASP D 73 -24.05 -21.09 -26.51
N PRO D 74 -23.55 -22.36 -26.60
CA PRO D 74 -22.16 -22.60 -27.00
C PRO D 74 -21.78 -22.14 -28.41
N GLU D 75 -22.72 -22.17 -29.36
CA GLU D 75 -22.43 -21.75 -30.76
C GLU D 75 -22.27 -20.23 -30.79
N LEU D 76 -23.20 -19.45 -30.23
CA LEU D 76 -23.06 -17.97 -30.21
C LEU D 76 -21.85 -17.59 -29.35
N ASN D 77 -21.63 -18.31 -28.25
CA ASN D 77 -20.55 -17.99 -27.28
C ASN D 77 -19.21 -18.03 -28.00
N ALA D 78 -19.09 -18.87 -29.04
CA ALA D 78 -17.83 -19.02 -29.81
C ALA D 78 -17.44 -17.71 -30.51
N SER D 79 -18.43 -16.86 -30.83
CA SER D 79 -18.27 -15.59 -31.58
C SER D 79 -18.25 -14.37 -30.66
N ALA D 80 -18.44 -14.55 -29.35
CA ALA D 80 -18.31 -13.47 -28.35
C ALA D 80 -16.84 -13.35 -27.97
N ALA D 81 -16.52 -12.75 -26.84
CA ALA D 81 -15.14 -12.66 -26.32
C ALA D 81 -14.56 -14.07 -26.31
N PRO D 82 -13.25 -14.24 -26.60
CA PRO D 82 -12.66 -15.58 -26.73
C PRO D 82 -12.51 -16.35 -25.42
N VAL D 83 -12.47 -15.64 -24.28
CA VAL D 83 -12.20 -16.27 -22.95
C VAL D 83 -13.26 -15.82 -21.96
N MET D 84 -13.97 -16.78 -21.37
CA MET D 84 -15.09 -16.52 -20.45
C MET D 84 -14.51 -16.33 -19.04
N GLU D 85 -14.00 -15.12 -18.77
CA GLU D 85 -13.52 -14.75 -17.39
C GLU D 85 -14.77 -14.47 -16.56
N ILE D 86 -15.42 -15.56 -16.15
CA ILE D 86 -16.71 -15.56 -15.41
C ILE D 86 -16.50 -16.42 -14.16
N HIS D 87 -16.83 -15.87 -13.02
CA HIS D 87 -16.56 -16.53 -11.72
C HIS D 87 -17.42 -17.79 -11.65
N PRO D 88 -16.83 -18.98 -11.38
CA PRO D 88 -17.61 -20.20 -11.22
C PRO D 88 -18.76 -20.16 -10.19
N ALA D 89 -18.74 -19.25 -9.21
CA ALA D 89 -19.81 -19.19 -8.18
C ALA D 89 -21.09 -18.62 -8.80
N LEU D 90 -21.08 -18.10 -10.05
CA LEU D 90 -22.32 -17.61 -10.68
C LEU D 90 -23.22 -18.77 -11.17
N GLY D 91 -22.63 -19.96 -11.39
CA GLY D 91 -23.35 -21.21 -11.72
C GLY D 91 -23.77 -21.28 -13.17
N VAL D 92 -23.17 -20.48 -14.05
CA VAL D 92 -23.64 -20.30 -15.46
C VAL D 92 -22.68 -20.91 -16.48
N ILE D 93 -21.44 -21.15 -16.07
CA ILE D 93 -20.32 -21.62 -16.94
C ILE D 93 -19.14 -21.98 -16.03
N TRP D 94 -18.29 -22.89 -16.49
CA TRP D 94 -16.99 -23.13 -15.86
C TRP D 94 -15.99 -23.60 -16.89
N ASP D 95 -15.15 -22.66 -17.32
CA ASP D 95 -13.92 -22.87 -18.12
C ASP D 95 -12.73 -22.69 -17.15
N ALA D 96 -12.19 -23.81 -16.63
CA ALA D 96 -11.13 -23.81 -15.59
C ALA D 96 -9.80 -23.44 -16.25
N TYR D 97 -8.89 -22.84 -15.50
CA TYR D 97 -7.52 -22.54 -16.01
C TYR D 97 -6.71 -23.83 -16.09
N ASP D 98 -6.06 -24.07 -17.21
CA ASP D 98 -5.03 -25.14 -17.33
C ASP D 98 -3.74 -24.63 -16.72
N PRO D 99 -3.23 -25.19 -15.61
CA PRO D 99 -2.13 -24.53 -14.89
C PRO D 99 -0.74 -24.57 -15.55
N PHE D 100 -0.44 -25.61 -16.34
CA PHE D 100 0.95 -25.90 -16.79
C PHE D 100 1.11 -25.73 -18.31
N TYR D 101 0.19 -25.05 -18.99
CA TYR D 101 0.21 -24.95 -20.48
C TYR D 101 1.47 -24.23 -20.99
N TYR D 102 2.03 -23.31 -20.20
CA TYR D 102 3.27 -22.58 -20.52
C TYR D 102 4.47 -23.53 -20.68
N ARG D 103 4.46 -24.67 -19.98
CA ARG D 103 5.52 -25.69 -20.02
C ARG D 103 5.15 -26.80 -21.01
N LYS D 104 3.86 -27.00 -21.31
CA LYS D 104 3.41 -28.07 -22.23
C LYS D 104 3.57 -27.63 -23.69
N ALA D 105 3.61 -26.33 -23.95
CA ALA D 105 3.86 -25.80 -25.30
C ALA D 105 5.28 -25.29 -25.39
N LEU D 106 5.90 -25.45 -26.56
CA LEU D 106 7.25 -24.94 -26.85
C LEU D 106 7.16 -23.89 -27.97
N ILE D 107 8.09 -22.95 -27.96
CA ILE D 107 8.39 -22.13 -29.16
C ILE D 107 9.64 -22.70 -29.82
N LYS D 108 9.65 -22.70 -31.15
CA LYS D 108 10.66 -23.43 -31.94
C LYS D 108 10.98 -22.56 -33.14
N ILE D 109 12.22 -22.10 -33.23
CA ILE D 109 12.66 -21.26 -34.36
C ILE D 109 13.85 -21.95 -35.03
N THR D 110 13.74 -22.14 -36.34
CA THR D 110 14.77 -22.72 -37.23
C THR D 110 15.16 -21.63 -38.22
N TRP D 111 16.47 -21.41 -38.36
CA TRP D 111 17.17 -20.45 -39.25
C TRP D 111 17.79 -21.19 -40.45
N ASP D 112 17.79 -20.55 -41.61
CA ASP D 112 18.42 -21.01 -42.88
C ASP D 112 18.22 -22.51 -43.09
N ASP D 113 17.03 -23.05 -42.82
CA ASP D 113 16.69 -24.46 -43.15
C ASP D 113 17.71 -25.46 -42.54
N GLN D 114 18.30 -25.15 -41.38
CA GLN D 114 19.22 -26.08 -40.68
C GLN D 114 18.41 -27.28 -40.17
N ASP D 115 19.07 -28.42 -39.92
CA ASP D 115 18.46 -29.69 -39.45
C ASP D 115 18.25 -29.66 -37.93
N THR D 116 18.48 -28.52 -37.28
CA THR D 116 18.07 -28.31 -35.87
C THR D 116 17.38 -26.96 -35.77
N PRO D 117 16.38 -26.83 -34.88
CA PRO D 117 16.01 -25.49 -34.43
C PRO D 117 17.21 -24.86 -33.71
N SER D 118 17.25 -23.53 -33.71
CA SER D 118 18.20 -22.70 -32.93
C SER D 118 17.53 -22.21 -31.62
N VAL D 119 16.20 -22.15 -31.58
CA VAL D 119 15.41 -21.86 -30.35
C VAL D 119 14.50 -23.05 -30.12
N LEU D 120 14.53 -23.65 -28.95
CA LEU D 120 13.57 -24.72 -28.61
C LEU D 120 13.42 -24.67 -27.10
N VAL D 121 12.34 -24.02 -26.63
CA VAL D 121 12.19 -23.59 -25.22
C VAL D 121 10.70 -23.64 -24.93
N PRO D 122 10.26 -24.06 -23.72
CA PRO D 122 8.87 -23.95 -23.36
C PRO D 122 8.42 -22.50 -23.62
N PHE D 123 7.24 -22.34 -24.24
CA PHE D 123 6.56 -21.06 -24.58
C PHE D 123 6.68 -20.08 -23.41
N GLY D 124 6.39 -20.50 -22.18
CA GLY D 124 6.47 -19.61 -21.01
C GLY D 124 7.91 -19.17 -20.74
N ASP D 125 8.83 -20.15 -20.62
CA ASP D 125 10.23 -19.89 -20.18
C ASP D 125 10.90 -18.96 -21.19
N PHE D 126 10.65 -19.18 -22.47
CA PHE D 126 11.23 -18.30 -23.50
C PHE D 126 10.94 -16.87 -23.13
N PHE D 127 9.67 -16.57 -22.79
CA PHE D 127 9.16 -15.21 -22.53
C PHE D 127 9.27 -14.85 -21.04
N CYS D 128 10.19 -15.52 -20.34
CA CYS D 128 10.53 -15.20 -18.93
C CYS D 128 9.31 -15.40 -18.03
N ILE D 129 8.47 -16.37 -18.37
CA ILE D 129 7.53 -17.00 -17.41
C ILE D 129 8.17 -18.32 -17.03
N GLY D 130 8.67 -18.40 -15.81
CA GLY D 130 9.18 -19.65 -15.22
C GLY D 130 8.12 -20.41 -14.46
N ASN D 131 8.26 -21.72 -14.40
CA ASN D 131 7.42 -22.61 -13.56
C ASN D 131 5.95 -22.50 -13.99
N SER D 132 5.68 -22.09 -15.25
CA SER D 132 4.32 -21.83 -15.76
C SER D 132 3.53 -20.92 -14.79
N TYR D 133 4.20 -19.93 -14.21
CA TYR D 133 3.68 -19.06 -13.13
C TYR D 133 4.17 -17.65 -13.40
N PRO D 134 3.38 -16.86 -14.18
CA PRO D 134 3.82 -15.50 -14.54
C PRO D 134 4.07 -14.59 -13.34
N GLY D 135 5.02 -13.68 -13.55
CA GLY D 135 5.35 -12.52 -12.73
C GLY D 135 5.44 -11.27 -13.58
N ASN D 136 4.88 -10.18 -13.06
CA ASN D 136 4.88 -8.86 -13.74
C ASN D 136 6.29 -8.27 -13.67
N PHE D 137 6.89 -7.90 -14.81
CA PHE D 137 8.21 -7.24 -14.80
C PHE D 137 8.53 -6.65 -16.15
N SER D 138 9.52 -5.77 -16.12
CA SER D 138 10.14 -5.16 -17.30
C SER D 138 11.65 -5.32 -17.21
N SER D 139 12.28 -5.56 -18.35
CA SER D 139 13.75 -5.51 -18.56
C SER D 139 13.96 -4.94 -19.96
N LEU D 140 15.19 -4.73 -20.41
CA LEU D 140 15.40 -4.10 -21.73
C LEU D 140 14.92 -5.02 -22.85
N PRO D 141 15.27 -6.33 -22.87
CA PRO D 141 14.83 -7.20 -23.95
C PRO D 141 13.48 -7.93 -23.78
N PHE D 142 13.03 -8.19 -22.56
CA PHE D 142 11.83 -9.00 -22.27
C PHE D 142 10.96 -8.31 -21.22
N ASN D 143 9.65 -8.43 -21.38
CA ASN D 143 8.62 -7.82 -20.51
C ASN D 143 7.42 -8.74 -20.36
N VAL D 144 6.80 -8.69 -19.19
CA VAL D 144 5.53 -9.37 -18.92
C VAL D 144 4.61 -8.36 -18.25
N SER D 145 3.40 -8.20 -18.80
CA SER D 145 2.37 -7.29 -18.25
C SER D 145 1.24 -8.19 -17.77
N LEU D 146 1.22 -8.36 -16.47
CA LEU D 146 0.34 -9.33 -15.79
C LEU D 146 -0.56 -8.53 -14.87
N LYS D 147 -1.86 -8.72 -14.98
CA LYS D 147 -2.87 -7.99 -14.15
C LYS D 147 -2.72 -8.49 -12.73
N PRO D 148 -2.82 -7.59 -11.72
CA PRO D 148 -2.67 -8.02 -10.32
C PRO D 148 -3.72 -9.03 -9.88
N GLU D 149 -4.90 -8.94 -10.49
CA GLU D 149 -6.07 -9.83 -10.21
C GLU D 149 -5.72 -11.26 -10.64
N GLU D 150 -5.03 -11.42 -11.78
CA GLU D 150 -4.63 -12.72 -12.36
C GLU D 150 -3.34 -13.28 -11.72
N ALA D 151 -2.51 -12.45 -11.06
CA ALA D 151 -1.15 -12.80 -10.62
C ALA D 151 -1.24 -13.80 -9.46
N GLY D 152 -0.18 -14.57 -9.21
CA GLY D 152 -0.15 -15.50 -8.07
C GLY D 152 -0.88 -16.79 -8.38
N LYS D 153 -1.00 -17.15 -9.65
CA LYS D 153 -1.44 -18.53 -9.98
C LYS D 153 -0.74 -19.08 -11.22
N PHE D 154 -0.72 -20.40 -11.29
CA PHE D 154 -0.16 -21.15 -12.44
C PHE D 154 -1.04 -20.84 -13.64
N GLY D 155 -0.44 -20.53 -14.77
CA GLY D 155 -1.16 -20.40 -16.04
C GLY D 155 -1.90 -19.09 -16.21
N ALA D 156 -1.61 -18.09 -15.39
CA ALA D 156 -2.23 -16.76 -15.44
C ALA D 156 -2.00 -16.21 -16.84
N PRO D 157 -3.02 -15.55 -17.42
CA PRO D 157 -2.86 -14.85 -18.69
C PRO D 157 -2.06 -13.55 -18.49
N CYS D 158 -1.30 -13.18 -19.50
CA CYS D 158 -0.38 -12.01 -19.42
C CYS D 158 0.15 -11.77 -20.83
N SER D 159 0.65 -10.56 -21.03
CA SER D 159 1.27 -10.12 -22.29
C SER D 159 2.77 -10.40 -22.18
N VAL D 160 3.38 -10.92 -23.23
CA VAL D 160 4.86 -11.12 -23.30
C VAL D 160 5.39 -10.35 -24.51
N SER D 161 6.59 -9.78 -24.38
CA SER D 161 7.27 -9.08 -25.49
C SER D 161 8.77 -9.38 -25.43
N CYS D 162 9.37 -9.49 -26.61
CA CYS D 162 10.79 -9.82 -26.84
C CYS D 162 11.33 -8.83 -27.85
N TYR D 163 12.39 -8.13 -27.49
CA TYR D 163 13.09 -7.15 -28.35
C TYR D 163 14.51 -7.60 -28.74
N PHE D 164 14.94 -8.80 -28.37
CA PHE D 164 16.22 -9.38 -28.88
C PHE D 164 16.13 -9.47 -30.40
N PRO D 165 17.06 -8.91 -31.18
CA PRO D 165 17.02 -9.01 -32.64
C PRO D 165 17.45 -10.42 -33.07
N MET D 166 16.86 -10.91 -34.15
CA MET D 166 17.09 -12.27 -34.68
C MET D 166 17.36 -12.16 -36.17
N PRO D 167 18.61 -11.91 -36.60
CA PRO D 167 18.95 -11.81 -38.01
C PRO D 167 18.94 -13.21 -38.65
N PHE D 168 18.65 -13.29 -39.95
CA PHE D 168 18.71 -14.53 -40.76
C PHE D 168 19.00 -14.19 -42.23
N ASN D 169 20.00 -14.81 -42.86
CA ASN D 169 20.32 -14.49 -44.28
C ASN D 169 19.38 -15.24 -45.21
N LYS D 170 18.87 -16.43 -44.85
CA LYS D 170 18.15 -17.28 -45.83
C LYS D 170 16.73 -17.61 -45.36
N LYS D 171 16.49 -17.93 -44.09
CA LYS D 171 15.13 -18.38 -43.71
C LYS D 171 14.91 -18.20 -42.20
N ALA D 172 13.68 -17.85 -41.84
CA ALA D 172 13.14 -17.96 -40.45
C ALA D 172 11.91 -18.86 -40.46
N LYS D 173 11.85 -19.84 -39.57
CA LYS D 173 10.63 -20.66 -39.42
C LYS D 173 10.26 -20.66 -37.96
N ILE D 174 9.11 -20.06 -37.61
CA ILE D 174 8.69 -19.94 -36.20
C ILE D 174 7.51 -20.86 -35.99
N GLU D 175 7.59 -21.77 -35.02
CA GLU D 175 6.53 -22.75 -34.76
C GLU D 175 6.18 -22.75 -33.28
N ILE D 176 4.96 -23.20 -32.98
CA ILE D 176 4.59 -23.65 -31.61
C ILE D 176 4.41 -25.15 -31.64
N VAL D 177 5.01 -25.84 -30.66
CA VAL D 177 4.81 -27.30 -30.47
C VAL D 177 3.93 -27.45 -29.24
N ASN D 178 2.70 -27.92 -29.44
CA ASN D 178 1.75 -28.07 -28.33
C ASN D 178 1.69 -29.54 -27.93
N ASP D 179 2.40 -29.87 -26.87
CA ASP D 179 2.37 -31.23 -26.25
C ASP D 179 1.23 -31.33 -25.24
N ASN D 180 0.44 -30.27 -25.07
CA ASN D 180 -0.74 -30.29 -24.17
C ASN D 180 -1.80 -31.20 -24.80
N GLU D 181 -2.54 -31.94 -23.99
CA GLU D 181 -3.80 -32.61 -24.40
C GLU D 181 -4.89 -31.58 -24.73
N LEU D 182 -4.77 -30.34 -24.24
CA LEU D 182 -5.74 -29.26 -24.54
C LEU D 182 -5.20 -28.37 -25.65
N PRO D 183 -6.07 -27.81 -26.52
CA PRO D 183 -5.63 -26.70 -27.37
C PRO D 183 -5.44 -25.43 -26.50
N PHE D 184 -4.79 -24.42 -27.05
CA PHE D 184 -4.73 -23.11 -26.35
C PHE D 184 -4.80 -22.00 -27.37
N ILE D 185 -5.29 -20.87 -26.87
CA ILE D 185 -5.46 -19.62 -27.66
C ILE D 185 -4.13 -18.89 -27.64
N LEU D 186 -3.67 -18.46 -28.81
CA LEU D 186 -2.43 -17.69 -28.95
C LEU D 186 -2.71 -16.51 -29.86
N TYR D 187 -2.52 -15.31 -29.32
CA TYR D 187 -2.43 -14.03 -30.04
C TYR D 187 -0.93 -13.76 -30.22
N PHE D 188 -0.52 -13.29 -31.40
CA PHE D 188 0.90 -12.99 -31.63
C PHE D 188 1.00 -11.91 -32.70
N ASN D 189 1.98 -11.04 -32.53
CA ASN D 189 2.48 -10.04 -33.50
C ASN D 189 3.99 -10.24 -33.55
N ILE D 190 4.54 -10.71 -34.67
CA ILE D 190 6.01 -10.94 -34.86
C ILE D 190 6.47 -10.00 -35.95
N ASP D 191 7.16 -8.93 -35.58
CA ASP D 191 7.63 -7.90 -36.55
C ASP D 191 9.05 -8.24 -37.03
N TYR D 192 9.33 -7.91 -38.30
CA TYR D 192 10.64 -8.12 -38.91
C TYR D 192 10.86 -7.09 -40.00
N GLU D 193 12.08 -7.00 -40.48
CA GLU D 193 12.39 -6.17 -41.67
C GLU D 193 13.17 -7.06 -42.64
N MET D 194 13.00 -6.79 -43.94
CA MET D 194 13.65 -7.53 -45.06
C MET D 194 14.67 -6.60 -45.71
N TYR D 195 15.82 -7.15 -46.08
CA TYR D 195 16.99 -6.40 -46.59
C TYR D 195 17.22 -6.73 -48.08
N GLY D 196 17.75 -5.77 -48.84
CA GLY D 196 17.94 -5.88 -50.30
C GLY D 196 19.26 -6.55 -50.65
N GLU D 197 20.13 -6.79 -49.67
CA GLU D 197 21.46 -7.44 -49.81
C GLU D 197 21.67 -8.40 -48.65
N PRO D 198 22.58 -9.39 -48.77
CA PRO D 198 22.85 -10.30 -47.65
C PRO D 198 23.50 -9.58 -46.45
N LEU D 199 23.23 -10.11 -45.26
CA LEU D 199 23.95 -9.78 -44.00
C LEU D 199 25.35 -10.34 -44.11
N PRO D 200 26.38 -9.77 -43.44
CA PRO D 200 27.70 -10.43 -43.42
C PRO D 200 27.60 -11.89 -42.95
N GLU D 201 28.31 -12.85 -43.59
CA GLU D 201 28.18 -14.32 -43.29
C GLU D 201 28.52 -14.55 -41.81
N ASP D 202 29.46 -13.77 -41.25
CA ASP D 202 29.86 -13.79 -39.82
C ASP D 202 28.76 -13.21 -38.89
N THR D 203 27.54 -12.98 -39.40
CA THR D 203 26.39 -12.47 -38.60
C THR D 203 26.08 -13.54 -37.53
N ALA D 204 25.88 -13.11 -36.29
CA ALA D 204 25.55 -14.02 -35.18
C ALA D 204 24.02 -14.13 -35.05
N TYR D 205 23.53 -15.37 -35.03
CA TYR D 205 22.09 -15.73 -35.02
C TYR D 205 21.67 -16.01 -33.59
N PHE D 206 20.43 -15.60 -33.27
CA PHE D 206 19.80 -15.79 -31.96
C PHE D 206 19.51 -17.27 -31.72
N HIS D 207 19.87 -17.73 -30.52
CA HIS D 207 19.69 -19.11 -30.05
C HIS D 207 19.16 -19.09 -28.62
N ALA D 208 18.37 -20.10 -28.27
CA ALA D 208 17.95 -20.28 -26.87
C ALA D 208 17.64 -21.74 -26.64
N ALA D 209 17.88 -22.21 -25.42
CA ALA D 209 17.70 -23.63 -25.08
C ALA D 209 17.36 -23.71 -23.62
N TRP D 210 16.71 -24.80 -23.24
CA TRP D 210 16.09 -24.98 -21.91
C TRP D 210 16.61 -26.26 -21.30
N HIS D 211 16.76 -26.26 -19.99
CA HIS D 211 17.41 -27.35 -19.25
C HIS D 211 16.73 -27.41 -17.90
N ARG D 212 16.75 -28.61 -17.32
CA ARG D 212 16.26 -28.79 -15.96
C ARG D 212 17.03 -29.92 -15.30
N GLU D 213 17.39 -29.72 -14.03
CA GLU D 213 17.94 -30.76 -13.14
C GLU D 213 16.99 -30.82 -11.97
N ASN D 214 16.19 -31.89 -11.92
CA ASN D 214 15.16 -32.08 -10.87
C ASN D 214 15.09 -33.54 -10.47
N PRO D 215 15.68 -33.97 -9.32
CA PRO D 215 16.42 -33.10 -8.43
C PRO D 215 17.85 -32.85 -8.97
N CYS D 216 18.46 -31.73 -8.61
CA CYS D 216 19.94 -31.57 -8.70
C CYS D 216 20.61 -32.70 -7.90
N ASN D 217 21.82 -33.12 -8.28
CA ASN D 217 22.47 -34.32 -7.67
C ASN D 217 23.27 -33.88 -6.44
N GLY D 218 22.64 -33.40 -5.37
CA GLY D 218 23.38 -32.78 -4.25
C GLY D 218 23.99 -33.82 -3.32
N TRP D 219 25.14 -33.51 -2.72
CA TRP D 219 25.83 -34.43 -1.78
C TRP D 219 25.26 -34.30 -0.36
N GLY D 220 24.60 -33.17 -0.06
CA GLY D 220 24.15 -32.88 1.31
C GLY D 220 22.85 -32.11 1.39
N PRO D 221 21.75 -32.57 0.76
CA PRO D 221 20.46 -31.86 0.84
C PRO D 221 19.88 -31.79 2.25
N GLU D 222 20.24 -32.73 3.12
CA GLU D 222 19.73 -32.81 4.51
C GLU D 222 20.62 -32.00 5.46
N LEU D 223 21.78 -31.49 5.01
CA LEU D 223 22.63 -30.62 5.87
C LEU D 223 22.12 -29.19 5.76
N GLN D 224 22.06 -28.49 6.89
CA GLN D 224 21.72 -27.04 6.91
C GLN D 224 22.66 -26.27 5.99
N VAL D 225 22.08 -25.53 5.04
CA VAL D 225 22.84 -24.51 4.26
C VAL D 225 23.64 -23.59 5.19
N ASN D 226 24.89 -23.35 4.83
CA ASN D 226 25.81 -22.37 5.48
C ASN D 226 26.21 -22.90 6.84
N SER D 227 25.97 -24.18 7.14
CA SER D 227 26.60 -24.81 8.31
C SER D 227 28.11 -24.84 8.04
N PRO D 228 28.97 -24.84 9.08
CA PRO D 228 30.43 -24.92 8.87
C PRO D 228 30.87 -26.15 8.02
N GLU D 229 30.21 -27.27 8.18
CA GLU D 229 30.55 -28.53 7.47
C GLU D 229 30.34 -28.31 5.96
N VAL D 230 29.23 -27.67 5.61
CA VAL D 230 28.90 -27.42 4.18
C VAL D 230 29.93 -26.43 3.64
N ASN D 231 30.20 -25.33 4.36
CA ASN D 231 30.95 -24.18 3.77
C ASN D 231 32.44 -24.51 3.59
N ASN D 232 32.97 -25.53 4.28
CA ASN D 232 34.40 -25.92 4.20
C ASN D 232 34.61 -27.03 3.14
N VAL D 233 33.57 -27.43 2.41
CA VAL D 233 33.70 -28.36 1.26
C VAL D 233 34.21 -27.55 0.06
N THR D 234 35.16 -28.10 -0.68
CA THR D 234 35.83 -27.40 -1.81
C THR D 234 35.19 -27.86 -3.11
N ASN D 235 35.19 -26.95 -4.09
CA ASN D 235 34.75 -27.22 -5.48
C ASN D 235 35.43 -26.20 -6.40
N PHE D 236 36.50 -26.59 -7.09
CA PHE D 236 37.22 -25.70 -8.04
C PHE D 236 36.72 -25.94 -9.46
N LYS D 237 36.61 -27.21 -9.84
CA LYS D 237 36.57 -27.64 -11.26
C LYS D 237 35.12 -27.66 -11.73
N GLY D 238 34.17 -27.83 -10.81
CA GLY D 238 32.74 -27.61 -11.12
C GLY D 238 32.14 -28.71 -11.98
N GLU D 239 32.69 -29.93 -11.95
CA GLU D 239 32.19 -31.09 -12.72
C GLU D 239 30.68 -31.28 -12.49
N ASN D 240 30.19 -31.12 -11.27
CA ASN D 240 28.78 -31.39 -10.89
C ASN D 240 27.94 -30.10 -10.84
N ASN D 241 28.47 -28.98 -11.30
CA ASN D 241 27.72 -27.70 -11.33
C ASN D 241 26.46 -27.86 -12.20
N TYR D 242 25.42 -27.08 -11.91
CA TYR D 242 24.23 -27.01 -12.76
C TYR D 242 24.70 -26.40 -14.09
N THR D 243 24.26 -26.92 -15.21
CA THR D 243 24.71 -26.45 -16.55
C THR D 243 23.63 -25.62 -17.21
N VAL D 244 23.87 -24.32 -17.37
CA VAL D 244 22.90 -23.38 -18.01
C VAL D 244 23.05 -23.54 -19.51
N LEU D 245 24.30 -23.69 -19.97
CA LEU D 245 24.63 -23.74 -21.40
C LEU D 245 25.93 -24.52 -21.58
N ASP D 246 26.01 -25.30 -22.64
CA ASP D 246 27.23 -26.04 -23.04
C ASP D 246 27.22 -26.11 -24.57
N VAL D 247 27.89 -25.18 -25.24
CA VAL D 247 27.74 -25.04 -26.71
C VAL D 247 29.12 -24.89 -27.35
N GLU D 248 29.27 -25.51 -28.53
CA GLU D 248 30.48 -25.42 -29.41
C GLU D 248 30.14 -24.41 -30.51
N GLY D 249 30.97 -23.39 -30.70
CA GLY D 249 30.81 -22.45 -31.81
C GLY D 249 31.56 -21.17 -31.53
N THR D 250 31.32 -20.15 -32.33
CA THR D 250 31.82 -18.78 -32.13
C THR D 250 30.62 -17.87 -31.88
N GLY D 251 30.60 -17.22 -30.72
CA GLY D 251 29.54 -16.26 -30.39
C GLY D 251 29.61 -15.76 -28.97
N HIS D 252 28.47 -15.48 -28.38
CA HIS D 252 28.43 -14.84 -27.05
C HIS D 252 27.09 -15.09 -26.35
N TYR D 253 27.19 -15.43 -25.08
CA TYR D 253 26.05 -15.67 -24.19
C TYR D 253 25.54 -14.31 -23.75
N VAL D 254 24.23 -14.13 -23.79
CA VAL D 254 23.59 -12.83 -23.45
C VAL D 254 22.63 -13.00 -22.26
N GLY D 255 22.62 -14.18 -21.63
CA GLY D 255 21.99 -14.32 -20.31
C GLY D 255 21.01 -15.44 -20.21
N CYS D 256 20.29 -15.45 -19.09
CA CYS D 256 19.40 -16.57 -18.76
C CYS D 256 18.19 -16.11 -17.96
N ASN D 257 17.24 -17.03 -17.85
CA ASN D 257 16.32 -17.04 -16.69
C ASN D 257 16.55 -18.35 -15.95
N LEU D 258 16.27 -18.31 -14.67
CA LEU D 258 16.46 -19.49 -13.79
C LEU D 258 15.24 -19.59 -12.89
N THR D 259 14.63 -20.77 -12.87
CA THR D 259 13.53 -21.13 -11.96
C THR D 259 14.07 -22.10 -10.94
N VAL D 260 13.93 -21.77 -9.66
CA VAL D 260 14.37 -22.68 -8.56
C VAL D 260 13.21 -22.93 -7.62
N LYS D 261 12.87 -24.20 -7.43
CA LYS D 261 12.01 -24.63 -6.31
C LYS D 261 12.93 -25.23 -5.24
N HIS D 262 12.92 -24.62 -4.06
CA HIS D 262 13.83 -24.92 -2.93
C HIS D 262 13.07 -25.75 -1.89
N PHE D 263 13.66 -26.82 -1.39
CA PHE D 263 12.97 -27.80 -0.52
C PHE D 263 13.33 -27.63 0.94
N GLN D 264 14.53 -27.21 1.33
CA GLN D 264 14.87 -27.31 2.77
C GLN D 264 14.35 -26.09 3.55
N GLY D 265 14.01 -24.99 2.91
CA GLY D 265 13.46 -23.80 3.57
C GLY D 265 14.53 -22.92 4.22
N SER D 266 15.71 -22.85 3.63
CA SER D 266 16.83 -22.00 4.12
C SER D 266 17.17 -21.01 3.00
N TRP D 267 18.16 -21.34 2.18
CA TRP D 267 18.58 -20.49 1.01
C TRP D 267 19.22 -21.39 -0.04
N TRP D 268 18.83 -21.21 -1.30
CA TRP D 268 19.20 -22.12 -2.42
C TRP D 268 20.42 -21.56 -3.15
N GLY D 269 20.89 -20.38 -2.77
CA GLY D 269 21.64 -19.49 -3.70
C GLY D 269 23.11 -19.25 -3.36
N GLU D 270 23.73 -20.10 -2.56
CA GLU D 270 25.15 -19.88 -2.20
C GLU D 270 26.08 -20.27 -3.36
N GLY D 271 25.61 -21.04 -4.35
CA GLY D 271 26.45 -21.58 -5.41
C GLY D 271 26.92 -20.47 -6.33
N ASN D 272 28.20 -20.54 -6.75
CA ASN D 272 28.87 -19.56 -7.61
C ASN D 272 28.59 -19.85 -9.08
N ASP D 273 28.44 -18.82 -9.90
CA ASP D 273 28.55 -18.96 -11.35
C ASP D 273 30.01 -19.31 -11.64
N MET D 274 30.23 -20.19 -12.59
CA MET D 274 31.59 -20.57 -13.07
C MET D 274 31.49 -20.74 -14.58
N PHE D 275 32.19 -19.87 -15.31
CA PHE D 275 32.19 -19.93 -16.79
C PHE D 275 33.49 -20.58 -17.29
N PHE D 276 33.35 -21.50 -18.24
CA PHE D 276 34.47 -22.22 -18.92
C PHE D 276 34.50 -21.77 -20.37
N ILE D 277 35.53 -21.02 -20.72
CA ILE D 277 35.68 -20.48 -22.10
C ILE D 277 36.72 -21.30 -22.88
N ASP D 278 36.30 -21.77 -24.05
CA ASP D 278 37.19 -22.30 -25.12
C ASP D 278 37.88 -23.55 -24.58
N GLY D 279 37.13 -24.40 -23.87
CA GLY D 279 37.59 -25.74 -23.44
C GLY D 279 38.52 -25.70 -22.23
N GLU D 280 38.73 -24.59 -21.55
CA GLU D 280 39.60 -24.58 -20.35
C GLU D 280 39.01 -25.55 -19.31
N GLU D 281 39.90 -26.18 -18.55
CA GLU D 281 39.62 -27.25 -17.56
C GLU D 281 39.04 -26.65 -16.28
N TYR D 282 39.64 -25.57 -15.80
CA TYR D 282 39.17 -24.75 -14.65
C TYR D 282 38.50 -23.50 -15.20
N PRO D 283 37.43 -23.00 -14.53
CA PRO D 283 36.74 -21.80 -14.99
C PRO D 283 37.59 -20.52 -14.91
N SER D 284 37.64 -19.71 -15.97
CA SER D 284 38.37 -18.42 -15.97
C SER D 284 37.52 -17.34 -15.27
N LEU D 285 36.19 -17.46 -15.34
CA LEU D 285 35.24 -16.50 -14.72
C LEU D 285 34.63 -17.18 -13.50
N ASN D 286 35.08 -16.81 -12.31
CA ASN D 286 34.50 -17.29 -11.03
C ASN D 286 33.65 -16.19 -10.40
N GLY D 287 32.42 -16.54 -10.03
CA GLY D 287 31.50 -15.69 -9.26
C GLY D 287 31.55 -16.03 -7.78
N THR D 288 30.54 -15.57 -7.04
CA THR D 288 30.57 -15.53 -5.57
C THR D 288 29.30 -16.14 -4.99
N GLY D 289 28.21 -16.18 -5.75
CA GLY D 289 26.92 -16.70 -5.27
C GLY D 289 25.84 -16.53 -6.32
N THR D 290 24.70 -17.14 -6.14
CA THR D 290 23.70 -17.19 -7.24
C THR D 290 22.95 -15.84 -7.33
N GLU D 291 22.50 -15.23 -6.23
CA GLU D 291 21.89 -13.87 -6.31
C GLU D 291 22.96 -12.90 -6.78
N ASP D 292 24.20 -13.13 -6.35
CA ASP D 292 25.34 -12.26 -6.75
C ASP D 292 25.40 -12.27 -8.27
N TYR D 293 25.26 -13.45 -8.88
CA TYR D 293 25.28 -13.54 -10.37
C TYR D 293 24.13 -12.69 -10.92
N PHE D 294 22.97 -12.77 -10.27
CA PHE D 294 21.76 -11.99 -10.67
C PHE D 294 21.81 -10.55 -10.17
N ASN D 295 22.94 -10.11 -9.60
CA ASN D 295 23.26 -8.71 -9.24
C ASN D 295 22.34 -8.23 -8.10
N HIS D 296 21.85 -9.17 -7.30
CA HIS D 296 21.21 -8.85 -6.02
C HIS D 296 22.24 -9.19 -4.93
N ALA D 297 21.84 -9.10 -3.67
CA ALA D 297 22.74 -9.42 -2.55
C ALA D 297 21.94 -9.85 -1.34
N TRP D 298 22.41 -10.85 -0.59
CA TRP D 298 21.85 -11.28 0.71
C TRP D 298 20.44 -11.81 0.45
N GLY D 299 20.31 -12.59 -0.61
CA GLY D 299 19.02 -13.04 -1.13
C GLY D 299 18.66 -12.29 -2.40
N MET D 300 17.57 -12.69 -3.04
CA MET D 300 16.95 -11.97 -4.18
C MET D 300 15.95 -10.97 -3.57
N GLN D 301 15.84 -9.81 -4.20
CA GLN D 301 14.88 -8.74 -3.86
C GLN D 301 13.74 -8.73 -4.88
N ARG D 302 12.65 -8.07 -4.52
CA ARG D 302 11.50 -7.81 -5.42
C ARG D 302 11.86 -6.61 -6.30
N ASN D 303 12.90 -6.74 -7.09
CA ASN D 303 13.35 -5.74 -8.09
C ASN D 303 13.50 -6.44 -9.44
N ALA D 304 13.18 -5.74 -10.51
CA ALA D 304 13.38 -6.15 -11.91
C ALA D 304 13.89 -4.93 -12.65
N TYR D 305 15.19 -4.95 -12.96
CA TYR D 305 15.98 -3.83 -13.50
C TYR D 305 16.28 -4.18 -14.96
N PRO D 306 16.78 -3.21 -15.74
CA PRO D 306 16.95 -3.45 -17.17
C PRO D 306 17.78 -4.72 -17.52
N PHE D 307 18.81 -5.08 -16.72
CA PHE D 307 19.75 -6.19 -17.08
C PHE D 307 19.64 -7.34 -16.10
N PHE D 308 18.83 -7.25 -15.06
CA PHE D 308 18.79 -8.35 -14.07
C PHE D 308 17.63 -8.15 -13.10
N GLY D 309 17.17 -9.24 -12.51
CA GLY D 309 16.45 -9.20 -11.23
C GLY D 309 15.50 -10.37 -11.03
N THR D 310 14.42 -10.11 -10.30
CA THR D 310 13.40 -11.10 -9.91
C THR D 310 12.16 -10.96 -10.79
N ILE D 311 11.67 -12.08 -11.31
CA ILE D 311 10.39 -12.15 -12.04
C ILE D 311 9.32 -12.63 -11.06
N VAL D 312 9.62 -13.69 -10.32
CA VAL D 312 8.72 -14.21 -9.26
C VAL D 312 9.58 -14.41 -8.01
N HIS D 313 9.15 -13.82 -6.89
CA HIS D 313 9.92 -13.80 -5.62
C HIS D 313 9.45 -14.96 -4.73
N GLU D 314 10.40 -15.77 -4.28
CA GLU D 314 10.18 -16.88 -3.33
C GLU D 314 9.28 -16.45 -2.17
N GLY D 315 9.39 -15.19 -1.69
CA GLY D 315 8.53 -14.64 -0.62
C GLY D 315 7.04 -14.65 -0.95
N ASP D 316 6.69 -14.72 -2.24
CA ASP D 316 5.31 -14.59 -2.73
C ASP D 316 4.77 -15.96 -3.13
N THR D 317 5.56 -17.02 -2.99
CA THR D 317 5.17 -18.36 -3.50
C THR D 317 5.42 -19.43 -2.46
N ASP D 318 5.15 -20.67 -2.87
CA ASP D 318 5.38 -21.92 -2.12
C ASP D 318 6.77 -22.43 -2.52
N GLY D 319 7.79 -21.64 -2.18
CA GLY D 319 9.20 -22.08 -2.21
C GLY D 319 9.84 -21.96 -3.58
N PHE D 320 9.34 -21.14 -4.49
CA PHE D 320 10.04 -21.02 -5.79
C PHE D 320 10.26 -19.56 -6.22
N GLN D 321 11.37 -19.35 -6.95
CA GLN D 321 11.91 -18.06 -7.44
C GLN D 321 12.12 -18.19 -8.96
N VAL D 322 11.89 -17.12 -9.69
CA VAL D 322 12.23 -17.03 -11.14
C VAL D 322 13.05 -15.77 -11.27
N SER D 323 14.29 -15.87 -11.74
CA SER D 323 15.25 -14.73 -11.82
C SER D 323 15.75 -14.60 -13.26
N TYR D 324 16.31 -13.45 -13.62
CA TYR D 324 16.99 -13.30 -14.93
C TYR D 324 18.25 -12.44 -14.82
N ARG D 325 19.14 -12.64 -15.76
CA ARG D 325 20.20 -11.64 -16.05
C ARG D 325 20.44 -11.60 -17.55
N TRP D 326 20.60 -10.39 -18.07
CA TRP D 326 20.95 -10.10 -19.48
C TRP D 326 22.38 -9.53 -19.49
N HIS D 327 23.24 -10.15 -20.27
CA HIS D 327 24.59 -9.66 -20.63
C HIS D 327 24.54 -9.02 -22.00
N ILE D 328 23.95 -7.84 -22.05
CA ILE D 328 23.76 -7.04 -23.31
C ILE D 328 24.99 -6.17 -23.61
N THR D 329 25.51 -5.43 -22.64
CA THR D 329 26.72 -4.62 -22.85
C THR D 329 27.95 -5.38 -22.34
N ASP D 330 27.76 -6.49 -21.63
CA ASP D 330 28.80 -7.32 -20.96
C ASP D 330 28.63 -8.77 -21.38
N PRO D 331 28.49 -9.07 -22.67
CA PRO D 331 28.28 -10.45 -23.11
C PRO D 331 29.50 -11.33 -22.79
N VAL D 332 29.27 -12.63 -22.61
CA VAL D 332 30.36 -13.60 -22.39
C VAL D 332 30.68 -14.26 -23.73
N ARG D 333 31.79 -13.82 -24.33
CA ARG D 333 32.23 -14.20 -25.69
C ARG D 333 32.97 -15.56 -25.66
N PHE D 334 32.97 -16.24 -26.79
CA PHE D 334 33.67 -17.53 -26.96
C PHE D 334 34.01 -17.73 -28.44
N GLU D 335 35.19 -18.29 -28.70
CA GLU D 335 35.74 -18.52 -30.05
C GLU D 335 35.42 -19.95 -30.50
N LYS D 336 35.43 -20.91 -29.56
CA LYS D 336 35.32 -22.36 -29.85
C LYS D 336 34.21 -22.94 -29.01
N HIS D 337 34.09 -22.57 -27.72
CA HIS D 337 33.20 -23.29 -26.77
C HIS D 337 32.84 -22.41 -25.56
N LEU D 338 31.65 -22.62 -25.00
CA LEU D 338 31.27 -21.95 -23.74
C LEU D 338 30.47 -22.90 -22.89
N LYS D 339 30.86 -23.04 -21.64
CA LYS D 339 30.04 -23.76 -20.65
C LYS D 339 29.69 -22.77 -19.53
N VAL D 340 28.40 -22.51 -19.37
CA VAL D 340 27.88 -21.60 -18.32
C VAL D 340 27.31 -22.52 -17.25
N THR D 341 27.85 -22.43 -16.05
CA THR D 341 27.46 -23.27 -14.91
C THR D 341 27.21 -22.40 -13.68
N ILE D 342 26.50 -22.98 -12.72
CA ILE D 342 26.31 -22.39 -11.37
C ILE D 342 26.32 -23.58 -10.42
N GLU D 343 27.05 -23.49 -9.32
CA GLU D 343 27.00 -24.56 -8.30
C GLU D 343 25.58 -24.60 -7.80
N HIS D 344 25.01 -25.80 -7.58
CA HIS D 344 23.62 -25.93 -7.07
C HIS D 344 23.66 -26.04 -5.55
N GLY D 345 23.59 -24.88 -4.89
CA GLY D 345 24.09 -24.70 -3.53
C GLY D 345 25.59 -24.63 -3.55
N HIS D 346 26.19 -24.27 -2.43
CA HIS D 346 27.68 -24.24 -2.33
C HIS D 346 28.25 -25.64 -2.65
N ALA D 347 29.24 -25.71 -3.53
CA ALA D 347 29.90 -27.00 -3.87
C ALA D 347 28.84 -28.04 -4.23
N ASN D 348 27.73 -27.61 -4.81
CA ASN D 348 26.69 -28.51 -5.36
C ASN D 348 26.07 -29.34 -4.21
N GLN D 349 25.94 -28.73 -3.02
CA GLN D 349 25.35 -29.33 -1.80
C GLN D 349 23.90 -29.79 -2.05
N LEU D 350 23.12 -29.01 -2.79
CA LEU D 350 21.63 -29.10 -2.69
C LEU D 350 21.05 -29.94 -3.83
N SER D 351 19.80 -30.37 -3.64
CA SER D 351 19.05 -31.29 -4.55
C SER D 351 17.73 -30.63 -4.94
N ASP D 352 17.77 -29.33 -5.22
CA ASP D 352 16.55 -28.55 -5.47
C ASP D 352 16.14 -28.81 -6.91
N ASP D 353 15.03 -28.19 -7.33
CA ASP D 353 14.51 -28.28 -8.71
C ASP D 353 14.93 -27.03 -9.48
N TRP D 354 15.91 -27.16 -10.37
CA TRP D 354 16.44 -26.04 -11.19
C TRP D 354 16.03 -26.21 -12.63
N SER D 355 15.61 -25.12 -13.26
CA SER D 355 15.36 -25.11 -14.70
C SER D 355 15.78 -23.74 -15.21
N SER D 356 16.16 -23.66 -16.47
CA SER D 356 16.76 -22.43 -17.00
C SER D 356 16.51 -22.32 -18.49
N THR D 357 16.51 -21.08 -18.96
CA THR D 357 16.60 -20.76 -20.39
C THR D 357 17.91 -20.03 -20.58
N ALA D 358 18.79 -20.54 -21.45
CA ALA D 358 20.02 -19.85 -21.88
C ALA D 358 19.74 -19.15 -23.22
N TYR D 359 20.27 -17.95 -23.38
CA TYR D 359 20.18 -17.17 -24.64
C TYR D 359 21.61 -16.87 -25.06
N TRP D 360 21.89 -17.09 -26.35
CA TRP D 360 23.18 -16.70 -26.93
C TRP D 360 23.02 -16.37 -28.41
N TYR D 361 24.04 -15.72 -28.94
CA TYR D 361 24.20 -15.49 -30.40
C TYR D 361 25.39 -16.31 -30.89
N GLN D 362 25.34 -16.90 -32.09
CA GLN D 362 26.55 -17.55 -32.69
C GLN D 362 26.48 -17.52 -34.21
N ILE D 363 27.64 -17.53 -34.86
CA ILE D 363 27.70 -17.70 -36.33
C ILE D 363 27.18 -19.10 -36.61
N LEU D 364 26.57 -19.28 -37.76
CA LEU D 364 26.12 -20.61 -38.21
C LEU D 364 27.37 -21.36 -38.66
N PRO D 365 27.38 -22.71 -38.66
CA PRO D 365 26.20 -23.49 -38.25
C PRO D 365 26.00 -23.71 -36.75
N THR D 366 24.76 -24.04 -36.36
CA THR D 366 24.41 -24.69 -35.07
C THR D 366 24.96 -26.12 -35.09
N ALA D 367 26.01 -26.40 -34.33
CA ALA D 367 26.82 -27.63 -34.45
C ALA D 367 26.01 -28.80 -33.88
N SER D 368 25.34 -28.56 -32.76
CA SER D 368 24.63 -29.61 -31.98
C SER D 368 23.12 -29.38 -32.08
N ARG D 369 22.38 -30.50 -32.11
CA ARG D 369 20.91 -30.45 -32.07
C ARG D 369 20.57 -29.81 -30.73
N ILE D 370 19.66 -28.85 -30.73
CA ILE D 370 19.12 -28.34 -29.45
C ILE D 370 17.97 -29.26 -29.13
N THR D 371 18.04 -29.95 -28.00
CA THR D 371 17.01 -30.92 -27.62
C THR D 371 16.21 -30.36 -26.44
N ILE D 372 15.08 -31.01 -26.13
CA ILE D 372 14.32 -30.62 -24.92
C ILE D 372 13.80 -31.82 -24.19
N ALA D 373 13.77 -31.72 -22.86
CA ALA D 373 13.25 -32.79 -22.01
C ALA D 373 11.80 -33.01 -22.43
N PRO D 374 11.28 -34.25 -22.41
CA PRO D 374 9.88 -34.50 -22.75
C PRO D 374 8.89 -33.85 -21.75
N VAL D 375 7.62 -33.76 -22.15
CA VAL D 375 6.64 -32.89 -21.44
C VAL D 375 6.50 -33.38 -20.00
N GLU D 376 6.51 -34.68 -19.77
CA GLU D 376 6.38 -35.22 -18.37
C GLU D 376 7.53 -34.71 -17.48
N ASP D 377 8.64 -34.23 -18.04
CA ASP D 377 9.80 -33.77 -17.24
C ASP D 377 9.81 -32.24 -17.14
N ARG D 378 8.76 -31.56 -17.60
CA ARG D 378 8.74 -30.09 -17.78
C ARG D 378 7.73 -29.47 -16.81
N LEU D 379 7.04 -30.28 -16.00
CA LEU D 379 5.89 -29.79 -15.22
C LEU D 379 6.38 -29.30 -13.86
N PRO D 380 5.89 -28.15 -13.34
CA PRO D 380 6.23 -27.72 -11.99
C PRO D 380 5.99 -28.84 -10.98
N VAL D 381 6.78 -28.84 -9.92
CA VAL D 381 6.60 -29.69 -8.70
C VAL D 381 5.63 -28.93 -7.79
N VAL D 382 4.43 -29.47 -7.57
CA VAL D 382 3.41 -28.81 -6.72
C VAL D 382 3.00 -29.84 -5.67
N PRO D 383 2.69 -29.40 -4.43
CA PRO D 383 2.16 -30.31 -3.42
C PRO D 383 0.79 -30.78 -3.94
N GLN D 384 0.38 -31.98 -3.57
CA GLN D 384 -0.95 -32.57 -3.96
C GLN D 384 -1.77 -32.84 -2.70
N LEU D 385 -3.05 -32.47 -2.74
CA LEU D 385 -4.03 -32.86 -1.70
C LEU D 385 -4.12 -34.38 -1.66
N PRO D 386 -4.22 -35.02 -0.47
CA PRO D 386 -4.41 -36.46 -0.42
C PRO D 386 -5.76 -36.76 -1.12
N GLU D 387 -5.91 -37.92 -1.75
CA GLU D 387 -7.16 -38.20 -2.51
C GLU D 387 -8.27 -38.40 -1.47
N ARG D 388 -9.36 -37.67 -1.64
CA ARG D 388 -10.48 -37.64 -0.66
C ARG D 388 -11.57 -38.47 -1.30
N LYS D 389 -11.61 -39.74 -0.94
CA LYS D 389 -12.50 -40.74 -1.58
C LYS D 389 -13.89 -40.44 -1.01
N LEU D 390 -14.60 -39.52 -1.64
CA LEU D 390 -15.94 -39.06 -1.21
C LEU D 390 -16.95 -40.20 -1.44
N VAL D 391 -17.84 -40.42 -0.48
CA VAL D 391 -18.99 -41.35 -0.62
C VAL D 391 -20.24 -40.48 -0.60
N LEU D 392 -21.13 -40.65 -1.57
CA LEU D 392 -22.40 -39.90 -1.60
C LEU D 392 -23.24 -40.42 -0.47
N PRO D 393 -23.93 -39.53 0.27
CA PRO D 393 -24.86 -39.98 1.30
C PRO D 393 -26.07 -40.60 0.58
N GLN D 394 -26.98 -41.20 1.34
CA GLN D 394 -28.33 -41.59 0.81
C GLN D 394 -28.99 -40.37 0.16
N LEU D 395 -29.41 -40.47 -1.09
CA LEU D 395 -29.98 -39.33 -1.86
C LEU D 395 -31.51 -39.30 -1.77
N THR D 396 -32.10 -38.12 -1.56
CA THR D 396 -33.55 -37.89 -1.83
C THR D 396 -33.79 -38.08 -3.34
N GLU D 397 -35.03 -38.29 -3.76
CA GLU D 397 -35.42 -38.38 -5.19
C GLU D 397 -35.08 -37.08 -5.91
N GLU D 398 -35.35 -35.97 -5.23
CA GLU D 398 -35.04 -34.60 -5.72
C GLU D 398 -33.54 -34.45 -5.95
N GLN D 399 -32.72 -34.95 -5.02
CA GLN D 399 -31.23 -34.83 -5.16
C GLN D 399 -30.78 -35.70 -6.31
N GLN D 400 -31.34 -36.91 -6.44
CA GLN D 400 -31.00 -37.81 -7.56
C GLN D 400 -31.40 -37.14 -8.88
N ALA D 401 -32.56 -36.50 -8.95
CA ALA D 401 -33.09 -35.90 -10.21
C ALA D 401 -32.25 -34.69 -10.58
N ALA D 402 -31.75 -33.97 -9.58
CA ALA D 402 -30.84 -32.81 -9.77
C ALA D 402 -29.55 -33.34 -10.41
N ARG D 403 -29.00 -34.42 -9.84
CA ARG D 403 -27.72 -35.01 -10.31
C ARG D 403 -27.92 -35.49 -11.75
N ASP D 404 -29.03 -36.18 -12.03
CA ASP D 404 -29.30 -36.73 -13.37
C ASP D 404 -29.46 -35.60 -14.39
N THR D 405 -30.27 -34.59 -14.06
CA THR D 405 -30.54 -33.39 -14.91
C THR D 405 -29.21 -32.73 -15.25
N TYR D 406 -28.33 -32.58 -14.26
CA TYR D 406 -27.02 -31.91 -14.46
C TYR D 406 -26.15 -32.77 -15.37
N GLN D 407 -26.03 -34.07 -15.06
CA GLN D 407 -25.26 -35.03 -15.91
C GLN D 407 -25.73 -34.93 -17.36
N LYS D 408 -27.04 -34.89 -17.57
CA LYS D 408 -27.67 -34.84 -18.92
C LYS D 408 -27.28 -33.53 -19.63
N ARG D 409 -27.31 -32.39 -18.94
CA ARG D 409 -26.90 -31.10 -19.56
C ARG D 409 -25.45 -31.19 -20.03
N TRP D 410 -24.61 -31.74 -19.17
CA TRP D 410 -23.14 -31.92 -19.42
C TRP D 410 -22.91 -32.81 -20.64
N LYS D 411 -23.63 -33.94 -20.72
CA LYS D 411 -23.53 -34.90 -21.86
C LYS D 411 -23.86 -34.15 -23.16
N ASP D 412 -24.90 -33.31 -23.23
CA ASP D 412 -25.22 -32.49 -24.44
C ASP D 412 -24.22 -31.34 -24.65
N TYR D 413 -23.74 -30.69 -23.59
CA TYR D 413 -23.02 -29.40 -23.75
C TYR D 413 -21.56 -29.63 -24.16
N GLU D 414 -20.87 -30.54 -23.49
CA GLU D 414 -19.41 -30.74 -23.74
C GLU D 414 -19.14 -30.94 -25.23
N PRO D 415 -19.88 -31.80 -25.97
CA PRO D 415 -19.60 -32.07 -27.39
C PRO D 415 -19.82 -30.83 -28.25
N ARG D 416 -20.73 -29.96 -27.85
CA ARG D 416 -20.97 -28.68 -28.56
C ARG D 416 -19.75 -27.75 -28.41
N ARG D 417 -19.06 -27.78 -27.26
CA ARG D 417 -17.84 -26.95 -27.05
C ARG D 417 -16.71 -27.58 -27.87
N ASP D 418 -16.58 -28.91 -27.84
CA ASP D 418 -15.58 -29.64 -28.67
C ASP D 418 -15.70 -29.15 -30.12
N THR D 419 -16.89 -29.15 -30.72
CA THR D 419 -17.13 -28.76 -32.14
C THR D 419 -16.57 -27.36 -32.36
N GLN D 420 -16.81 -26.44 -31.42
CA GLN D 420 -16.38 -25.04 -31.57
C GLN D 420 -14.84 -24.94 -31.51
N PHE D 421 -14.19 -25.72 -30.65
CA PHE D 421 -12.70 -25.81 -30.63
C PHE D 421 -12.21 -26.33 -31.99
N ARG D 422 -12.82 -27.38 -32.55
CA ARG D 422 -12.32 -27.99 -33.84
C ARG D 422 -12.39 -26.94 -34.95
N ILE D 423 -13.42 -26.12 -34.95
CA ILE D 423 -13.61 -25.06 -35.98
C ILE D 423 -12.48 -24.04 -35.85
N LYS D 424 -12.10 -23.68 -34.63
CA LYS D 424 -11.09 -22.61 -34.44
C LYS D 424 -9.72 -23.18 -34.82
N GLU D 425 -9.47 -24.43 -34.49
CA GLU D 425 -8.21 -25.15 -34.84
C GLU D 425 -8.06 -25.17 -36.36
N ASP D 426 -9.12 -25.49 -37.10
CA ASP D 426 -9.12 -25.44 -38.59
C ASP D 426 -8.75 -24.03 -39.07
N LYS D 427 -9.21 -22.99 -38.39
CA LYS D 427 -8.85 -21.60 -38.76
C LYS D 427 -7.35 -21.40 -38.56
N ALA D 428 -6.76 -21.92 -37.49
CA ALA D 428 -5.32 -21.74 -37.20
C ALA D 428 -4.48 -22.39 -38.31
N ARG D 429 -4.85 -23.60 -38.70
CA ARG D 429 -4.09 -24.40 -39.71
C ARG D 429 -4.16 -23.67 -41.06
N ARG D 430 -5.30 -23.06 -41.35
CA ARG D 430 -5.58 -22.31 -42.60
C ARG D 430 -4.77 -21.02 -42.61
N GLU D 431 -4.75 -20.31 -41.47
CA GLU D 431 -4.01 -19.04 -41.32
C GLU D 431 -2.48 -19.30 -41.25
N SER D 432 -2.02 -20.41 -40.69
CA SER D 432 -0.60 -20.82 -40.82
C SER D 432 -0.16 -20.75 -42.29
N LYS D 433 -0.86 -21.46 -43.20
CA LYS D 433 -0.52 -21.45 -44.66
C LYS D 433 -0.58 -20.02 -45.22
N LEU D 434 -1.61 -19.23 -44.89
CA LEU D 434 -1.80 -17.85 -45.44
C LEU D 434 -0.67 -16.94 -44.98
N ASN D 435 -0.21 -17.07 -43.73
CA ASN D 435 0.89 -16.21 -43.19
C ASN D 435 2.16 -16.39 -44.04
N THR D 436 2.52 -17.65 -44.31
CA THR D 436 3.75 -18.00 -45.09
C THR D 436 3.55 -17.47 -46.53
N GLU D 437 2.38 -17.65 -47.14
CA GLU D 437 2.11 -17.25 -48.55
C GLU D 437 2.24 -15.73 -48.65
N PHE D 438 1.66 -14.99 -47.69
CA PHE D 438 1.69 -13.52 -47.69
C PHE D 438 3.13 -13.01 -47.52
N ALA D 439 3.89 -13.61 -46.60
CA ALA D 439 5.31 -13.25 -46.37
C ALA D 439 6.12 -13.46 -47.66
N LYS D 440 5.80 -14.46 -48.46
CA LYS D 440 6.54 -14.76 -49.72
C LYS D 440 6.18 -13.70 -50.75
N LYS D 441 4.89 -13.34 -50.86
CA LYS D 441 4.42 -12.27 -51.78
C LYS D 441 5.18 -10.99 -51.47
N LEU D 442 5.30 -10.68 -50.18
CA LEU D 442 5.93 -9.43 -49.70
C LEU D 442 7.43 -9.47 -50.04
N ARG D 443 8.08 -10.59 -49.71
CA ARG D 443 9.50 -10.83 -50.09
C ARG D 443 9.63 -10.51 -51.59
N ASP D 444 8.81 -11.14 -52.43
CA ASP D 444 9.03 -11.10 -53.92
C ASP D 444 8.80 -9.68 -54.42
N ALA D 445 7.71 -9.04 -53.99
CA ALA D 445 7.38 -7.65 -54.39
C ALA D 445 8.48 -6.68 -53.93
N PHE D 446 9.01 -6.85 -52.71
CA PHE D 446 10.16 -6.04 -52.22
C PHE D 446 11.35 -6.23 -53.16
N ASP D 447 11.77 -7.47 -53.40
CA ASP D 447 12.98 -7.76 -54.21
C ASP D 447 12.75 -7.27 -55.64
N ALA D 448 11.54 -7.42 -56.19
CA ALA D 448 11.15 -6.92 -57.54
C ALA D 448 11.57 -5.45 -57.69
N GLU D 449 11.22 -4.59 -56.73
CA GLU D 449 11.82 -3.23 -56.60
C GLU D 449 13.30 -3.35 -56.16
N GLU E 3 21.33 -3.43 -43.27
CA GLU E 3 21.85 -4.33 -42.18
C GLU E 3 21.34 -3.86 -40.80
N ILE E 4 21.81 -4.46 -39.69
CA ILE E 4 21.08 -4.43 -38.39
C ILE E 4 21.36 -3.10 -37.69
N THR E 5 20.33 -2.41 -37.21
CA THR E 5 20.45 -1.11 -36.49
C THR E 5 19.72 -1.13 -35.13
N GLY E 6 19.85 -0.03 -34.37
CA GLY E 6 19.26 0.10 -33.03
C GLY E 6 20.20 -0.38 -31.94
N LEU E 7 19.82 -0.20 -30.68
CA LEU E 7 20.72 -0.32 -29.51
C LEU E 7 21.15 -1.79 -29.30
N PHE E 8 20.46 -2.77 -29.89
CA PHE E 8 20.80 -4.19 -29.67
C PHE E 8 21.77 -4.70 -30.75
N LYS E 9 22.17 -3.86 -31.71
CA LYS E 9 22.73 -4.36 -33.00
C LYS E 9 24.07 -5.06 -32.77
N ASP E 10 24.84 -4.68 -31.77
CA ASP E 10 26.22 -5.25 -31.59
C ASP E 10 26.10 -6.70 -31.14
N LEU E 11 24.90 -7.13 -30.73
CA LEU E 11 24.68 -8.54 -30.34
C LEU E 11 24.72 -9.43 -31.60
N THR E 12 24.54 -8.88 -32.81
CA THR E 12 24.39 -9.66 -34.06
C THR E 12 25.75 -9.85 -34.76
N LYS E 13 26.85 -9.48 -34.11
CA LYS E 13 28.19 -9.59 -34.74
C LYS E 13 29.21 -10.01 -33.69
N VAL E 14 30.06 -10.97 -34.04
CA VAL E 14 31.03 -11.57 -33.11
C VAL E 14 32.16 -10.56 -32.95
N LYS E 15 32.79 -10.60 -31.79
CA LYS E 15 33.99 -9.80 -31.51
C LYS E 15 35.04 -10.75 -30.95
N HIS E 16 36.28 -10.65 -31.45
CA HIS E 16 37.38 -11.56 -31.08
C HIS E 16 38.06 -10.93 -29.85
N ALA E 17 37.35 -10.97 -28.73
CA ALA E 17 37.80 -10.42 -27.44
C ALA E 17 37.58 -11.48 -26.37
N ARG E 18 38.42 -11.46 -25.34
CA ARG E 18 38.45 -12.55 -24.34
C ARG E 18 37.93 -11.98 -23.01
N ASN E 19 36.91 -12.60 -22.45
CA ASN E 19 36.36 -12.18 -21.14
C ASN E 19 37.40 -12.47 -20.06
N GLY E 20 37.46 -11.59 -19.08
CA GLY E 20 38.02 -11.91 -17.76
C GLY E 20 37.16 -11.36 -16.66
N ARG E 21 37.38 -11.79 -15.42
CA ARG E 21 36.67 -11.23 -14.25
C ARG E 21 37.58 -11.18 -13.02
N LEU E 22 37.64 -10.02 -12.36
CA LEU E 22 38.20 -9.88 -11.00
C LEU E 22 37.07 -10.13 -10.02
N ALA E 23 37.21 -11.10 -9.13
CA ALA E 23 36.13 -11.40 -8.18
C ALA E 23 36.73 -11.78 -6.83
N SER E 24 35.90 -11.69 -5.80
CA SER E 24 36.22 -12.05 -4.39
C SER E 24 36.01 -13.54 -4.17
N TRP E 25 35.98 -14.31 -5.26
CA TRP E 25 35.73 -15.77 -5.18
C TRP E 25 36.73 -16.42 -4.21
N ASP E 26 36.26 -17.43 -3.51
CA ASP E 26 37.04 -18.11 -2.46
C ASP E 26 38.07 -18.99 -3.16
N GLN E 27 39.35 -18.61 -3.12
CA GLN E 27 40.42 -19.31 -3.88
C GLN E 27 40.89 -20.54 -3.11
N ARG E 28 40.27 -20.83 -1.98
CA ARG E 28 40.34 -22.19 -1.36
C ARG E 28 39.28 -23.12 -1.98
N GLY E 29 38.43 -22.61 -2.87
CA GLY E 29 37.27 -23.35 -3.40
C GLY E 29 36.11 -23.53 -2.42
N LYS E 30 36.10 -22.83 -1.30
CA LYS E 30 35.06 -22.97 -0.26
C LYS E 30 34.03 -21.85 -0.40
N ASN E 31 33.29 -21.53 0.66
CA ASN E 31 32.11 -20.63 0.49
C ASN E 31 32.33 -19.29 1.20
N GLN E 32 33.58 -18.84 1.27
CA GLN E 32 33.91 -17.45 1.73
C GLN E 32 34.29 -16.65 0.48
N ASP E 33 33.30 -16.37 -0.37
CA ASP E 33 33.49 -15.73 -1.70
C ASP E 33 33.49 -14.22 -1.53
N TYR E 34 34.10 -13.77 -0.43
CA TYR E 34 34.26 -12.34 -0.09
C TYR E 34 35.67 -12.12 0.50
N TRP E 35 36.09 -10.85 0.53
CA TRP E 35 37.32 -10.34 1.18
C TRP E 35 36.97 -9.55 2.43
N GLU E 36 37.63 -9.88 3.54
CA GLU E 36 37.69 -9.00 4.73
C GLU E 36 38.74 -7.93 4.45
N ILE E 37 38.31 -6.73 4.04
CA ILE E 37 39.22 -5.61 3.70
C ILE E 37 39.75 -5.09 5.03
N PRO E 38 41.08 -5.11 5.30
CA PRO E 38 41.59 -4.70 6.61
C PRO E 38 41.34 -3.23 6.95
N ALA E 39 41.21 -2.93 8.24
CA ALA E 39 41.18 -1.54 8.77
C ALA E 39 42.42 -0.80 8.32
N GLY E 40 42.26 0.44 7.89
CA GLY E 40 43.37 1.40 7.70
C GLY E 40 44.35 0.90 6.67
N GLU E 41 43.91 0.08 5.69
CA GLU E 41 44.82 -0.39 4.60
C GLU E 41 44.15 -0.17 3.25
N SER E 42 44.96 -0.13 2.20
CA SER E 42 44.51 -0.22 0.79
C SER E 42 44.63 -1.64 0.29
N ILE E 43 43.69 -2.11 -0.54
CA ILE E 43 43.77 -3.46 -1.16
C ILE E 43 43.42 -3.38 -2.65
N THR E 44 44.16 -4.12 -3.45
CA THR E 44 44.05 -4.10 -4.92
C THR E 44 43.07 -5.21 -5.27
N LEU E 45 41.90 -4.84 -5.80
CA LEU E 45 40.90 -5.83 -6.26
C LEU E 45 41.50 -6.55 -7.47
N GLY E 46 42.26 -5.82 -8.28
CA GLY E 46 43.15 -6.45 -9.25
C GLY E 46 43.75 -5.43 -10.19
N GLU E 47 44.81 -5.85 -10.87
CA GLU E 47 45.43 -5.08 -11.99
C GLU E 47 45.26 -5.90 -13.25
N ILE E 48 44.89 -5.24 -14.34
CA ILE E 48 44.63 -5.91 -15.64
C ILE E 48 45.49 -5.17 -16.65
N GLU E 49 46.24 -5.93 -17.47
CA GLU E 49 46.97 -5.34 -18.61
C GLU E 49 46.01 -5.13 -19.78
N GLY E 50 46.06 -3.93 -20.32
CA GLY E 50 45.34 -3.57 -21.54
C GLY E 50 45.98 -4.24 -22.75
N PRO E 51 45.39 -4.05 -23.96
CA PRO E 51 44.18 -3.22 -24.11
C PRO E 51 42.94 -4.01 -23.67
N GLY E 52 41.96 -3.30 -23.10
CA GLY E 52 40.72 -3.95 -22.65
C GLY E 52 39.68 -2.92 -22.24
N CYS E 53 38.57 -3.40 -21.71
CA CYS E 53 37.48 -2.52 -21.20
C CYS E 53 36.75 -3.19 -20.04
N ILE E 54 36.55 -2.45 -18.94
CA ILE E 54 35.63 -2.84 -17.84
C ILE E 54 34.21 -2.70 -18.41
N THR E 55 33.41 -3.75 -18.33
CA THR E 55 32.03 -3.77 -18.86
C THR E 55 30.97 -3.78 -17.76
N HIS E 56 31.32 -4.21 -16.57
CA HIS E 56 30.30 -4.41 -15.52
C HIS E 56 31.00 -4.59 -14.18
N MET E 57 30.42 -4.00 -13.16
CA MET E 57 30.87 -4.19 -11.77
C MET E 57 29.62 -4.47 -10.96
N TRP E 58 29.72 -5.44 -10.07
CA TRP E 58 28.71 -5.71 -9.05
C TRP E 58 29.47 -5.80 -7.74
N MET E 59 28.94 -5.23 -6.68
CA MET E 59 29.54 -5.44 -5.34
C MET E 59 28.44 -5.55 -4.30
N THR E 60 28.76 -6.13 -3.16
CA THR E 60 27.99 -5.90 -1.93
C THR E 60 28.96 -5.92 -0.77
N SER E 61 28.49 -5.50 0.37
CA SER E 61 29.39 -5.23 1.52
C SER E 61 28.63 -5.34 2.84
N SER E 62 29.40 -5.55 3.90
CA SER E 62 28.90 -5.49 5.29
C SER E 62 30.02 -4.95 6.19
N CYS E 63 29.70 -4.09 7.13
CA CYS E 63 30.67 -3.65 8.17
C CYS E 63 29.95 -3.73 9.50
N ARG E 64 30.25 -4.76 10.28
CA ARG E 64 29.71 -4.92 11.64
C ARG E 64 30.82 -4.67 12.68
N LYS E 65 30.41 -4.15 13.83
CA LYS E 65 31.25 -3.98 15.04
C LYS E 65 30.74 -4.94 16.12
N VAL E 66 31.60 -5.81 16.62
CA VAL E 66 31.28 -6.73 17.74
C VAL E 66 31.11 -5.89 18.99
N VAL E 67 29.91 -5.82 19.58
CA VAL E 67 29.70 -4.88 20.72
C VAL E 67 29.30 -5.66 21.98
N ALA E 68 29.13 -6.97 21.90
CA ALA E 68 28.70 -7.78 23.06
C ALA E 68 29.20 -9.20 22.92
N PRO E 69 29.33 -9.92 24.05
CA PRO E 69 29.72 -11.33 24.00
C PRO E 69 28.64 -12.16 23.30
N SER E 70 29.02 -13.22 22.60
CA SER E 70 28.06 -14.15 21.96
C SER E 70 28.21 -15.53 22.57
N ILE E 71 27.10 -16.26 22.65
CA ILE E 71 27.10 -17.71 22.99
C ILE E 71 27.28 -18.57 21.72
N LEU E 72 27.48 -17.99 20.53
CA LEU E 72 27.86 -18.74 19.29
C LEU E 72 29.39 -18.98 19.35
N ASP E 73 29.83 -20.24 19.27
CA ASP E 73 31.29 -20.59 19.20
C ASP E 73 31.93 -19.69 18.15
N PRO E 74 32.89 -18.80 18.49
CA PRO E 74 33.40 -17.83 17.53
C PRO E 74 34.24 -18.46 16.41
N GLU E 75 34.89 -19.59 16.70
CA GLU E 75 35.75 -20.27 15.69
C GLU E 75 34.83 -20.92 14.65
N LEU E 76 33.82 -21.68 15.08
CA LEU E 76 32.85 -22.28 14.12
C LEU E 76 32.04 -21.18 13.44
N ASN E 77 31.71 -20.12 14.18
CA ASN E 77 30.84 -19.03 13.67
C ASN E 77 31.52 -18.47 12.42
N ALA E 78 32.86 -18.46 12.40
CA ALA E 78 33.65 -17.84 11.30
C ALA E 78 33.35 -18.54 9.97
N SER E 79 32.99 -19.82 10.01
CA SER E 79 32.75 -20.68 8.84
C SER E 79 31.25 -20.80 8.52
N ALA E 80 30.36 -20.21 9.33
CA ALA E 80 28.91 -20.14 9.04
C ALA E 80 28.68 -18.99 8.06
N ALA E 81 27.46 -18.44 7.95
CA ALA E 81 27.24 -17.28 7.03
C ALA E 81 28.17 -16.17 7.52
N PRO E 82 28.64 -15.25 6.65
CA PRO E 82 29.61 -14.24 7.05
C PRO E 82 29.04 -13.08 7.87
N VAL E 83 27.71 -12.92 7.87
CA VAL E 83 27.05 -11.79 8.59
C VAL E 83 25.93 -12.32 9.47
N MET E 84 26.07 -12.11 10.78
CA MET E 84 25.08 -12.57 11.79
C MET E 84 23.95 -11.53 11.92
N GLU E 85 23.02 -11.63 10.97
CA GLU E 85 21.73 -10.92 10.94
C GLU E 85 20.78 -11.53 11.97
N ILE E 86 21.08 -11.30 13.25
CA ILE E 86 20.35 -11.84 14.41
C ILE E 86 19.98 -10.61 15.27
N HIS E 87 18.73 -10.53 15.67
CA HIS E 87 18.18 -9.36 16.41
C HIS E 87 18.84 -9.33 17.78
N PRO E 88 19.42 -8.18 18.16
CA PRO E 88 20.03 -8.03 19.47
C PRO E 88 19.14 -8.42 20.65
N ALA E 89 17.81 -8.37 20.50
CA ALA E 89 16.87 -8.69 21.59
C ALA E 89 16.92 -10.19 21.92
N LEU E 90 17.54 -11.04 21.11
CA LEU E 90 17.59 -12.49 21.44
C LEU E 90 18.62 -12.77 22.53
N GLY E 91 19.60 -11.87 22.70
CA GLY E 91 20.60 -11.94 23.78
C GLY E 91 21.71 -12.98 23.54
N VAL E 92 22.03 -13.31 22.30
CA VAL E 92 22.94 -14.44 21.97
C VAL E 92 24.14 -13.95 21.18
N ILE E 93 24.05 -12.74 20.63
CA ILE E 93 25.10 -12.10 19.79
C ILE E 93 24.75 -10.63 19.59
N TRP E 94 25.75 -9.80 19.33
CA TRP E 94 25.53 -8.40 18.93
C TRP E 94 26.71 -7.92 18.10
N ASP E 95 26.51 -8.01 16.79
CA ASP E 95 27.35 -7.39 15.75
C ASP E 95 26.57 -6.20 15.21
N ALA E 96 26.93 -4.99 15.65
CA ALA E 96 26.18 -3.74 15.40
C ALA E 96 26.57 -3.25 14.00
N TYR E 97 25.69 -2.53 13.34
CA TYR E 97 25.97 -1.95 12.00
C TYR E 97 26.93 -0.76 12.15
N ASP E 98 27.99 -0.71 11.34
CA ASP E 98 28.85 0.47 11.23
C ASP E 98 28.18 1.44 10.28
N PRO E 99 27.76 2.64 10.75
CA PRO E 99 26.91 3.51 9.94
C PRO E 99 27.58 4.18 8.74
N PHE E 100 28.85 4.55 8.85
CA PHE E 100 29.46 5.47 7.85
C PHE E 100 30.53 4.75 7.04
N TYR E 101 30.60 3.42 7.04
CA TYR E 101 31.70 2.67 6.36
C TYR E 101 31.71 3.01 4.85
N TYR E 102 30.54 3.33 4.27
CA TYR E 102 30.43 3.70 2.84
C TYR E 102 31.18 4.99 2.56
N ARG E 103 31.36 5.88 3.53
CA ARG E 103 32.14 7.14 3.34
C ARG E 103 33.57 6.92 3.80
N LYS E 104 33.83 5.97 4.71
CA LYS E 104 35.18 5.73 5.24
C LYS E 104 36.04 4.95 4.24
N ALA E 105 35.43 4.23 3.26
CA ALA E 105 36.18 3.45 2.27
C ALA E 105 36.08 4.18 0.94
N LEU E 106 37.15 4.14 0.15
CA LEU E 106 37.20 4.74 -1.21
C LEU E 106 37.35 3.61 -2.22
N ILE E 107 36.90 3.86 -3.44
CA ILE E 107 37.27 3.04 -4.61
C ILE E 107 38.20 3.93 -5.44
N LYS E 108 39.32 3.37 -5.85
CA LYS E 108 40.40 4.13 -6.51
C LYS E 108 40.78 3.34 -7.77
N ILE E 109 40.73 3.99 -8.94
CA ILE E 109 41.08 3.34 -10.21
C ILE E 109 42.12 4.19 -10.95
N THR E 110 43.24 3.56 -11.28
CA THR E 110 44.37 4.20 -12.01
C THR E 110 44.46 3.56 -13.40
N TRP E 111 44.50 4.38 -14.45
CA TRP E 111 44.67 3.88 -15.83
C TRP E 111 46.13 4.02 -16.28
N ASP E 112 46.60 3.02 -17.03
CA ASP E 112 47.80 3.08 -17.90
C ASP E 112 49.00 3.54 -17.05
N ASP E 113 49.04 3.15 -15.77
CA ASP E 113 50.17 3.42 -14.83
C ASP E 113 50.43 4.93 -14.72
N GLN E 114 49.38 5.74 -14.77
CA GLN E 114 49.50 7.20 -14.49
C GLN E 114 49.89 7.39 -13.03
N ASP E 115 50.44 8.57 -12.74
CA ASP E 115 50.85 9.08 -11.39
C ASP E 115 49.63 9.44 -10.51
N THR E 116 48.46 9.68 -11.11
CA THR E 116 47.22 10.13 -10.42
C THR E 116 46.13 9.09 -10.71
N PRO E 117 45.21 8.82 -9.75
CA PRO E 117 43.99 8.07 -10.08
C PRO E 117 43.10 8.89 -11.02
N SER E 118 42.28 8.19 -11.80
CA SER E 118 41.21 8.76 -12.64
C SER E 118 39.85 8.61 -11.93
N VAL E 119 39.74 7.68 -10.98
CA VAL E 119 38.57 7.49 -10.08
C VAL E 119 39.10 7.50 -8.65
N LEU E 120 38.64 8.45 -7.84
CA LEU E 120 38.87 8.52 -6.37
C LEU E 120 37.59 9.06 -5.72
N VAL E 121 36.77 8.17 -5.20
CA VAL E 121 35.38 8.46 -4.77
C VAL E 121 35.12 7.59 -3.57
N PRO E 122 34.38 8.05 -2.54
CA PRO E 122 33.98 7.14 -1.48
C PRO E 122 33.18 5.99 -2.11
N PHE E 123 33.28 4.84 -1.49
CA PHE E 123 32.78 3.54 -1.98
C PHE E 123 31.28 3.62 -2.22
N GLY E 124 30.55 4.15 -1.24
CA GLY E 124 29.11 4.43 -1.34
C GLY E 124 28.78 5.32 -2.55
N ASP E 125 29.36 6.51 -2.59
CA ASP E 125 28.98 7.59 -3.52
C ASP E 125 29.27 7.15 -4.95
N PHE E 126 30.40 6.49 -5.19
CA PHE E 126 30.71 5.94 -6.51
C PHE E 126 29.50 5.14 -7.01
N PHE E 127 28.97 4.25 -6.17
CA PHE E 127 27.83 3.36 -6.48
C PHE E 127 26.49 4.02 -6.14
N CYS E 128 26.42 5.35 -6.06
CA CYS E 128 25.13 6.08 -5.91
C CYS E 128 24.46 5.67 -4.60
N ILE E 129 25.27 5.42 -3.58
CA ILE E 129 24.87 5.49 -2.16
C ILE E 129 25.39 6.84 -1.64
N GLY E 130 24.47 7.77 -1.43
CA GLY E 130 24.77 9.09 -0.87
C GLY E 130 24.70 9.03 0.63
N ASN E 131 25.48 9.84 1.31
CA ASN E 131 25.34 10.07 2.77
C ASN E 131 25.51 8.75 3.54
N SER E 132 26.26 7.78 3.00
CA SER E 132 26.36 6.43 3.60
C SER E 132 24.97 5.88 3.94
N TYR E 133 23.97 6.15 3.10
CA TYR E 133 22.52 5.87 3.37
C TYR E 133 21.84 5.34 2.10
N PRO E 134 21.86 4.01 1.90
CA PRO E 134 21.36 3.42 0.67
C PRO E 134 19.88 3.74 0.45
N GLY E 135 19.56 3.96 -0.83
CA GLY E 135 18.20 3.94 -1.39
C GLY E 135 18.09 2.96 -2.55
N ASN E 136 16.95 2.30 -2.62
CA ASN E 136 16.66 1.30 -3.68
C ASN E 136 16.34 2.08 -4.96
N PHE E 137 17.02 1.78 -6.07
CA PHE E 137 16.66 2.39 -7.38
C PHE E 137 17.38 1.73 -8.54
N SER E 138 16.86 2.02 -9.74
CA SER E 138 17.45 1.58 -11.01
C SER E 138 17.59 2.80 -11.92
N SER E 139 18.67 2.81 -12.65
CA SER E 139 18.92 3.73 -13.78
C SER E 139 19.71 2.92 -14.81
N LEU E 140 19.95 3.48 -15.99
CA LEU E 140 20.58 2.71 -17.05
C LEU E 140 22.00 2.32 -16.64
N PRO E 141 22.89 3.21 -16.14
CA PRO E 141 24.27 2.82 -15.81
C PRO E 141 24.53 2.34 -14.38
N PHE E 142 23.66 2.69 -13.42
CA PHE E 142 23.84 2.34 -11.97
C PHE E 142 22.52 1.84 -11.36
N ASN E 143 22.64 0.89 -10.42
CA ASN E 143 21.47 0.22 -9.78
C ASN E 143 21.85 -0.09 -8.34
N VAL E 144 20.89 0.08 -7.44
CA VAL E 144 21.02 -0.41 -6.03
C VAL E 144 19.79 -1.26 -5.75
N SER E 145 20.03 -2.48 -5.26
CA SER E 145 18.98 -3.41 -4.83
C SER E 145 19.10 -3.58 -3.31
N LEU E 146 18.17 -2.96 -2.60
CA LEU E 146 18.17 -2.74 -1.15
C LEU E 146 16.89 -3.36 -0.60
N LYS E 147 17.02 -4.28 0.33
CA LYS E 147 15.85 -4.92 0.97
C LYS E 147 15.06 -3.89 1.77
N PRO E 148 13.70 -3.89 1.70
CA PRO E 148 12.89 -2.92 2.43
C PRO E 148 13.15 -3.01 3.93
N GLU E 149 13.48 -4.20 4.42
CA GLU E 149 13.70 -4.42 5.88
C GLU E 149 15.06 -3.84 6.30
N GLU E 150 16.00 -3.64 5.37
CA GLU E 150 17.33 -3.06 5.67
C GLU E 150 17.29 -1.54 5.39
N ALA E 151 16.33 -1.06 4.60
CA ALA E 151 16.23 0.33 4.11
C ALA E 151 15.96 1.31 5.26
N GLY E 152 16.30 2.57 5.05
CA GLY E 152 16.01 3.63 6.03
C GLY E 152 17.07 3.66 7.14
N LYS E 153 18.28 3.20 6.88
CA LYS E 153 19.33 3.33 7.91
C LYS E 153 20.71 3.50 7.27
N PHE E 154 21.57 4.20 8.01
CA PHE E 154 22.97 4.42 7.67
C PHE E 154 23.64 3.05 7.58
N GLY E 155 24.40 2.85 6.51
CA GLY E 155 25.26 1.67 6.34
C GLY E 155 24.51 0.36 6.09
N ALA E 156 23.22 0.42 5.71
CA ALA E 156 22.42 -0.72 5.22
C ALA E 156 23.15 -1.51 4.14
N PRO E 157 23.09 -2.84 4.17
CA PRO E 157 23.64 -3.66 3.10
C PRO E 157 22.76 -3.61 1.86
N CYS E 158 23.37 -3.73 0.72
CA CYS E 158 22.66 -3.65 -0.57
C CYS E 158 23.60 -4.06 -1.70
N SER E 159 23.05 -4.38 -2.88
CA SER E 159 23.86 -4.72 -4.07
C SER E 159 24.00 -3.46 -4.89
N VAL E 160 25.17 -3.23 -5.42
CA VAL E 160 25.43 -2.07 -6.31
C VAL E 160 25.90 -2.66 -7.63
N SER E 161 25.59 -1.99 -8.73
CA SER E 161 26.01 -2.46 -10.06
C SER E 161 26.26 -1.21 -10.92
N CYS E 162 27.29 -1.28 -11.74
CA CYS E 162 27.73 -0.19 -12.62
C CYS E 162 27.95 -0.74 -14.03
N TYR E 163 27.41 -0.08 -15.05
CA TYR E 163 27.48 -0.54 -16.45
C TYR E 163 28.13 0.53 -17.32
N PHE E 164 28.68 1.58 -16.72
CA PHE E 164 29.56 2.53 -17.44
C PHE E 164 30.77 1.74 -17.93
N PRO E 165 31.06 1.77 -19.24
CA PRO E 165 32.27 1.11 -19.76
C PRO E 165 33.54 1.88 -19.38
N MET E 166 34.64 1.16 -19.17
CA MET E 166 35.91 1.78 -18.73
C MET E 166 37.04 1.20 -19.58
N PRO E 167 37.30 1.81 -20.75
CA PRO E 167 38.39 1.36 -21.61
C PRO E 167 39.76 1.72 -21.03
N PHE E 168 40.75 0.89 -21.36
CA PHE E 168 42.16 1.17 -21.03
C PHE E 168 43.07 0.50 -22.06
N ASN E 169 44.01 1.25 -22.61
CA ASN E 169 44.99 0.71 -23.60
C ASN E 169 46.11 -0.09 -22.93
N LYS E 170 46.60 0.35 -21.77
CA LYS E 170 47.83 -0.25 -21.17
C LYS E 170 47.52 -0.95 -19.83
N LYS E 171 46.76 -0.31 -18.92
CA LYS E 171 46.61 -0.85 -17.54
C LYS E 171 45.32 -0.38 -16.88
N ALA E 172 44.75 -1.25 -16.04
CA ALA E 172 43.69 -0.91 -15.09
C ALA E 172 44.15 -1.44 -13.73
N LYS E 173 44.14 -0.57 -12.73
CA LYS E 173 44.42 -0.95 -11.33
C LYS E 173 43.24 -0.47 -10.50
N ILE E 174 42.55 -1.41 -9.87
CA ILE E 174 41.31 -1.13 -9.10
C ILE E 174 41.61 -1.44 -7.64
N GLU E 175 41.51 -0.43 -6.79
CA GLU E 175 41.79 -0.56 -5.33
C GLU E 175 40.61 -0.11 -4.47
N ILE E 176 40.52 -0.68 -3.27
CA ILE E 176 39.71 -0.15 -2.15
C ILE E 176 40.71 0.47 -1.15
N VAL E 177 40.47 1.72 -0.78
CA VAL E 177 41.21 2.44 0.30
C VAL E 177 40.31 2.46 1.51
N ASN E 178 40.59 1.62 2.50
CA ASN E 178 39.76 1.57 3.73
C ASN E 178 40.34 2.45 4.84
N ASP E 179 39.84 3.68 4.99
CA ASP E 179 40.22 4.63 6.09
C ASP E 179 39.43 4.36 7.38
N ASN E 180 38.58 3.34 7.42
CA ASN E 180 37.84 2.92 8.62
C ASN E 180 38.80 2.29 9.64
N GLU E 181 38.47 2.43 10.93
CA GLU E 181 39.13 1.72 12.07
C GLU E 181 38.72 0.25 12.08
N LEU E 182 37.65 -0.10 11.36
CA LEU E 182 37.13 -1.47 11.26
C LEU E 182 37.40 -2.03 9.87
N PRO E 183 37.60 -3.36 9.76
CA PRO E 183 37.60 -3.99 8.45
C PRO E 183 36.15 -4.06 7.96
N PHE E 184 35.95 -4.34 6.67
CA PHE E 184 34.58 -4.60 6.17
C PHE E 184 34.62 -5.70 5.12
N ILE E 185 33.53 -6.43 5.04
CA ILE E 185 33.35 -7.53 4.06
C ILE E 185 33.02 -6.93 2.69
N LEU E 186 33.76 -7.31 1.65
CA LEU E 186 33.46 -6.89 0.24
C LEU E 186 33.32 -8.15 -0.62
N TYR E 187 32.16 -8.31 -1.24
CA TYR E 187 31.92 -9.21 -2.40
C TYR E 187 32.10 -8.35 -3.66
N PHE E 188 32.75 -8.85 -4.69
CA PHE E 188 32.79 -8.15 -5.99
C PHE E 188 32.92 -9.13 -7.17
N ASN E 189 32.39 -8.65 -8.31
CA ASN E 189 32.54 -9.28 -9.65
C ASN E 189 32.79 -8.10 -10.59
N ILE E 190 34.00 -7.96 -11.11
CA ILE E 190 34.36 -6.90 -12.10
C ILE E 190 34.65 -7.61 -13.41
N ASP E 191 33.75 -7.46 -14.38
CA ASP E 191 33.84 -8.13 -15.70
C ASP E 191 34.49 -7.14 -16.67
N TYR E 192 35.36 -7.68 -17.54
CA TYR E 192 36.11 -6.90 -18.54
C TYR E 192 36.32 -7.80 -19.75
N GLU E 193 36.66 -7.20 -20.88
CA GLU E 193 37.14 -8.01 -22.02
C GLU E 193 38.52 -7.49 -22.45
N MET E 194 39.34 -8.39 -23.01
CA MET E 194 40.71 -8.06 -23.51
C MET E 194 40.67 -8.00 -25.03
N TYR E 195 41.32 -7.00 -25.62
CA TYR E 195 41.36 -6.79 -27.08
C TYR E 195 42.71 -7.26 -27.65
N GLY E 196 42.68 -7.69 -28.93
CA GLY E 196 43.85 -8.20 -29.68
C GLY E 196 44.67 -7.08 -30.30
N GLU E 197 44.16 -5.84 -30.29
CA GLU E 197 44.78 -4.66 -30.94
C GLU E 197 44.56 -3.46 -30.03
N PRO E 198 45.41 -2.40 -30.11
CA PRO E 198 45.24 -1.21 -29.30
C PRO E 198 43.91 -0.52 -29.59
N LEU E 199 43.35 0.16 -28.59
CA LEU E 199 42.21 1.08 -28.77
C LEU E 199 42.73 2.34 -29.45
N PRO E 200 41.90 3.03 -30.26
CA PRO E 200 42.31 4.29 -30.90
C PRO E 200 42.88 5.27 -29.87
N GLU E 201 43.69 6.24 -30.31
CA GLU E 201 44.43 7.20 -29.43
C GLU E 201 43.44 8.23 -28.86
N ASP E 202 42.32 8.49 -29.55
CA ASP E 202 41.21 9.39 -29.10
C ASP E 202 40.19 8.63 -28.22
N THR E 203 40.60 7.54 -27.57
CA THR E 203 39.72 6.73 -26.70
C THR E 203 39.57 7.53 -25.40
N ALA E 204 38.34 7.78 -24.97
CA ALA E 204 38.04 8.54 -23.74
C ALA E 204 37.95 7.56 -22.56
N TYR E 205 38.69 7.84 -21.50
CA TYR E 205 38.80 6.97 -20.30
C TYR E 205 37.86 7.49 -19.20
N PHE E 206 37.27 6.55 -18.47
CA PHE E 206 36.26 6.80 -17.41
C PHE E 206 36.95 7.44 -16.21
N HIS E 207 36.31 8.49 -15.67
CA HIS E 207 36.85 9.31 -14.58
C HIS E 207 35.73 9.59 -13.58
N ALA E 208 36.05 9.61 -12.30
CA ALA E 208 35.06 10.09 -11.31
C ALA E 208 35.79 10.71 -10.11
N ALA E 209 35.15 11.72 -9.54
CA ALA E 209 35.74 12.55 -8.47
C ALA E 209 34.62 13.02 -7.54
N TRP E 210 34.96 13.19 -6.28
CA TRP E 210 33.99 13.49 -5.21
C TRP E 210 34.36 14.81 -4.55
N HIS E 211 33.34 15.57 -4.17
CA HIS E 211 33.48 16.93 -3.61
C HIS E 211 32.45 17.13 -2.51
N ARG E 212 32.76 17.96 -1.55
CA ARG E 212 31.76 18.39 -0.56
C ARG E 212 32.03 19.84 -0.19
N GLU E 213 30.96 20.61 0.04
CA GLU E 213 30.97 21.95 0.65
C GLU E 213 30.00 21.87 1.83
N ASN E 214 30.56 21.88 3.04
CA ASN E 214 29.79 21.69 4.29
C ASN E 214 30.39 22.54 5.41
N PRO E 215 29.86 23.74 5.71
CA PRO E 215 28.68 24.27 5.04
C PRO E 215 29.06 24.95 3.72
N CYS E 216 28.14 25.00 2.77
CA CYS E 216 28.21 25.95 1.63
C CYS E 216 28.29 27.38 2.19
N ASN E 217 28.88 28.31 1.44
CA ASN E 217 29.21 29.70 1.90
C ASN E 217 28.03 30.61 1.59
N GLY E 218 26.87 30.35 2.20
CA GLY E 218 25.60 31.04 1.93
C GLY E 218 25.57 32.47 2.47
N TRP E 219 25.05 33.41 1.70
CA TRP E 219 24.90 34.83 2.13
C TRP E 219 23.61 35.05 2.91
N GLY E 220 22.67 34.11 2.87
CA GLY E 220 21.35 34.30 3.51
C GLY E 220 20.74 33.02 4.08
N PRO E 221 21.52 32.22 4.84
CA PRO E 221 21.01 30.96 5.38
C PRO E 221 19.81 31.10 6.33
N GLU E 222 19.68 32.24 6.97
CA GLU E 222 18.62 32.53 7.98
C GLU E 222 17.45 33.29 7.31
N LEU E 223 17.56 33.69 6.05
CA LEU E 223 16.44 34.31 5.30
C LEU E 223 15.58 33.16 4.74
N GLN E 224 14.27 33.36 4.73
CA GLN E 224 13.34 32.39 4.09
C GLN E 224 13.63 32.27 2.61
N VAL E 225 13.91 31.04 2.18
CA VAL E 225 13.93 30.67 0.74
C VAL E 225 12.69 31.23 0.02
N ASN E 226 12.91 31.82 -1.15
CA ASN E 226 11.86 32.31 -2.07
C ASN E 226 11.15 33.50 -1.46
N SER E 227 11.70 34.13 -0.43
CA SER E 227 11.25 35.47 -0.03
C SER E 227 11.61 36.41 -1.18
N PRO E 228 10.90 37.53 -1.35
CA PRO E 228 11.23 38.47 -2.43
C PRO E 228 12.66 39.04 -2.32
N GLU E 229 13.15 39.23 -1.10
CA GLU E 229 14.54 39.72 -0.89
C GLU E 229 15.55 38.73 -1.49
N VAL E 230 15.44 37.43 -1.18
CA VAL E 230 16.36 36.41 -1.77
C VAL E 230 16.24 36.42 -3.30
N ASN E 231 15.02 36.39 -3.82
CA ASN E 231 14.74 36.11 -5.25
C ASN E 231 15.22 37.26 -6.13
N ASN E 232 15.31 38.50 -5.63
CA ASN E 232 15.78 39.64 -6.46
C ASN E 232 17.30 39.86 -6.34
N VAL E 233 18.04 39.04 -5.62
CA VAL E 233 19.53 39.04 -5.71
C VAL E 233 19.97 38.45 -7.06
N THR E 234 20.99 39.05 -7.69
CA THR E 234 21.48 38.63 -9.03
C THR E 234 22.72 37.76 -8.86
N ASN E 235 22.93 36.86 -9.81
CA ASN E 235 24.13 36.01 -9.89
C ASN E 235 24.29 35.54 -11.35
N PHE E 236 25.18 36.17 -12.10
CA PHE E 236 25.43 35.83 -13.52
C PHE E 236 26.65 34.93 -13.61
N LYS E 237 27.71 35.30 -12.91
CA LYS E 237 29.05 34.72 -13.12
C LYS E 237 29.21 33.42 -12.33
N GLY E 238 28.49 33.26 -11.21
CA GLY E 238 28.50 32.05 -10.37
C GLY E 238 29.87 31.76 -9.76
N GLU E 239 30.61 32.80 -9.40
CA GLU E 239 31.93 32.69 -8.72
C GLU E 239 31.75 31.80 -7.48
N ASN E 240 30.63 31.91 -6.77
CA ASN E 240 30.43 31.18 -5.48
C ASN E 240 29.53 29.94 -5.64
N ASN E 241 29.18 29.56 -6.87
CA ASN E 241 28.39 28.32 -7.13
C ASN E 241 29.11 27.09 -6.53
N TYR E 242 28.32 26.15 -6.00
CA TYR E 242 28.81 24.79 -5.66
C TYR E 242 29.45 24.19 -6.93
N THR E 243 30.63 23.59 -6.77
CA THR E 243 31.46 23.07 -7.88
C THR E 243 31.33 21.56 -7.91
N VAL E 244 30.61 21.01 -8.90
CA VAL E 244 30.47 19.54 -9.08
C VAL E 244 31.77 18.99 -9.69
N LEU E 245 32.36 19.74 -10.63
CA LEU E 245 33.49 19.28 -11.47
C LEU E 245 34.24 20.50 -11.98
N ASP E 246 35.56 20.46 -11.97
CA ASP E 246 36.42 21.53 -12.49
C ASP E 246 37.66 20.86 -13.09
N VAL E 247 37.67 20.61 -14.40
CA VAL E 247 38.61 19.63 -15.01
C VAL E 247 39.15 20.20 -16.31
N GLU E 248 40.46 19.98 -16.53
CA GLU E 248 41.19 20.34 -17.75
C GLU E 248 41.36 19.08 -18.58
N GLY E 249 41.00 19.17 -19.86
CA GLY E 249 41.20 18.10 -20.84
C GLY E 249 40.22 18.19 -22.00
N THR E 250 40.17 17.12 -22.77
CA THR E 250 39.23 16.89 -23.88
C THR E 250 38.37 15.69 -23.51
N GLY E 251 37.07 15.90 -23.44
CA GLY E 251 36.18 14.78 -23.08
C GLY E 251 34.77 15.27 -22.93
N HIS E 252 33.99 14.62 -22.08
CA HIS E 252 32.55 14.93 -21.87
C HIS E 252 32.16 14.50 -20.47
N TYR E 253 31.40 15.36 -19.80
CA TYR E 253 30.73 15.06 -18.51
C TYR E 253 29.49 14.21 -18.79
N VAL E 254 29.29 13.16 -17.99
CA VAL E 254 28.15 12.21 -18.18
C VAL E 254 27.26 12.15 -16.92
N GLY E 255 27.41 13.09 -15.98
CA GLY E 255 26.43 13.39 -14.93
C GLY E 255 27.00 13.24 -13.53
N CYS E 256 26.12 13.14 -12.56
CA CYS E 256 26.53 13.22 -11.14
C CYS E 256 25.48 12.58 -10.23
N ASN E 257 25.87 12.25 -9.01
CA ASN E 257 24.94 12.15 -7.87
C ASN E 257 25.19 13.36 -6.96
N LEU E 258 24.16 13.78 -6.23
CA LEU E 258 24.23 14.94 -5.32
C LEU E 258 23.49 14.57 -4.05
N THR E 259 24.20 14.63 -2.94
CA THR E 259 23.67 14.45 -1.58
C THR E 259 23.49 15.84 -0.96
N VAL E 260 22.27 16.22 -0.62
CA VAL E 260 22.01 17.50 0.10
C VAL E 260 21.35 17.23 1.43
N LYS E 261 21.99 17.66 2.51
CA LYS E 261 21.33 17.82 3.82
C LYS E 261 20.92 19.30 3.94
N HIS E 262 19.61 19.54 4.01
CA HIS E 262 18.97 20.86 4.06
C HIS E 262 18.61 21.17 5.51
N PHE E 263 18.99 22.35 5.99
CA PHE E 263 18.88 22.74 7.41
C PHE E 263 17.62 23.59 7.69
N GLN E 264 17.13 24.48 6.83
CA GLN E 264 16.11 25.45 7.33
C GLN E 264 14.69 24.86 7.18
N GLY E 265 14.48 23.75 6.47
CA GLY E 265 13.14 23.14 6.39
C GLY E 265 12.20 23.87 5.44
N SER E 266 12.73 24.42 4.36
CA SER E 266 11.93 25.00 3.26
C SER E 266 12.22 24.21 2.00
N TRP E 267 13.08 24.73 1.13
CA TRP E 267 13.54 24.05 -0.11
C TRP E 267 15.01 24.42 -0.40
N TRP E 268 15.82 23.46 -0.83
CA TRP E 268 17.29 23.61 -1.00
C TRP E 268 17.63 23.86 -2.46
N GLY E 269 16.64 23.81 -3.36
CA GLY E 269 16.87 23.41 -4.77
C GLY E 269 16.65 24.53 -5.77
N GLU E 270 16.55 25.78 -5.35
CA GLU E 270 16.25 26.90 -6.31
C GLU E 270 17.42 27.21 -7.22
N GLY E 271 18.64 26.87 -6.81
CA GLY E 271 19.92 27.18 -7.50
C GLY E 271 19.99 26.59 -8.88
N ASN E 272 20.47 27.37 -9.87
CA ASN E 272 20.59 26.95 -11.30
C ASN E 272 21.91 26.24 -11.53
N ASP E 273 21.90 25.15 -12.31
CA ASP E 273 23.11 24.57 -12.95
C ASP E 273 23.66 25.62 -13.91
N MET E 274 24.97 25.84 -13.87
CA MET E 274 25.68 26.76 -14.79
C MET E 274 26.96 26.05 -15.23
N PHE E 275 27.07 25.81 -16.53
CA PHE E 275 28.22 25.09 -17.14
C PHE E 275 29.11 26.11 -17.85
N PHE E 276 30.41 26.03 -17.56
CA PHE E 276 31.44 26.87 -18.20
C PHE E 276 32.31 25.95 -19.06
N ILE E 277 32.29 26.19 -20.36
CA ILE E 277 32.95 25.31 -21.34
C ILE E 277 34.16 26.06 -21.91
N ASP E 278 35.33 25.42 -21.81
CA ASP E 278 36.56 25.80 -22.57
C ASP E 278 37.00 27.20 -22.13
N GLY E 279 36.94 27.47 -20.83
CA GLY E 279 37.52 28.65 -20.17
C GLY E 279 36.64 29.89 -20.21
N GLU E 280 35.41 29.83 -20.74
CA GLU E 280 34.55 31.03 -20.90
C GLU E 280 34.29 31.66 -19.51
N GLU E 281 34.18 32.97 -19.45
CA GLU E 281 34.02 33.72 -18.18
C GLU E 281 32.58 33.56 -17.64
N TYR E 282 31.60 33.68 -18.52
CA TYR E 282 30.16 33.56 -18.21
C TYR E 282 29.66 32.21 -18.70
N PRO E 283 28.79 31.52 -17.93
CA PRO E 283 28.36 30.17 -18.31
C PRO E 283 27.53 30.21 -19.61
N SER E 284 27.83 29.33 -20.55
CA SER E 284 27.15 29.29 -21.86
C SER E 284 25.88 28.47 -21.71
N LEU E 285 25.88 27.51 -20.78
CA LEU E 285 24.72 26.64 -20.50
C LEU E 285 24.11 27.11 -19.17
N ASN E 286 22.93 27.74 -19.21
CA ASN E 286 22.23 28.27 -18.01
C ASN E 286 20.97 27.46 -17.78
N GLY E 287 20.87 26.83 -16.60
CA GLY E 287 19.69 26.10 -16.13
C GLY E 287 18.71 26.98 -15.37
N THR E 288 17.77 26.37 -14.66
CA THR E 288 16.63 27.11 -14.06
C THR E 288 16.47 26.77 -12.57
N GLY E 289 17.01 25.66 -12.13
CA GLY E 289 16.77 25.18 -10.76
C GLY E 289 17.44 23.84 -10.55
N THR E 290 17.55 23.38 -9.30
CA THR E 290 18.35 22.18 -8.99
C THR E 290 17.54 20.93 -9.34
N GLU E 291 16.27 20.83 -8.93
CA GLU E 291 15.43 19.67 -9.32
C GLU E 291 15.25 19.72 -10.83
N ASP E 292 15.20 20.91 -11.40
CA ASP E 292 15.04 21.08 -12.87
C ASP E 292 16.20 20.38 -13.57
N TYR E 293 17.43 20.63 -13.12
CA TYR E 293 18.65 19.96 -13.63
C TYR E 293 18.45 18.44 -13.52
N PHE E 294 17.91 17.96 -12.39
CA PHE E 294 17.65 16.52 -12.18
C PHE E 294 16.35 16.08 -12.88
N ASN E 295 15.75 16.97 -13.66
CA ASN E 295 14.59 16.66 -14.55
C ASN E 295 13.33 16.34 -13.75
N HIS E 296 13.27 16.74 -12.50
CA HIS E 296 12.02 16.80 -11.71
C HIS E 296 11.50 18.24 -11.74
N ALA E 297 10.45 18.54 -10.97
CA ALA E 297 9.82 19.89 -10.96
C ALA E 297 9.01 20.05 -9.68
N TRP E 298 9.06 21.27 -9.11
CA TRP E 298 8.29 21.68 -7.93
C TRP E 298 8.73 20.79 -6.76
N GLY E 299 10.03 20.59 -6.62
CA GLY E 299 10.63 19.67 -5.65
C GLY E 299 11.14 18.45 -6.37
N MET E 300 11.73 17.51 -5.63
CA MET E 300 12.09 16.18 -6.18
C MET E 300 10.94 15.25 -5.87
N GLN E 301 10.73 14.25 -6.74
CA GLN E 301 9.71 13.22 -6.59
C GLN E 301 10.34 11.87 -6.25
N ARG E 302 9.51 10.96 -5.74
CA ARG E 302 10.00 9.58 -5.49
C ARG E 302 9.97 8.80 -6.80
N ASN E 303 10.71 9.26 -7.81
CA ASN E 303 10.89 8.61 -9.12
C ASN E 303 12.39 8.40 -9.35
N ALA E 304 12.74 7.29 -9.95
CA ALA E 304 14.11 6.96 -10.40
C ALA E 304 14.00 6.41 -11.82
N TYR E 305 14.34 7.23 -12.81
CA TYR E 305 14.17 6.93 -14.23
C TYR E 305 15.54 6.59 -14.83
N PRO E 306 15.62 6.06 -16.06
CA PRO E 306 16.90 5.69 -16.67
C PRO E 306 18.02 6.74 -16.64
N PHE E 307 17.68 8.03 -16.81
CA PHE E 307 18.70 9.11 -16.95
C PHE E 307 18.64 10.10 -15.78
N PHE E 308 17.74 9.93 -14.81
CA PHE E 308 17.63 10.89 -13.69
C PHE E 308 16.67 10.45 -12.60
N GLY E 309 16.88 11.01 -11.42
CA GLY E 309 15.84 11.00 -10.38
C GLY E 309 16.39 11.04 -8.99
N THR E 310 15.62 10.46 -8.09
CA THR E 310 15.81 10.44 -6.64
C THR E 310 16.30 9.07 -6.24
N ILE E 311 17.36 9.01 -5.47
CA ILE E 311 17.80 7.76 -4.83
C ILE E 311 17.25 7.69 -3.43
N VAL E 312 17.36 8.79 -2.69
CA VAL E 312 16.87 8.93 -1.30
C VAL E 312 16.10 10.24 -1.26
N HIS E 313 14.81 10.16 -0.93
CA HIS E 313 13.89 11.32 -0.88
C HIS E 313 13.93 11.96 0.51
N GLU E 314 14.04 13.29 0.55
CA GLU E 314 14.00 14.16 1.77
C GLU E 314 12.78 13.81 2.61
N GLY E 315 11.65 13.53 1.98
CA GLY E 315 10.42 13.20 2.70
C GLY E 315 10.56 11.91 3.51
N ASP E 316 11.57 11.05 3.23
CA ASP E 316 11.73 9.79 3.98
C ASP E 316 12.83 9.87 5.03
N THR E 317 13.48 11.02 5.14
CA THR E 317 14.73 11.12 5.92
C THR E 317 14.66 12.29 6.87
N ASP E 318 15.72 12.45 7.64
CA ASP E 318 15.94 13.58 8.56
C ASP E 318 16.62 14.73 7.80
N GLY E 319 15.96 15.26 6.77
CA GLY E 319 16.38 16.44 6.01
C GLY E 319 17.37 16.20 4.87
N PHE E 320 17.58 14.98 4.38
CA PHE E 320 18.54 14.83 3.25
C PHE E 320 17.96 14.03 2.07
N GLN E 321 18.49 14.42 0.92
CA GLN E 321 18.06 14.04 -0.46
C GLN E 321 19.30 13.52 -1.18
N VAL E 322 19.16 12.44 -1.94
CA VAL E 322 20.22 11.95 -2.84
C VAL E 322 19.60 11.85 -4.23
N SER E 323 20.22 12.50 -5.19
CA SER E 323 19.68 12.63 -6.57
C SER E 323 20.76 12.22 -7.57
N TYR E 324 20.35 11.98 -8.81
CA TYR E 324 21.31 11.72 -9.91
C TYR E 324 20.74 12.24 -11.22
N ARG E 325 21.67 12.55 -12.11
CA ARG E 325 21.37 12.69 -13.56
C ARG E 325 22.50 12.07 -14.37
N TRP E 326 22.15 11.30 -15.38
CA TRP E 326 23.10 10.75 -16.37
C TRP E 326 22.91 11.48 -17.71
N HIS E 327 24.00 11.96 -18.29
CA HIS E 327 24.05 12.58 -19.65
C HIS E 327 24.71 11.57 -20.61
N ILE E 328 23.98 10.50 -20.89
CA ILE E 328 24.47 9.37 -21.70
C ILE E 328 24.27 9.70 -23.18
N THR E 329 23.10 10.16 -23.59
CA THR E 329 22.82 10.59 -25.00
C THR E 329 23.02 12.09 -25.17
N ASP E 330 23.11 12.87 -24.09
CA ASP E 330 23.21 14.34 -24.06
C ASP E 330 24.40 14.76 -23.20
N PRO E 331 25.61 14.18 -23.41
CA PRO E 331 26.78 14.56 -22.62
C PRO E 331 27.18 16.02 -22.84
N VAL E 332 27.84 16.61 -21.85
CA VAL E 332 28.40 17.98 -21.93
C VAL E 332 29.88 17.85 -22.31
N ARG E 333 30.20 18.23 -23.56
CA ARG E 333 31.52 18.01 -24.18
C ARG E 333 32.39 19.23 -23.85
N PHE E 334 33.70 19.04 -23.89
CA PHE E 334 34.68 20.13 -23.76
C PHE E 334 35.96 19.75 -24.50
N GLU E 335 36.57 20.72 -25.17
CA GLU E 335 37.88 20.59 -25.86
C GLU E 335 39.05 20.83 -24.90
N LYS E 336 38.93 21.76 -23.94
CA LYS E 336 40.09 22.19 -23.10
C LYS E 336 39.73 22.10 -21.61
N HIS E 337 38.51 22.49 -21.23
CA HIS E 337 38.13 22.65 -19.80
C HIS E 337 36.60 22.60 -19.65
N LEU E 338 36.13 22.19 -18.48
CA LEU E 338 34.70 22.20 -18.14
C LEU E 338 34.57 22.50 -16.66
N LYS E 339 33.73 23.47 -16.32
CA LYS E 339 33.32 23.70 -14.92
C LYS E 339 31.81 23.44 -14.85
N VAL E 340 31.40 22.42 -14.10
CA VAL E 340 29.98 22.07 -13.80
C VAL E 340 29.68 22.63 -12.41
N THR E 341 28.83 23.65 -12.36
CA THR E 341 28.43 24.31 -11.10
C THR E 341 26.90 24.27 -10.95
N ILE E 342 26.43 24.41 -9.72
CA ILE E 342 25.02 24.67 -9.36
C ILE E 342 25.04 25.71 -8.24
N GLU E 343 24.27 26.78 -8.38
CA GLU E 343 24.07 27.75 -7.28
C GLU E 343 23.59 26.95 -6.08
N HIS E 344 24.13 27.18 -4.89
CA HIS E 344 23.66 26.48 -3.66
C HIS E 344 22.53 27.30 -3.04
N GLY E 345 21.31 27.05 -3.50
CA GLY E 345 20.16 27.94 -3.30
C GLY E 345 20.26 29.06 -4.33
N HIS E 346 19.18 29.78 -4.54
CA HIS E 346 19.21 30.90 -5.54
C HIS E 346 20.38 31.82 -5.21
N ALA E 347 21.16 32.25 -6.21
CA ALA E 347 22.37 33.08 -5.99
C ALA E 347 23.12 32.64 -4.73
N ASN E 348 23.23 31.35 -4.45
CA ASN E 348 24.14 30.86 -3.38
C ASN E 348 23.76 31.43 -2.02
N GLN E 349 22.45 31.62 -1.82
CA GLN E 349 21.81 32.02 -0.55
C GLN E 349 22.15 31.05 0.57
N LEU E 350 22.17 29.75 0.30
CA LEU E 350 22.09 28.74 1.39
C LEU E 350 23.47 28.19 1.81
N SER E 351 23.53 27.65 3.02
CA SER E 351 24.72 27.09 3.71
C SER E 351 24.47 25.63 4.09
N ASP E 352 23.83 24.88 3.19
CA ASP E 352 23.51 23.46 3.39
C ASP E 352 24.79 22.61 3.19
N ASP E 353 24.68 21.33 3.48
CA ASP E 353 25.78 20.33 3.33
C ASP E 353 25.59 19.64 1.99
N TRP E 354 26.40 20.00 0.98
CA TRP E 354 26.30 19.43 -0.39
C TRP E 354 27.53 18.56 -0.64
N SER E 355 27.32 17.33 -1.11
CA SER E 355 28.41 16.46 -1.60
C SER E 355 27.95 15.88 -2.95
N SER E 356 28.89 15.56 -3.84
CA SER E 356 28.61 15.14 -5.22
C SER E 356 29.68 14.17 -5.74
N THR E 357 29.25 13.25 -6.60
CA THR E 357 30.15 12.44 -7.44
C THR E 357 29.99 12.95 -8.88
N ALA E 358 31.07 13.39 -9.51
CA ALA E 358 31.06 13.81 -10.93
C ALA E 358 31.64 12.65 -11.74
N TYR E 359 31.00 12.31 -12.85
CA TYR E 359 31.48 11.26 -13.76
C TYR E 359 31.73 11.90 -15.11
N TRP E 360 32.87 11.57 -15.75
CA TRP E 360 33.22 12.11 -17.08
C TRP E 360 34.18 11.14 -17.78
N TYR E 361 34.31 11.28 -19.09
CA TYR E 361 35.29 10.56 -19.93
C TYR E 361 36.22 11.61 -20.49
N GLN E 362 37.52 11.34 -20.53
CA GLN E 362 38.49 12.22 -21.23
C GLN E 362 39.62 11.35 -21.81
N ILE E 363 40.20 11.80 -22.92
CA ILE E 363 41.50 11.29 -23.41
C ILE E 363 42.56 11.50 -22.31
N LEU E 364 43.57 10.65 -22.28
CA LEU E 364 44.73 10.83 -21.37
C LEU E 364 45.66 11.90 -21.97
N PRO E 365 46.55 12.51 -21.16
CA PRO E 365 46.67 12.20 -19.75
C PRO E 365 45.63 12.93 -18.87
N THR E 366 45.39 12.39 -17.67
CA THR E 366 44.62 13.04 -16.61
C THR E 366 45.47 14.23 -16.17
N ALA E 367 45.28 15.38 -16.81
CA ALA E 367 45.95 16.65 -16.48
C ALA E 367 45.72 17.01 -15.01
N SER E 368 44.46 16.89 -14.57
CA SER E 368 43.98 17.30 -13.24
C SER E 368 44.34 16.20 -12.21
N ARG E 369 45.21 16.49 -11.23
CA ARG E 369 45.45 15.59 -10.06
C ARG E 369 44.13 15.49 -9.28
N ILE E 370 43.52 14.30 -9.21
CA ILE E 370 42.21 14.12 -8.52
C ILE E 370 42.51 13.87 -7.04
N THR E 371 41.92 14.69 -6.18
CA THR E 371 42.13 14.66 -4.72
C THR E 371 40.83 14.30 -4.02
N ILE E 372 40.93 13.87 -2.76
CA ILE E 372 39.73 13.65 -1.92
C ILE E 372 39.92 14.27 -0.52
N ALA E 373 38.86 14.88 0.01
CA ALA E 373 38.80 15.40 1.39
C ALA E 373 39.13 14.24 2.31
N PRO E 374 39.83 14.51 3.44
CA PRO E 374 40.19 13.45 4.38
C PRO E 374 38.93 12.84 4.99
N VAL E 375 39.05 11.68 5.62
CA VAL E 375 37.89 10.91 6.14
C VAL E 375 37.06 11.77 7.12
N GLU E 376 37.66 12.56 8.00
CA GLU E 376 36.93 13.36 9.02
C GLU E 376 35.98 14.35 8.33
N ASP E 377 36.22 14.67 7.06
CA ASP E 377 35.42 15.61 6.24
C ASP E 377 34.39 14.87 5.35
N ARG E 378 34.24 13.56 5.46
CA ARG E 378 33.36 12.76 4.57
C ARG E 378 32.18 12.19 5.35
N LEU E 379 32.08 12.42 6.66
CA LEU E 379 31.05 11.72 7.45
C LEU E 379 29.77 12.51 7.38
N PRO E 380 28.59 11.83 7.29
CA PRO E 380 27.30 12.50 7.36
C PRO E 380 27.16 13.33 8.64
N VAL E 381 26.45 14.45 8.52
CA VAL E 381 26.07 15.31 9.66
C VAL E 381 24.82 14.69 10.26
N VAL E 382 24.91 14.21 11.49
CA VAL E 382 23.75 13.60 12.18
C VAL E 382 23.57 14.27 13.53
N PRO E 383 22.31 14.36 14.02
CA PRO E 383 22.04 14.93 15.33
C PRO E 383 22.52 13.85 16.31
N GLN E 384 22.96 14.29 17.48
CA GLN E 384 23.54 13.41 18.53
C GLN E 384 22.69 13.56 19.78
N LEU E 385 22.41 12.46 20.48
CA LEU E 385 21.75 12.53 21.80
C LEU E 385 22.65 13.29 22.76
N PRO E 386 22.06 14.07 23.70
CA PRO E 386 22.86 14.70 24.75
C PRO E 386 23.46 13.55 25.58
N GLU E 387 24.63 13.75 26.16
CA GLU E 387 25.27 12.68 26.98
C GLU E 387 24.36 12.46 28.19
N ARG E 388 24.27 11.22 28.68
CA ARG E 388 23.52 10.86 29.91
C ARG E 388 24.57 10.30 30.87
N LYS E 389 24.92 11.04 31.92
CA LYS E 389 25.92 10.60 32.92
C LYS E 389 25.14 9.72 33.91
N LEU E 390 24.89 8.47 33.53
CA LEU E 390 24.11 7.48 34.31
C LEU E 390 24.90 7.12 35.58
N VAL E 391 24.25 7.23 36.73
CA VAL E 391 24.76 6.76 38.05
C VAL E 391 24.08 5.43 38.34
N LEU E 392 24.86 4.36 38.47
CA LEU E 392 24.38 3.02 38.88
C LEU E 392 23.61 3.19 40.18
N PRO E 393 22.48 2.48 40.37
CA PRO E 393 21.81 2.44 41.65
C PRO E 393 22.73 1.65 42.58
N GLN E 394 22.39 1.58 43.86
CA GLN E 394 23.01 0.59 44.77
C GLN E 394 22.72 -0.80 44.18
N LEU E 395 23.76 -1.62 44.00
CA LEU E 395 23.67 -2.95 43.37
C LEU E 395 23.42 -4.02 44.42
N THR E 396 22.57 -5.00 44.15
CA THR E 396 22.52 -6.26 44.95
C THR E 396 23.77 -7.08 44.58
N GLU E 397 24.10 -8.08 45.40
CA GLU E 397 25.21 -9.02 45.14
C GLU E 397 24.92 -9.74 43.83
N GLU E 398 23.67 -10.14 43.61
CA GLU E 398 23.22 -10.86 42.39
C GLU E 398 23.50 -9.98 41.16
N GLN E 399 23.22 -8.68 41.24
CA GLN E 399 23.40 -7.77 40.07
C GLN E 399 24.90 -7.55 39.84
N GLN E 400 25.68 -7.46 40.91
CA GLN E 400 27.15 -7.28 40.81
C GLN E 400 27.72 -8.53 40.14
N ALA E 401 27.28 -9.72 40.55
CA ALA E 401 27.74 -10.99 39.99
C ALA E 401 27.40 -11.06 38.49
N ALA E 402 26.18 -10.65 38.10
CA ALA E 402 25.73 -10.63 36.69
C ALA E 402 26.67 -9.73 35.88
N ARG E 403 26.96 -8.54 36.39
CA ARG E 403 27.79 -7.56 35.66
C ARG E 403 29.20 -8.15 35.53
N ASP E 404 29.71 -8.83 36.55
CA ASP E 404 31.11 -9.37 36.55
C ASP E 404 31.18 -10.56 35.57
N THR E 405 30.21 -11.47 35.63
CA THR E 405 30.09 -12.65 34.76
C THR E 405 30.00 -12.18 33.30
N TYR E 406 29.22 -11.14 33.03
CA TYR E 406 29.09 -10.61 31.65
C TYR E 406 30.42 -10.00 31.21
N GLN E 407 31.07 -9.16 32.01
CA GLN E 407 32.37 -8.51 31.64
C GLN E 407 33.42 -9.60 31.40
N LYS E 408 33.39 -10.67 32.20
CA LYS E 408 34.35 -11.79 32.04
C LYS E 408 34.14 -12.43 30.66
N ARG E 409 32.88 -12.71 30.33
CA ARG E 409 32.48 -13.36 29.05
C ARG E 409 32.95 -12.47 27.91
N TRP E 410 32.77 -11.15 28.04
CA TRP E 410 33.21 -10.17 27.01
C TRP E 410 34.74 -10.17 26.87
N LYS E 411 35.50 -10.20 27.98
CA LYS E 411 36.98 -10.08 27.89
C LYS E 411 37.58 -11.35 27.23
N ASP E 412 36.93 -12.52 27.38
CA ASP E 412 37.30 -13.77 26.68
C ASP E 412 36.83 -13.74 25.22
N TYR E 413 35.62 -13.27 24.94
CA TYR E 413 34.98 -13.42 23.61
C TYR E 413 35.60 -12.47 22.58
N GLU E 414 35.83 -11.20 22.88
CA GLU E 414 36.27 -10.20 21.85
C GLU E 414 37.57 -10.61 21.15
N PRO E 415 38.64 -11.03 21.86
CA PRO E 415 39.91 -11.36 21.18
C PRO E 415 39.84 -12.61 20.30
N ARG E 416 38.92 -13.53 20.60
CA ARG E 416 38.58 -14.69 19.73
C ARG E 416 37.94 -14.19 18.42
N ARG E 417 37.04 -13.21 18.47
CA ARG E 417 36.45 -12.63 17.24
C ARG E 417 37.54 -11.88 16.49
N ASP E 418 38.37 -11.09 17.20
CA ASP E 418 39.47 -10.31 16.58
C ASP E 418 40.34 -11.27 15.76
N THR E 419 40.72 -12.42 16.31
CA THR E 419 41.59 -13.44 15.62
C THR E 419 40.94 -13.88 14.31
N GLN E 420 39.62 -14.14 14.32
CA GLN E 420 38.88 -14.62 13.13
C GLN E 420 38.88 -13.52 12.08
N PHE E 421 38.78 -12.26 12.46
CA PHE E 421 38.87 -11.15 11.48
C PHE E 421 40.27 -11.18 10.82
N ARG E 422 41.31 -11.31 11.64
CA ARG E 422 42.70 -11.19 11.16
C ARG E 422 42.95 -12.31 10.14
N ILE E 423 42.44 -13.52 10.42
CA ILE E 423 42.57 -14.70 9.53
C ILE E 423 41.93 -14.36 8.17
N LYS E 424 40.73 -13.79 8.18
CA LYS E 424 40.02 -13.50 6.92
C LYS E 424 40.78 -12.41 6.19
N GLU E 425 41.40 -11.45 6.89
CA GLU E 425 42.19 -10.36 6.24
C GLU E 425 43.41 -10.96 5.51
N ASP E 426 44.06 -11.98 6.08
CA ASP E 426 45.19 -12.68 5.40
C ASP E 426 44.71 -13.33 4.09
N LYS E 427 43.51 -13.94 4.08
CA LYS E 427 42.89 -14.44 2.84
C LYS E 427 42.74 -13.28 1.85
N ALA E 428 42.19 -12.14 2.27
CA ALA E 428 41.99 -11.02 1.33
C ALA E 428 43.36 -10.64 0.72
N ARG E 429 44.40 -10.50 1.54
CA ARG E 429 45.71 -10.04 1.01
C ARG E 429 46.27 -11.07 0.00
N ARG E 430 46.09 -12.36 0.28
CA ARG E 430 46.52 -13.51 -0.57
C ARG E 430 45.80 -13.47 -1.93
N GLU E 431 44.47 -13.31 -1.91
CA GLU E 431 43.62 -13.35 -3.13
C GLU E 431 43.83 -12.07 -3.95
N SER E 432 44.22 -10.96 -3.32
CA SER E 432 44.59 -9.74 -4.08
C SER E 432 45.71 -10.08 -5.07
N LYS E 433 46.77 -10.70 -4.58
CA LYS E 433 47.92 -11.07 -5.44
C LYS E 433 47.50 -12.08 -6.51
N LEU E 434 46.78 -13.13 -6.10
CA LEU E 434 46.31 -14.23 -6.98
C LEU E 434 45.45 -13.64 -8.09
N ASN E 435 44.61 -12.65 -7.77
CA ASN E 435 43.72 -12.02 -8.78
C ASN E 435 44.55 -11.41 -9.88
N THR E 436 45.63 -10.72 -9.53
CA THR E 436 46.45 -10.00 -10.53
C THR E 436 47.27 -11.03 -11.33
N GLU E 437 47.78 -12.07 -10.67
CA GLU E 437 48.54 -13.18 -11.32
C GLU E 437 47.67 -13.88 -12.36
N PHE E 438 46.43 -14.25 -12.00
CA PHE E 438 45.54 -14.95 -12.96
C PHE E 438 45.24 -14.02 -14.14
N ALA E 439 44.96 -12.75 -13.89
CA ALA E 439 44.62 -11.80 -14.98
C ALA E 439 45.81 -11.72 -15.94
N LYS E 440 47.03 -11.81 -15.41
CA LYS E 440 48.26 -11.83 -16.23
C LYS E 440 48.35 -13.14 -17.05
N LYS E 441 48.15 -14.31 -16.43
CA LYS E 441 48.10 -15.59 -17.18
C LYS E 441 47.10 -15.47 -18.33
N LEU E 442 45.91 -14.93 -18.03
CA LEU E 442 44.79 -14.91 -18.99
C LEU E 442 45.20 -13.99 -20.15
N ARG E 443 45.73 -12.82 -19.82
CA ARG E 443 46.27 -11.83 -20.79
C ARG E 443 47.31 -12.51 -21.72
N ASP E 444 48.28 -13.22 -21.14
CA ASP E 444 49.41 -13.86 -21.89
C ASP E 444 48.89 -15.01 -22.78
N ALA E 445 47.99 -15.86 -22.27
CA ALA E 445 47.39 -16.98 -23.03
C ALA E 445 46.61 -16.40 -24.22
N PHE E 446 45.79 -15.37 -23.99
CA PHE E 446 44.97 -14.73 -25.05
C PHE E 446 45.92 -14.19 -26.14
N ASP E 447 47.00 -13.51 -25.73
CA ASP E 447 47.91 -12.83 -26.69
C ASP E 447 48.74 -13.88 -27.43
N ALA E 448 49.02 -15.02 -26.80
CA ALA E 448 49.73 -16.17 -27.42
C ALA E 448 48.87 -16.70 -28.58
N GLU E 449 47.56 -16.94 -28.37
CA GLU E 449 46.59 -17.21 -29.46
C GLU E 449 46.17 -15.89 -30.14
N GLU F 3 37.18 -3.49 -30.86
CA GLU F 3 36.95 -2.20 -30.13
C GLU F 3 35.61 -2.23 -29.36
N ILE F 4 35.22 -1.09 -28.78
CA ILE F 4 34.16 -1.01 -27.73
C ILE F 4 32.79 -1.19 -28.40
N THR F 5 31.93 -2.08 -27.88
CA THR F 5 30.57 -2.31 -28.45
C THR F 5 29.48 -1.98 -27.41
N GLY F 6 28.22 -2.11 -27.82
CA GLY F 6 27.02 -1.89 -26.97
C GLY F 6 26.54 -0.45 -26.95
N LEU F 7 25.37 -0.26 -26.35
CA LEU F 7 24.66 1.02 -26.30
C LEU F 7 25.47 2.10 -25.58
N PHE F 8 26.45 1.79 -24.73
CA PHE F 8 27.28 2.87 -24.12
C PHE F 8 28.56 3.20 -24.92
N LYS F 9 28.80 2.61 -26.08
CA LYS F 9 30.13 2.68 -26.75
C LYS F 9 30.48 4.13 -27.08
N ASP F 10 29.51 4.98 -27.42
CA ASP F 10 29.84 6.34 -27.91
C ASP F 10 30.37 7.18 -26.74
N LEU F 11 30.25 6.74 -25.50
CA LEU F 11 30.83 7.48 -24.35
C LEU F 11 32.34 7.35 -24.39
N THR F 12 32.90 6.39 -25.14
CA THR F 12 34.37 6.09 -25.10
C THR F 12 35.11 6.73 -26.26
N LYS F 13 34.49 7.67 -26.98
CA LYS F 13 35.20 8.44 -28.05
C LYS F 13 34.73 9.90 -27.99
N VAL F 14 35.67 10.83 -28.15
CA VAL F 14 35.35 12.28 -28.05
C VAL F 14 34.84 12.74 -29.41
N LYS F 15 33.94 13.71 -29.37
CA LYS F 15 33.36 14.38 -30.54
C LYS F 15 33.69 15.86 -30.42
N HIS F 16 34.08 16.51 -31.52
CA HIS F 16 34.40 17.96 -31.58
C HIS F 16 33.08 18.65 -31.92
N ALA F 17 32.17 18.62 -30.95
CA ALA F 17 30.84 19.26 -30.99
C ALA F 17 30.72 20.21 -29.79
N ARG F 18 30.06 21.35 -29.98
CA ARG F 18 29.89 22.38 -28.93
C ARG F 18 28.45 22.32 -28.42
N ASN F 19 28.31 22.08 -27.11
CA ASN F 19 26.98 22.15 -26.46
C ASN F 19 26.45 23.57 -26.52
N GLY F 20 25.14 23.69 -26.64
CA GLY F 20 24.41 24.91 -26.30
C GLY F 20 23.11 24.52 -25.61
N ARG F 21 22.40 25.50 -25.05
CA ARG F 21 21.11 25.26 -24.37
C ARG F 21 20.18 26.48 -24.51
N LEU F 22 18.95 26.24 -24.96
CA LEU F 22 17.85 27.20 -24.86
C LEU F 22 17.14 26.93 -23.53
N ALA F 23 17.10 27.95 -22.67
CA ALA F 23 16.47 27.85 -21.35
C ALA F 23 15.67 29.12 -21.04
N SER F 24 14.76 28.97 -20.09
CA SER F 24 13.91 30.07 -19.55
C SER F 24 14.67 30.79 -18.45
N TRP F 25 15.99 30.68 -18.43
CA TRP F 25 16.82 31.19 -17.31
C TRP F 25 16.58 32.69 -17.17
N ASP F 26 16.57 33.16 -15.92
CA ASP F 26 16.31 34.58 -15.63
C ASP F 26 17.49 35.42 -16.12
N GLN F 27 17.33 36.16 -17.22
CA GLN F 27 18.46 36.90 -17.82
C GLN F 27 18.66 38.24 -17.08
N ARG F 28 17.94 38.45 -15.97
CA ARG F 28 18.28 39.47 -14.93
C ARG F 28 19.24 38.87 -13.90
N GLY F 29 19.51 37.57 -13.98
CA GLY F 29 20.34 36.84 -13.01
C GLY F 29 19.62 36.56 -11.71
N LYS F 30 18.29 36.79 -11.66
CA LYS F 30 17.45 36.61 -10.46
C LYS F 30 16.79 35.23 -10.49
N ASN F 31 15.72 35.00 -9.70
CA ASN F 31 15.13 33.65 -9.52
C ASN F 31 13.77 33.52 -10.20
N GLN F 32 13.52 34.24 -11.29
CA GLN F 32 12.38 33.93 -12.19
C GLN F 32 12.89 33.23 -13.45
N ASP F 33 13.26 31.97 -13.30
CA ASP F 33 13.90 31.14 -14.34
C ASP F 33 12.81 30.47 -15.18
N TYR F 34 11.71 31.19 -15.38
CA TYR F 34 10.54 30.78 -16.21
C TYR F 34 10.10 31.96 -17.11
N TRP F 35 9.36 31.63 -18.17
CA TRP F 35 8.69 32.62 -19.05
C TRP F 35 7.19 32.56 -18.75
N GLU F 36 6.58 33.73 -18.54
CA GLU F 36 5.10 33.92 -18.57
C GLU F 36 4.69 34.04 -20.02
N ILE F 37 4.22 32.93 -20.60
CA ILE F 37 3.81 32.85 -22.03
C ILE F 37 2.52 33.64 -22.17
N PRO F 38 2.46 34.75 -22.96
CA PRO F 38 1.23 35.53 -23.03
C PRO F 38 0.07 34.75 -23.64
N ALA F 39 -1.15 35.16 -23.27
CA ALA F 39 -2.42 34.66 -23.82
C ALA F 39 -2.48 35.05 -25.30
N GLY F 40 -2.93 34.12 -26.15
CA GLY F 40 -3.28 34.41 -27.55
C GLY F 40 -2.07 34.82 -28.36
N GLU F 41 -0.88 34.35 -27.99
CA GLU F 41 0.39 34.70 -28.65
C GLU F 41 1.24 33.47 -28.87
N SER F 42 2.05 33.51 -29.91
CA SER F 42 3.15 32.56 -30.13
C SER F 42 4.44 33.18 -29.59
N ILE F 43 5.30 32.36 -29.00
CA ILE F 43 6.62 32.82 -28.52
C ILE F 43 7.68 31.81 -28.98
N THR F 44 8.84 32.31 -29.36
CA THR F 44 9.97 31.49 -29.85
C THR F 44 10.86 31.19 -28.64
N LEU F 45 10.95 29.92 -28.23
CA LEU F 45 11.89 29.50 -27.17
C LEU F 45 13.32 29.73 -27.68
N GLY F 46 13.55 29.51 -28.97
CA GLY F 46 14.82 29.90 -29.62
C GLY F 46 14.91 29.45 -31.06
N GLU F 47 15.79 30.11 -31.81
CA GLU F 47 16.25 29.68 -33.14
C GLU F 47 17.73 29.33 -33.02
N ILE F 48 18.09 28.16 -33.55
CA ILE F 48 19.48 27.64 -33.55
C ILE F 48 19.86 27.44 -35.02
N GLU F 49 21.01 27.99 -35.41
CA GLU F 49 21.67 27.71 -36.71
C GLU F 49 22.33 26.34 -36.67
N GLY F 50 22.02 25.53 -37.68
CA GLY F 50 22.63 24.21 -37.93
C GLY F 50 24.03 24.37 -38.49
N PRO F 51 24.79 23.28 -38.63
CA PRO F 51 24.31 21.94 -38.29
C PRO F 51 24.43 21.68 -36.79
N GLY F 52 23.47 20.94 -36.26
CA GLY F 52 23.46 20.55 -34.85
C GLY F 52 22.37 19.53 -34.63
N CYS F 53 22.14 19.17 -33.37
CA CYS F 53 21.14 18.15 -32.96
C CYS F 53 20.61 18.50 -31.58
N ILE F 54 19.30 18.51 -31.41
CA ILE F 54 18.63 18.62 -30.08
C ILE F 54 18.86 17.25 -29.42
N THR F 55 19.31 17.23 -28.17
CA THR F 55 19.64 15.97 -27.47
C THR F 55 18.70 15.68 -26.31
N HIS F 56 18.07 16.71 -25.76
CA HIS F 56 17.28 16.59 -24.52
C HIS F 56 16.42 17.84 -24.35
N MET F 57 15.14 17.63 -24.07
CA MET F 57 14.26 18.72 -23.62
C MET F 57 13.75 18.37 -22.23
N TRP F 58 13.74 19.35 -21.33
CA TRP F 58 13.00 19.32 -20.06
C TRP F 58 12.13 20.57 -19.98
N MET F 59 10.88 20.41 -19.55
CA MET F 59 9.99 21.56 -19.26
C MET F 59 9.16 21.26 -18.01
N THR F 60 8.66 22.32 -17.39
CA THR F 60 7.48 22.21 -16.51
C THR F 60 6.69 23.49 -16.65
N SER F 61 5.47 23.47 -16.15
CA SER F 61 4.52 24.57 -16.43
C SER F 61 3.48 24.69 -15.33
N SER F 62 2.77 25.80 -15.33
CA SER F 62 1.69 26.12 -14.37
C SER F 62 0.76 27.10 -15.07
N CYS F 63 -0.55 26.88 -14.98
CA CYS F 63 -1.54 27.83 -15.51
C CYS F 63 -2.62 28.02 -14.44
N ARG F 64 -2.57 29.17 -13.77
CA ARG F 64 -3.53 29.51 -12.71
C ARG F 64 -4.35 30.72 -13.14
N LYS F 65 -5.63 30.66 -12.77
CA LYS F 65 -6.59 31.75 -12.94
C LYS F 65 -6.85 32.39 -11.58
N VAL F 66 -6.67 33.68 -11.48
CA VAL F 66 -6.97 34.41 -10.21
C VAL F 66 -8.49 34.49 -10.12
N VAL F 67 -9.08 33.98 -9.04
CA VAL F 67 -10.57 33.91 -8.93
C VAL F 67 -11.09 34.59 -7.66
N ALA F 68 -10.22 35.07 -6.77
CA ALA F 68 -10.65 35.72 -5.50
C ALA F 68 -9.57 36.72 -5.11
N PRO F 69 -9.91 37.77 -4.34
CA PRO F 69 -8.92 38.70 -3.81
C PRO F 69 -8.03 37.97 -2.80
N SER F 70 -6.78 38.38 -2.73
CA SER F 70 -5.80 37.83 -1.77
C SER F 70 -5.40 38.92 -0.79
N ILE F 71 -5.10 38.55 0.48
CA ILE F 71 -4.44 39.43 1.49
C ILE F 71 -2.91 39.34 1.33
N LEU F 72 -2.40 38.59 0.35
CA LEU F 72 -0.96 38.63 -0.01
C LEU F 72 -0.74 39.83 -0.92
N ASP F 73 0.15 40.74 -0.52
CA ASP F 73 0.56 41.94 -1.31
C ASP F 73 0.89 41.44 -2.71
N PRO F 74 0.11 41.79 -3.75
CA PRO F 74 0.40 41.28 -5.09
C PRO F 74 1.75 41.71 -5.70
N GLU F 75 2.27 42.88 -5.34
CA GLU F 75 3.54 43.40 -5.94
C GLU F 75 4.69 42.54 -5.38
N LEU F 76 4.76 42.37 -4.05
CA LEU F 76 5.76 41.50 -3.39
C LEU F 76 5.53 40.03 -3.79
N ASN F 77 4.28 39.59 -3.88
CA ASN F 77 3.95 38.19 -4.21
C ASN F 77 4.58 37.83 -5.55
N ALA F 78 4.69 38.77 -6.47
CA ALA F 78 5.20 38.51 -7.83
C ALA F 78 6.65 38.01 -7.78
N SER F 79 7.45 38.44 -6.80
CA SER F 79 8.89 38.09 -6.59
C SER F 79 9.05 36.93 -5.60
N ALA F 80 7.99 36.41 -4.99
CA ALA F 80 8.11 35.19 -4.15
C ALA F 80 8.17 33.95 -5.07
N ALA F 81 7.88 32.75 -4.56
CA ALA F 81 7.65 31.54 -5.39
C ALA F 81 6.62 31.91 -6.46
N PRO F 82 6.76 31.39 -7.71
CA PRO F 82 5.91 31.82 -8.82
C PRO F 82 4.49 31.24 -8.78
N VAL F 83 4.25 30.20 -7.96
CA VAL F 83 2.96 29.45 -7.98
C VAL F 83 2.46 29.27 -6.56
N MET F 84 1.33 29.90 -6.23
CA MET F 84 0.81 29.89 -4.86
C MET F 84 0.00 28.62 -4.63
N GLU F 85 0.71 27.58 -4.24
CA GLU F 85 0.16 26.28 -3.84
C GLU F 85 -0.36 26.43 -2.40
N ILE F 86 -1.47 27.14 -2.28
CA ILE F 86 -2.11 27.43 -0.97
C ILE F 86 -3.58 27.01 -1.09
N HIS F 87 -4.03 26.19 -0.16
CA HIS F 87 -5.39 25.61 -0.14
C HIS F 87 -6.38 26.76 -0.03
N PRO F 88 -7.43 26.80 -0.90
CA PRO F 88 -8.47 27.83 -0.84
C PRO F 88 -9.20 27.93 0.50
N ALA F 89 -9.24 26.84 1.26
CA ALA F 89 -9.89 26.80 2.58
C ALA F 89 -9.20 27.78 3.55
N LEU F 90 -7.98 28.25 3.30
CA LEU F 90 -7.29 29.13 4.28
C LEU F 90 -7.83 30.57 4.20
N GLY F 91 -8.47 30.94 3.09
CA GLY F 91 -9.21 32.20 2.93
C GLY F 91 -8.32 33.35 2.54
N VAL F 92 -7.09 33.11 2.08
CA VAL F 92 -6.05 34.19 1.96
C VAL F 92 -5.67 34.46 0.50
N ILE F 93 -6.08 33.59 -0.42
CA ILE F 93 -5.68 33.64 -1.85
C ILE F 93 -6.48 32.53 -2.55
N TRP F 94 -6.73 32.71 -3.84
CA TRP F 94 -7.34 31.65 -4.67
C TRP F 94 -6.85 31.82 -6.11
N ASP F 95 -5.78 31.12 -6.46
CA ASP F 95 -5.30 30.95 -7.85
C ASP F 95 -5.74 29.55 -8.24
N ALA F 96 -6.79 29.47 -9.03
CA ALA F 96 -7.40 28.19 -9.42
C ALA F 96 -6.56 27.55 -10.52
N TYR F 97 -6.66 26.25 -10.66
CA TYR F 97 -6.00 25.48 -11.75
C TYR F 97 -6.78 25.67 -13.06
N ASP F 98 -6.10 26.04 -14.12
CA ASP F 98 -6.68 26.02 -15.50
C ASP F 98 -6.57 24.60 -16.04
N PRO F 99 -7.69 23.88 -16.21
CA PRO F 99 -7.65 22.42 -16.37
C PRO F 99 -7.13 21.97 -17.73
N PHE F 100 -7.29 22.80 -18.76
CA PHE F 100 -7.09 22.33 -20.15
C PHE F 100 -5.92 23.07 -20.83
N TYR F 101 -5.05 23.78 -20.10
CA TYR F 101 -3.98 24.62 -20.72
C TYR F 101 -3.01 23.75 -21.52
N TYR F 102 -2.82 22.47 -21.18
CA TYR F 102 -1.92 21.54 -21.95
C TYR F 102 -2.44 21.28 -23.38
N ARG F 103 -3.76 21.44 -23.62
CA ARG F 103 -4.40 21.29 -24.96
C ARG F 103 -4.50 22.65 -25.66
N LYS F 104 -4.54 23.75 -24.91
CA LYS F 104 -4.72 25.10 -25.50
C LYS F 104 -3.40 25.66 -26.02
N ALA F 105 -2.27 25.13 -25.54
CA ALA F 105 -0.92 25.51 -25.99
C ALA F 105 -0.41 24.42 -26.93
N LEU F 106 0.32 24.82 -27.97
CA LEU F 106 1.02 23.90 -28.87
C LEU F 106 2.51 24.10 -28.75
N ILE F 107 3.26 23.03 -29.06
CA ILE F 107 4.70 23.13 -29.37
C ILE F 107 4.82 23.02 -30.89
N LYS F 108 5.59 23.93 -31.47
CA LYS F 108 5.76 24.04 -32.93
C LYS F 108 7.26 24.06 -33.26
N ILE F 109 7.73 23.09 -34.02
CA ILE F 109 9.17 23.04 -34.45
C ILE F 109 9.18 23.06 -35.98
N THR F 110 9.98 23.98 -36.51
CA THR F 110 10.33 24.14 -37.94
C THR F 110 11.83 23.92 -38.12
N TRP F 111 12.19 23.09 -39.11
CA TRP F 111 13.60 22.82 -39.49
C TRP F 111 13.99 23.56 -40.79
N ASP F 112 15.24 24.02 -40.84
CA ASP F 112 15.97 24.43 -42.07
C ASP F 112 15.13 25.48 -42.84
N ASP F 113 14.37 26.30 -42.10
CA ASP F 113 13.56 27.43 -42.63
C ASP F 113 12.60 26.91 -43.68
N GLN F 114 12.03 25.73 -43.48
CA GLN F 114 10.92 25.21 -44.31
C GLN F 114 9.69 26.10 -44.06
N ASP F 115 8.79 26.12 -45.04
CA ASP F 115 7.53 26.93 -45.09
C ASP F 115 6.40 26.18 -44.36
N THR F 116 6.70 25.06 -43.70
CA THR F 116 5.73 24.24 -42.93
C THR F 116 6.47 23.75 -41.67
N PRO F 117 5.79 23.62 -40.52
CA PRO F 117 6.43 22.99 -39.36
C PRO F 117 6.53 21.46 -39.56
N SER F 118 7.44 20.86 -38.80
CA SER F 118 7.66 19.39 -38.76
C SER F 118 7.11 18.84 -37.45
N VAL F 119 6.96 19.70 -36.43
CA VAL F 119 6.28 19.36 -35.15
C VAL F 119 5.18 20.40 -34.92
N LEU F 120 3.93 19.95 -34.80
CA LEU F 120 2.78 20.82 -34.43
C LEU F 120 1.86 19.97 -33.57
N VAL F 121 2.01 20.08 -32.25
CA VAL F 121 1.33 19.16 -31.31
C VAL F 121 0.89 19.98 -30.10
N PRO F 122 -0.26 19.70 -29.48
CA PRO F 122 -0.56 20.33 -28.20
C PRO F 122 0.61 20.04 -27.25
N PHE F 123 0.95 21.03 -26.43
CA PHE F 123 2.11 21.08 -25.50
C PHE F 123 2.10 19.81 -24.63
N GLY F 124 0.95 19.50 -24.06
CA GLY F 124 0.78 18.29 -23.22
C GLY F 124 1.05 17.01 -24.00
N ASP F 125 0.31 16.79 -25.09
CA ASP F 125 0.32 15.51 -25.86
C ASP F 125 1.73 15.26 -26.39
N PHE F 126 2.44 16.29 -26.84
CA PHE F 126 3.83 16.13 -27.29
C PHE F 126 4.63 15.39 -26.22
N PHE F 127 4.53 15.85 -24.98
CA PHE F 127 5.23 15.31 -23.79
C PHE F 127 4.44 14.20 -23.08
N CYS F 128 3.55 13.53 -23.80
CA CYS F 128 2.87 12.31 -23.33
C CYS F 128 1.97 12.63 -22.13
N ILE F 129 1.40 13.82 -22.15
CA ILE F 129 0.24 14.20 -21.30
C ILE F 129 -1.00 14.18 -22.22
N GLY F 130 -1.80 13.14 -22.08
CA GLY F 130 -3.04 12.98 -22.85
C GLY F 130 -4.15 13.65 -22.11
N ASN F 131 -5.10 14.24 -22.84
CA ASN F 131 -6.40 14.69 -22.28
C ASN F 131 -6.15 15.84 -21.29
N SER F 132 -5.02 16.53 -21.41
CA SER F 132 -4.57 17.58 -20.47
C SER F 132 -4.60 17.05 -19.03
N TYR F 133 -4.29 15.77 -18.83
CA TYR F 133 -4.41 15.05 -17.53
C TYR F 133 -3.18 14.17 -17.31
N PRO F 134 -2.15 14.71 -16.64
CA PRO F 134 -0.89 13.99 -16.49
C PRO F 134 -1.02 12.66 -15.71
N GLY F 135 -0.17 11.71 -16.14
CA GLY F 135 0.11 10.44 -15.47
C GLY F 135 1.61 10.30 -15.28
N ASN F 136 2.02 9.84 -14.11
CA ASN F 136 3.43 9.63 -13.74
C ASN F 136 3.92 8.40 -14.53
N PHE F 137 4.97 8.53 -15.34
CA PHE F 137 5.55 7.33 -16.00
C PHE F 137 6.97 7.60 -16.49
N SER F 138 7.66 6.51 -16.77
CA SER F 138 8.95 6.53 -17.47
C SER F 138 8.91 5.58 -18.67
N SER F 139 9.44 6.06 -19.78
CA SER F 139 9.76 5.25 -20.98
C SER F 139 11.18 5.61 -21.40
N LEU F 140 11.75 4.98 -22.43
CA LEU F 140 13.15 5.30 -22.84
C LEU F 140 13.23 6.72 -23.42
N PRO F 141 12.35 7.19 -24.33
CA PRO F 141 12.49 8.56 -24.85
C PRO F 141 11.69 9.69 -24.16
N PHE F 142 10.64 9.36 -23.42
CA PHE F 142 9.76 10.33 -22.74
C PHE F 142 9.52 9.93 -21.29
N ASN F 143 9.42 10.94 -20.42
CA ASN F 143 9.15 10.71 -18.99
C ASN F 143 8.28 11.84 -18.45
N VAL F 144 7.47 11.53 -17.44
CA VAL F 144 6.68 12.54 -16.69
C VAL F 144 6.88 12.25 -15.22
N SER F 145 7.39 13.22 -14.47
CA SER F 145 7.50 13.10 -12.98
C SER F 145 6.40 13.97 -12.36
N LEU F 146 5.37 13.33 -11.84
CA LEU F 146 4.11 13.92 -11.31
C LEU F 146 4.01 13.56 -9.84
N LYS F 147 3.89 14.53 -8.96
CA LYS F 147 3.69 14.25 -7.50
C LYS F 147 2.34 13.57 -7.27
N PRO F 148 2.26 12.55 -6.39
CA PRO F 148 0.99 11.89 -6.11
C PRO F 148 -0.12 12.83 -5.61
N GLU F 149 0.25 13.91 -4.93
CA GLU F 149 -0.73 14.86 -4.33
C GLU F 149 -1.28 15.80 -5.42
N GLU F 150 -0.59 15.94 -6.55
CA GLU F 150 -1.07 16.73 -7.72
C GLU F 150 -1.78 15.81 -8.72
N ALA F 151 -1.61 14.48 -8.62
CA ALA F 151 -2.07 13.51 -9.65
C ALA F 151 -3.59 13.39 -9.62
N GLY F 152 -4.16 12.96 -10.75
CA GLY F 152 -5.60 12.68 -10.91
C GLY F 152 -6.44 13.94 -10.99
N LYS F 153 -5.91 15.02 -11.58
CA LYS F 153 -6.73 16.21 -11.92
C LYS F 153 -6.23 16.77 -13.27
N PHE F 154 -7.14 17.40 -13.97
CA PHE F 154 -6.81 18.11 -15.23
C PHE F 154 -5.82 19.24 -14.92
N GLY F 155 -4.76 19.36 -15.72
CA GLY F 155 -3.86 20.52 -15.65
C GLY F 155 -2.92 20.46 -14.46
N ALA F 156 -2.74 19.27 -13.86
CA ALA F 156 -1.77 19.02 -12.77
C ALA F 156 -0.39 19.44 -13.26
N PRO F 157 0.41 20.16 -12.44
CA PRO F 157 1.81 20.41 -12.78
C PRO F 157 2.66 19.13 -12.71
N CYS F 158 3.65 19.00 -13.57
CA CYS F 158 4.55 17.82 -13.62
C CYS F 158 5.77 18.14 -14.47
N SER F 159 6.82 17.33 -14.37
CA SER F 159 8.07 17.52 -15.17
C SER F 159 7.98 16.66 -16.41
N VAL F 160 8.28 17.22 -17.57
CA VAL F 160 8.31 16.45 -18.84
C VAL F 160 9.76 16.46 -19.35
N SER F 161 10.15 15.39 -20.04
CA SER F 161 11.49 15.23 -20.62
C SER F 161 11.39 14.35 -21.85
N CYS F 162 12.11 14.76 -22.89
CA CYS F 162 12.15 14.14 -24.22
C CYS F 162 13.62 13.86 -24.60
N TYR F 163 13.95 12.62 -24.94
CA TYR F 163 15.33 12.24 -25.33
C TYR F 163 15.41 11.85 -26.82
N PHE F 164 14.32 12.01 -27.57
CA PHE F 164 14.32 11.77 -29.05
C PHE F 164 15.27 12.80 -29.63
N PRO F 165 16.32 12.38 -30.39
CA PRO F 165 17.24 13.32 -31.00
C PRO F 165 16.55 14.00 -32.19
N MET F 166 16.90 15.25 -32.45
CA MET F 166 16.28 16.07 -33.52
C MET F 166 17.41 16.76 -34.26
N PRO F 167 17.96 16.13 -35.31
CA PRO F 167 19.08 16.74 -36.00
C PRO F 167 18.53 17.78 -36.99
N PHE F 168 19.39 18.72 -37.35
CA PHE F 168 19.09 19.76 -38.36
C PHE F 168 20.40 20.27 -38.97
N ASN F 169 20.45 20.31 -40.31
CA ASN F 169 21.64 20.82 -41.04
C ASN F 169 21.71 22.34 -40.99
N LYS F 170 20.59 23.07 -41.01
CA LYS F 170 20.60 24.54 -41.27
C LYS F 170 19.89 25.33 -40.17
N LYS F 171 18.71 24.92 -39.72
CA LYS F 171 17.95 25.78 -38.77
C LYS F 171 17.03 24.93 -37.90
N ALA F 172 16.92 25.30 -36.63
CA ALA F 172 15.89 24.81 -35.70
C ALA F 172 15.14 26.01 -35.12
N LYS F 173 13.83 26.05 -35.28
CA LYS F 173 13.00 27.13 -34.69
C LYS F 173 11.92 26.45 -33.86
N ILE F 174 12.01 26.63 -32.54
CA ILE F 174 11.13 26.02 -31.51
C ILE F 174 10.24 27.11 -30.93
N GLU F 175 8.93 26.92 -31.04
CA GLU F 175 7.92 27.92 -30.58
C GLU F 175 6.88 27.22 -29.70
N ILE F 176 6.27 28.02 -28.82
CA ILE F 176 5.01 27.71 -28.13
C ILE F 176 3.94 28.61 -28.73
N VAL F 177 2.83 27.99 -29.15
CA VAL F 177 1.62 28.69 -29.63
C VAL F 177 0.59 28.60 -28.51
N ASN F 178 0.30 29.72 -27.85
CA ASN F 178 -0.65 29.71 -26.71
C ASN F 178 -2.01 30.21 -27.20
N ASP F 179 -2.95 29.29 -27.49
CA ASP F 179 -4.35 29.64 -27.90
C ASP F 179 -5.22 29.85 -26.66
N ASN F 180 -4.64 29.82 -25.46
CA ASN F 180 -5.37 30.01 -24.18
C ASN F 180 -5.71 31.51 -24.04
N GLU F 181 -6.85 31.80 -23.45
CA GLU F 181 -7.22 33.16 -22.95
C GLU F 181 -6.34 33.54 -21.76
N LEU F 182 -5.74 32.56 -21.08
CA LEU F 182 -4.82 32.83 -19.94
C LEU F 182 -3.37 32.68 -20.37
N PRO F 183 -2.46 33.48 -19.79
CA PRO F 183 -1.03 33.23 -19.93
C PRO F 183 -0.68 31.97 -19.11
N PHE F 184 0.45 31.32 -19.35
CA PHE F 184 0.93 30.23 -18.45
C PHE F 184 2.44 30.36 -18.27
N ILE F 185 2.88 29.79 -17.15
CA ILE F 185 4.31 29.71 -16.77
C ILE F 185 4.91 28.48 -17.45
N LEU F 186 6.03 28.69 -18.14
CA LEU F 186 6.85 27.64 -18.76
C LEU F 186 8.29 27.76 -18.27
N TYR F 187 8.80 26.72 -17.62
CA TYR F 187 10.25 26.46 -17.40
C TYR F 187 10.70 25.54 -18.53
N PHE F 188 11.89 25.76 -19.13
CA PHE F 188 12.46 24.81 -20.12
C PHE F 188 13.97 24.84 -20.13
N ASN F 189 14.55 23.68 -20.47
CA ASN F 189 16.01 23.47 -20.78
C ASN F 189 16.02 22.61 -22.03
N ILE F 190 16.35 23.21 -23.17
CA ILE F 190 16.48 22.49 -24.46
C ILE F 190 17.97 22.40 -24.79
N ASP F 191 18.52 21.20 -24.68
CA ASP F 191 19.97 20.94 -24.84
C ASP F 191 20.19 20.54 -26.30
N TYR F 192 21.30 21.01 -26.89
CA TYR F 192 21.72 20.57 -28.23
C TYR F 192 23.23 20.52 -28.28
N GLU F 193 23.72 20.00 -29.41
CA GLU F 193 25.15 20.19 -29.81
C GLU F 193 25.19 20.79 -31.22
N MET F 194 26.21 21.58 -31.46
CA MET F 194 26.56 22.16 -32.78
C MET F 194 27.75 21.41 -33.38
N TYR F 195 27.70 21.16 -34.69
CA TYR F 195 28.70 20.37 -35.45
C TYR F 195 29.59 21.31 -36.31
N GLY F 196 30.84 20.89 -36.56
CA GLY F 196 31.82 21.67 -37.33
C GLY F 196 31.71 21.42 -38.83
N GLU F 197 30.88 20.46 -39.24
CA GLU F 197 30.74 20.02 -40.64
C GLU F 197 29.28 19.62 -40.86
N PRO F 198 28.75 19.73 -42.11
CA PRO F 198 27.38 19.29 -42.40
C PRO F 198 27.08 17.85 -41.96
N LEU F 199 25.82 17.58 -41.65
CA LEU F 199 25.31 16.21 -41.52
C LEU F 199 25.06 15.66 -42.91
N PRO F 200 25.03 14.34 -43.12
CA PRO F 200 24.61 13.78 -44.40
C PRO F 200 23.27 14.37 -44.90
N GLU F 201 23.22 14.84 -46.16
CA GLU F 201 22.06 15.53 -46.80
C GLU F 201 20.76 14.72 -46.60
N ASP F 202 20.83 13.38 -46.57
CA ASP F 202 19.73 12.41 -46.32
C ASP F 202 19.58 12.05 -44.82
N THR F 203 20.06 12.89 -43.88
CA THR F 203 19.73 12.74 -42.44
C THR F 203 18.20 12.80 -42.26
N ALA F 204 17.62 11.91 -41.46
CA ALA F 204 16.18 11.88 -41.12
C ALA F 204 15.90 12.83 -39.95
N TYR F 205 14.93 13.73 -40.11
CA TYR F 205 14.53 14.80 -39.16
C TYR F 205 13.28 14.39 -38.36
N PHE F 206 13.23 14.81 -37.10
CA PHE F 206 12.14 14.47 -36.15
C PHE F 206 10.88 15.28 -36.47
N HIS F 207 9.77 14.56 -36.59
CA HIS F 207 8.43 15.13 -36.89
C HIS F 207 7.46 14.59 -35.85
N ALA F 208 6.41 15.37 -35.58
CA ALA F 208 5.29 14.92 -34.73
C ALA F 208 4.04 15.69 -35.15
N ALA F 209 2.91 14.99 -35.17
CA ALA F 209 1.60 15.54 -35.54
C ALA F 209 0.54 14.96 -34.63
N TRP F 210 -0.51 15.72 -34.42
CA TRP F 210 -1.62 15.38 -33.50
C TRP F 210 -2.89 15.26 -34.32
N HIS F 211 -3.75 14.34 -33.93
CA HIS F 211 -5.06 14.07 -34.57
C HIS F 211 -6.08 13.73 -33.51
N ARG F 212 -7.35 14.04 -33.80
CA ARG F 212 -8.50 13.66 -32.96
C ARG F 212 -9.69 13.32 -33.84
N GLU F 213 -10.38 12.26 -33.50
CA GLU F 213 -11.71 11.94 -34.09
C GLU F 213 -12.64 11.85 -32.91
N ASN F 214 -13.54 12.82 -32.79
CA ASN F 214 -14.45 12.95 -31.63
C ASN F 214 -15.81 13.48 -32.08
N PRO F 215 -16.86 12.65 -32.26
CA PRO F 215 -16.73 11.20 -32.12
C PRO F 215 -16.03 10.51 -33.31
N CYS F 216 -15.45 9.33 -33.09
CA CYS F 216 -15.28 8.31 -34.17
C CYS F 216 -16.64 8.01 -34.83
N ASN F 217 -16.65 7.79 -36.15
CA ASN F 217 -17.85 7.49 -37.00
C ASN F 217 -18.25 6.02 -36.88
N GLY F 218 -18.64 5.54 -35.70
CA GLY F 218 -18.94 4.12 -35.49
C GLY F 218 -20.28 3.67 -36.07
N TRP F 219 -20.36 2.44 -36.54
CA TRP F 219 -21.61 1.92 -37.15
C TRP F 219 -22.46 1.30 -36.03
N GLY F 220 -21.88 1.03 -34.86
CA GLY F 220 -22.58 0.26 -33.82
C GLY F 220 -22.28 0.71 -32.40
N PRO F 221 -22.23 2.03 -32.10
CA PRO F 221 -21.90 2.49 -30.75
C PRO F 221 -22.84 1.98 -29.65
N GLU F 222 -24.08 1.66 -30.01
CA GLU F 222 -25.10 1.23 -29.02
C GLU F 222 -25.15 -0.31 -28.94
N LEU F 223 -24.41 -1.06 -29.78
CA LEU F 223 -24.31 -2.55 -29.65
C LEU F 223 -23.25 -2.87 -28.61
N GLN F 224 -23.49 -3.88 -27.78
CA GLN F 224 -22.49 -4.36 -26.81
C GLN F 224 -21.21 -4.76 -27.56
N VAL F 225 -20.07 -4.25 -27.10
CA VAL F 225 -18.74 -4.71 -27.58
C VAL F 225 -18.63 -6.24 -27.36
N ASN F 226 -18.05 -6.94 -28.34
CA ASN F 226 -17.81 -8.41 -28.35
C ASN F 226 -19.11 -9.20 -28.43
N SER F 227 -20.26 -8.56 -28.68
CA SER F 227 -21.50 -9.33 -29.01
C SER F 227 -21.19 -10.16 -30.27
N PRO F 228 -21.79 -11.36 -30.48
CA PRO F 228 -21.57 -12.12 -31.71
C PRO F 228 -21.80 -11.30 -32.98
N GLU F 229 -22.79 -10.42 -32.96
CA GLU F 229 -23.19 -9.57 -34.11
C GLU F 229 -22.06 -8.61 -34.48
N VAL F 230 -21.46 -7.95 -33.49
CA VAL F 230 -20.31 -7.03 -33.75
C VAL F 230 -19.14 -7.87 -34.30
N ASN F 231 -18.81 -8.97 -33.64
CA ASN F 231 -17.54 -9.70 -33.90
C ASN F 231 -17.54 -10.37 -35.28
N ASN F 232 -18.69 -10.62 -35.89
CA ASN F 232 -18.79 -11.31 -37.20
C ASN F 232 -18.89 -10.25 -38.32
N VAL F 233 -18.73 -8.95 -38.03
CA VAL F 233 -18.62 -7.92 -39.11
C VAL F 233 -17.18 -7.93 -39.62
N THR F 234 -16.98 -7.69 -40.93
CA THR F 234 -15.67 -7.85 -41.58
C THR F 234 -15.14 -6.44 -41.86
N ASN F 235 -13.82 -6.29 -41.76
CA ASN F 235 -13.08 -5.07 -42.17
C ASN F 235 -11.65 -5.48 -42.58
N PHE F 236 -11.34 -5.44 -43.89
CA PHE F 236 -10.02 -5.76 -44.46
C PHE F 236 -9.29 -4.48 -44.86
N LYS F 237 -9.96 -3.64 -45.65
CA LYS F 237 -9.33 -2.46 -46.29
C LYS F 237 -9.15 -1.32 -45.27
N GLY F 238 -10.00 -1.29 -44.24
CA GLY F 238 -9.87 -0.34 -43.11
C GLY F 238 -10.02 1.12 -43.54
N GLU F 239 -10.92 1.41 -44.50
CA GLU F 239 -11.18 2.78 -45.05
C GLU F 239 -11.58 3.75 -43.92
N ASN F 240 -12.40 3.29 -42.97
CA ASN F 240 -12.93 4.09 -41.83
C ASN F 240 -12.10 3.90 -40.55
N ASN F 241 -10.91 3.33 -40.62
CA ASN F 241 -10.08 3.16 -39.40
C ASN F 241 -9.71 4.54 -38.86
N TYR F 242 -9.52 4.68 -37.54
CA TYR F 242 -8.87 5.87 -36.95
C TYR F 242 -7.47 6.00 -37.58
N THR F 243 -7.11 7.21 -37.99
CA THR F 243 -5.84 7.53 -38.66
C THR F 243 -4.87 8.20 -37.67
N VAL F 244 -3.80 7.49 -37.33
CA VAL F 244 -2.75 8.02 -36.41
C VAL F 244 -1.78 8.89 -37.22
N LEU F 245 -1.47 8.49 -38.45
CA LEU F 245 -0.48 9.16 -39.32
C LEU F 245 -0.75 8.80 -40.78
N ASP F 246 -0.65 9.79 -41.65
CA ASP F 246 -0.85 9.65 -43.12
C ASP F 246 0.14 10.62 -43.75
N VAL F 247 1.33 10.12 -44.09
CA VAL F 247 2.48 11.02 -44.42
C VAL F 247 3.13 10.50 -45.70
N GLU F 248 3.60 11.43 -46.50
CA GLU F 248 4.26 11.15 -47.78
C GLU F 248 5.74 11.47 -47.57
N GLY F 249 6.61 10.54 -47.93
CA GLY F 249 8.06 10.79 -47.88
C GLY F 249 8.86 9.52 -47.64
N THR F 250 10.11 9.67 -47.21
CA THR F 250 11.06 8.58 -46.92
C THR F 250 11.47 8.70 -45.45
N GLY F 251 11.15 7.71 -44.63
CA GLY F 251 11.48 7.75 -43.20
C GLY F 251 11.00 6.52 -42.46
N HIS F 252 10.72 6.70 -41.18
CA HIS F 252 10.18 5.62 -40.32
C HIS F 252 9.35 6.24 -39.21
N TYR F 253 8.23 5.60 -38.90
CA TYR F 253 7.36 5.93 -37.74
C TYR F 253 8.02 5.33 -36.50
N VAL F 254 8.08 6.08 -35.40
CA VAL F 254 8.74 5.63 -34.14
C VAL F 254 7.71 5.59 -33.00
N GLY F 255 6.42 5.74 -33.32
CA GLY F 255 5.34 5.38 -32.39
C GLY F 255 4.41 6.53 -32.08
N CYS F 256 3.62 6.37 -31.03
CA CYS F 256 2.49 7.29 -30.75
C CYS F 256 2.13 7.27 -29.28
N ASN F 257 1.37 8.28 -28.90
CA ASN F 257 0.52 8.18 -27.70
C ASN F 257 -0.90 8.27 -28.19
N LEU F 258 -1.81 7.67 -27.46
CA LEU F 258 -3.25 7.58 -27.81
C LEU F 258 -4.04 7.92 -26.56
N THR F 259 -4.90 8.94 -26.64
CA THR F 259 -5.90 9.25 -25.60
C THR F 259 -7.29 8.80 -26.04
N VAL F 260 -7.93 7.91 -25.28
CA VAL F 260 -9.29 7.38 -25.58
C VAL F 260 -10.20 7.72 -24.42
N LYS F 261 -11.29 8.47 -24.69
CA LYS F 261 -12.46 8.53 -23.77
C LYS F 261 -13.51 7.55 -24.28
N HIS F 262 -13.85 6.54 -23.49
CA HIS F 262 -14.75 5.42 -23.86
C HIS F 262 -16.14 5.67 -23.25
N PHE F 263 -17.20 5.50 -24.03
CA PHE F 263 -18.55 5.93 -23.63
C PHE F 263 -19.43 4.79 -23.16
N GLN F 264 -19.34 3.55 -23.66
CA GLN F 264 -20.42 2.61 -23.31
C GLN F 264 -20.06 1.89 -22.00
N GLY F 265 -18.80 1.90 -21.57
CA GLY F 265 -18.41 1.23 -20.31
C GLY F 265 -18.24 -0.29 -20.45
N SER F 266 -17.70 -0.73 -21.58
CA SER F 266 -17.32 -2.15 -21.79
C SER F 266 -15.80 -2.17 -22.08
N TRP F 267 -15.39 -2.19 -23.35
CA TRP F 267 -13.97 -2.16 -23.74
C TRP F 267 -13.85 -1.42 -25.09
N TRP F 268 -12.94 -0.46 -25.17
CA TRP F 268 -12.74 0.42 -26.36
C TRP F 268 -11.76 -0.16 -27.39
N GLY F 269 -11.08 -1.28 -27.08
CA GLY F 269 -9.77 -1.62 -27.67
C GLY F 269 -9.73 -2.90 -28.49
N GLU F 270 -10.85 -3.41 -29.00
CA GLU F 270 -10.80 -4.62 -29.85
C GLU F 270 -10.22 -4.33 -31.23
N GLY F 271 -10.10 -3.05 -31.61
CA GLY F 271 -9.65 -2.66 -32.95
C GLY F 271 -8.18 -2.97 -33.25
N ASN F 272 -7.92 -3.44 -34.47
CA ASN F 272 -6.59 -3.86 -34.98
C ASN F 272 -5.82 -2.64 -35.49
N ASP F 273 -4.55 -2.50 -35.15
CA ASP F 273 -3.61 -1.67 -35.94
C ASP F 273 -3.52 -2.24 -37.37
N MET F 274 -3.44 -1.35 -38.34
CA MET F 274 -3.33 -1.74 -39.76
C MET F 274 -2.44 -0.69 -40.40
N PHE F 275 -1.23 -1.10 -40.82
CA PHE F 275 -0.23 -0.21 -41.47
C PHE F 275 -0.27 -0.41 -42.98
N PHE F 276 -0.31 0.70 -43.70
CA PHE F 276 -0.30 0.73 -45.19
C PHE F 276 1.01 1.37 -45.61
N ILE F 277 1.91 0.54 -46.13
CA ILE F 277 3.28 0.99 -46.52
C ILE F 277 3.29 1.29 -48.02
N ASP F 278 3.72 2.50 -48.36
CA ASP F 278 4.06 2.90 -49.74
C ASP F 278 2.85 2.67 -50.66
N GLY F 279 1.64 2.99 -50.22
CA GLY F 279 0.47 3.13 -51.13
C GLY F 279 -0.26 1.83 -51.36
N GLU F 280 0.14 0.72 -50.73
CA GLU F 280 -0.55 -0.58 -50.88
C GLU F 280 -2.03 -0.37 -50.49
N GLU F 281 -2.93 -1.10 -51.14
CA GLU F 281 -4.39 -0.93 -51.00
C GLU F 281 -4.89 -1.62 -49.72
N TYR F 282 -4.46 -2.85 -49.48
CA TYR F 282 -4.72 -3.60 -48.22
C TYR F 282 -3.50 -3.49 -47.33
N PRO F 283 -3.66 -3.43 -45.98
CA PRO F 283 -2.51 -3.25 -45.11
C PRO F 283 -1.57 -4.47 -45.13
N SER F 284 -0.25 -4.27 -45.24
CA SER F 284 0.73 -5.38 -45.16
C SER F 284 0.96 -5.80 -43.70
N LEU F 285 0.80 -4.87 -42.75
CA LEU F 285 1.04 -5.11 -41.31
C LEU F 285 -0.32 -5.14 -40.63
N ASN F 286 -0.82 -6.32 -40.23
CA ASN F 286 -2.12 -6.47 -39.56
C ASN F 286 -1.86 -6.84 -38.10
N GLY F 287 -2.45 -6.09 -37.17
CA GLY F 287 -2.46 -6.42 -35.72
C GLY F 287 -3.71 -7.16 -35.30
N THR F 288 -3.94 -7.23 -33.99
CA THR F 288 -4.92 -8.15 -33.40
C THR F 288 -5.86 -7.39 -32.46
N GLY F 289 -5.43 -6.26 -31.91
CA GLY F 289 -6.22 -5.46 -30.98
C GLY F 289 -5.47 -4.26 -30.50
N THR F 290 -6.13 -3.31 -29.86
CA THR F 290 -5.50 -1.99 -29.61
C THR F 290 -4.53 -2.09 -28.43
N GLU F 291 -4.93 -2.71 -27.32
CA GLU F 291 -3.97 -2.98 -26.22
C GLU F 291 -2.85 -3.89 -26.77
N ASP F 292 -3.17 -4.80 -27.69
CA ASP F 292 -2.15 -5.71 -28.29
C ASP F 292 -1.07 -4.88 -28.96
N TYR F 293 -1.48 -3.87 -29.75
CA TYR F 293 -0.54 -2.91 -30.36
C TYR F 293 0.31 -2.27 -29.25
N PHE F 294 -0.28 -1.83 -28.15
CA PHE F 294 0.48 -1.25 -26.99
C PHE F 294 1.16 -2.34 -26.14
N ASN F 295 1.18 -3.60 -26.58
CA ASN F 295 1.96 -4.72 -25.99
C ASN F 295 1.44 -5.08 -24.59
N HIS F 296 0.20 -4.73 -24.27
CA HIS F 296 -0.52 -5.32 -23.12
C HIS F 296 -1.48 -6.38 -23.64
N ALA F 297 -2.34 -6.90 -22.77
CA ALA F 297 -3.26 -8.00 -23.15
C ALA F 297 -4.44 -8.07 -22.20
N TRP F 298 -5.60 -8.44 -22.72
CA TRP F 298 -6.86 -8.56 -21.95
C TRP F 298 -7.10 -7.22 -21.25
N GLY F 299 -6.97 -6.13 -21.99
CA GLY F 299 -7.07 -4.76 -21.46
C GLY F 299 -5.70 -4.13 -21.31
N MET F 300 -5.67 -2.86 -20.91
CA MET F 300 -4.43 -2.16 -20.55
C MET F 300 -4.17 -2.41 -19.06
N GLN F 301 -2.91 -2.47 -18.68
CA GLN F 301 -2.45 -2.69 -17.30
C GLN F 301 -1.81 -1.39 -16.82
N ARG F 302 -1.64 -1.29 -15.52
CA ARG F 302 -0.95 -0.15 -14.90
C ARG F 302 0.55 -0.44 -14.92
N ASN F 303 1.11 -0.55 -16.12
CA ASN F 303 2.55 -0.74 -16.43
C ASN F 303 2.93 0.32 -17.46
N ALA F 304 4.13 0.87 -17.31
CA ALA F 304 4.78 1.82 -18.23
C ALA F 304 6.21 1.35 -18.41
N TYR F 305 6.50 0.71 -19.53
CA TYR F 305 7.77 0.00 -19.83
C TYR F 305 8.55 0.83 -20.83
N PRO F 306 9.83 0.50 -21.12
CA PRO F 306 10.67 1.39 -21.90
C PRO F 306 10.06 1.76 -23.26
N PHE F 307 9.41 0.79 -23.93
CA PHE F 307 8.93 0.89 -25.32
C PHE F 307 7.38 0.92 -25.38
N PHE F 308 6.65 0.74 -24.28
CA PHE F 308 5.17 0.78 -24.33
C PHE F 308 4.52 0.83 -22.95
N GLY F 309 3.25 1.26 -22.92
CA GLY F 309 2.32 0.96 -21.83
C GLY F 309 1.30 2.05 -21.57
N THR F 310 0.97 2.19 -20.32
CA THR F 310 -0.11 3.08 -19.84
C THR F 310 0.53 4.31 -19.17
N ILE F 311 0.08 5.49 -19.57
CA ILE F 311 0.36 6.78 -18.89
C ILE F 311 -0.75 7.07 -17.85
N VAL F 312 -2.01 6.98 -18.28
CA VAL F 312 -3.22 7.17 -17.44
C VAL F 312 -4.14 5.98 -17.68
N HIS F 313 -4.46 5.26 -16.61
CA HIS F 313 -5.27 4.03 -16.67
C HIS F 313 -6.75 4.40 -16.49
N GLU F 314 -7.60 3.75 -17.28
CA GLU F 314 -9.06 3.90 -17.27
C GLU F 314 -9.63 3.61 -15.89
N GLY F 315 -9.07 2.66 -15.18
CA GLY F 315 -9.52 2.28 -13.81
C GLY F 315 -9.39 3.41 -12.80
N ASP F 316 -8.61 4.45 -13.10
CA ASP F 316 -8.27 5.58 -12.19
C ASP F 316 -9.07 6.81 -12.61
N THR F 317 -9.73 6.80 -13.76
CA THR F 317 -10.35 8.03 -14.32
C THR F 317 -11.84 7.82 -14.56
N ASP F 318 -12.46 8.86 -15.09
CA ASP F 318 -13.86 8.90 -15.56
C ASP F 318 -13.88 8.46 -17.03
N GLY F 319 -13.48 7.21 -17.31
CA GLY F 319 -13.63 6.56 -18.64
C GLY F 319 -12.54 6.90 -19.66
N PHE F 320 -11.33 7.30 -19.26
CA PHE F 320 -10.33 7.68 -20.27
C PHE F 320 -8.99 7.04 -19.94
N GLN F 321 -8.28 6.73 -21.01
CA GLN F 321 -6.99 5.98 -21.03
C GLN F 321 -5.99 6.79 -21.83
N VAL F 322 -4.73 6.88 -21.38
CA VAL F 322 -3.63 7.40 -22.24
C VAL F 322 -2.55 6.33 -22.34
N SER F 323 -2.15 5.98 -23.54
CA SER F 323 -1.24 4.84 -23.84
C SER F 323 -0.12 5.29 -24.76
N TYR F 324 0.96 4.51 -24.84
CA TYR F 324 2.10 4.86 -25.73
C TYR F 324 2.77 3.58 -26.18
N ARG F 325 3.32 3.62 -27.36
CA ARG F 325 4.29 2.60 -27.83
C ARG F 325 5.37 3.31 -28.61
N TRP F 326 6.64 2.98 -28.36
CA TRP F 326 7.80 3.48 -29.12
C TRP F 326 8.34 2.34 -29.99
N HIS F 327 8.51 2.63 -31.27
CA HIS F 327 9.18 1.72 -32.23
C HIS F 327 10.62 2.19 -32.39
N ILE F 328 11.43 2.01 -31.35
CA ILE F 328 12.84 2.50 -31.37
C ILE F 328 13.76 1.47 -32.05
N THR F 329 13.71 0.20 -31.69
CA THR F 329 14.54 -0.85 -32.34
C THR F 329 13.71 -1.55 -33.43
N ASP F 330 12.40 -1.27 -33.51
CA ASP F 330 11.49 -1.90 -34.50
C ASP F 330 10.75 -0.80 -35.29
N PRO F 331 11.43 0.21 -35.85
CA PRO F 331 10.69 1.27 -36.53
C PRO F 331 9.81 0.72 -37.66
N VAL F 332 8.75 1.44 -38.05
CA VAL F 332 7.96 1.10 -39.27
C VAL F 332 8.46 2.02 -40.40
N ARG F 333 9.18 1.42 -41.37
CA ARG F 333 9.91 2.14 -42.45
C ARG F 333 9.00 2.32 -43.65
N PHE F 334 9.30 3.35 -44.43
CA PHE F 334 8.57 3.67 -45.67
C PHE F 334 9.50 4.43 -46.61
N GLU F 335 9.33 4.18 -47.91
CA GLU F 335 10.08 4.83 -49.03
C GLU F 335 9.29 6.00 -49.62
N LYS F 336 7.96 5.87 -49.70
CA LYS F 336 7.08 6.85 -50.40
C LYS F 336 6.00 7.36 -49.45
N HIS F 337 5.39 6.46 -48.66
CA HIS F 337 4.16 6.79 -47.92
C HIS F 337 3.96 5.80 -46.77
N LEU F 338 3.45 6.29 -45.66
CA LEU F 338 2.97 5.43 -44.55
C LEU F 338 1.61 5.94 -44.10
N LYS F 339 0.66 5.02 -43.94
CA LYS F 339 -0.61 5.28 -43.23
C LYS F 339 -0.63 4.35 -42.02
N VAL F 340 -0.60 4.93 -40.83
CA VAL F 340 -0.76 4.20 -39.53
C VAL F 340 -2.22 4.32 -39.09
N THR F 341 -2.93 3.21 -38.99
CA THR F 341 -4.36 3.22 -38.63
C THR F 341 -4.58 2.20 -37.52
N ILE F 342 -5.69 2.39 -36.84
CA ILE F 342 -6.22 1.44 -35.83
C ILE F 342 -7.74 1.42 -36.02
N GLU F 343 -8.37 0.25 -36.06
CA GLU F 343 -9.83 0.16 -36.12
C GLU F 343 -10.35 0.77 -34.83
N HIS F 344 -11.35 1.64 -34.89
CA HIS F 344 -11.88 2.30 -33.67
C HIS F 344 -12.97 1.39 -33.15
N GLY F 345 -12.58 0.45 -32.30
CA GLY F 345 -13.37 -0.75 -31.97
C GLY F 345 -13.29 -1.74 -33.13
N HIS F 346 -13.66 -2.99 -32.91
CA HIS F 346 -13.65 -4.02 -33.98
C HIS F 346 -14.39 -3.49 -35.19
N ALA F 347 -13.74 -3.50 -36.34
CA ALA F 347 -14.37 -3.06 -37.61
C ALA F 347 -15.03 -1.69 -37.42
N ASN F 348 -14.44 -0.84 -36.62
CA ASN F 348 -14.87 0.58 -36.49
C ASN F 348 -16.30 0.63 -35.93
N GLN F 349 -16.63 -0.30 -35.03
CA GLN F 349 -17.94 -0.30 -34.36
C GLN F 349 -18.15 1.00 -33.56
N LEU F 350 -17.13 1.51 -32.87
CA LEU F 350 -17.36 2.44 -31.76
C LEU F 350 -17.26 3.88 -32.24
N SER F 351 -17.79 4.78 -31.41
CA SER F 351 -17.93 6.25 -31.63
C SER F 351 -17.33 6.99 -30.41
N ASP F 352 -16.20 6.50 -29.92
CA ASP F 352 -15.47 7.04 -28.76
C ASP F 352 -14.68 8.29 -29.20
N ASP F 353 -14.11 8.98 -28.23
CA ASP F 353 -13.25 10.17 -28.41
C ASP F 353 -11.79 9.69 -28.40
N TRP F 354 -11.17 9.66 -29.56
CA TRP F 354 -9.76 9.25 -29.82
C TRP F 354 -8.92 10.46 -30.24
N SER F 355 -7.76 10.61 -29.62
CA SER F 355 -6.74 11.60 -30.04
C SER F 355 -5.38 10.94 -29.92
N SER F 356 -4.44 11.40 -30.72
CA SER F 356 -3.12 10.72 -30.83
C SER F 356 -2.06 11.72 -31.22
N THR F 357 -0.87 11.49 -30.70
CA THR F 357 0.38 12.08 -31.23
C THR F 357 1.15 10.98 -31.97
N ALA F 358 1.52 11.23 -33.24
CA ALA F 358 2.35 10.33 -34.06
C ALA F 358 3.74 10.97 -34.12
N TYR F 359 4.75 10.13 -34.06
CA TYR F 359 6.15 10.59 -34.08
C TYR F 359 6.83 9.82 -35.20
N TRP F 360 7.60 10.50 -36.04
CA TRP F 360 8.31 9.82 -37.13
C TRP F 360 9.54 10.63 -37.50
N TYR F 361 10.46 10.01 -38.21
CA TYR F 361 11.62 10.71 -38.79
C TYR F 361 11.53 10.60 -40.30
N GLN F 362 12.04 11.59 -41.02
CA GLN F 362 12.00 11.56 -42.50
C GLN F 362 13.04 12.52 -43.06
N ILE F 363 13.49 12.22 -44.28
CA ILE F 363 14.43 13.12 -45.01
C ILE F 363 13.60 14.34 -45.38
N LEU F 364 14.21 15.52 -45.49
CA LEU F 364 13.51 16.72 -46.02
C LEU F 364 13.55 16.65 -47.53
N PRO F 365 12.70 17.40 -48.28
CA PRO F 365 11.71 18.30 -47.68
C PRO F 365 10.53 17.57 -47.00
N THR F 366 9.85 18.28 -46.10
CA THR F 366 8.59 17.82 -45.47
C THR F 366 7.47 18.06 -46.49
N ALA F 367 7.04 17.03 -47.22
CA ALA F 367 6.03 17.16 -48.31
C ALA F 367 4.63 17.32 -47.73
N SER F 368 4.33 16.59 -46.65
CA SER F 368 3.01 16.64 -45.98
C SER F 368 2.89 17.96 -45.18
N ARG F 369 1.81 18.70 -45.38
CA ARG F 369 1.53 19.99 -44.71
C ARG F 369 0.83 19.66 -43.40
N ILE F 370 1.52 19.76 -42.26
CA ILE F 370 0.97 19.35 -40.94
C ILE F 370 -0.03 20.41 -40.49
N THR F 371 -1.24 19.99 -40.12
CA THR F 371 -2.28 20.90 -39.62
C THR F 371 -2.64 20.53 -38.18
N ILE F 372 -3.38 21.40 -37.51
CA ILE F 372 -3.86 21.16 -36.12
C ILE F 372 -5.36 21.52 -36.05
N ALA F 373 -6.22 20.69 -35.45
CA ALA F 373 -7.62 21.08 -35.18
C ALA F 373 -7.59 22.40 -34.42
N PRO F 374 -8.58 23.31 -34.56
CA PRO F 374 -8.60 24.53 -33.76
C PRO F 374 -8.82 24.19 -32.27
N VAL F 375 -8.50 25.14 -31.40
CA VAL F 375 -8.48 24.95 -29.91
C VAL F 375 -9.82 24.40 -29.41
N GLU F 376 -10.95 24.91 -29.91
CA GLU F 376 -12.29 24.42 -29.48
C GLU F 376 -12.45 22.92 -29.83
N ASP F 377 -11.65 22.35 -30.73
CA ASP F 377 -11.74 20.89 -31.04
C ASP F 377 -10.71 20.08 -30.23
N ARG F 378 -9.96 20.72 -29.32
CA ARG F 378 -8.83 20.10 -28.61
C ARG F 378 -9.19 19.84 -27.14
N LEU F 379 -10.36 20.24 -26.65
CA LEU F 379 -10.63 20.18 -25.20
C LEU F 379 -11.12 18.80 -24.80
N PRO F 380 -10.74 18.30 -23.59
CA PRO F 380 -11.29 17.05 -23.07
C PRO F 380 -12.82 17.10 -23.01
N VAL F 381 -13.48 15.98 -23.28
CA VAL F 381 -14.92 15.83 -23.01
C VAL F 381 -15.07 15.48 -21.52
N VAL F 382 -15.74 16.35 -20.76
CA VAL F 382 -15.94 16.15 -19.29
C VAL F 382 -17.43 16.37 -19.05
N PRO F 383 -18.04 15.63 -18.11
CA PRO F 383 -19.41 15.91 -17.69
C PRO F 383 -19.44 17.29 -17.02
N GLN F 384 -20.63 17.88 -17.00
CA GLN F 384 -20.89 19.25 -16.49
C GLN F 384 -22.03 19.17 -15.46
N LEU F 385 -21.88 19.81 -14.32
CA LEU F 385 -22.98 20.01 -13.35
C LEU F 385 -24.11 20.77 -14.04
N PRO F 386 -25.37 20.36 -13.79
CA PRO F 386 -26.51 21.09 -14.33
C PRO F 386 -26.51 22.49 -13.70
N GLU F 387 -27.03 23.48 -14.42
CA GLU F 387 -27.06 24.89 -13.94
C GLU F 387 -27.95 24.91 -12.69
N ARG F 388 -27.45 25.47 -11.60
CA ARG F 388 -28.25 25.70 -10.36
C ARG F 388 -28.46 27.21 -10.25
N LYS F 389 -29.72 27.65 -10.26
CA LYS F 389 -30.07 29.09 -10.32
C LYS F 389 -30.29 29.52 -8.88
N LEU F 390 -29.19 29.66 -8.14
CA LEU F 390 -29.20 30.08 -6.71
C LEU F 390 -29.92 31.43 -6.67
N VAL F 391 -30.89 31.57 -5.77
CA VAL F 391 -31.49 32.90 -5.45
C VAL F 391 -31.10 33.20 -4.00
N LEU F 392 -30.46 34.36 -3.79
CA LEU F 392 -30.00 34.84 -2.46
C LEU F 392 -31.19 34.85 -1.52
N PRO F 393 -31.03 34.36 -0.26
CA PRO F 393 -32.03 34.63 0.76
C PRO F 393 -32.06 36.15 1.03
N GLN F 394 -33.01 36.60 1.85
CA GLN F 394 -33.04 37.98 2.40
C GLN F 394 -31.74 38.20 3.18
N LEU F 395 -30.95 39.21 2.83
CA LEU F 395 -29.63 39.48 3.46
C LEU F 395 -29.76 40.40 4.67
N THR F 396 -29.10 40.06 5.77
CA THR F 396 -28.87 41.06 6.86
C THR F 396 -27.97 42.19 6.33
N GLU F 397 -27.99 43.37 6.94
CA GLU F 397 -27.11 44.48 6.48
C GLU F 397 -25.64 44.03 6.62
N GLU F 398 -25.32 43.21 7.63
CA GLU F 398 -23.96 42.67 7.88
C GLU F 398 -23.52 41.72 6.74
N GLN F 399 -24.39 40.80 6.30
CA GLN F 399 -24.16 39.90 5.15
C GLN F 399 -23.99 40.73 3.87
N GLN F 400 -24.85 41.72 3.61
CA GLN F 400 -24.65 42.59 2.42
C GLN F 400 -23.30 43.33 2.50
N ALA F 401 -22.88 43.85 3.65
CA ALA F 401 -21.62 44.61 3.74
C ALA F 401 -20.41 43.67 3.52
N ALA F 402 -20.49 42.42 4.00
CA ALA F 402 -19.41 41.43 3.76
C ALA F 402 -19.29 41.25 2.25
N ARG F 403 -20.41 41.03 1.57
CA ARG F 403 -20.43 40.82 0.09
C ARG F 403 -19.82 42.05 -0.58
N ASP F 404 -20.21 43.26 -0.15
CA ASP F 404 -19.74 44.51 -0.82
C ASP F 404 -18.27 44.72 -0.52
N THR F 405 -17.80 44.45 0.70
CA THR F 405 -16.38 44.66 1.10
C THR F 405 -15.53 43.71 0.27
N TYR F 406 -15.93 42.45 0.19
CA TYR F 406 -15.19 41.42 -0.57
C TYR F 406 -15.12 41.83 -2.05
N GLN F 407 -16.23 42.21 -2.66
CA GLN F 407 -16.27 42.69 -4.09
C GLN F 407 -15.35 43.91 -4.29
N LYS F 408 -15.28 44.83 -3.33
CA LYS F 408 -14.40 46.03 -3.44
C LYS F 408 -12.94 45.58 -3.37
N ARG F 409 -12.58 44.63 -2.49
CA ARG F 409 -11.22 44.03 -2.46
C ARG F 409 -10.92 43.42 -3.83
N TRP F 410 -11.89 42.74 -4.43
CA TRP F 410 -11.70 42.00 -5.70
C TRP F 410 -11.44 43.03 -6.80
N LYS F 411 -12.19 44.13 -6.79
CA LYS F 411 -12.04 45.19 -7.83
C LYS F 411 -10.63 45.83 -7.71
N ASP F 412 -10.09 46.00 -6.52
CA ASP F 412 -8.75 46.61 -6.32
C ASP F 412 -7.66 45.59 -6.68
N TYR F 413 -7.81 44.34 -6.25
CA TYR F 413 -6.77 43.28 -6.30
C TYR F 413 -6.55 42.80 -7.74
N GLU F 414 -7.61 42.46 -8.44
CA GLU F 414 -7.42 41.76 -9.73
C GLU F 414 -6.56 42.59 -10.67
N PRO F 415 -6.78 43.91 -10.80
CA PRO F 415 -5.96 44.72 -11.71
C PRO F 415 -4.49 44.72 -11.30
N ARG F 416 -4.21 44.62 -9.99
CA ARG F 416 -2.82 44.60 -9.48
C ARG F 416 -2.14 43.29 -9.91
N ARG F 417 -2.84 42.16 -9.90
CA ARG F 417 -2.29 40.88 -10.43
C ARG F 417 -2.07 41.03 -11.95
N ASP F 418 -3.01 41.66 -12.66
CA ASP F 418 -2.93 41.80 -14.14
C ASP F 418 -1.61 42.49 -14.46
N THR F 419 -1.33 43.62 -13.82
CA THR F 419 -0.08 44.38 -14.02
C THR F 419 1.13 43.47 -13.86
N GLN F 420 1.15 42.62 -12.81
CA GLN F 420 2.30 41.73 -12.54
C GLN F 420 2.41 40.69 -13.65
N PHE F 421 1.30 40.15 -14.14
CA PHE F 421 1.30 39.25 -15.33
C PHE F 421 1.94 39.97 -16.52
N ARG F 422 1.57 41.24 -16.79
CA ARG F 422 2.06 41.99 -18.00
C ARG F 422 3.58 42.17 -17.90
N ILE F 423 4.11 42.44 -16.72
CA ILE F 423 5.57 42.64 -16.51
C ILE F 423 6.32 41.34 -16.84
N LYS F 424 5.83 40.20 -16.34
CA LYS F 424 6.44 38.88 -16.61
C LYS F 424 6.38 38.51 -18.12
N GLU F 425 5.29 38.82 -18.81
CA GLU F 425 5.12 38.55 -20.26
C GLU F 425 6.13 39.37 -21.05
N ASP F 426 6.35 40.62 -20.64
CA ASP F 426 7.40 41.49 -21.22
C ASP F 426 8.77 40.82 -21.07
N LYS F 427 9.06 40.23 -19.91
CA LYS F 427 10.38 39.57 -19.71
C LYS F 427 10.47 38.40 -20.71
N ALA F 428 9.39 37.66 -20.90
CA ALA F 428 9.35 36.49 -21.81
C ALA F 428 9.70 36.92 -23.22
N ARG F 429 9.05 37.99 -23.72
CA ARG F 429 9.27 38.46 -25.12
C ARG F 429 10.71 38.95 -25.24
N ARG F 430 11.25 39.58 -24.21
CA ARG F 430 12.65 40.09 -24.21
C ARG F 430 13.63 38.92 -24.25
N GLU F 431 13.45 37.94 -23.37
CA GLU F 431 14.34 36.75 -23.28
C GLU F 431 14.22 35.85 -24.51
N SER F 432 13.06 35.75 -25.13
CA SER F 432 12.91 35.10 -26.47
C SER F 432 13.99 35.62 -27.43
N LYS F 433 14.08 36.94 -27.58
CA LYS F 433 15.07 37.57 -28.51
C LYS F 433 16.48 37.23 -28.03
N LEU F 434 16.75 37.38 -26.72
CA LEU F 434 18.10 37.20 -26.13
C LEU F 434 18.53 35.76 -26.40
N ASN F 435 17.60 34.81 -26.29
CA ASN F 435 17.90 33.36 -26.42
C ASN F 435 18.48 33.10 -27.82
N THR F 436 17.82 33.62 -28.85
CA THR F 436 18.24 33.50 -30.27
C THR F 436 19.57 34.21 -30.52
N GLU F 437 19.74 35.41 -29.97
CA GLU F 437 21.00 36.21 -30.10
C GLU F 437 22.19 35.46 -29.49
N PHE F 438 22.05 34.91 -28.29
CA PHE F 438 23.15 34.17 -27.62
C PHE F 438 23.49 32.92 -28.46
N ALA F 439 22.50 32.18 -28.95
CA ALA F 439 22.69 30.95 -29.76
C ALA F 439 23.48 31.29 -31.04
N LYS F 440 23.23 32.45 -31.66
CA LYS F 440 23.96 32.96 -32.85
C LYS F 440 25.40 33.23 -32.43
N LYS F 441 25.62 33.93 -31.31
CA LYS F 441 26.99 34.24 -30.81
C LYS F 441 27.75 32.94 -30.59
N LEU F 442 27.10 31.93 -30.00
CA LEU F 442 27.72 30.63 -29.69
C LEU F 442 28.13 29.92 -30.99
N ARG F 443 27.23 29.89 -31.99
CA ARG F 443 27.50 29.32 -33.34
C ARG F 443 28.73 29.98 -33.97
N ASP F 444 28.78 31.31 -33.94
CA ASP F 444 29.82 32.13 -34.62
C ASP F 444 31.18 31.91 -33.93
N ALA F 445 31.24 32.01 -32.59
CA ALA F 445 32.45 31.75 -31.77
C ALA F 445 32.93 30.31 -32.03
N PHE F 446 32.03 29.32 -32.08
CA PHE F 446 32.40 27.89 -32.32
C PHE F 446 32.96 27.74 -33.75
N ASP F 447 32.22 28.26 -34.74
CA ASP F 447 32.61 28.19 -36.17
C ASP F 447 33.96 28.92 -36.40
N ALA F 448 34.25 29.98 -35.66
CA ALA F 448 35.49 30.80 -35.80
C ALA F 448 36.75 29.98 -35.46
N GLU F 449 36.64 28.82 -34.80
CA GLU F 449 37.81 28.02 -34.35
C GLU F 449 37.60 26.54 -34.70
CA CA G . 9.58 -10.76 32.08
O2 BXX H . 9.07 -9.02 26.56
C2 BXX H . 9.00 -10.46 26.24
C1 BXX H . 9.38 -10.89 24.81
O4 BXX H . 8.41 -11.88 24.37
C3 BXX H . 7.65 -11.13 26.44
O3 BXX H . 7.38 -11.50 27.83
C4 BXX H . 7.69 -12.37 25.50
C5 BXX H . 6.36 -12.96 25.08
O5 BXX H . 5.58 -11.96 24.40
O1 BXX H . 9.42 -9.80 23.86
CA CA I . -17.20 27.66 13.19
O2 BXX J . -14.22 23.67 10.25
C2 BXX J . -13.04 24.24 10.91
C1 BXX J . -11.63 24.03 10.28
O4 BXX J . -10.72 23.70 11.38
C3 BXX J . -12.86 23.75 12.35
O3 BXX J . -13.68 24.38 13.36
C4 BXX J . -11.34 23.88 12.63
C5 BXX J . -10.74 22.93 13.67
O5 BXX J . -11.00 21.54 13.42
O1 BXX J . -11.51 23.01 9.23
CA CA K . -29.04 -19.79 0.80
O2 BXX L . -24.02 -17.06 -0.17
C2 BXX L . -24.84 -16.20 -1.00
C1 BXX L . -24.13 -15.42 -2.08
O4 BXX L . -24.62 -14.04 -2.00
C3 BXX L . -25.55 -15.13 -0.19
O3 BXX L . -26.79 -15.57 0.38
C4 BXX L . -25.79 -14.01 -1.20
C5 BXX L . -25.95 -12.61 -0.57
O5 BXX L . -24.88 -12.27 0.34
O1 BXX L . -22.66 -15.36 -1.97
CA CA M . 29.45 -18.99 -2.89
O2 BXX N . 24.43 -16.44 -1.61
C2 BXX N . 25.18 -15.60 -0.71
C1 BXX N . 24.42 -15.00 0.51
O4 BXX N . 24.95 -13.67 0.70
C3 BXX N . 25.88 -14.40 -1.35
O3 BXX N . 27.11 -14.80 -2.00
C4 BXX N . 26.06 -13.42 -0.17
C5 BXX N . 26.10 -11.94 -0.53
O5 BXX N . 25.15 -11.58 -1.52
O1 BXX N . 22.96 -14.92 0.36
CA CA O . -9.36 -7.35 -33.07
CA CA P . 16.54 29.29 -10.10
O2 BXX Q . 13.48 24.88 -7.66
C2 BXX Q . 12.41 25.61 -8.31
C1 BXX Q . 11.01 25.39 -7.72
O4 BXX Q . 10.17 25.09 -8.87
C3 BXX Q . 12.28 25.26 -9.81
O3 BXX Q . 13.13 26.14 -10.57
C4 BXX Q . 10.80 25.43 -10.10
C5 BXX Q . 10.18 24.56 -11.19
O5 BXX Q . 10.40 23.15 -11.06
O1 BXX Q . 10.96 24.33 -6.72
O2 BXX R . -8.82 -6.20 -27.42
C2 BXX R . -8.80 -7.61 -27.24
C1 BXX R . -9.13 -8.15 -25.85
O4 BXX R . -8.23 -9.26 -25.59
C3 BXX R . -7.43 -8.23 -27.52
O3 BXX R . -7.16 -8.41 -28.94
C4 BXX R . -7.43 -9.54 -26.74
C5 BXX R . -6.08 -10.11 -26.31
O5 BXX R . -5.19 -9.17 -25.65
O1 BXX R . -9.10 -7.15 -24.80
#